data_6MNT
#
_entry.id   6MNT
#
_entity_poly.entity_id   1
_entity_poly.type   'polypeptide(L)'
_entity_poly.pdbx_seq_one_letter_code
;MASGSTESLTVSGQPEHKVEAKDSNGMPVDNRQGTITVSASGLQVGDAFTIAGVNSVHQITKDTTGQPQVFRVLAVSGTT
VTISPKILPVENTDVASRPYANVDAKPAESAAITILNKLEHHHHHH
;
_entity_poly.pdbx_strand_id   A
#
# COMPACT_ATOMS: atom_id res chain seq x y z
N GLY A 4 -12.06 -23.38 7.32
CA GLY A 4 -11.80 -24.27 6.16
C GLY A 4 -12.15 -23.61 4.84
N SER A 5 -11.41 -22.56 4.49
CA SER A 5 -11.64 -21.85 3.23
C SER A 5 -10.34 -21.79 2.43
N THR A 6 -10.46 -21.38 1.16
CA THR A 6 -9.30 -21.25 0.29
C THR A 6 -8.45 -20.07 0.72
N GLU A 7 -7.20 -20.07 0.28
CA GLU A 7 -6.29 -18.98 0.59
C GLU A 7 -5.94 -18.18 -0.65
N SER A 8 -6.87 -18.16 -1.59
CA SER A 8 -6.71 -17.38 -2.81
C SER A 8 -7.24 -15.97 -2.61
N LEU A 9 -6.43 -15.10 -2.00
CA LEU A 9 -6.83 -13.75 -1.72
C LEU A 9 -6.10 -12.81 -2.65
N THR A 10 -6.76 -12.35 -3.71
CA THR A 10 -6.09 -11.46 -4.66
C THR A 10 -6.90 -10.20 -4.85
N VAL A 11 -6.34 -9.23 -5.56
CA VAL A 11 -7.01 -7.96 -5.78
C VAL A 11 -6.71 -7.42 -7.18
N SER A 12 -7.77 -6.93 -7.82
CA SER A 12 -7.64 -6.32 -9.14
C SER A 12 -7.55 -4.81 -9.01
N GLY A 13 -7.04 -4.16 -10.05
CA GLY A 13 -6.86 -2.72 -10.00
C GLY A 13 -5.48 -2.36 -9.51
N GLN A 14 -5.06 -1.14 -9.77
CA GLN A 14 -3.71 -0.72 -9.38
C GLN A 14 -3.75 0.42 -8.39
N PRO A 15 -3.51 0.12 -7.11
CA PRO A 15 -3.34 1.16 -6.11
C PRO A 15 -1.96 1.80 -6.23
N GLU A 16 -1.95 3.11 -6.41
CA GLU A 16 -0.71 3.84 -6.57
C GLU A 16 -0.94 5.32 -6.41
N HIS A 17 -0.16 5.94 -5.55
CA HIS A 17 -0.20 7.38 -5.38
C HIS A 17 1.20 7.88 -5.16
N LYS A 18 1.48 9.05 -5.71
CA LYS A 18 2.82 9.58 -5.72
C LYS A 18 2.93 10.70 -4.71
N VAL A 19 4.14 11.01 -4.27
CA VAL A 19 4.33 12.11 -3.35
C VAL A 19 4.02 13.43 -4.05
N GLU A 20 2.95 14.07 -3.62
CA GLU A 20 2.49 15.29 -4.25
C GLU A 20 3.20 16.50 -3.65
N ALA A 21 3.65 17.39 -4.51
CA ALA A 21 4.31 18.61 -4.07
C ALA A 21 3.31 19.50 -3.36
N LYS A 22 2.20 19.79 -4.02
CA LYS A 22 1.15 20.61 -3.45
C LYS A 22 -0.23 20.15 -3.92
N ASP A 23 -1.25 20.42 -3.12
CA ASP A 23 -2.62 20.03 -3.46
C ASP A 23 -3.37 21.21 -4.06
N SER A 24 -4.69 21.16 -4.00
CA SER A 24 -5.54 22.19 -4.60
C SER A 24 -5.31 23.55 -3.93
N ASN A 25 -4.95 23.53 -2.65
CA ASN A 25 -4.69 24.77 -1.92
C ASN A 25 -3.25 25.23 -2.19
N GLY A 26 -2.45 24.34 -2.75
CA GLY A 26 -1.07 24.70 -3.08
C GLY A 26 -0.13 24.55 -1.92
N MET A 27 -0.47 23.65 -1.00
CA MET A 27 0.36 23.39 0.17
C MET A 27 0.94 21.98 0.11
N PRO A 28 2.12 21.76 0.73
CA PRO A 28 2.81 20.45 0.70
C PRO A 28 1.90 19.31 1.14
N VAL A 29 1.95 18.20 0.41
CA VAL A 29 1.05 17.08 0.65
C VAL A 29 1.80 15.80 0.99
N ASP A 30 1.34 15.14 2.04
CA ASP A 30 1.77 13.78 2.32
C ASP A 30 0.65 12.85 1.89
N ASN A 31 0.76 12.33 0.67
CA ASN A 31 -0.31 11.54 0.05
C ASN A 31 -0.65 10.31 0.89
N ARG A 32 -1.87 9.83 0.77
CA ARG A 32 -2.31 8.69 1.57
C ARG A 32 -3.25 7.78 0.78
N GLN A 33 -3.71 6.72 1.45
CA GLN A 33 -4.77 5.84 0.93
C GLN A 33 -4.40 5.11 -0.36
N GLY A 34 -5.33 4.28 -0.80
CA GLY A 34 -5.16 3.45 -1.98
C GLY A 34 -6.35 2.53 -2.14
N THR A 35 -7.16 2.78 -3.16
CA THR A 35 -8.43 2.07 -3.30
C THR A 35 -8.30 0.87 -4.23
N ILE A 36 -8.68 -0.29 -3.73
CA ILE A 36 -8.54 -1.54 -4.47
C ILE A 36 -9.87 -2.28 -4.61
N THR A 37 -10.07 -2.94 -5.74
CA THR A 37 -11.24 -3.79 -5.95
C THR A 37 -10.83 -5.23 -5.70
N VAL A 38 -11.25 -5.79 -4.58
CA VAL A 38 -10.64 -7.03 -4.13
C VAL A 38 -11.32 -8.28 -4.69
N SER A 39 -10.48 -9.23 -5.00
CA SER A 39 -10.88 -10.59 -5.35
C SER A 39 -10.84 -11.46 -4.09
N ALA A 40 -10.66 -10.81 -2.94
CA ALA A 40 -10.33 -11.52 -1.72
C ALA A 40 -11.26 -11.22 -0.57
N SER A 41 -11.49 -12.25 0.24
CA SER A 41 -12.13 -12.14 1.56
C SER A 41 -13.55 -11.53 1.54
N GLY A 42 -13.62 -10.24 1.23
CA GLY A 42 -14.86 -9.51 1.45
C GLY A 42 -14.69 -8.57 2.62
N LEU A 43 -13.63 -7.79 2.57
CA LEU A 43 -13.16 -7.00 3.71
C LEU A 43 -14.14 -5.93 4.15
N GLN A 44 -13.90 -5.45 5.36
CA GLN A 44 -14.61 -4.32 5.95
C GLN A 44 -13.59 -3.41 6.61
N VAL A 45 -14.03 -2.32 7.21
CA VAL A 45 -13.11 -1.40 7.85
C VAL A 45 -12.56 -1.98 9.17
N GLY A 46 -11.24 -2.00 9.32
CA GLY A 46 -10.64 -2.45 10.57
C GLY A 46 -9.69 -3.62 10.43
N ASP A 47 -9.38 -4.02 9.21
CA ASP A 47 -8.44 -5.14 8.98
C ASP A 47 -7.01 -4.64 8.88
N ALA A 48 -6.08 -5.58 8.99
CA ALA A 48 -4.67 -5.31 8.79
C ALA A 48 -4.04 -6.47 8.04
N PHE A 49 -3.37 -6.20 6.92
CA PHE A 49 -2.88 -7.28 6.10
C PHE A 49 -1.58 -6.91 5.39
N THR A 50 -0.92 -7.91 4.84
CA THR A 50 0.29 -7.69 4.08
C THR A 50 0.09 -8.14 2.63
N ILE A 51 0.60 -7.37 1.69
CA ILE A 51 0.41 -7.68 0.28
C ILE A 51 1.70 -8.23 -0.34
N ALA A 52 1.54 -9.17 -1.27
CA ALA A 52 2.67 -9.79 -1.95
C ALA A 52 3.40 -8.80 -2.85
N GLY A 53 4.67 -8.57 -2.57
CA GLY A 53 5.46 -7.66 -3.38
C GLY A 53 5.73 -6.35 -2.68
N VAL A 54 4.87 -6.01 -1.74
CA VAL A 54 5.03 -4.77 -0.98
C VAL A 54 5.95 -5.01 0.23
N ASN A 55 7.21 -4.59 0.10
CA ASN A 55 8.19 -4.76 1.16
C ASN A 55 8.53 -3.40 1.77
N SER A 56 8.47 -3.32 3.10
CA SER A 56 8.75 -2.07 3.79
C SER A 56 10.23 -1.75 3.80
N VAL A 57 10.52 -0.48 4.04
CA VAL A 57 11.88 0.02 4.05
C VAL A 57 12.14 0.78 5.34
N HIS A 58 13.36 1.36 5.42
CA HIS A 58 13.82 2.18 6.55
C HIS A 58 13.20 1.79 7.88
N GLN A 59 13.28 0.51 8.18
CA GLN A 59 12.90 0.05 9.49
C GLN A 59 14.00 0.44 10.47
N ILE A 60 15.24 0.23 10.04
CA ILE A 60 16.41 0.59 10.85
C ILE A 60 17.24 1.65 10.12
N THR A 61 16.74 2.88 10.13
CA THR A 61 17.38 4.03 9.48
C THR A 61 17.74 3.75 8.01
N LYS A 62 16.74 3.88 7.14
CA LYS A 62 16.90 3.65 5.70
C LYS A 62 17.39 2.24 5.40
N ASP A 63 17.08 1.31 6.30
CA ASP A 63 17.46 -0.09 6.11
C ASP A 63 16.33 -0.82 5.38
N THR A 64 16.69 -1.51 4.31
CA THR A 64 15.73 -2.26 3.52
C THR A 64 15.80 -3.73 3.87
N THR A 65 14.72 -4.24 4.43
CA THR A 65 14.74 -5.55 5.05
C THR A 65 13.81 -6.54 4.35
N GLY A 66 12.97 -6.03 3.46
CA GLY A 66 12.08 -6.88 2.69
C GLY A 66 10.89 -7.38 3.48
N GLN A 67 10.67 -6.81 4.66
CA GLN A 67 9.55 -7.20 5.50
C GLN A 67 8.24 -6.70 4.91
N PRO A 68 7.22 -7.58 4.81
CA PRO A 68 5.93 -7.22 4.23
C PRO A 68 5.25 -6.08 4.98
N GLN A 69 4.78 -5.08 4.26
CA GLN A 69 4.14 -3.91 4.85
C GLN A 69 2.70 -4.24 5.26
N VAL A 70 2.34 -3.87 6.49
CA VAL A 70 1.01 -4.09 7.00
C VAL A 70 0.12 -2.88 6.73
N PHE A 71 -1.10 -3.13 6.29
CA PHE A 71 -2.02 -2.07 5.94
C PHE A 71 -3.25 -2.09 6.84
N ARG A 72 -3.83 -0.93 7.05
CA ARG A 72 -5.09 -0.81 7.74
C ARG A 72 -6.19 -0.44 6.76
N VAL A 73 -7.41 -0.75 7.14
CA VAL A 73 -8.57 -0.40 6.32
C VAL A 73 -9.28 0.82 6.88
N LEU A 74 -9.51 1.81 6.03
CA LEU A 74 -10.16 3.05 6.46
C LEU A 74 -11.61 3.08 6.01
N ALA A 75 -11.88 2.56 4.82
CA ALA A 75 -13.23 2.57 4.27
C ALA A 75 -13.41 1.47 3.24
N VAL A 76 -14.58 0.83 3.23
CA VAL A 76 -14.88 -0.17 2.22
C VAL A 76 -16.26 0.09 1.63
N SER A 77 -16.31 0.12 0.31
CA SER A 77 -17.56 0.33 -0.40
C SER A 77 -17.82 -0.85 -1.34
N GLY A 78 -18.48 -1.87 -0.83
CA GLY A 78 -18.61 -3.10 -1.59
C GLY A 78 -17.31 -3.87 -1.57
N THR A 79 -16.77 -4.19 -2.73
CA THR A 79 -15.47 -4.81 -2.79
C THR A 79 -14.39 -3.78 -3.13
N THR A 80 -14.66 -2.52 -2.79
CA THR A 80 -13.68 -1.47 -2.99
C THR A 80 -13.13 -1.03 -1.63
N VAL A 81 -11.90 -1.43 -1.36
CA VAL A 81 -11.29 -1.18 -0.06
C VAL A 81 -10.28 -0.03 -0.14
N THR A 82 -10.47 0.98 0.70
CA THR A 82 -9.55 2.09 0.79
C THR A 82 -8.56 1.83 1.92
N ILE A 83 -7.31 1.56 1.55
CA ILE A 83 -6.32 1.14 2.54
C ILE A 83 -5.26 2.20 2.77
N SER A 84 -4.58 2.07 3.89
CA SER A 84 -3.50 2.95 4.30
C SER A 84 -2.82 2.26 5.47
N PRO A 85 -1.54 2.52 5.78
CA PRO A 85 -0.67 3.48 5.10
C PRO A 85 -0.53 3.25 3.60
N LYS A 86 -0.28 4.35 2.90
CA LYS A 86 -0.13 4.36 1.45
C LYS A 86 1.14 3.61 1.00
N ILE A 87 1.24 3.38 -0.30
CA ILE A 87 2.37 2.65 -0.86
C ILE A 87 3.28 3.59 -1.66
N LEU A 88 4.50 3.78 -1.17
CA LEU A 88 5.46 4.66 -1.84
C LEU A 88 6.77 3.94 -2.12
N PRO A 89 7.14 3.81 -3.42
CA PRO A 89 8.36 3.10 -3.84
C PRO A 89 9.65 3.88 -3.57
N VAL A 90 10.56 3.27 -2.80
CA VAL A 90 11.87 3.86 -2.53
C VAL A 90 12.82 3.61 -3.70
N GLU A 91 12.48 2.64 -4.53
CA GLU A 91 13.31 2.34 -5.69
C GLU A 91 12.82 3.09 -6.92
N ASN A 92 11.70 3.78 -6.78
CA ASN A 92 11.10 4.53 -7.89
C ASN A 92 10.74 5.95 -7.43
N THR A 93 9.49 6.36 -7.72
CA THR A 93 8.94 7.66 -7.33
C THR A 93 9.73 8.83 -7.94
N ASP A 94 10.86 9.11 -7.33
CA ASP A 94 11.73 10.22 -7.73
C ASP A 94 12.97 10.20 -6.87
N VAL A 95 14.10 10.67 -7.41
CA VAL A 95 15.35 10.68 -6.66
C VAL A 95 15.20 11.39 -5.30
N ALA A 96 14.41 12.45 -5.27
CA ALA A 96 14.21 13.22 -4.06
C ALA A 96 13.11 12.63 -3.17
N SER A 97 12.07 12.10 -3.77
CA SER A 97 10.90 11.65 -3.01
C SER A 97 10.95 10.18 -2.63
N ARG A 98 11.86 9.42 -3.22
CA ARG A 98 11.95 7.99 -2.91
C ARG A 98 12.61 7.71 -1.53
N PRO A 99 13.61 8.51 -1.05
CA PRO A 99 14.29 8.23 0.23
C PRO A 99 13.32 8.25 1.43
N TYR A 100 12.24 9.00 1.31
CA TYR A 100 11.25 9.04 2.38
C TYR A 100 9.98 8.28 1.99
N ALA A 101 10.17 7.27 1.17
CA ALA A 101 9.08 6.36 0.81
C ALA A 101 9.04 5.20 1.79
N ASN A 102 7.92 4.48 1.83
CA ASN A 102 7.71 3.47 2.87
C ASN A 102 7.97 2.03 2.39
N VAL A 103 7.96 1.80 1.08
CA VAL A 103 8.20 0.45 0.56
C VAL A 103 9.14 0.49 -0.64
N ASP A 104 9.74 -0.65 -0.97
CA ASP A 104 10.67 -0.73 -2.09
C ASP A 104 10.02 -0.36 -3.41
N ALA A 105 8.79 -0.83 -3.61
CA ALA A 105 8.09 -0.63 -4.87
C ALA A 105 6.58 -0.72 -4.71
N LYS A 106 5.88 -0.28 -5.74
CA LYS A 106 4.45 -0.52 -5.82
C LYS A 106 4.21 -1.58 -6.89
N PRO A 107 3.81 -2.80 -6.47
CA PRO A 107 3.75 -3.96 -7.36
C PRO A 107 2.70 -3.81 -8.46
N ALA A 108 2.77 -4.71 -9.45
CA ALA A 108 1.77 -4.75 -10.50
C ALA A 108 0.42 -5.07 -9.91
N GLU A 109 -0.63 -4.45 -10.48
CA GLU A 109 -2.00 -4.55 -9.96
C GLU A 109 -2.02 -4.38 -8.44
N SER A 110 -2.77 -5.23 -7.75
CA SER A 110 -2.81 -5.16 -6.30
C SER A 110 -2.15 -6.38 -5.69
N ALA A 111 -2.25 -7.52 -6.40
CA ALA A 111 -1.56 -8.77 -6.01
C ALA A 111 -2.29 -9.52 -4.89
N ALA A 112 -1.58 -10.51 -4.34
CA ALA A 112 -2.16 -11.38 -3.31
C ALA A 112 -2.05 -10.74 -1.94
N ILE A 113 -2.97 -11.11 -1.05
CA ILE A 113 -3.01 -10.52 0.28
C ILE A 113 -3.00 -11.57 1.38
N THR A 114 -2.35 -11.24 2.48
CA THR A 114 -2.35 -12.08 3.66
C THR A 114 -3.14 -11.36 4.77
N ILE A 115 -4.40 -11.73 4.91
CA ILE A 115 -5.33 -11.02 5.80
C ILE A 115 -5.14 -11.40 7.27
N LEU A 116 -5.07 -10.38 8.11
CA LEU A 116 -5.09 -10.57 9.56
C LEU A 116 -6.28 -9.85 10.15
N ASN A 117 -6.77 -10.36 11.26
CA ASN A 117 -7.83 -9.71 12.02
C ASN A 117 -7.25 -9.18 13.33
N LYS A 118 -5.93 -9.23 13.45
CA LYS A 118 -5.25 -8.75 14.63
C LYS A 118 -4.81 -7.30 14.44
N GLY A 4 -5.08 -25.98 4.11
CA GLY A 4 -5.77 -25.20 3.04
C GLY A 4 -6.91 -24.37 3.59
N SER A 5 -7.87 -24.05 2.72
CA SER A 5 -9.06 -23.27 3.07
C SER A 5 -8.72 -22.05 3.95
N THR A 6 -7.65 -21.36 3.59
CA THR A 6 -7.24 -20.18 4.33
C THR A 6 -7.86 -18.93 3.72
N GLU A 7 -7.51 -17.78 4.24
CA GLU A 7 -7.98 -16.52 3.69
C GLU A 7 -7.06 -16.05 2.56
N SER A 8 -6.92 -16.91 1.56
CA SER A 8 -6.12 -16.59 0.38
C SER A 8 -6.91 -15.65 -0.52
N LEU A 9 -6.88 -14.38 -0.17
CA LEU A 9 -7.65 -13.37 -0.87
C LEU A 9 -6.74 -12.56 -1.77
N THR A 10 -7.24 -12.11 -2.91
CA THR A 10 -6.40 -11.33 -3.81
C THR A 10 -7.05 -10.00 -4.15
N VAL A 11 -6.37 -9.19 -4.95
CA VAL A 11 -6.88 -7.89 -5.35
C VAL A 11 -6.42 -7.56 -6.77
N SER A 12 -7.32 -7.03 -7.58
CA SER A 12 -6.98 -6.64 -8.93
C SER A 12 -7.01 -5.12 -9.09
N GLY A 13 -6.26 -4.62 -10.06
CA GLY A 13 -6.09 -3.19 -10.20
C GLY A 13 -4.94 -2.70 -9.33
N GLN A 14 -4.53 -1.47 -9.51
CA GLN A 14 -3.43 -0.93 -8.71
C GLN A 14 -3.89 0.24 -7.86
N PRO A 15 -3.31 0.38 -6.65
CA PRO A 15 -3.60 1.51 -5.76
C PRO A 15 -2.98 2.81 -6.28
N GLU A 16 -3.31 3.92 -5.64
CA GLU A 16 -2.79 5.20 -6.07
C GLU A 16 -1.57 5.59 -5.24
N HIS A 17 -0.70 6.36 -5.86
CA HIS A 17 0.46 6.91 -5.18
C HIS A 17 0.68 8.35 -5.66
N LYS A 18 0.74 9.29 -4.73
CA LYS A 18 0.87 10.70 -5.09
C LYS A 18 1.17 11.56 -3.87
N VAL A 19 2.05 12.54 -4.07
CA VAL A 19 2.25 13.57 -3.05
C VAL A 19 1.29 14.70 -3.33
N GLU A 20 0.31 14.87 -2.46
CA GLU A 20 -0.73 15.85 -2.71
C GLU A 20 -0.71 16.95 -1.66
N ALA A 21 -0.62 18.19 -2.12
CA ALA A 21 -0.54 19.34 -1.24
C ALA A 21 -1.85 19.52 -0.48
N LYS A 22 -2.96 19.32 -1.18
CA LYS A 22 -4.26 19.43 -0.58
C LYS A 22 -5.23 18.43 -1.19
N ASP A 23 -6.19 17.99 -0.38
CA ASP A 23 -7.19 17.02 -0.83
C ASP A 23 -8.50 17.72 -1.14
N SER A 24 -9.60 16.96 -1.09
CA SER A 24 -10.92 17.51 -1.32
C SER A 24 -11.29 18.56 -0.28
N ASN A 25 -10.63 18.51 0.88
CA ASN A 25 -10.87 19.49 1.94
C ASN A 25 -9.99 20.72 1.73
N GLY A 26 -8.97 20.58 0.87
CA GLY A 26 -8.12 21.69 0.53
C GLY A 26 -7.18 22.08 1.66
N MET A 27 -6.85 21.12 2.51
CA MET A 27 -5.95 21.37 3.63
C MET A 27 -4.63 20.64 3.43
N PRO A 28 -3.58 20.97 4.20
CA PRO A 28 -2.25 20.35 4.03
C PRO A 28 -2.28 18.84 4.20
N VAL A 29 -1.87 18.12 3.17
CA VAL A 29 -1.97 16.66 3.17
C VAL A 29 -0.60 16.00 3.04
N ASP A 30 -0.50 14.79 3.59
CA ASP A 30 0.66 13.94 3.39
C ASP A 30 0.19 12.65 2.74
N ASN A 31 1.02 12.09 1.85
CA ASN A 31 0.67 10.90 1.06
C ASN A 31 -0.14 9.89 1.87
N ARG A 32 -1.35 9.56 1.39
CA ARG A 32 -2.20 8.61 2.11
C ARG A 32 -3.10 7.84 1.14
N GLN A 33 -3.78 6.83 1.71
CA GLN A 33 -4.86 6.10 1.03
C GLN A 33 -4.44 5.37 -0.24
N GLY A 34 -5.36 4.53 -0.71
CA GLY A 34 -5.19 3.76 -1.93
C GLY A 34 -6.40 2.89 -2.19
N THR A 35 -7.16 3.21 -3.23
CA THR A 35 -8.41 2.52 -3.50
C THR A 35 -8.21 1.42 -4.54
N ILE A 36 -8.63 0.21 -4.19
CA ILE A 36 -8.44 -0.95 -5.05
C ILE A 36 -9.73 -1.77 -5.17
N THR A 37 -9.82 -2.55 -6.25
CA THR A 37 -10.95 -3.46 -6.44
C THR A 37 -10.53 -4.85 -6.01
N VAL A 38 -11.04 -5.31 -4.87
CA VAL A 38 -10.49 -6.52 -4.29
C VAL A 38 -11.17 -7.79 -4.77
N SER A 39 -10.36 -8.82 -4.92
CA SER A 39 -10.83 -10.17 -5.15
C SER A 39 -11.00 -10.88 -3.82
N ALA A 40 -10.89 -10.10 -2.76
CA ALA A 40 -10.98 -10.61 -1.40
C ALA A 40 -12.44 -10.71 -0.99
N SER A 41 -12.73 -11.49 0.04
CA SER A 41 -14.10 -11.66 0.49
C SER A 41 -14.21 -11.36 1.98
N GLY A 42 -15.19 -10.54 2.34
CA GLY A 42 -15.43 -10.23 3.74
C GLY A 42 -14.42 -9.27 4.32
N LEU A 43 -14.09 -8.21 3.59
CA LEU A 43 -13.19 -7.19 4.11
C LEU A 43 -13.99 -6.10 4.81
N GLN A 44 -13.43 -5.60 5.89
CA GLN A 44 -14.04 -4.51 6.64
C GLN A 44 -12.99 -3.46 6.96
N VAL A 45 -13.43 -2.32 7.48
CA VAL A 45 -12.50 -1.27 7.83
C VAL A 45 -11.79 -1.60 9.14
N GLY A 46 -10.51 -1.26 9.23
CA GLY A 46 -9.77 -1.50 10.46
C GLY A 46 -9.01 -2.79 10.46
N ASP A 47 -9.17 -3.61 9.42
CA ASP A 47 -8.45 -4.86 9.32
C ASP A 47 -7.02 -4.63 8.85
N ALA A 48 -6.17 -5.59 9.15
CA ALA A 48 -4.75 -5.49 8.84
C ALA A 48 -4.33 -6.66 7.97
N PHE A 49 -3.36 -6.46 7.08
CA PHE A 49 -2.92 -7.55 6.22
C PHE A 49 -1.59 -7.24 5.57
N THR A 50 -1.04 -8.24 4.88
CA THR A 50 0.20 -8.06 4.14
C THR A 50 0.00 -8.36 2.67
N ILE A 51 0.44 -7.46 1.80
CA ILE A 51 0.28 -7.62 0.37
C ILE A 51 1.56 -8.17 -0.26
N ALA A 52 1.41 -9.16 -1.13
CA ALA A 52 2.55 -9.76 -1.81
C ALA A 52 3.06 -8.84 -2.93
N GLY A 53 4.31 -8.40 -2.81
CA GLY A 53 4.87 -7.51 -3.81
C GLY A 53 5.05 -6.12 -3.27
N VAL A 54 4.32 -5.79 -2.22
CA VAL A 54 4.47 -4.51 -1.54
C VAL A 54 5.23 -4.73 -0.23
N ASN A 55 6.51 -4.40 -0.23
CA ASN A 55 7.34 -4.55 0.95
C ASN A 55 7.58 -3.20 1.59
N SER A 56 7.79 -3.18 2.90
CA SER A 56 7.99 -1.92 3.61
C SER A 56 9.44 -1.50 3.62
N VAL A 57 9.66 -0.21 3.82
CA VAL A 57 10.98 0.33 4.01
C VAL A 57 11.03 1.13 5.31
N HIS A 58 12.24 1.38 5.79
CA HIS A 58 12.43 2.22 6.96
C HIS A 58 13.49 3.27 6.66
N GLN A 59 13.06 4.42 6.17
CA GLN A 59 13.98 5.44 5.68
C GLN A 59 14.57 6.26 6.82
N ILE A 60 13.87 6.29 7.96
CA ILE A 60 14.36 7.00 9.13
C ILE A 60 15.63 6.34 9.65
N THR A 61 15.63 5.01 9.66
CA THR A 61 16.80 4.24 10.03
C THR A 61 17.69 4.00 8.80
N LYS A 62 17.10 4.21 7.62
CA LYS A 62 17.76 3.96 6.35
C LYS A 62 18.15 2.47 6.30
N ASP A 63 17.16 1.62 6.52
CA ASP A 63 17.40 0.18 6.61
C ASP A 63 16.78 -0.50 5.40
N THR A 64 17.45 -1.51 4.89
CA THR A 64 16.95 -2.28 3.77
C THR A 64 16.38 -3.60 4.26
N THR A 65 15.06 -3.68 4.25
CA THR A 65 14.39 -4.82 4.86
C THR A 65 13.74 -5.71 3.80
N GLY A 66 12.93 -5.11 2.94
CA GLY A 66 12.26 -5.87 1.91
C GLY A 66 11.25 -6.85 2.49
N GLN A 67 10.66 -6.47 3.61
CA GLN A 67 9.73 -7.34 4.30
C GLN A 67 8.29 -6.85 4.13
N PRO A 68 7.33 -7.77 3.96
CA PRO A 68 5.92 -7.41 3.82
C PRO A 68 5.40 -6.64 5.03
N GLN A 69 4.79 -5.50 4.78
CA GLN A 69 4.30 -4.65 5.85
C GLN A 69 2.84 -4.95 6.15
N VAL A 70 2.41 -4.57 7.34
CA VAL A 70 1.03 -4.70 7.74
C VAL A 70 0.26 -3.44 7.33
N PHE A 71 -0.83 -3.62 6.60
CA PHE A 71 -1.66 -2.51 6.17
C PHE A 71 -2.87 -2.41 7.09
N ARG A 72 -3.61 -1.32 6.98
CA ARG A 72 -4.86 -1.20 7.69
C ARG A 72 -5.89 -0.44 6.85
N VAL A 73 -7.02 -1.08 6.71
CA VAL A 73 -8.11 -0.58 5.89
C VAL A 73 -8.72 0.72 6.45
N LEU A 74 -9.03 1.64 5.54
CA LEU A 74 -9.67 2.91 5.91
C LEU A 74 -11.14 2.92 5.53
N ALA A 75 -11.49 2.23 4.44
CA ALA A 75 -12.88 2.18 3.98
C ALA A 75 -13.11 0.98 3.08
N VAL A 76 -14.31 0.41 3.17
CA VAL A 76 -14.69 -0.72 2.31
C VAL A 76 -16.12 -0.52 1.79
N SER A 77 -16.28 -0.60 0.48
CA SER A 77 -17.58 -0.40 -0.14
C SER A 77 -17.64 -1.05 -1.51
N GLY A 78 -18.45 -2.10 -1.64
CA GLY A 78 -18.61 -2.79 -2.92
C GLY A 78 -17.29 -3.32 -3.45
N THR A 79 -16.57 -4.03 -2.57
CA THR A 79 -15.21 -4.56 -2.86
C THR A 79 -14.23 -3.47 -3.30
N THR A 80 -14.62 -2.21 -3.17
CA THR A 80 -13.72 -1.10 -3.43
C THR A 80 -13.17 -0.63 -2.10
N VAL A 81 -11.91 -0.95 -1.85
CA VAL A 81 -11.34 -0.74 -0.54
C VAL A 81 -10.31 0.38 -0.56
N THR A 82 -10.49 1.35 0.33
CA THR A 82 -9.51 2.39 0.54
C THR A 82 -8.55 1.93 1.62
N ILE A 83 -7.30 1.72 1.25
CA ILE A 83 -6.34 1.16 2.18
C ILE A 83 -5.29 2.17 2.61
N SER A 84 -4.47 1.74 3.54
CA SER A 84 -3.38 2.51 4.08
C SER A 84 -2.46 1.50 4.77
N PRO A 85 -1.17 1.78 4.97
CA PRO A 85 -0.50 3.03 4.61
C PRO A 85 -0.41 3.28 3.10
N LYS A 86 0.20 4.40 2.74
CA LYS A 86 0.28 4.83 1.35
C LYS A 86 1.33 4.06 0.56
N ILE A 87 1.19 4.09 -0.76
CA ILE A 87 2.13 3.42 -1.66
C ILE A 87 3.22 4.39 -2.11
N LEU A 88 4.44 4.19 -1.64
CA LEU A 88 5.56 5.05 -2.04
C LEU A 88 6.83 4.25 -2.23
N PRO A 89 7.16 3.91 -3.48
CA PRO A 89 8.32 3.08 -3.81
C PRO A 89 9.65 3.79 -3.56
N VAL A 90 10.66 3.00 -3.20
CA VAL A 90 12.02 3.50 -3.13
C VAL A 90 12.72 3.21 -4.45
N GLU A 91 12.21 2.21 -5.17
CA GLU A 91 12.80 1.76 -6.42
C GLU A 91 12.48 2.71 -7.58
N ASN A 92 12.39 4.00 -7.31
CA ASN A 92 12.21 4.99 -8.36
C ASN A 92 13.53 5.63 -8.71
N THR A 93 13.58 6.29 -9.87
CA THR A 93 14.78 7.01 -10.29
C THR A 93 14.86 8.34 -9.56
N ASP A 94 13.70 8.92 -9.27
CA ASP A 94 13.62 10.20 -8.57
C ASP A 94 14.15 10.07 -7.16
N VAL A 95 15.19 10.83 -6.85
CA VAL A 95 15.83 10.79 -5.54
C VAL A 95 14.90 11.36 -4.47
N ALA A 96 14.14 12.39 -4.83
CA ALA A 96 13.23 13.05 -3.91
C ALA A 96 12.12 12.12 -3.43
N SER A 97 11.90 11.03 -4.15
CA SER A 97 10.84 10.07 -3.80
C SER A 97 11.28 9.14 -2.65
N ARG A 98 12.58 9.08 -2.41
CA ARG A 98 13.11 8.16 -1.39
C ARG A 98 12.84 8.65 0.04
N PRO A 99 13.10 9.94 0.38
CA PRO A 99 12.94 10.44 1.76
C PRO A 99 11.57 10.18 2.36
N TYR A 100 10.51 10.31 1.56
CA TYR A 100 9.15 10.11 2.06
C TYR A 100 8.62 8.72 1.74
N ALA A 101 9.49 7.86 1.20
CA ALA A 101 9.08 6.52 0.79
C ALA A 101 8.55 5.71 1.97
N ASN A 102 7.72 4.71 1.65
CA ASN A 102 7.12 3.87 2.66
C ASN A 102 7.25 2.40 2.30
N VAL A 103 7.32 2.11 1.00
CA VAL A 103 7.45 0.75 0.53
C VAL A 103 8.57 0.63 -0.50
N ASP A 104 8.97 -0.59 -0.81
CA ASP A 104 10.00 -0.82 -1.81
C ASP A 104 9.51 -0.45 -3.21
N ALA A 105 8.32 -0.92 -3.54
CA ALA A 105 7.77 -0.72 -4.87
C ALA A 105 6.27 -1.01 -4.91
N LYS A 106 5.68 -0.80 -6.07
CA LYS A 106 4.30 -1.18 -6.31
C LYS A 106 4.24 -2.21 -7.44
N PRO A 107 3.72 -3.41 -7.16
CA PRO A 107 3.68 -4.51 -8.13
C PRO A 107 2.54 -4.37 -9.12
N ALA A 108 2.57 -5.21 -10.16
CA ALA A 108 1.48 -5.25 -11.13
C ALA A 108 0.22 -5.79 -10.48
N GLU A 109 -0.89 -5.06 -10.64
CA GLU A 109 -2.13 -5.37 -9.92
C GLU A 109 -1.91 -5.15 -8.43
N SER A 110 -2.71 -5.81 -7.59
CA SER A 110 -2.52 -5.70 -6.15
C SER A 110 -2.06 -7.03 -5.57
N ALA A 111 -2.16 -8.09 -6.39
CA ALA A 111 -1.61 -9.41 -6.05
C ALA A 111 -2.38 -10.11 -4.95
N ALA A 112 -1.67 -10.99 -4.24
CA ALA A 112 -2.26 -11.78 -3.18
C ALA A 112 -2.08 -11.10 -1.82
N ILE A 113 -3.13 -11.11 -1.02
CA ILE A 113 -3.11 -10.48 0.28
C ILE A 113 -3.28 -11.53 1.38
N THR A 114 -2.60 -11.31 2.50
CA THR A 114 -2.68 -12.24 3.63
C THR A 114 -3.43 -11.58 4.77
N ILE A 115 -4.67 -12.02 4.98
CA ILE A 115 -5.56 -11.37 5.94
C ILE A 115 -5.32 -11.77 7.39
N LEU A 116 -5.28 -10.75 8.23
CA LEU A 116 -5.29 -10.90 9.66
C LEU A 116 -5.99 -9.69 10.27
N ASN A 117 -5.57 -9.29 11.45
CA ASN A 117 -6.14 -8.11 12.11
C ASN A 117 -5.19 -7.69 13.22
N LYS A 118 -4.65 -8.69 13.90
CA LYS A 118 -3.63 -8.49 14.91
C LYS A 118 -2.38 -9.27 14.55
N GLY A 4 -0.66 -16.40 -7.84
CA GLY A 4 -0.60 -16.99 -6.48
C GLY A 4 -0.59 -18.50 -6.52
N SER A 5 0.22 -19.11 -5.65
CA SER A 5 0.35 -20.56 -5.63
C SER A 5 -0.77 -21.19 -4.82
N THR A 6 -1.35 -20.44 -3.90
CA THR A 6 -2.45 -20.93 -3.10
C THR A 6 -3.76 -20.29 -3.54
N GLU A 7 -4.87 -20.86 -3.11
CA GLU A 7 -6.19 -20.34 -3.45
C GLU A 7 -6.65 -19.38 -2.36
N SER A 8 -5.87 -18.34 -2.12
CA SER A 8 -6.17 -17.37 -1.09
C SER A 8 -6.99 -16.22 -1.69
N LEU A 9 -6.81 -15.03 -1.14
CA LEU A 9 -7.50 -13.85 -1.63
C LEU A 9 -6.53 -12.95 -2.38
N THR A 10 -6.98 -12.34 -3.47
CA THR A 10 -6.08 -11.49 -4.24
C THR A 10 -6.66 -10.10 -4.41
N VAL A 11 -5.91 -9.22 -5.04
CA VAL A 11 -6.35 -7.84 -5.25
C VAL A 11 -5.81 -7.32 -6.59
N SER A 12 -6.58 -6.44 -7.25
CA SER A 12 -6.16 -5.86 -8.51
C SER A 12 -6.37 -4.35 -8.49
N GLY A 13 -5.37 -3.61 -8.94
CA GLY A 13 -5.50 -2.17 -9.01
C GLY A 13 -4.75 -1.45 -7.90
N GLN A 14 -3.42 -1.43 -8.01
CA GLN A 14 -2.60 -0.71 -7.05
C GLN A 14 -2.81 0.80 -7.14
N PRO A 15 -2.99 1.45 -5.99
CA PRO A 15 -3.15 2.90 -5.93
C PRO A 15 -1.85 3.62 -6.26
N GLU A 16 -1.95 4.68 -7.04
CA GLU A 16 -0.78 5.41 -7.49
C GLU A 16 -0.50 6.62 -6.63
N HIS A 17 0.72 6.71 -6.13
CA HIS A 17 1.15 7.80 -5.26
C HIS A 17 2.45 8.37 -5.75
N LYS A 18 2.56 9.69 -5.82
CA LYS A 18 3.79 10.32 -6.27
C LYS A 18 4.35 11.22 -5.18
N VAL A 19 5.62 11.03 -4.86
CA VAL A 19 6.28 11.86 -3.86
C VAL A 19 7.16 12.90 -4.53
N GLU A 20 6.94 14.15 -4.17
CA GLU A 20 7.82 15.23 -4.58
C GLU A 20 8.28 15.99 -3.35
N ALA A 21 9.43 16.65 -3.43
CA ALA A 21 9.99 17.34 -2.29
C ALA A 21 9.03 18.40 -1.75
N LYS A 22 8.46 19.18 -2.65
CA LYS A 22 7.50 20.21 -2.28
C LYS A 22 6.44 20.39 -3.36
N ASP A 23 5.34 21.05 -2.99
CA ASP A 23 4.27 21.30 -3.93
C ASP A 23 4.29 22.75 -4.38
N SER A 24 3.15 23.23 -4.85
CA SER A 24 3.00 24.64 -5.22
C SER A 24 3.25 25.55 -4.02
N ASN A 25 2.81 25.10 -2.84
CA ASN A 25 2.98 25.88 -1.61
C ASN A 25 4.32 25.61 -0.95
N GLY A 26 4.99 24.54 -1.36
CA GLY A 26 6.32 24.26 -0.88
C GLY A 26 6.37 23.31 0.32
N MET A 27 5.38 22.46 0.45
CA MET A 27 5.37 21.47 1.53
C MET A 27 5.49 20.06 0.97
N PRO A 28 6.00 19.10 1.77
CA PRO A 28 6.17 17.70 1.33
C PRO A 28 4.86 17.08 0.85
N VAL A 29 4.86 16.56 -0.37
CA VAL A 29 3.67 15.99 -0.96
C VAL A 29 3.41 14.57 -0.45
N ASP A 30 2.33 14.40 0.30
CA ASP A 30 1.94 13.08 0.79
C ASP A 30 0.53 12.77 0.32
N ASN A 31 0.38 11.77 -0.53
CA ASN A 31 -0.91 11.43 -1.10
C ASN A 31 -1.78 10.70 -0.08
N ARG A 32 -1.15 9.81 0.70
CA ARG A 32 -1.87 8.98 1.66
C ARG A 32 -2.89 8.07 1.00
N GLN A 33 -3.66 7.38 1.83
CA GLN A 33 -4.74 6.50 1.38
C GLN A 33 -4.23 5.37 0.47
N GLY A 34 -5.15 4.52 0.05
CA GLY A 34 -4.84 3.42 -0.83
C GLY A 34 -6.09 2.72 -1.30
N THR A 35 -6.58 3.08 -2.47
CA THR A 35 -7.83 2.53 -2.97
C THR A 35 -7.58 1.34 -3.89
N ILE A 36 -8.07 0.18 -3.48
CA ILE A 36 -7.85 -1.05 -4.24
C ILE A 36 -9.17 -1.79 -4.49
N THR A 37 -9.23 -2.48 -5.62
CA THR A 37 -10.36 -3.33 -5.94
C THR A 37 -9.98 -4.78 -5.67
N VAL A 38 -10.52 -5.34 -4.61
CA VAL A 38 -10.02 -6.62 -4.13
C VAL A 38 -10.76 -7.81 -4.74
N SER A 39 -9.99 -8.85 -4.99
CA SER A 39 -10.53 -10.17 -5.31
C SER A 39 -10.68 -10.94 -4.00
N ALA A 40 -10.46 -10.23 -2.90
CA ALA A 40 -10.55 -10.82 -1.58
C ALA A 40 -11.99 -10.80 -1.10
N SER A 41 -12.31 -11.66 -0.16
CA SER A 41 -13.66 -11.74 0.36
C SER A 41 -13.65 -11.74 1.88
N GLY A 42 -14.56 -10.99 2.48
CA GLY A 42 -14.62 -10.92 3.92
C GLY A 42 -13.76 -9.81 4.49
N LEU A 43 -13.75 -8.67 3.81
CA LEU A 43 -12.97 -7.52 4.27
C LEU A 43 -13.85 -6.51 4.96
N GLN A 44 -13.35 -5.93 6.04
CA GLN A 44 -14.06 -4.93 6.81
C GLN A 44 -13.08 -3.86 7.30
N VAL A 45 -13.60 -2.75 7.78
CA VAL A 45 -12.74 -1.70 8.32
C VAL A 45 -12.12 -2.16 9.63
N GLY A 46 -10.81 -1.96 9.77
CA GLY A 46 -10.13 -2.35 10.99
C GLY A 46 -9.29 -3.60 10.80
N ASP A 47 -9.16 -4.04 9.55
CA ASP A 47 -8.36 -5.23 9.25
C ASP A 47 -6.91 -4.85 9.00
N ALA A 48 -6.04 -5.84 9.08
CA ALA A 48 -4.61 -5.66 8.86
C ALA A 48 -4.07 -6.81 8.05
N PHE A 49 -3.46 -6.52 6.92
CA PHE A 49 -3.01 -7.58 6.04
C PHE A 49 -1.67 -7.24 5.40
N THR A 50 -1.12 -8.21 4.68
CA THR A 50 0.14 -8.01 3.98
C THR A 50 -0.05 -8.20 2.48
N ILE A 51 0.47 -7.26 1.71
CA ILE A 51 0.36 -7.33 0.25
C ILE A 51 1.66 -7.86 -0.36
N ALA A 52 1.53 -8.79 -1.29
CA ALA A 52 2.70 -9.37 -1.96
C ALA A 52 3.32 -8.38 -2.93
N GLY A 53 4.65 -8.40 -3.02
CA GLY A 53 5.35 -7.47 -3.88
C GLY A 53 5.62 -6.15 -3.19
N VAL A 54 4.85 -5.86 -2.15
CA VAL A 54 4.98 -4.63 -1.40
C VAL A 54 5.65 -4.89 -0.05
N ASN A 55 6.93 -4.57 0.05
CA ASN A 55 7.64 -4.67 1.32
C ASN A 55 7.75 -3.29 1.94
N SER A 56 7.89 -3.23 3.25
CA SER A 56 7.95 -1.94 3.94
C SER A 56 9.38 -1.40 3.90
N VAL A 57 9.57 -0.24 4.50
CA VAL A 57 10.89 0.31 4.66
C VAL A 57 11.12 0.79 6.10
N HIS A 58 12.38 0.78 6.51
CA HIS A 58 12.77 1.23 7.84
C HIS A 58 14.01 2.09 7.76
N GLN A 59 14.04 3.18 8.51
CA GLN A 59 15.20 4.05 8.55
C GLN A 59 16.36 3.33 9.25
N ILE A 60 16.02 2.47 10.20
CA ILE A 60 17.01 1.72 10.96
C ILE A 60 17.76 0.70 10.08
N THR A 61 17.02 -0.10 9.33
CA THR A 61 17.64 -1.12 8.47
C THR A 61 18.04 -0.55 7.12
N LYS A 62 17.69 0.72 6.89
CA LYS A 62 18.01 1.42 5.64
C LYS A 62 17.16 0.83 4.50
N ASP A 63 15.85 0.81 4.75
CA ASP A 63 14.85 0.43 3.74
C ASP A 63 14.99 -1.01 3.24
N THR A 64 15.82 -1.79 3.89
CA THR A 64 15.95 -3.20 3.55
C THR A 64 15.30 -4.07 4.61
N THR A 65 14.16 -4.66 4.26
CA THR A 65 13.39 -5.43 5.22
C THR A 65 13.11 -6.84 4.69
N GLY A 66 12.55 -6.89 3.48
CA GLY A 66 12.12 -8.17 2.93
C GLY A 66 10.81 -8.60 3.56
N GLN A 67 10.19 -7.70 4.29
CA GLN A 67 8.95 -7.99 5.00
C GLN A 67 7.80 -7.22 4.38
N PRO A 68 6.69 -7.91 4.08
CA PRO A 68 5.49 -7.29 3.51
C PRO A 68 4.92 -6.23 4.45
N GLN A 69 4.43 -5.14 3.89
CA GLN A 69 3.86 -4.06 4.69
C GLN A 69 2.56 -4.51 5.35
N VAL A 70 2.33 -4.01 6.55
CA VAL A 70 1.09 -4.29 7.27
C VAL A 70 0.14 -3.10 7.13
N PHE A 71 -1.05 -3.36 6.60
CA PHE A 71 -1.98 -2.28 6.29
C PHE A 71 -3.09 -2.19 7.32
N ARG A 72 -3.66 -1.01 7.43
CA ARG A 72 -4.82 -0.77 8.28
C ARG A 72 -5.96 -0.23 7.43
N VAL A 73 -7.07 -0.94 7.44
CA VAL A 73 -8.22 -0.62 6.59
C VAL A 73 -9.04 0.55 7.16
N LEU A 74 -9.42 1.48 6.29
CA LEU A 74 -10.23 2.64 6.69
C LEU A 74 -11.66 2.51 6.20
N ALA A 75 -11.87 1.92 5.03
CA ALA A 75 -13.21 1.81 4.46
C ALA A 75 -13.31 0.63 3.49
N VAL A 76 -14.48 0.01 3.45
CA VAL A 76 -14.75 -1.09 2.53
C VAL A 76 -16.14 -0.93 1.92
N SER A 77 -16.21 -0.95 0.59
CA SER A 77 -17.49 -0.75 -0.09
C SER A 77 -17.45 -1.37 -1.49
N GLY A 78 -18.20 -2.46 -1.67
CA GLY A 78 -18.26 -3.13 -2.97
C GLY A 78 -16.90 -3.61 -3.43
N THR A 79 -16.19 -4.29 -2.53
CA THR A 79 -14.82 -4.79 -2.75
C THR A 79 -13.84 -3.67 -3.13
N THR A 80 -14.28 -2.43 -3.01
CA THR A 80 -13.40 -1.29 -3.20
C THR A 80 -12.97 -0.78 -1.84
N VAL A 81 -11.71 -1.05 -1.50
CA VAL A 81 -11.25 -0.83 -0.14
C VAL A 81 -10.29 0.36 -0.07
N THR A 82 -10.54 1.24 0.88
CA THR A 82 -9.65 2.36 1.12
C THR A 82 -8.76 2.05 2.32
N ILE A 83 -7.48 1.87 2.08
CA ILE A 83 -6.56 1.44 3.11
C ILE A 83 -5.43 2.43 3.32
N SER A 84 -4.76 2.27 4.44
CA SER A 84 -3.51 2.95 4.71
C SER A 84 -2.58 1.90 5.30
N PRO A 85 -1.26 2.12 5.39
CA PRO A 85 -0.58 3.36 4.98
C PRO A 85 -0.54 3.56 3.46
N LYS A 86 0.00 4.69 3.06
CA LYS A 86 0.10 5.07 1.65
C LYS A 86 1.18 4.26 0.94
N ILE A 87 1.00 4.08 -0.36
CA ILE A 87 1.95 3.30 -1.16
C ILE A 87 2.98 4.22 -1.81
N LEU A 88 4.03 4.54 -1.07
CA LEU A 88 5.10 5.37 -1.60
C LEU A 88 6.32 4.52 -1.89
N PRO A 89 6.63 4.33 -3.17
CA PRO A 89 7.69 3.41 -3.60
C PRO A 89 9.10 3.99 -3.48
N VAL A 90 10.06 3.12 -3.21
CA VAL A 90 11.45 3.51 -3.18
C VAL A 90 12.07 3.41 -4.57
N GLU A 91 11.74 2.33 -5.27
CA GLU A 91 12.32 2.08 -6.58
C GLU A 91 11.46 2.65 -7.71
N ASN A 92 10.42 3.39 -7.36
CA ASN A 92 9.56 4.01 -8.36
C ASN A 92 9.37 5.49 -8.05
N THR A 93 8.71 6.20 -8.97
CA THR A 93 8.38 7.61 -8.79
C THR A 93 9.66 8.45 -8.62
N ASP A 94 10.73 7.97 -9.25
CA ASP A 94 12.02 8.65 -9.26
C ASP A 94 12.65 8.73 -7.87
N VAL A 95 13.82 9.37 -7.80
CA VAL A 95 14.57 9.46 -6.55
C VAL A 95 13.85 10.34 -5.52
N ALA A 96 13.00 11.25 -6.01
CA ALA A 96 12.27 12.15 -5.12
C ALA A 96 11.35 11.38 -4.17
N SER A 97 10.97 10.17 -4.55
CA SER A 97 10.07 9.35 -3.75
C SER A 97 10.83 8.55 -2.70
N ARG A 98 12.13 8.33 -2.93
CA ARG A 98 12.95 7.52 -2.04
C ARG A 98 12.97 8.03 -0.58
N PRO A 99 13.29 9.32 -0.33
CA PRO A 99 13.43 9.84 1.05
C PRO A 99 12.16 9.75 1.87
N TYR A 100 11.01 9.95 1.22
CA TYR A 100 9.73 9.92 1.92
C TYR A 100 8.97 8.64 1.60
N ALA A 101 9.69 7.61 1.17
CA ALA A 101 9.06 6.35 0.78
C ALA A 101 8.42 5.65 1.96
N ASN A 102 7.50 4.75 1.67
CA ASN A 102 6.84 3.97 2.71
C ASN A 102 7.03 2.49 2.44
N VAL A 103 7.08 2.13 1.17
CA VAL A 103 7.32 0.75 0.77
C VAL A 103 8.34 0.69 -0.36
N ASP A 104 8.89 -0.49 -0.60
CA ASP A 104 9.95 -0.67 -1.60
C ASP A 104 9.54 -0.19 -2.99
N ALA A 105 8.29 -0.48 -3.37
CA ALA A 105 7.83 -0.19 -4.71
C ALA A 105 6.33 -0.37 -4.84
N LYS A 106 5.80 0.12 -5.96
CA LYS A 106 4.43 -0.18 -6.34
C LYS A 106 4.44 -1.12 -7.54
N PRO A 107 4.10 -2.40 -7.31
CA PRO A 107 4.21 -3.45 -8.35
C PRO A 107 2.97 -3.51 -9.23
N ALA A 108 3.08 -4.27 -10.32
CA ALA A 108 1.94 -4.46 -11.22
C ALA A 108 0.90 -5.32 -10.52
N GLU A 109 -0.31 -4.78 -10.40
CA GLU A 109 -1.41 -5.43 -9.67
C GLU A 109 -1.08 -5.58 -8.19
N SER A 110 -2.10 -5.85 -7.39
CA SER A 110 -1.92 -5.89 -5.95
C SER A 110 -1.47 -7.27 -5.49
N ALA A 111 -1.59 -8.26 -6.37
CA ALA A 111 -1.12 -9.62 -6.11
C ALA A 111 -1.96 -10.34 -5.07
N ALA A 112 -1.34 -11.30 -4.40
CA ALA A 112 -2.01 -12.07 -3.37
C ALA A 112 -1.84 -11.40 -2.02
N ILE A 113 -2.94 -11.15 -1.35
CA ILE A 113 -2.92 -10.49 -0.05
C ILE A 113 -3.21 -11.49 1.06
N THR A 114 -2.56 -11.31 2.20
CA THR A 114 -2.73 -12.21 3.33
C THR A 114 -3.49 -11.51 4.44
N ILE A 115 -4.76 -11.86 4.56
CA ILE A 115 -5.68 -11.15 5.46
C ILE A 115 -5.57 -11.64 6.89
N LEU A 116 -5.42 -10.69 7.80
CA LEU A 116 -5.47 -10.97 9.22
C LEU A 116 -6.52 -10.11 9.89
N ASN A 117 -7.06 -10.60 10.98
CA ASN A 117 -7.93 -9.82 11.83
C ASN A 117 -7.21 -9.54 13.14
N LYS A 118 -5.94 -9.97 13.18
CA LYS A 118 -5.07 -9.83 14.34
C LYS A 118 -5.51 -10.73 15.49
N GLY A 4 2.61 -23.03 -3.82
CA GLY A 4 3.04 -22.63 -5.18
C GLY A 4 3.46 -21.18 -5.25
N SER A 5 2.84 -20.42 -6.15
CA SER A 5 3.15 -19.01 -6.30
C SER A 5 2.37 -18.16 -5.29
N THR A 6 1.07 -18.02 -5.53
CA THR A 6 0.21 -17.27 -4.63
C THR A 6 -1.03 -18.10 -4.27
N GLU A 7 -2.08 -17.97 -5.08
CA GLU A 7 -3.32 -18.72 -4.89
C GLU A 7 -3.93 -18.43 -3.51
N SER A 8 -4.65 -17.32 -3.42
CA SER A 8 -5.29 -16.91 -2.17
C SER A 8 -6.26 -15.77 -2.45
N LEU A 9 -6.17 -14.68 -1.70
CA LEU A 9 -6.99 -13.50 -1.94
C LEU A 9 -6.20 -12.50 -2.76
N THR A 10 -6.80 -11.98 -3.82
CA THR A 10 -6.09 -11.04 -4.68
C THR A 10 -6.92 -9.78 -4.91
N VAL A 11 -6.38 -8.83 -5.67
CA VAL A 11 -7.08 -7.56 -5.92
C VAL A 11 -6.80 -7.03 -7.32
N SER A 12 -7.87 -6.66 -8.01
CA SER A 12 -7.77 -5.99 -9.29
C SER A 12 -7.91 -4.48 -9.10
N GLY A 13 -6.79 -3.77 -9.04
CA GLY A 13 -6.82 -2.35 -8.81
C GLY A 13 -5.47 -1.82 -8.37
N GLN A 14 -5.06 -0.70 -8.96
CA GLN A 14 -3.72 -0.16 -8.71
C GLN A 14 -3.49 0.21 -7.24
N PRO A 15 -2.25 0.00 -6.76
CA PRO A 15 -1.83 0.39 -5.41
C PRO A 15 -1.74 1.90 -5.25
N GLU A 16 -1.46 2.35 -4.03
CA GLU A 16 -1.42 3.78 -3.76
C GLU A 16 -0.02 4.32 -3.87
N HIS A 17 0.08 5.47 -4.48
CA HIS A 17 1.30 6.27 -4.42
C HIS A 17 1.01 7.65 -4.99
N LYS A 18 1.34 8.70 -4.22
CA LYS A 18 1.10 10.06 -4.70
C LYS A 18 2.27 10.96 -4.36
N VAL A 19 2.86 11.56 -5.38
CA VAL A 19 3.84 12.60 -5.15
C VAL A 19 3.24 13.96 -5.50
N GLU A 20 3.03 14.78 -4.48
CA GLU A 20 2.51 16.12 -4.70
C GLU A 20 3.41 17.14 -4.04
N ALA A 21 4.01 18.00 -4.85
CA ALA A 21 4.90 19.02 -4.34
C ALA A 21 4.10 20.13 -3.68
N LYS A 22 3.10 20.64 -4.40
CA LYS A 22 2.17 21.59 -3.83
C LYS A 22 0.77 21.02 -3.78
N ASP A 23 0.19 21.07 -2.61
CA ASP A 23 -1.20 20.71 -2.44
C ASP A 23 -2.02 21.98 -2.23
N SER A 24 -3.18 21.84 -1.58
CA SER A 24 -3.99 23.00 -1.22
C SER A 24 -3.19 23.99 -0.36
N ASN A 25 -2.34 23.46 0.50
CA ASN A 25 -1.54 24.29 1.40
C ASN A 25 -0.14 24.55 0.84
N GLY A 26 0.25 23.79 -0.17
CA GLY A 26 1.54 24.01 -0.81
C GLY A 26 2.68 23.30 -0.11
N MET A 27 2.37 22.27 0.67
CA MET A 27 3.39 21.48 1.34
C MET A 27 3.40 20.05 0.78
N PRO A 28 4.58 19.50 0.45
CA PRO A 28 4.67 18.16 -0.13
C PRO A 28 4.20 17.08 0.84
N VAL A 29 3.12 16.39 0.46
CA VAL A 29 2.56 15.31 1.26
C VAL A 29 1.95 14.25 0.34
N ASP A 30 1.98 12.99 0.77
CA ASP A 30 1.26 11.94 0.07
C ASP A 30 -0.15 11.86 0.64
N ASN A 31 -1.15 11.99 -0.22
CA ASN A 31 -2.54 12.07 0.23
C ASN A 31 -3.14 10.69 0.54
N ARG A 32 -2.41 9.64 0.12
CA ARG A 32 -2.80 8.24 0.33
C ARG A 32 -4.27 7.95 0.02
N GLN A 33 -4.75 6.80 0.50
CA GLN A 33 -6.10 6.32 0.29
C GLN A 33 -6.40 6.03 -1.18
N GLY A 34 -7.00 4.87 -1.41
CA GLY A 34 -7.39 4.48 -2.74
C GLY A 34 -8.44 3.38 -2.73
N THR A 35 -9.35 3.41 -3.70
CA THR A 35 -10.40 2.42 -3.78
C THR A 35 -10.01 1.29 -4.73
N ILE A 36 -9.92 0.08 -4.19
CA ILE A 36 -9.54 -1.08 -5.00
C ILE A 36 -10.67 -2.09 -5.10
N THR A 37 -10.80 -2.70 -6.27
CA THR A 37 -11.78 -3.74 -6.49
C THR A 37 -11.14 -5.09 -6.19
N VAL A 38 -11.56 -5.72 -5.11
CA VAL A 38 -10.82 -6.87 -4.63
C VAL A 38 -11.33 -8.19 -5.21
N SER A 39 -10.38 -9.08 -5.46
CA SER A 39 -10.66 -10.46 -5.78
C SER A 39 -10.67 -11.27 -4.48
N ALA A 40 -10.63 -10.54 -3.38
CA ALA A 40 -10.61 -11.13 -2.04
C ALA A 40 -12.01 -11.10 -1.46
N SER A 41 -12.21 -11.78 -0.33
CA SER A 41 -13.51 -11.81 0.30
C SER A 41 -13.37 -11.78 1.82
N GLY A 42 -14.42 -11.30 2.48
CA GLY A 42 -14.41 -11.23 3.94
C GLY A 42 -13.53 -10.12 4.45
N LEU A 43 -13.61 -8.95 3.81
CA LEU A 43 -12.81 -7.81 4.23
C LEU A 43 -13.68 -6.83 5.01
N GLN A 44 -13.12 -6.26 6.08
CA GLN A 44 -13.85 -5.31 6.90
C GLN A 44 -12.96 -4.12 7.22
N VAL A 45 -13.56 -3.07 7.78
CA VAL A 45 -12.82 -1.88 8.14
C VAL A 45 -12.03 -2.09 9.43
N GLY A 46 -10.79 -1.64 9.45
CA GLY A 46 -9.97 -1.80 10.63
C GLY A 46 -9.15 -3.07 10.59
N ASP A 47 -9.18 -3.75 9.46
CA ASP A 47 -8.38 -4.95 9.28
C ASP A 47 -6.96 -4.58 8.92
N ALA A 48 -6.06 -5.52 9.12
CA ALA A 48 -4.66 -5.34 8.80
C ALA A 48 -4.21 -6.47 7.92
N PHE A 49 -3.31 -6.21 6.99
CA PHE A 49 -2.88 -7.25 6.08
C PHE A 49 -1.59 -6.89 5.40
N THR A 50 -1.03 -7.85 4.69
CA THR A 50 0.20 -7.64 3.96
C THR A 50 -0.01 -7.94 2.48
N ILE A 51 0.74 -7.28 1.62
CA ILE A 51 0.59 -7.44 0.19
C ILE A 51 1.84 -8.04 -0.44
N ALA A 52 1.62 -8.96 -1.38
CA ALA A 52 2.70 -9.62 -2.10
C ALA A 52 3.44 -8.63 -2.99
N GLY A 53 4.71 -8.44 -2.71
CA GLY A 53 5.52 -7.52 -3.49
C GLY A 53 5.78 -6.22 -2.75
N VAL A 54 4.91 -5.91 -1.81
CA VAL A 54 5.08 -4.73 -0.96
C VAL A 54 5.93 -5.07 0.26
N ASN A 55 7.13 -4.53 0.32
CA ASN A 55 8.04 -4.80 1.42
C ASN A 55 8.58 -3.51 2.02
N SER A 56 8.76 -3.51 3.34
CA SER A 56 9.22 -2.33 4.04
C SER A 56 10.67 -2.02 3.75
N VAL A 57 11.09 -0.81 4.09
CA VAL A 57 12.43 -0.35 3.80
C VAL A 57 13.25 -0.16 5.07
N HIS A 58 14.51 0.25 4.86
CA HIS A 58 15.45 0.57 5.93
C HIS A 58 14.81 1.45 7.01
N GLN A 59 14.53 0.85 8.16
CA GLN A 59 13.85 1.56 9.24
C GLN A 59 14.84 2.36 10.07
N ILE A 60 15.91 1.72 10.53
CA ILE A 60 16.90 2.40 11.36
C ILE A 60 18.17 2.69 10.56
N THR A 61 18.87 1.63 10.19
CA THR A 61 20.13 1.75 9.47
C THR A 61 20.24 0.69 8.37
N LYS A 62 19.71 1.03 7.19
CA LYS A 62 19.79 0.16 6.01
C LYS A 62 19.14 -1.20 6.26
N ASP A 63 18.14 -1.22 7.13
CA ASP A 63 17.43 -2.47 7.47
C ASP A 63 16.82 -3.12 6.23
N THR A 64 17.49 -4.15 5.73
CA THR A 64 16.96 -4.92 4.62
C THR A 64 16.46 -6.27 5.11
N THR A 65 15.14 -6.42 5.18
CA THR A 65 14.54 -7.61 5.74
C THR A 65 13.52 -8.23 4.80
N GLY A 66 12.81 -7.39 4.06
CA GLY A 66 11.78 -7.87 3.15
C GLY A 66 10.48 -8.13 3.86
N GLN A 67 10.25 -7.45 4.97
CA GLN A 67 9.02 -7.62 5.74
C GLN A 67 7.87 -6.86 5.11
N PRO A 68 6.79 -7.56 4.73
CA PRO A 68 5.60 -6.93 4.16
C PRO A 68 4.97 -5.94 5.13
N GLN A 69 4.77 -4.71 4.66
CA GLN A 69 4.28 -3.62 5.51
C GLN A 69 2.78 -3.83 5.78
N VAL A 70 2.38 -3.63 7.03
CA VAL A 70 1.01 -3.93 7.46
C VAL A 70 0.06 -2.76 7.21
N PHE A 71 -1.00 -3.03 6.48
CA PHE A 71 -1.93 -1.97 6.07
C PHE A 71 -3.16 -1.89 6.97
N ARG A 72 -3.92 -0.82 6.80
CA ARG A 72 -5.15 -0.59 7.54
C ARG A 72 -6.30 -0.36 6.58
N VAL A 73 -7.49 -0.77 6.97
CA VAL A 73 -8.67 -0.58 6.13
C VAL A 73 -9.49 0.61 6.59
N LEU A 74 -9.95 1.41 5.63
CA LEU A 74 -10.73 2.61 5.94
C LEU A 74 -12.21 2.39 5.65
N ALA A 75 -12.51 1.70 4.56
CA ALA A 75 -13.90 1.45 4.17
C ALA A 75 -14.02 0.23 3.27
N VAL A 76 -15.06 -0.56 3.51
CA VAL A 76 -15.35 -1.71 2.67
C VAL A 76 -16.82 -1.69 2.27
N SER A 77 -17.09 -1.76 0.97
CA SER A 77 -18.45 -1.72 0.47
C SER A 77 -18.55 -2.34 -0.91
N GLY A 78 -19.22 -3.49 -0.99
CA GLY A 78 -19.38 -4.18 -2.27
C GLY A 78 -18.05 -4.57 -2.88
N THR A 79 -17.22 -5.24 -2.08
CA THR A 79 -15.86 -5.64 -2.48
C THR A 79 -15.06 -4.47 -3.08
N THR A 80 -15.45 -3.25 -2.72
CA THR A 80 -14.70 -2.07 -3.09
C THR A 80 -14.12 -1.46 -1.83
N VAL A 81 -12.82 -1.61 -1.67
CA VAL A 81 -12.19 -1.28 -0.41
C VAL A 81 -11.26 -0.07 -0.54
N THR A 82 -11.41 0.86 0.39
CA THR A 82 -10.50 1.99 0.49
C THR A 82 -9.45 1.67 1.55
N ILE A 83 -8.22 1.45 1.12
CA ILE A 83 -7.17 1.04 2.03
C ILE A 83 -6.11 2.13 2.22
N SER A 84 -5.04 1.75 2.92
CA SER A 84 -3.95 2.65 3.30
C SER A 84 -3.08 1.87 4.28
N PRO A 85 -1.81 2.23 4.56
CA PRO A 85 -1.12 3.38 3.97
C PRO A 85 -0.75 3.20 2.50
N LYS A 86 0.00 4.16 2.00
CA LYS A 86 0.37 4.19 0.60
C LYS A 86 1.61 3.34 0.29
N ILE A 87 1.93 3.27 -0.99
CA ILE A 87 2.99 2.42 -1.51
C ILE A 87 4.05 3.28 -2.18
N LEU A 88 5.01 3.75 -1.40
CA LEU A 88 6.00 4.69 -1.92
C LEU A 88 7.36 4.05 -2.04
N PRO A 89 7.74 3.67 -3.27
CA PRO A 89 9.00 2.98 -3.55
C PRO A 89 10.23 3.86 -3.37
N VAL A 90 11.32 3.24 -2.97
CA VAL A 90 12.61 3.93 -2.89
C VAL A 90 13.37 3.71 -4.20
N GLU A 91 12.99 2.65 -4.92
CA GLU A 91 13.66 2.32 -6.18
C GLU A 91 13.28 3.24 -7.33
N ASN A 92 12.66 4.37 -7.02
CA ASN A 92 12.31 5.34 -8.06
C ASN A 92 13.49 6.23 -8.39
N THR A 93 14.41 6.36 -7.43
CA THR A 93 15.64 7.15 -7.60
C THR A 93 15.36 8.66 -7.62
N ASP A 94 14.10 9.05 -7.77
CA ASP A 94 13.76 10.47 -7.76
C ASP A 94 13.83 11.04 -6.35
N VAL A 95 14.09 12.34 -6.27
CA VAL A 95 14.33 13.00 -5.00
C VAL A 95 13.03 13.30 -4.25
N ALA A 96 11.92 13.30 -4.99
CA ALA A 96 10.63 13.70 -4.43
C ALA A 96 9.99 12.59 -3.58
N SER A 97 10.13 11.34 -3.99
CA SER A 97 9.41 10.24 -3.33
C SER A 97 10.20 9.67 -2.15
N ARG A 98 11.53 9.64 -2.27
CA ARG A 98 12.35 9.02 -1.24
C ARG A 98 12.27 9.69 0.15
N PRO A 99 12.06 11.04 0.27
CA PRO A 99 11.95 11.67 1.60
C PRO A 99 10.88 11.04 2.47
N TYR A 100 9.75 10.67 1.86
CA TYR A 100 8.66 10.08 2.62
C TYR A 100 8.29 8.70 2.08
N ALA A 101 9.28 7.97 1.56
CA ALA A 101 9.07 6.62 1.04
C ALA A 101 8.63 5.66 2.14
N ASN A 102 7.97 4.58 1.73
CA ASN A 102 7.45 3.60 2.68
C ASN A 102 7.89 2.19 2.33
N VAL A 103 7.95 1.88 1.04
CA VAL A 103 8.34 0.55 0.58
C VAL A 103 9.42 0.63 -0.50
N ASP A 104 9.90 -0.52 -0.93
CA ASP A 104 10.97 -0.57 -1.93
C ASP A 104 10.44 -0.34 -3.34
N ALA A 105 9.32 -0.98 -3.65
CA ALA A 105 8.74 -0.93 -5.00
C ALA A 105 7.22 -0.94 -4.95
N LYS A 106 6.60 -0.62 -6.07
CA LYS A 106 5.16 -0.69 -6.20
C LYS A 106 4.75 -1.76 -7.22
N PRO A 107 4.09 -2.83 -6.76
CA PRO A 107 3.66 -3.93 -7.63
C PRO A 107 2.48 -3.55 -8.51
N ALA A 108 2.19 -4.38 -9.50
CA ALA A 108 1.02 -4.17 -10.34
C ALA A 108 -0.23 -4.59 -9.58
N GLU A 109 -1.23 -3.70 -9.55
CA GLU A 109 -2.46 -3.93 -8.79
C GLU A 109 -2.17 -4.01 -7.29
N SER A 110 -3.13 -4.47 -6.51
CA SER A 110 -2.92 -4.63 -5.08
C SER A 110 -2.41 -6.05 -4.81
N ALA A 111 -2.51 -6.90 -5.83
CA ALA A 111 -1.90 -8.25 -5.79
C ALA A 111 -2.49 -9.14 -4.70
N ALA A 112 -1.73 -10.17 -4.35
CA ALA A 112 -2.16 -11.14 -3.35
C ALA A 112 -2.03 -10.56 -1.95
N ILE A 113 -3.10 -10.64 -1.19
CA ILE A 113 -3.13 -10.07 0.14
C ILE A 113 -3.26 -11.17 1.20
N THR A 114 -2.61 -10.97 2.33
CA THR A 114 -2.70 -11.90 3.44
C THR A 114 -3.36 -11.22 4.64
N ILE A 115 -4.61 -11.57 4.89
CA ILE A 115 -5.43 -10.87 5.87
C ILE A 115 -5.18 -11.36 7.30
N LEU A 116 -5.13 -10.40 8.21
CA LEU A 116 -5.08 -10.67 9.63
C LEU A 116 -5.85 -9.58 10.36
N ASN A 117 -5.58 -9.40 11.66
CA ASN A 117 -6.27 -8.36 12.43
C ASN A 117 -5.42 -7.88 13.59
N LYS A 118 -4.16 -7.56 13.31
CA LYS A 118 -3.27 -7.05 14.34
C LYS A 118 -2.25 -6.09 13.74
N GLY A 4 -2.63 -21.66 2.90
CA GLY A 4 -2.57 -20.48 3.81
C GLY A 4 -2.95 -19.20 3.11
N SER A 5 -2.47 -18.06 3.63
CA SER A 5 -2.77 -16.77 3.05
C SER A 5 -1.78 -16.43 1.93
N THR A 6 -1.86 -17.17 0.83
CA THR A 6 -1.01 -16.91 -0.33
C THR A 6 -1.77 -16.15 -1.41
N GLU A 7 -1.81 -16.68 -2.63
CA GLU A 7 -2.58 -16.05 -3.71
C GLU A 7 -4.04 -16.54 -3.66
N SER A 8 -4.54 -16.71 -2.44
CA SER A 8 -5.92 -17.14 -2.23
C SER A 8 -6.85 -15.94 -2.24
N LEU A 9 -6.37 -14.84 -1.67
CA LEU A 9 -7.11 -13.58 -1.69
C LEU A 9 -6.37 -12.62 -2.59
N THR A 10 -6.97 -12.25 -3.71
CA THR A 10 -6.30 -11.34 -4.63
C THR A 10 -7.10 -10.08 -4.84
N VAL A 11 -6.58 -9.14 -5.62
CA VAL A 11 -7.25 -7.87 -5.85
C VAL A 11 -6.90 -7.31 -7.24
N SER A 12 -7.92 -6.84 -7.94
CA SER A 12 -7.73 -6.19 -9.23
C SER A 12 -7.73 -4.68 -9.06
N GLY A 13 -7.05 -3.99 -9.96
CA GLY A 13 -6.96 -2.55 -9.87
C GLY A 13 -5.59 -2.11 -9.46
N GLN A 14 -5.00 -1.21 -10.23
CA GLN A 14 -3.64 -0.73 -9.96
C GLN A 14 -3.67 0.56 -9.16
N PRO A 15 -3.41 0.48 -7.85
CA PRO A 15 -3.45 1.64 -6.98
C PRO A 15 -2.06 2.25 -6.76
N GLU A 16 -1.94 3.54 -7.03
CA GLU A 16 -0.72 4.25 -6.73
C GLU A 16 -0.95 5.14 -5.52
N HIS A 17 0.08 5.34 -4.71
CA HIS A 17 -0.07 6.16 -3.52
C HIS A 17 1.09 7.10 -3.43
N LYS A 18 0.82 8.37 -3.22
CA LYS A 18 1.89 9.34 -3.14
C LYS A 18 2.09 9.73 -1.69
N VAL A 19 3.10 10.56 -1.44
CA VAL A 19 3.43 11.00 -0.08
C VAL A 19 2.19 11.48 0.67
N GLU A 20 2.15 11.22 1.97
CA GLU A 20 1.00 11.55 2.81
C GLU A 20 0.70 13.05 2.82
N ALA A 21 -0.49 13.39 3.33
CA ALA A 21 -1.02 14.76 3.29
C ALA A 21 0.02 15.81 3.66
N LYS A 22 0.78 15.55 4.71
CA LYS A 22 1.83 16.46 5.13
C LYS A 22 3.02 15.71 5.72
N ASP A 23 4.21 16.23 5.49
CA ASP A 23 5.43 15.56 5.94
C ASP A 23 5.81 16.00 7.35
N SER A 24 7.07 15.84 7.70
CA SER A 24 7.55 16.21 9.02
C SER A 24 7.74 17.72 9.15
N ASN A 25 7.77 18.41 8.03
CA ASN A 25 7.95 19.86 8.03
C ASN A 25 6.59 20.56 7.96
N GLY A 26 5.56 19.81 7.60
CA GLY A 26 4.23 20.36 7.52
C GLY A 26 3.90 20.82 6.11
N MET A 27 4.67 20.35 5.14
CA MET A 27 4.46 20.68 3.75
C MET A 27 3.40 19.77 3.14
N PRO A 28 2.31 20.35 2.61
CA PRO A 28 1.22 19.58 2.03
C PRO A 28 1.62 18.91 0.72
N VAL A 29 1.50 17.59 0.70
CA VAL A 29 1.78 16.83 -0.50
C VAL A 29 0.47 16.29 -1.06
N ASP A 30 0.39 16.19 -2.38
CA ASP A 30 -0.83 15.70 -3.02
C ASP A 30 -0.99 14.21 -2.76
N ASN A 31 -1.74 13.88 -1.71
CA ASN A 31 -1.94 12.50 -1.29
C ASN A 31 -2.88 11.79 -2.26
N ARG A 32 -2.49 10.59 -2.67
CA ARG A 32 -3.29 9.83 -3.62
C ARG A 32 -4.22 8.85 -2.90
N GLN A 33 -3.81 7.58 -2.79
CA GLN A 33 -4.63 6.54 -2.16
C GLN A 33 -5.96 6.37 -2.87
N GLY A 34 -6.79 5.45 -2.40
CA GLY A 34 -8.06 5.24 -3.06
C GLY A 34 -8.66 3.88 -2.80
N THR A 35 -9.70 3.54 -3.54
CA THR A 35 -10.39 2.28 -3.36
C THR A 35 -9.95 1.25 -4.40
N ILE A 36 -10.00 -0.03 -4.02
CA ILE A 36 -9.65 -1.12 -4.91
C ILE A 36 -10.78 -2.13 -5.01
N THR A 37 -10.85 -2.83 -6.14
CA THR A 37 -11.84 -3.87 -6.34
C THR A 37 -11.23 -5.22 -6.00
N VAL A 38 -11.59 -5.78 -4.85
CA VAL A 38 -10.87 -6.93 -4.36
C VAL A 38 -11.47 -8.26 -4.85
N SER A 39 -10.57 -9.19 -5.11
CA SER A 39 -10.90 -10.57 -5.39
C SER A 39 -10.86 -11.37 -4.10
N ALA A 40 -10.72 -10.65 -2.99
CA ALA A 40 -10.55 -11.27 -1.68
C ALA A 40 -11.88 -11.28 -0.94
N SER A 41 -11.91 -11.91 0.22
CA SER A 41 -13.10 -11.96 1.04
C SER A 41 -12.76 -11.84 2.53
N GLY A 42 -13.68 -11.27 3.29
CA GLY A 42 -13.46 -11.12 4.72
C GLY A 42 -12.73 -9.83 5.07
N LEU A 43 -12.94 -8.78 4.30
CA LEU A 43 -12.29 -7.50 4.57
C LEU A 43 -13.26 -6.59 5.32
N GLN A 44 -12.73 -5.94 6.36
CA GLN A 44 -13.48 -4.98 7.14
C GLN A 44 -12.64 -3.74 7.35
N VAL A 45 -13.24 -2.69 7.90
CA VAL A 45 -12.49 -1.48 8.19
C VAL A 45 -11.68 -1.68 9.47
N GLY A 46 -10.43 -1.23 9.46
CA GLY A 46 -9.58 -1.38 10.62
C GLY A 46 -8.71 -2.61 10.52
N ASP A 47 -8.61 -3.17 9.32
CA ASP A 47 -7.76 -4.34 9.10
C ASP A 47 -6.35 -3.92 8.74
N ALA A 48 -5.45 -4.89 8.80
CA ALA A 48 -4.05 -4.67 8.48
C ALA A 48 -3.51 -5.86 7.72
N PHE A 49 -2.98 -5.63 6.53
CA PHE A 49 -2.59 -6.74 5.68
C PHE A 49 -1.32 -6.44 4.92
N THR A 50 -0.82 -7.45 4.22
CA THR A 50 0.37 -7.30 3.40
C THR A 50 0.05 -7.65 1.95
N ILE A 51 0.73 -6.99 1.02
CA ILE A 51 0.53 -7.24 -0.40
C ILE A 51 1.77 -7.86 -1.03
N ALA A 52 1.55 -8.86 -1.89
CA ALA A 52 2.63 -9.55 -2.58
C ALA A 52 3.42 -8.60 -3.47
N GLY A 53 4.73 -8.63 -3.34
CA GLY A 53 5.59 -7.75 -4.12
C GLY A 53 5.88 -6.46 -3.39
N VAL A 54 5.01 -6.10 -2.46
CA VAL A 54 5.21 -4.91 -1.65
C VAL A 54 5.86 -5.28 -0.32
N ASN A 55 7.15 -5.01 -0.20
CA ASN A 55 7.89 -5.35 1.00
C ASN A 55 8.47 -4.09 1.62
N SER A 56 8.62 -4.10 2.94
CA SER A 56 9.09 -2.93 3.65
C SER A 56 10.61 -2.83 3.60
N VAL A 57 11.10 -1.64 3.89
CA VAL A 57 12.53 -1.38 3.90
C VAL A 57 13.02 -1.10 5.30
N HIS A 58 14.32 -0.84 5.41
CA HIS A 58 14.97 -0.49 6.67
C HIS A 58 14.14 0.48 7.49
N GLN A 59 13.68 0.02 8.64
CA GLN A 59 12.84 0.83 9.50
C GLN A 59 13.69 1.76 10.36
N ILE A 60 14.83 1.26 10.84
CA ILE A 60 15.68 2.05 11.74
C ILE A 60 16.96 2.53 11.03
N THR A 61 17.96 1.65 10.92
CA THR A 61 19.27 2.06 10.41
C THR A 61 19.77 1.18 9.26
N LYS A 62 19.13 1.30 8.09
CA LYS A 62 19.52 0.54 6.91
C LYS A 62 19.56 -0.97 7.21
N ASP A 63 18.64 -1.40 8.07
CA ASP A 63 18.56 -2.79 8.52
C ASP A 63 18.12 -3.72 7.39
N THR A 64 18.14 -5.02 7.67
CA THR A 64 17.71 -6.02 6.71
C THR A 64 16.33 -6.55 7.09
N THR A 65 15.33 -6.21 6.30
CA THR A 65 13.96 -6.55 6.62
C THR A 65 13.36 -7.50 5.59
N GLY A 66 12.99 -6.97 4.42
CA GLY A 66 12.48 -7.82 3.35
C GLY A 66 11.11 -8.39 3.64
N GLN A 67 10.49 -7.93 4.72
CA GLN A 67 9.18 -8.42 5.11
C GLN A 67 8.09 -7.53 4.55
N PRO A 68 6.97 -8.11 4.11
CA PRO A 68 5.85 -7.35 3.52
C PRO A 68 5.32 -6.25 4.45
N GLN A 69 4.99 -5.10 3.87
CA GLN A 69 4.51 -3.96 4.64
C GLN A 69 3.04 -4.15 5.03
N VAL A 70 2.70 -3.74 6.24
CA VAL A 70 1.34 -3.86 6.74
C VAL A 70 0.55 -2.57 6.46
N PHE A 71 -0.65 -2.72 5.90
CA PHE A 71 -1.48 -1.57 5.51
C PHE A 71 -2.65 -1.40 6.45
N ARG A 72 -3.36 -0.28 6.31
CA ARG A 72 -4.55 -0.01 7.11
C ARG A 72 -5.77 0.12 6.21
N VAL A 73 -6.91 -0.35 6.71
CA VAL A 73 -8.16 -0.24 5.98
C VAL A 73 -8.99 0.91 6.51
N LEU A 74 -9.47 1.76 5.60
CA LEU A 74 -10.22 2.95 5.98
C LEU A 74 -11.70 2.78 5.69
N ALA A 75 -12.02 1.98 4.67
CA ALA A 75 -13.41 1.79 4.29
C ALA A 75 -13.59 0.54 3.43
N VAL A 76 -14.66 -0.20 3.66
CA VAL A 76 -14.99 -1.38 2.86
C VAL A 76 -16.47 -1.37 2.51
N SER A 77 -16.77 -1.37 1.22
CA SER A 77 -18.15 -1.37 0.75
C SER A 77 -18.27 -2.06 -0.59
N GLY A 78 -18.82 -3.27 -0.59
CA GLY A 78 -18.98 -4.02 -1.83
C GLY A 78 -17.66 -4.38 -2.45
N THR A 79 -16.84 -5.09 -1.68
CA THR A 79 -15.47 -5.47 -2.09
C THR A 79 -14.67 -4.28 -2.63
N THR A 80 -15.03 -3.09 -2.19
CA THR A 80 -14.33 -1.88 -2.56
C THR A 80 -13.69 -1.26 -1.32
N VAL A 81 -12.37 -1.29 -1.26
CA VAL A 81 -11.66 -0.93 -0.05
C VAL A 81 -10.84 0.34 -0.24
N THR A 82 -11.04 1.31 0.64
CA THR A 82 -10.22 2.51 0.68
C THR A 82 -8.93 2.20 1.44
N ILE A 83 -7.80 2.27 0.75
CA ILE A 83 -6.55 1.82 1.34
C ILE A 83 -5.55 2.95 1.59
N SER A 84 -4.76 2.73 2.63
CA SER A 84 -3.74 3.67 3.10
C SER A 84 -2.80 2.88 4.02
N PRO A 85 -1.58 3.37 4.35
CA PRO A 85 -1.04 4.65 3.91
C PRO A 85 -0.40 4.57 2.53
N LYS A 86 0.57 5.43 2.30
CA LYS A 86 1.23 5.49 1.01
C LYS A 86 2.13 4.27 0.80
N ILE A 87 2.18 3.83 -0.45
CA ILE A 87 3.05 2.73 -0.82
C ILE A 87 4.21 3.25 -1.64
N LEU A 88 5.16 3.87 -0.95
CA LEU A 88 6.25 4.56 -1.62
C LEU A 88 7.51 3.71 -1.69
N PRO A 89 7.98 3.43 -2.92
CA PRO A 89 9.22 2.71 -3.15
C PRO A 89 10.44 3.54 -2.74
N VAL A 90 11.47 2.86 -2.28
CA VAL A 90 12.74 3.51 -2.06
C VAL A 90 13.60 3.32 -3.31
N GLU A 91 13.17 2.36 -4.14
CA GLU A 91 13.91 2.02 -5.35
C GLU A 91 13.36 2.74 -6.59
N ASN A 92 12.86 3.97 -6.43
CA ASN A 92 12.41 4.76 -7.57
C ASN A 92 13.33 5.94 -7.82
N THR A 93 12.99 6.76 -8.81
CA THR A 93 13.81 7.91 -9.18
C THR A 93 13.40 9.15 -8.40
N ASP A 94 12.18 9.15 -7.88
CA ASP A 94 11.62 10.29 -7.15
C ASP A 94 12.41 10.58 -5.88
N VAL A 95 13.22 11.64 -5.93
CA VAL A 95 14.00 12.08 -4.77
C VAL A 95 13.08 12.56 -3.64
N ALA A 96 11.86 12.95 -3.99
CA ALA A 96 10.90 13.43 -3.01
C ALA A 96 10.13 12.28 -2.36
N SER A 97 10.09 11.13 -3.01
CA SER A 97 9.32 9.99 -2.52
C SER A 97 10.19 9.03 -1.69
N ARG A 98 11.45 8.86 -2.09
CA ARG A 98 12.36 7.94 -1.41
C ARG A 98 12.49 8.21 0.11
N PRO A 99 12.69 9.48 0.55
CA PRO A 99 12.83 9.78 1.98
C PRO A 99 11.62 9.36 2.81
N TYR A 100 10.44 9.54 2.24
CA TYR A 100 9.19 9.24 2.94
C TYR A 100 8.67 7.86 2.53
N ALA A 101 9.55 7.08 1.90
CA ALA A 101 9.19 5.76 1.43
C ALA A 101 9.26 4.73 2.54
N ASN A 102 8.48 3.67 2.43
CA ASN A 102 8.47 2.61 3.44
C ASN A 102 8.47 1.22 2.81
N VAL A 103 8.49 1.17 1.48
CA VAL A 103 8.58 -0.10 0.76
C VAL A 103 9.61 0.03 -0.36
N ASP A 104 10.05 -1.09 -0.90
CA ASP A 104 11.06 -1.06 -1.98
C ASP A 104 10.42 -0.62 -3.27
N ALA A 105 9.16 -1.00 -3.46
CA ALA A 105 8.43 -0.74 -4.70
C ALA A 105 6.98 -1.13 -4.57
N LYS A 106 6.21 -0.80 -5.60
CA LYS A 106 4.83 -1.23 -5.70
C LYS A 106 4.54 -1.80 -7.09
N PRO A 107 4.41 -3.14 -7.18
CA PRO A 107 4.10 -3.84 -8.42
C PRO A 107 2.69 -3.53 -8.93
N ALA A 108 2.38 -3.95 -10.15
CA ALA A 108 1.08 -3.70 -10.76
C ALA A 108 -0.06 -4.27 -9.93
N GLU A 109 -1.28 -3.80 -10.23
CA GLU A 109 -2.51 -4.14 -9.48
C GLU A 109 -2.29 -4.20 -7.96
N SER A 110 -3.11 -4.98 -7.29
CA SER A 110 -3.03 -5.07 -5.84
C SER A 110 -2.56 -6.45 -5.40
N ALA A 111 -2.59 -7.40 -6.33
CA ALA A 111 -2.00 -8.73 -6.13
C ALA A 111 -2.62 -9.50 -4.97
N ALA A 112 -1.89 -10.52 -4.51
CA ALA A 112 -2.34 -11.37 -3.40
C ALA A 112 -2.14 -10.66 -2.08
N ILE A 113 -3.12 -10.79 -1.20
CA ILE A 113 -3.10 -10.09 0.07
C ILE A 113 -3.21 -11.07 1.24
N THR A 114 -2.52 -10.74 2.33
CA THR A 114 -2.57 -11.55 3.53
C THR A 114 -3.40 -10.83 4.60
N ILE A 115 -4.67 -11.22 4.70
CA ILE A 115 -5.60 -10.54 5.60
C ILE A 115 -5.55 -11.11 7.02
N LEU A 116 -5.16 -10.27 7.97
CA LEU A 116 -5.20 -10.62 9.37
C LEU A 116 -5.64 -9.41 10.19
N ASN A 117 -6.55 -9.63 11.13
CA ASN A 117 -7.07 -8.53 11.93
C ASN A 117 -6.49 -8.60 13.33
N LYS A 118 -5.29 -8.06 13.50
CA LYS A 118 -4.64 -8.07 14.81
C LYS A 118 -5.08 -6.87 15.63
N GLY A 4 -4.36 -29.34 -0.49
CA GLY A 4 -3.52 -28.14 -0.28
C GLY A 4 -4.30 -27.00 0.36
N SER A 5 -3.65 -25.85 0.51
CA SER A 5 -4.29 -24.70 1.14
C SER A 5 -5.08 -23.91 0.10
N THR A 6 -4.36 -23.39 -0.91
CA THR A 6 -4.95 -22.60 -2.00
C THR A 6 -5.90 -21.52 -1.46
N GLU A 7 -7.02 -21.33 -2.16
CA GLU A 7 -8.04 -20.32 -1.84
C GLU A 7 -7.41 -19.03 -1.28
N SER A 8 -6.57 -18.40 -2.08
CA SER A 8 -5.89 -17.21 -1.67
C SER A 8 -6.63 -15.97 -2.14
N LEU A 9 -7.00 -15.14 -1.17
CA LEU A 9 -7.67 -13.88 -1.46
C LEU A 9 -6.69 -12.92 -2.13
N THR A 10 -7.11 -12.26 -3.20
CA THR A 10 -6.17 -11.42 -3.93
C THR A 10 -6.74 -10.03 -4.20
N VAL A 11 -5.95 -9.19 -4.86
CA VAL A 11 -6.38 -7.84 -5.21
C VAL A 11 -6.29 -7.64 -6.72
N SER A 12 -7.38 -7.19 -7.31
CA SER A 12 -7.45 -6.91 -8.73
C SER A 12 -7.42 -5.41 -8.99
N GLY A 13 -6.38 -4.93 -9.63
CA GLY A 13 -6.26 -3.52 -9.88
C GLY A 13 -4.86 -3.02 -9.58
N GLN A 14 -4.60 -1.78 -9.98
CA GLN A 14 -3.29 -1.20 -9.78
C GLN A 14 -3.37 -0.05 -8.78
N PRO A 15 -2.85 -0.24 -7.56
CA PRO A 15 -2.84 0.79 -6.54
C PRO A 15 -1.79 1.84 -6.85
N GLU A 16 -2.21 3.09 -6.91
CA GLU A 16 -1.30 4.19 -7.16
C GLU A 16 -1.38 5.22 -6.06
N HIS A 17 -0.26 5.90 -5.80
CA HIS A 17 -0.25 7.02 -4.90
C HIS A 17 0.97 7.88 -5.14
N LYS A 18 0.73 9.17 -5.25
CA LYS A 18 1.79 10.15 -5.42
C LYS A 18 1.57 11.28 -4.43
N VAL A 19 2.63 11.68 -3.72
CA VAL A 19 2.48 12.76 -2.77
C VAL A 19 3.09 14.05 -3.34
N GLU A 20 2.27 15.08 -3.39
CA GLU A 20 2.74 16.39 -3.76
C GLU A 20 2.10 17.44 -2.86
N ALA A 21 2.87 18.46 -2.52
CA ALA A 21 2.36 19.51 -1.65
C ALA A 21 1.44 20.43 -2.42
N LYS A 22 2.00 21.49 -2.98
CA LYS A 22 1.23 22.39 -3.83
C LYS A 22 1.80 22.45 -5.23
N ASP A 23 0.93 22.56 -6.22
CA ASP A 23 1.36 22.61 -7.61
C ASP A 23 1.37 24.04 -8.13
N SER A 24 1.30 24.17 -9.46
CA SER A 24 1.35 25.47 -10.11
C SER A 24 0.23 26.42 -9.68
N ASN A 25 -0.91 25.86 -9.23
CA ASN A 25 -2.01 26.70 -8.77
C ASN A 25 -1.88 27.02 -7.29
N GLY A 26 -1.01 26.28 -6.60
CA GLY A 26 -0.66 26.63 -5.24
C GLY A 26 -1.47 25.92 -4.17
N MET A 27 -2.37 25.03 -4.55
CA MET A 27 -3.18 24.32 -3.55
C MET A 27 -2.56 22.98 -3.18
N PRO A 28 -2.58 22.62 -1.88
CA PRO A 28 -2.09 21.33 -1.41
C PRO A 28 -3.09 20.22 -1.68
N VAL A 29 -2.67 19.22 -2.45
CA VAL A 29 -3.56 18.12 -2.78
C VAL A 29 -2.82 16.79 -2.64
N ASP A 30 -3.20 16.03 -1.63
CA ASP A 30 -2.67 14.69 -1.46
C ASP A 30 -3.67 13.68 -2.00
N ASN A 31 -3.16 12.64 -2.64
CA ASN A 31 -4.04 11.62 -3.22
C ASN A 31 -4.47 10.59 -2.18
N ARG A 32 -4.72 11.09 -0.95
CA ARG A 32 -5.17 10.27 0.19
C ARG A 32 -4.51 8.89 0.24
N GLN A 33 -5.27 7.84 -0.07
CA GLN A 33 -4.77 6.48 0.01
C GLN A 33 -5.02 5.75 -1.31
N GLY A 34 -4.52 4.53 -1.41
CA GLY A 34 -4.76 3.74 -2.61
C GLY A 34 -6.08 3.01 -2.55
N THR A 35 -6.81 3.05 -3.64
CA THR A 35 -8.11 2.37 -3.71
C THR A 35 -8.01 1.13 -4.60
N ILE A 36 -8.26 -0.02 -4.01
CA ILE A 36 -8.09 -1.28 -4.71
C ILE A 36 -9.40 -2.06 -4.80
N THR A 37 -9.59 -2.77 -5.90
CA THR A 37 -10.71 -3.68 -6.03
C THR A 37 -10.26 -5.08 -5.68
N VAL A 38 -10.80 -5.64 -4.63
CA VAL A 38 -10.26 -6.89 -4.14
C VAL A 38 -10.97 -8.10 -4.73
N SER A 39 -10.16 -9.12 -4.98
CA SER A 39 -10.64 -10.44 -5.33
C SER A 39 -10.81 -11.24 -4.05
N ALA A 40 -10.71 -10.53 -2.93
CA ALA A 40 -10.81 -11.13 -1.61
C ALA A 40 -12.24 -11.06 -1.10
N SER A 41 -12.46 -11.56 0.10
CA SER A 41 -13.77 -11.47 0.74
C SER A 41 -13.61 -11.49 2.26
N GLY A 42 -14.55 -10.85 2.94
CA GLY A 42 -14.47 -10.77 4.39
C GLY A 42 -13.61 -9.63 4.87
N LEU A 43 -13.43 -8.62 4.02
CA LEU A 43 -12.63 -7.45 4.37
C LEU A 43 -13.49 -6.39 5.04
N GLN A 44 -12.94 -5.75 6.05
CA GLN A 44 -13.66 -4.73 6.81
C GLN A 44 -12.75 -3.55 7.09
N VAL A 45 -13.31 -2.45 7.55
CA VAL A 45 -12.52 -1.29 7.90
C VAL A 45 -11.78 -1.52 9.22
N GLY A 46 -10.52 -1.10 9.28
CA GLY A 46 -9.74 -1.24 10.49
C GLY A 46 -8.97 -2.54 10.54
N ASP A 47 -9.09 -3.34 9.49
CA ASP A 47 -8.32 -4.58 9.37
C ASP A 47 -6.92 -4.27 8.89
N ALA A 48 -6.03 -5.23 9.02
CA ALA A 48 -4.68 -5.08 8.52
C ALA A 48 -4.30 -6.28 7.69
N PHE A 49 -3.46 -6.08 6.70
CA PHE A 49 -3.05 -7.19 5.85
C PHE A 49 -1.84 -6.84 5.02
N THR A 50 -1.26 -7.85 4.40
CA THR A 50 -0.15 -7.64 3.51
C THR A 50 -0.56 -7.98 2.08
N ILE A 51 0.04 -7.31 1.12
CA ILE A 51 -0.24 -7.57 -0.28
C ILE A 51 1.06 -7.95 -0.99
N ALA A 52 1.02 -9.06 -1.73
CA ALA A 52 2.23 -9.63 -2.34
C ALA A 52 2.87 -8.67 -3.33
N GLY A 53 4.20 -8.62 -3.30
CA GLY A 53 4.96 -7.76 -4.20
C GLY A 53 5.16 -6.36 -3.64
N VAL A 54 4.27 -5.95 -2.76
CA VAL A 54 4.42 -4.69 -2.07
C VAL A 54 5.04 -4.92 -0.70
N ASN A 55 6.33 -4.67 -0.58
CA ASN A 55 7.03 -4.88 0.68
C ASN A 55 7.07 -3.60 1.48
N SER A 56 7.48 -3.72 2.73
CA SER A 56 7.73 -2.55 3.55
C SER A 56 9.24 -2.38 3.65
N VAL A 57 9.65 -1.36 4.37
CA VAL A 57 11.06 -1.19 4.65
C VAL A 57 11.30 -1.04 6.15
N HIS A 58 12.46 -1.50 6.60
CA HIS A 58 12.85 -1.32 7.98
C HIS A 58 13.35 0.10 8.19
N GLN A 59 12.66 0.83 9.04
CA GLN A 59 12.92 2.26 9.25
C GLN A 59 14.32 2.51 9.80
N ILE A 60 14.77 1.60 10.67
CA ILE A 60 16.03 1.78 11.38
C ILE A 60 17.23 1.92 10.43
N THR A 61 17.59 0.84 9.75
CA THR A 61 18.78 0.85 8.92
C THR A 61 18.46 0.69 7.43
N LYS A 62 17.20 0.92 7.07
CA LYS A 62 16.76 0.84 5.67
C LYS A 62 17.01 -0.57 5.12
N ASP A 63 16.51 -1.57 5.83
CA ASP A 63 16.72 -2.96 5.41
C ASP A 63 15.55 -3.45 4.58
N THR A 64 15.86 -4.03 3.44
CA THR A 64 14.85 -4.67 2.61
C THR A 64 15.00 -6.18 2.69
N THR A 65 14.08 -6.83 3.38
CA THR A 65 14.23 -8.26 3.67
C THR A 65 13.11 -9.08 3.06
N GLY A 66 12.26 -8.43 2.26
CA GLY A 66 11.20 -9.15 1.58
C GLY A 66 9.96 -9.32 2.44
N GLN A 67 9.76 -8.39 3.37
CA GLN A 67 8.60 -8.42 4.23
C GLN A 67 7.60 -7.35 3.81
N PRO A 68 6.40 -7.77 3.38
CA PRO A 68 5.37 -6.87 2.85
C PRO A 68 4.89 -5.82 3.86
N GLN A 69 4.17 -4.83 3.37
CA GLN A 69 3.61 -3.78 4.19
C GLN A 69 2.23 -4.19 4.73
N VAL A 70 2.00 -3.93 6.00
CA VAL A 70 0.72 -4.23 6.63
C VAL A 70 -0.18 -2.99 6.60
N PHE A 71 -1.35 -3.12 6.00
CA PHE A 71 -2.24 -1.99 5.77
C PHE A 71 -3.40 -1.96 6.75
N ARG A 72 -3.65 -0.79 7.33
CA ARG A 72 -4.88 -0.56 8.08
C ARG A 72 -5.91 0.08 7.16
N VAL A 73 -7.02 -0.60 7.01
CA VAL A 73 -8.08 -0.21 6.08
C VAL A 73 -8.85 1.02 6.58
N LEU A 74 -9.21 1.90 5.64
CA LEU A 74 -10.03 3.07 5.96
C LEU A 74 -11.47 2.85 5.51
N ALA A 75 -11.64 2.07 4.44
CA ALA A 75 -12.98 1.82 3.90
C ALA A 75 -13.02 0.54 3.08
N VAL A 76 -14.09 -0.22 3.24
CA VAL A 76 -14.35 -1.40 2.43
C VAL A 76 -15.79 -1.39 1.95
N SER A 77 -15.98 -0.94 0.73
CA SER A 77 -17.33 -0.79 0.17
C SER A 77 -17.39 -1.35 -1.24
N GLY A 78 -18.16 -2.42 -1.42
CA GLY A 78 -18.28 -3.04 -2.73
C GLY A 78 -16.96 -3.55 -3.26
N THR A 79 -16.27 -4.33 -2.41
CA THR A 79 -14.93 -4.86 -2.71
C THR A 79 -13.94 -3.77 -3.13
N THR A 80 -14.26 -2.52 -2.79
CA THR A 80 -13.36 -1.41 -3.09
C THR A 80 -12.77 -0.91 -1.78
N VAL A 81 -11.48 -1.17 -1.60
CA VAL A 81 -10.84 -0.91 -0.32
C VAL A 81 -9.82 0.23 -0.43
N THR A 82 -9.96 1.21 0.45
CA THR A 82 -8.99 2.29 0.54
C THR A 82 -8.04 1.99 1.68
N ILE A 83 -6.75 1.85 1.38
CA ILE A 83 -5.80 1.37 2.36
C ILE A 83 -4.72 2.39 2.73
N SER A 84 -4.27 2.28 3.97
CA SER A 84 -3.15 3.03 4.50
C SER A 84 -2.38 2.09 5.38
N PRO A 85 -1.11 2.35 5.75
CA PRO A 85 -0.32 3.53 5.35
C PRO A 85 -0.22 3.74 3.85
N LYS A 86 0.38 4.85 3.45
CA LYS A 86 0.56 5.17 2.05
C LYS A 86 1.49 4.19 1.37
N ILE A 87 1.38 4.11 0.06
CA ILE A 87 2.24 3.23 -0.69
C ILE A 87 3.35 4.03 -1.35
N LEU A 88 4.30 4.47 -0.54
CA LEU A 88 5.38 5.32 -1.02
C LEU A 88 6.70 4.55 -1.09
N PRO A 89 7.20 4.30 -2.32
CA PRO A 89 8.47 3.62 -2.52
C PRO A 89 9.63 4.50 -2.07
N VAL A 90 10.69 3.89 -1.55
CA VAL A 90 11.82 4.64 -1.06
C VAL A 90 12.77 5.00 -2.22
N GLU A 91 12.67 4.23 -3.30
CA GLU A 91 13.55 4.38 -4.44
C GLU A 91 13.19 5.60 -5.30
N ASN A 92 12.08 6.25 -5.00
CA ASN A 92 11.64 7.38 -5.81
C ASN A 92 12.46 8.63 -5.54
N THR A 93 12.54 9.50 -6.53
CA THR A 93 13.26 10.77 -6.40
C THR A 93 12.28 11.88 -6.04
N ASP A 94 10.99 11.54 -6.06
CA ASP A 94 9.93 12.48 -5.73
C ASP A 94 10.17 13.11 -4.36
N VAL A 95 10.31 14.43 -4.36
CA VAL A 95 10.70 15.18 -3.16
C VAL A 95 9.74 14.95 -1.99
N ALA A 96 8.44 15.07 -2.24
CA ALA A 96 7.45 14.99 -1.17
C ALA A 96 7.11 13.53 -0.82
N SER A 97 7.40 12.61 -1.71
CA SER A 97 7.02 11.22 -1.51
C SER A 97 8.13 10.42 -0.83
N ARG A 98 9.38 10.84 -0.97
CA ARG A 98 10.51 10.08 -0.43
C ARG A 98 10.62 10.13 1.11
N PRO A 99 10.30 11.25 1.81
CA PRO A 99 10.46 11.31 3.27
C PRO A 99 9.52 10.35 4.00
N TYR A 100 8.29 10.25 3.49
CA TYR A 100 7.30 9.37 4.10
C TYR A 100 7.26 8.02 3.40
N ALA A 101 8.30 7.71 2.65
CA ALA A 101 8.41 6.43 1.96
C ALA A 101 8.51 5.29 2.97
N ASN A 102 7.75 4.23 2.74
CA ASN A 102 7.66 3.14 3.70
C ASN A 102 7.53 1.77 3.04
N VAL A 103 7.55 1.73 1.71
CA VAL A 103 7.38 0.46 1.01
C VAL A 103 8.41 0.28 -0.10
N ASP A 104 8.58 -0.97 -0.52
CA ASP A 104 9.43 -1.30 -1.65
C ASP A 104 8.62 -1.37 -2.94
N ALA A 105 8.30 -0.20 -3.49
CA ALA A 105 7.62 -0.07 -4.79
C ALA A 105 6.15 -0.47 -4.73
N LYS A 106 5.43 -0.05 -5.76
CA LYS A 106 4.10 -0.57 -6.03
C LYS A 106 4.09 -1.26 -7.39
N PRO A 107 4.08 -2.60 -7.40
CA PRO A 107 4.25 -3.39 -8.62
C PRO A 107 2.96 -3.56 -9.42
N ALA A 108 3.10 -4.02 -10.65
CA ALA A 108 1.95 -4.36 -11.48
C ALA A 108 1.30 -5.63 -10.96
N GLU A 109 -0.02 -5.61 -10.86
CA GLU A 109 -0.79 -6.70 -10.25
C GLU A 109 -0.59 -6.73 -8.75
N SER A 110 -1.64 -6.38 -8.02
CA SER A 110 -1.56 -6.29 -6.57
C SER A 110 -1.25 -7.64 -5.93
N ALA A 111 -1.88 -8.71 -6.45
CA ALA A 111 -1.59 -10.09 -6.02
C ALA A 111 -2.28 -10.45 -4.71
N ALA A 112 -1.77 -11.51 -4.06
CA ALA A 112 -2.40 -12.12 -2.90
C ALA A 112 -2.41 -11.23 -1.66
N ILE A 113 -3.34 -11.53 -0.75
CA ILE A 113 -3.47 -10.79 0.50
C ILE A 113 -3.28 -11.74 1.69
N THR A 114 -2.70 -11.22 2.77
CA THR A 114 -2.55 -12.01 3.99
C THR A 114 -3.13 -11.23 5.18
N ILE A 115 -4.23 -11.73 5.73
CA ILE A 115 -5.00 -11.00 6.75
C ILE A 115 -4.45 -11.18 8.17
N LEU A 116 -4.35 -10.07 8.88
CA LEU A 116 -4.04 -10.08 10.31
C LEU A 116 -4.50 -8.78 10.95
N ASN A 117 -5.23 -8.88 12.05
CA ASN A 117 -5.71 -7.68 12.73
C ASN A 117 -4.88 -7.39 13.96
N LYS A 118 -3.85 -8.19 14.18
CA LYS A 118 -3.00 -8.02 15.35
C LYS A 118 -1.57 -8.44 15.02
N GLY A 4 -8.80 -25.95 2.69
CA GLY A 4 -9.22 -25.16 1.51
C GLY A 4 -9.43 -23.70 1.85
N SER A 5 -10.68 -23.25 1.74
CA SER A 5 -11.05 -21.86 2.01
C SER A 5 -10.37 -20.92 1.00
N THR A 6 -9.75 -19.86 1.49
CA THR A 6 -9.08 -18.91 0.62
C THR A 6 -7.68 -19.41 0.27
N GLU A 7 -7.10 -18.84 -0.78
CA GLU A 7 -5.76 -19.21 -1.20
C GLU A 7 -5.10 -18.04 -1.92
N SER A 8 -4.47 -17.17 -1.14
CA SER A 8 -3.77 -15.99 -1.68
C SER A 8 -4.74 -15.07 -2.39
N LEU A 9 -5.48 -14.29 -1.60
CA LEU A 9 -6.47 -13.36 -2.11
C LEU A 9 -5.79 -12.32 -3.00
N THR A 10 -6.51 -11.78 -3.97
CA THR A 10 -5.90 -10.77 -4.85
C THR A 10 -6.78 -9.55 -4.97
N VAL A 11 -6.30 -8.53 -5.68
CA VAL A 11 -7.03 -7.27 -5.81
C VAL A 11 -6.74 -6.61 -7.16
N SER A 12 -7.79 -6.08 -7.77
CA SER A 12 -7.67 -5.29 -8.99
C SER A 12 -8.26 -3.90 -8.76
N GLY A 13 -7.40 -2.94 -8.45
CA GLY A 13 -7.89 -1.63 -8.11
C GLY A 13 -7.28 -0.53 -8.94
N GLN A 14 -7.20 0.65 -8.35
CA GLN A 14 -6.67 1.83 -9.01
C GLN A 14 -5.16 1.71 -9.20
N PRO A 15 -4.54 2.62 -9.99
CA PRO A 15 -3.08 2.65 -10.21
C PRO A 15 -2.28 2.79 -8.92
N GLU A 16 -0.96 2.72 -9.03
CA GLU A 16 -0.11 2.78 -7.87
C GLU A 16 0.29 4.21 -7.61
N HIS A 17 0.61 4.52 -6.36
CA HIS A 17 0.82 5.90 -5.97
C HIS A 17 2.29 6.19 -5.72
N LYS A 18 2.69 7.42 -6.00
CA LYS A 18 4.07 7.83 -5.85
C LYS A 18 4.12 9.36 -5.76
N VAL A 19 5.22 9.90 -5.26
CA VAL A 19 5.34 11.34 -5.15
C VAL A 19 6.25 11.89 -6.24
N GLU A 20 5.71 12.78 -7.05
CA GLU A 20 6.49 13.41 -8.10
C GLU A 20 6.50 14.92 -7.90
N ALA A 21 7.54 15.58 -8.40
CA ALA A 21 7.68 17.03 -8.28
C ALA A 21 6.54 17.74 -9.00
N LYS A 22 6.17 17.22 -10.16
CA LYS A 22 5.08 17.80 -10.93
C LYS A 22 4.34 16.75 -11.76
N ASP A 23 3.03 16.91 -11.85
CA ASP A 23 2.19 16.00 -12.62
C ASP A 23 1.74 16.66 -13.91
N SER A 24 0.63 16.18 -14.47
CA SER A 24 0.06 16.74 -15.69
C SER A 24 -0.26 18.22 -15.52
N ASN A 25 -0.67 18.62 -14.33
CA ASN A 25 -1.00 20.02 -14.06
C ASN A 25 0.22 20.79 -13.57
N GLY A 26 1.26 20.08 -13.20
CA GLY A 26 2.48 20.72 -12.74
C GLY A 26 2.54 20.84 -11.23
N MET A 27 1.79 19.99 -10.54
CA MET A 27 1.76 20.00 -9.08
C MET A 27 2.36 18.71 -8.52
N PRO A 28 2.95 18.78 -7.31
CA PRO A 28 3.47 17.58 -6.64
C PRO A 28 2.37 16.55 -6.43
N VAL A 29 2.64 15.31 -6.82
CA VAL A 29 1.62 14.27 -6.76
C VAL A 29 1.32 13.90 -5.32
N ASP A 30 0.08 14.12 -4.92
CA ASP A 30 -0.37 13.84 -3.57
C ASP A 30 -0.65 12.35 -3.40
N ASN A 31 -0.34 11.82 -2.22
CA ASN A 31 -0.59 10.42 -1.91
C ASN A 31 -2.09 10.13 -1.98
N ARG A 32 -2.51 9.54 -3.09
CA ARG A 32 -3.91 9.40 -3.41
C ARG A 32 -4.63 8.46 -2.44
N GLN A 33 -4.31 7.16 -2.49
CA GLN A 33 -4.99 6.15 -1.65
C GLN A 33 -6.47 6.09 -2.01
N GLY A 34 -7.22 5.23 -1.35
CA GLY A 34 -8.65 5.24 -1.58
C GLY A 34 -9.25 3.87 -1.81
N THR A 35 -10.27 3.85 -2.66
CA THR A 35 -11.09 2.66 -2.84
C THR A 35 -10.62 1.81 -4.02
N ILE A 36 -10.46 0.52 -3.75
CA ILE A 36 -10.07 -0.44 -4.78
C ILE A 36 -10.99 -1.65 -4.78
N THR A 37 -10.97 -2.43 -5.85
CA THR A 37 -11.85 -3.60 -5.96
C THR A 37 -11.09 -4.87 -5.63
N VAL A 38 -11.47 -5.55 -4.57
CA VAL A 38 -10.73 -6.73 -4.15
C VAL A 38 -11.25 -8.02 -4.78
N SER A 39 -10.31 -8.89 -5.10
CA SER A 39 -10.60 -10.27 -5.48
C SER A 39 -10.54 -11.12 -4.21
N ALA A 40 -10.43 -10.45 -3.08
CA ALA A 40 -10.31 -11.11 -1.79
C ALA A 40 -11.70 -11.32 -1.19
N SER A 41 -11.78 -12.06 -0.10
CA SER A 41 -13.06 -12.30 0.55
C SER A 41 -12.90 -12.34 2.06
N GLY A 42 -13.77 -11.62 2.76
CA GLY A 42 -13.74 -11.63 4.21
C GLY A 42 -13.03 -10.43 4.80
N LEU A 43 -12.99 -9.32 4.05
CA LEU A 43 -12.33 -8.12 4.53
C LEU A 43 -13.30 -7.27 5.34
N GLN A 44 -12.77 -6.60 6.35
CA GLN A 44 -13.57 -5.70 7.17
C GLN A 44 -12.76 -4.46 7.52
N VAL A 45 -13.41 -3.46 8.07
CA VAL A 45 -12.73 -2.22 8.44
C VAL A 45 -11.94 -2.40 9.73
N GLY A 46 -10.75 -1.83 9.79
CA GLY A 46 -9.93 -1.94 10.97
C GLY A 46 -8.99 -3.13 10.93
N ASP A 47 -9.02 -3.84 9.80
CA ASP A 47 -8.17 -5.00 9.60
C ASP A 47 -6.77 -4.57 9.21
N ALA A 48 -5.86 -5.54 9.26
CA ALA A 48 -4.50 -5.34 8.82
C ALA A 48 -4.17 -6.42 7.83
N PHE A 49 -3.38 -6.09 6.83
CA PHE A 49 -3.03 -7.08 5.84
C PHE A 49 -1.83 -6.62 5.03
N THR A 50 -1.19 -7.54 4.33
CA THR A 50 0.02 -7.21 3.61
C THR A 50 -0.09 -7.60 2.14
N ILE A 51 0.39 -6.73 1.27
CA ILE A 51 0.32 -6.98 -0.16
C ILE A 51 1.62 -7.60 -0.67
N ALA A 52 1.49 -8.59 -1.55
CA ALA A 52 2.65 -9.27 -2.14
C ALA A 52 3.50 -8.31 -2.94
N GLY A 53 4.79 -8.26 -2.61
CA GLY A 53 5.68 -7.35 -3.29
C GLY A 53 5.84 -6.04 -2.55
N VAL A 54 4.87 -5.72 -1.70
CA VAL A 54 4.93 -4.50 -0.92
C VAL A 54 5.60 -4.80 0.43
N ASN A 55 6.87 -4.43 0.53
CA ASN A 55 7.64 -4.61 1.75
C ASN A 55 8.03 -3.26 2.31
N SER A 56 7.85 -3.06 3.61
CA SER A 56 8.17 -1.79 4.23
C SER A 56 9.68 -1.56 4.30
N VAL A 57 10.05 -0.29 4.32
CA VAL A 57 11.43 0.09 4.49
C VAL A 57 11.60 0.84 5.79
N HIS A 58 12.81 0.83 6.33
CA HIS A 58 13.10 1.56 7.54
C HIS A 58 14.14 2.64 7.25
N GLN A 59 13.71 3.68 6.54
CA GLN A 59 14.62 4.73 6.11
C GLN A 59 15.10 5.60 7.26
N ILE A 60 14.49 5.42 8.44
CA ILE A 60 14.92 6.14 9.63
C ILE A 60 16.30 5.65 10.05
N THR A 61 16.46 4.34 10.13
CA THR A 61 17.77 3.74 10.40
C THR A 61 18.50 3.46 9.09
N LYS A 62 17.74 3.55 8.00
CA LYS A 62 18.23 3.28 6.64
C LYS A 62 18.54 1.79 6.48
N ASP A 63 17.58 0.94 6.85
CA ASP A 63 17.73 -0.51 6.70
C ASP A 63 16.67 -1.06 5.76
N THR A 64 17.07 -2.03 4.96
CA THR A 64 16.13 -2.74 4.09
C THR A 64 15.92 -4.16 4.64
N THR A 65 14.72 -4.41 5.14
CA THR A 65 14.47 -5.65 5.85
C THR A 65 13.46 -6.53 5.12
N GLY A 66 12.78 -5.95 4.12
CA GLY A 66 11.86 -6.72 3.30
C GLY A 66 10.68 -7.26 4.08
N GLN A 67 10.25 -6.54 5.10
CA GLN A 67 9.10 -6.95 5.90
C GLN A 67 7.82 -6.40 5.30
N PRO A 68 6.85 -7.27 4.95
CA PRO A 68 5.59 -6.87 4.31
C PRO A 68 4.91 -5.70 5.03
N GLN A 69 4.51 -4.69 4.25
CA GLN A 69 3.87 -3.50 4.80
C GLN A 69 2.47 -3.83 5.32
N VAL A 70 2.20 -3.48 6.57
CA VAL A 70 0.89 -3.70 7.16
C VAL A 70 0.00 -2.48 6.96
N PHE A 71 -1.22 -2.72 6.51
CA PHE A 71 -2.17 -1.64 6.24
C PHE A 71 -3.34 -1.71 7.20
N ARG A 72 -3.98 -0.56 7.44
CA ARG A 72 -5.21 -0.52 8.22
C ARG A 72 -6.37 -0.07 7.34
N VAL A 73 -7.37 -0.92 7.26
CA VAL A 73 -8.52 -0.72 6.39
C VAL A 73 -9.40 0.43 6.88
N LEU A 74 -9.84 1.27 5.95
CA LEU A 74 -10.70 2.40 6.27
C LEU A 74 -12.17 2.05 6.02
N ALA A 75 -12.44 1.25 5.00
CA ALA A 75 -13.81 0.86 4.68
C ALA A 75 -13.86 -0.33 3.75
N VAL A 76 -14.81 -1.23 3.99
CA VAL A 76 -15.04 -2.38 3.11
C VAL A 76 -16.53 -2.55 2.86
N SER A 77 -16.97 -2.14 1.69
CA SER A 77 -18.38 -2.22 1.33
C SER A 77 -18.54 -2.58 -0.15
N GLY A 78 -19.09 -3.75 -0.42
CA GLY A 78 -19.26 -4.19 -1.79
C GLY A 78 -17.94 -4.46 -2.48
N THR A 79 -17.08 -5.22 -1.78
CA THR A 79 -15.72 -5.52 -2.25
C THR A 79 -14.95 -4.25 -2.65
N THR A 80 -15.38 -3.11 -2.12
CA THR A 80 -14.72 -1.85 -2.38
C THR A 80 -14.04 -1.39 -1.09
N VAL A 81 -12.72 -1.50 -1.06
CA VAL A 81 -11.98 -1.26 0.16
C VAL A 81 -11.18 0.04 0.07
N THR A 82 -11.35 0.90 1.07
CA THR A 82 -10.56 2.11 1.18
C THR A 82 -9.27 1.78 1.92
N ILE A 83 -8.14 1.91 1.24
CA ILE A 83 -6.89 1.45 1.78
C ILE A 83 -5.92 2.58 2.12
N SER A 84 -5.10 2.29 3.12
CA SER A 84 -4.07 3.20 3.63
C SER A 84 -3.15 2.36 4.51
N PRO A 85 -1.95 2.82 4.92
CA PRO A 85 -1.40 4.14 4.60
C PRO A 85 -0.83 4.22 3.17
N LYS A 86 0.48 4.40 3.08
CA LYS A 86 1.12 4.68 1.80
C LYS A 86 1.61 3.40 1.14
N ILE A 87 1.72 3.46 -0.17
CA ILE A 87 2.42 2.42 -0.90
C ILE A 87 3.42 3.11 -1.84
N LEU A 88 4.51 3.62 -1.28
CA LEU A 88 5.43 4.44 -2.04
C LEU A 88 6.78 3.75 -2.21
N PRO A 89 7.11 3.42 -3.47
CA PRO A 89 8.32 2.65 -3.81
C PRO A 89 9.62 3.40 -3.53
N VAL A 90 10.66 2.64 -3.19
CA VAL A 90 12.01 3.18 -3.07
C VAL A 90 12.75 2.98 -4.40
N GLU A 91 12.13 2.24 -5.31
CA GLU A 91 12.70 1.97 -6.62
C GLU A 91 12.56 3.16 -7.56
N ASN A 92 12.18 4.31 -7.01
CA ASN A 92 12.04 5.53 -7.81
C ASN A 92 13.39 6.18 -8.04
N THR A 93 13.48 7.00 -9.06
CA THR A 93 14.74 7.62 -9.43
C THR A 93 14.73 9.11 -9.08
N ASP A 94 13.56 9.63 -8.77
CA ASP A 94 13.43 11.03 -8.41
C ASP A 94 13.65 11.24 -6.91
N VAL A 95 14.04 12.45 -6.55
CA VAL A 95 14.33 12.80 -5.18
C VAL A 95 13.05 13.11 -4.40
N ALA A 96 12.00 13.50 -5.12
CA ALA A 96 10.73 13.88 -4.50
C ALA A 96 10.11 12.70 -3.74
N SER A 97 10.15 11.52 -4.35
CA SER A 97 9.52 10.35 -3.76
C SER A 97 10.42 9.70 -2.71
N ARG A 98 11.67 10.14 -2.64
CA ARG A 98 12.65 9.59 -1.67
C ARG A 98 12.19 9.73 -0.21
N PRO A 99 11.85 10.94 0.27
CA PRO A 99 11.51 11.15 1.69
C PRO A 99 10.21 10.48 2.10
N TYR A 100 9.37 10.17 1.12
CA TYR A 100 8.04 9.65 1.41
C TYR A 100 7.97 8.13 1.20
N ALA A 101 8.94 7.58 0.48
CA ALA A 101 8.97 6.15 0.19
C ALA A 101 8.93 5.33 1.48
N ASN A 102 7.99 4.40 1.56
CA ASN A 102 7.82 3.59 2.76
C ASN A 102 7.85 2.10 2.44
N VAL A 103 7.89 1.77 1.15
CA VAL A 103 7.93 0.37 0.73
C VAL A 103 8.96 0.18 -0.39
N ASP A 104 9.44 -1.05 -0.52
CA ASP A 104 10.47 -1.40 -1.51
C ASP A 104 10.06 -0.96 -2.91
N ALA A 105 8.85 -1.34 -3.32
CA ALA A 105 8.38 -1.04 -4.66
C ALA A 105 6.86 -1.19 -4.76
N LYS A 106 6.33 -0.94 -5.94
CA LYS A 106 4.92 -1.11 -6.21
C LYS A 106 4.68 -2.37 -7.05
N PRO A 107 3.66 -3.16 -6.70
CA PRO A 107 3.35 -4.39 -7.42
C PRO A 107 2.45 -4.14 -8.62
N ALA A 108 2.31 -5.15 -9.48
CA ALA A 108 1.41 -5.06 -10.62
C ALA A 108 -0.02 -5.22 -10.14
N GLU A 109 -0.93 -4.40 -10.69
CA GLU A 109 -2.32 -4.37 -10.24
C GLU A 109 -2.36 -3.90 -8.78
N SER A 110 -3.11 -4.63 -7.96
CA SER A 110 -3.08 -4.39 -6.53
C SER A 110 -2.43 -5.58 -5.84
N ALA A 111 -2.38 -6.71 -6.57
CA ALA A 111 -1.64 -7.92 -6.17
C ALA A 111 -2.31 -8.71 -5.06
N ALA A 112 -1.60 -9.74 -4.58
CA ALA A 112 -2.10 -10.66 -3.57
C ALA A 112 -1.98 -10.06 -2.18
N ILE A 113 -2.93 -10.38 -1.32
CA ILE A 113 -2.95 -9.82 0.02
C ILE A 113 -3.08 -10.91 1.09
N THR A 114 -2.46 -10.66 2.24
CA THR A 114 -2.48 -11.61 3.35
C THR A 114 -3.20 -11.00 4.55
N ILE A 115 -4.36 -11.55 4.89
CA ILE A 115 -5.23 -10.96 5.90
C ILE A 115 -4.78 -11.24 7.33
N LEU A 116 -4.75 -10.17 8.13
CA LEU A 116 -4.52 -10.25 9.57
C LEU A 116 -5.76 -9.75 10.31
N ASN A 117 -5.78 -9.98 11.61
CA ASN A 117 -6.88 -9.49 12.45
C ASN A 117 -6.35 -8.50 13.48
N LYS A 118 -5.06 -8.18 13.39
CA LYS A 118 -4.44 -7.30 14.37
C LYS A 118 -4.24 -5.90 13.81
N GLY A 4 -5.32 -18.54 9.77
CA GLY A 4 -5.61 -18.29 8.33
C GLY A 4 -5.61 -19.56 7.51
N SER A 5 -6.16 -19.50 6.30
CA SER A 5 -6.18 -20.63 5.40
C SER A 5 -5.15 -20.43 4.28
N THR A 6 -5.61 -20.32 3.04
CA THR A 6 -4.72 -20.02 1.92
C THR A 6 -4.19 -18.60 2.05
N GLU A 7 -5.09 -17.69 2.42
CA GLU A 7 -4.76 -16.28 2.62
C GLU A 7 -4.13 -15.68 1.36
N SER A 8 -4.65 -16.07 0.21
CA SER A 8 -4.13 -15.59 -1.06
C SER A 8 -5.21 -14.86 -1.83
N LEU A 9 -5.89 -13.94 -1.15
CA LEU A 9 -6.89 -13.08 -1.78
C LEU A 9 -6.18 -12.10 -2.71
N THR A 10 -6.79 -11.71 -3.81
CA THR A 10 -6.10 -10.83 -4.75
C THR A 10 -6.92 -9.59 -5.04
N VAL A 11 -6.32 -8.63 -5.74
CA VAL A 11 -7.00 -7.37 -6.05
C VAL A 11 -6.55 -6.83 -7.41
N SER A 12 -7.49 -6.28 -8.16
CA SER A 12 -7.20 -5.66 -9.44
C SER A 12 -7.27 -4.13 -9.31
N GLY A 13 -6.46 -3.45 -10.10
CA GLY A 13 -6.39 -2.00 -10.01
C GLY A 13 -4.97 -1.54 -9.77
N GLN A 14 -4.67 -0.30 -10.13
CA GLN A 14 -3.31 0.20 -9.98
C GLN A 14 -3.23 1.24 -8.88
N PRO A 15 -2.74 0.85 -7.69
CA PRO A 15 -2.57 1.75 -6.58
C PRO A 15 -1.17 2.36 -6.56
N GLU A 16 -1.10 3.68 -6.52
CA GLU A 16 0.19 4.37 -6.43
C GLU A 16 0.14 5.43 -5.35
N HIS A 17 1.28 5.69 -4.73
CA HIS A 17 1.36 6.67 -3.67
C HIS A 17 2.60 7.53 -3.85
N LYS A 18 2.45 8.83 -3.67
CA LYS A 18 3.56 9.76 -3.81
C LYS A 18 3.28 11.02 -2.99
N VAL A 19 4.23 11.41 -2.16
CA VAL A 19 4.05 12.55 -1.27
C VAL A 19 4.40 13.84 -1.99
N GLU A 20 3.70 14.92 -1.63
CA GLU A 20 3.93 16.23 -2.21
C GLU A 20 5.39 16.66 -2.15
N ALA A 21 5.99 16.83 -3.33
CA ALA A 21 7.35 17.35 -3.40
C ALA A 21 7.30 18.87 -3.30
N LYS A 22 6.52 19.47 -4.19
CA LYS A 22 6.29 20.91 -4.17
C LYS A 22 4.95 21.17 -3.48
N ASP A 23 4.61 22.44 -3.33
CA ASP A 23 3.33 22.80 -2.75
C ASP A 23 2.39 23.31 -3.85
N SER A 24 1.34 24.02 -3.45
CA SER A 24 0.39 24.59 -4.39
C SER A 24 0.99 25.77 -5.17
N ASN A 25 2.26 26.07 -4.93
CA ASN A 25 2.93 27.16 -5.64
C ASN A 25 3.37 26.70 -7.03
N GLY A 26 3.36 25.40 -7.25
CA GLY A 26 3.78 24.88 -8.53
C GLY A 26 3.21 23.51 -8.82
N MET A 27 3.80 22.48 -8.21
CA MET A 27 3.33 21.12 -8.44
C MET A 27 2.70 20.53 -7.19
N PRO A 28 1.41 20.18 -7.28
CA PRO A 28 0.70 19.48 -6.23
C PRO A 28 0.86 17.96 -6.34
N VAL A 29 1.41 17.34 -5.31
CA VAL A 29 1.60 15.90 -5.34
C VAL A 29 0.83 15.25 -4.20
N ASP A 30 -0.09 14.36 -4.54
CA ASP A 30 -0.93 13.72 -3.54
C ASP A 30 -0.71 12.22 -3.53
N ASN A 31 -0.81 11.62 -2.33
CA ASN A 31 -0.56 10.19 -2.14
C ASN A 31 -1.52 9.30 -2.93
N ARG A 32 -2.43 9.91 -3.68
CA ARG A 32 -3.40 9.19 -4.50
C ARG A 32 -4.37 8.41 -3.61
N GLN A 33 -4.05 7.13 -3.35
CA GLN A 33 -4.89 6.27 -2.50
C GLN A 33 -6.30 6.15 -3.09
N GLY A 34 -7.16 5.39 -2.43
CA GLY A 34 -8.53 5.31 -2.90
C GLY A 34 -9.08 3.92 -2.90
N THR A 35 -10.14 3.74 -3.67
CA THR A 35 -10.85 2.46 -3.71
C THR A 35 -10.37 1.58 -4.85
N ILE A 36 -10.17 0.31 -4.54
CA ILE A 36 -9.77 -0.68 -5.53
C ILE A 36 -10.80 -1.81 -5.59
N THR A 37 -10.86 -2.51 -6.72
CA THR A 37 -11.80 -3.61 -6.88
C THR A 37 -11.12 -4.92 -6.53
N VAL A 38 -11.53 -5.52 -5.42
CA VAL A 38 -10.81 -6.65 -4.90
C VAL A 38 -11.36 -7.98 -5.39
N SER A 39 -10.43 -8.91 -5.60
CA SER A 39 -10.74 -10.31 -5.82
C SER A 39 -10.74 -11.01 -4.46
N ALA A 40 -10.67 -10.21 -3.42
CA ALA A 40 -10.61 -10.71 -2.06
C ALA A 40 -12.01 -10.93 -1.52
N SER A 41 -12.15 -11.68 -0.44
CA SER A 41 -13.44 -11.95 0.14
C SER A 41 -13.34 -12.02 1.66
N GLY A 42 -14.37 -11.53 2.33
CA GLY A 42 -14.39 -11.54 3.79
C GLY A 42 -13.59 -10.40 4.38
N LEU A 43 -13.66 -9.24 3.75
CA LEU A 43 -12.94 -8.08 4.26
C LEU A 43 -13.88 -7.17 5.03
N GLN A 44 -13.32 -6.46 6.00
CA GLN A 44 -14.06 -5.50 6.79
C GLN A 44 -13.19 -4.30 7.07
N VAL A 45 -13.78 -3.20 7.51
CA VAL A 45 -13.01 -2.03 7.84
C VAL A 45 -12.31 -2.22 9.18
N GLY A 46 -11.07 -1.78 9.28
CA GLY A 46 -10.34 -1.88 10.53
C GLY A 46 -9.43 -3.10 10.60
N ASP A 47 -9.45 -3.93 9.56
CA ASP A 47 -8.57 -5.08 9.51
C ASP A 47 -7.16 -4.69 9.09
N ALA A 48 -6.20 -5.51 9.48
CA ALA A 48 -4.81 -5.29 9.14
C ALA A 48 -4.35 -6.39 8.20
N PHE A 49 -3.37 -6.09 7.37
CA PHE A 49 -2.93 -7.06 6.38
C PHE A 49 -1.59 -6.70 5.80
N THR A 50 -1.06 -7.62 5.01
CA THR A 50 0.14 -7.38 4.24
C THR A 50 -0.13 -7.75 2.78
N ILE A 51 0.54 -7.08 1.86
CA ILE A 51 0.35 -7.34 0.44
C ILE A 51 1.64 -7.82 -0.20
N ALA A 52 1.52 -8.84 -1.04
CA ALA A 52 2.69 -9.47 -1.69
C ALA A 52 3.46 -8.47 -2.53
N GLY A 53 4.74 -8.33 -2.23
CA GLY A 53 5.60 -7.42 -2.95
C GLY A 53 5.81 -6.11 -2.22
N VAL A 54 4.89 -5.79 -1.31
CA VAL A 54 4.99 -4.59 -0.51
C VAL A 54 5.64 -4.91 0.83
N ASN A 55 6.85 -4.45 1.03
CA ASN A 55 7.56 -4.67 2.28
C ASN A 55 8.10 -3.36 2.81
N SER A 56 8.41 -3.32 4.09
CA SER A 56 8.86 -2.08 4.71
C SER A 56 10.37 -1.87 4.54
N VAL A 57 10.90 -0.85 5.22
CA VAL A 57 12.34 -0.55 5.17
C VAL A 57 12.80 -0.02 6.52
N HIS A 58 14.11 0.16 6.65
CA HIS A 58 14.67 0.83 7.83
C HIS A 58 15.41 2.09 7.40
N GLN A 59 15.06 3.21 8.01
CA GLN A 59 15.80 4.45 7.77
C GLN A 59 17.09 4.44 8.59
N ILE A 60 17.09 3.66 9.66
CA ILE A 60 18.25 3.53 10.53
C ILE A 60 19.42 2.92 9.76
N THR A 61 19.18 1.80 9.10
CA THR A 61 20.23 1.07 8.40
C THR A 61 20.21 1.36 6.90
N LYS A 62 19.10 1.94 6.42
CA LYS A 62 18.90 2.24 5.00
C LYS A 62 18.81 0.95 4.18
N ASP A 63 18.32 -0.11 4.80
CA ASP A 63 18.10 -1.38 4.11
C ASP A 63 16.61 -1.59 3.87
N THR A 64 16.28 -2.32 2.82
CA THR A 64 14.89 -2.64 2.53
C THR A 64 14.54 -4.02 3.08
N THR A 65 14.04 -4.03 4.31
CA THR A 65 13.68 -5.26 4.99
C THR A 65 12.40 -5.04 5.79
N GLY A 66 12.51 -5.08 7.12
CA GLY A 66 11.38 -4.77 7.98
C GLY A 66 10.21 -5.74 7.86
N GLN A 67 10.27 -6.62 6.87
CA GLN A 67 9.21 -7.58 6.59
C GLN A 67 7.94 -6.88 6.09
N PRO A 68 6.96 -7.63 5.54
CA PRO A 68 5.78 -7.05 4.89
C PRO A 68 5.10 -5.94 5.70
N GLN A 69 4.78 -4.85 5.02
CA GLN A 69 4.15 -3.69 5.64
C GLN A 69 2.72 -4.01 6.05
N VAL A 70 2.34 -3.57 7.24
CA VAL A 70 1.00 -3.81 7.76
C VAL A 70 0.10 -2.61 7.47
N PHE A 71 -1.11 -2.87 6.98
CA PHE A 71 -2.04 -1.82 6.60
C PHE A 71 -3.29 -1.88 7.46
N ARG A 72 -4.12 -0.84 7.38
CA ARG A 72 -5.41 -0.84 8.06
C ARG A 72 -6.50 -0.41 7.09
N VAL A 73 -7.53 -1.24 6.96
CA VAL A 73 -8.62 -0.99 6.02
C VAL A 73 -9.42 0.26 6.39
N LEU A 74 -9.71 1.09 5.39
CA LEU A 74 -10.48 2.31 5.60
C LEU A 74 -11.94 2.10 5.29
N ALA A 75 -12.24 1.33 4.25
CA ALA A 75 -13.62 1.09 3.85
C ALA A 75 -13.74 -0.15 2.99
N VAL A 76 -14.82 -0.91 3.19
CA VAL A 76 -15.12 -2.08 2.38
C VAL A 76 -16.60 -2.09 2.00
N SER A 77 -16.89 -1.90 0.73
CA SER A 77 -18.26 -1.88 0.26
C SER A 77 -18.34 -2.38 -1.17
N GLY A 78 -19.10 -3.46 -1.39
CA GLY A 78 -19.23 -4.03 -2.72
C GLY A 78 -17.89 -4.43 -3.31
N THR A 79 -17.13 -5.21 -2.54
CA THR A 79 -15.78 -5.64 -2.91
C THR A 79 -14.91 -4.48 -3.39
N THR A 80 -15.21 -3.28 -2.91
CA THR A 80 -14.43 -2.11 -3.24
C THR A 80 -13.86 -1.52 -1.96
N VAL A 81 -12.54 -1.55 -1.84
CA VAL A 81 -11.90 -1.18 -0.60
C VAL A 81 -11.07 0.10 -0.74
N THR A 82 -11.27 1.02 0.19
CA THR A 82 -10.45 2.22 0.26
C THR A 82 -9.15 1.85 0.98
N ILE A 83 -8.04 1.96 0.26
CA ILE A 83 -6.78 1.46 0.79
C ILE A 83 -5.78 2.56 1.13
N SER A 84 -5.10 2.34 2.24
CA SER A 84 -4.09 3.23 2.81
C SER A 84 -3.32 2.41 3.84
N PRO A 85 -2.20 2.87 4.43
CA PRO A 85 -1.58 4.19 4.19
C PRO A 85 -0.85 4.29 2.86
N LYS A 86 0.34 4.87 2.91
CA LYS A 86 1.09 5.17 1.70
C LYS A 86 2.02 4.03 1.31
N ILE A 87 2.15 3.83 0.01
CA ILE A 87 3.08 2.85 -0.56
C ILE A 87 4.13 3.60 -1.36
N LEU A 88 5.19 4.02 -0.69
CA LEU A 88 6.21 4.87 -1.31
C LEU A 88 7.44 4.04 -1.66
N PRO A 89 7.58 3.65 -2.94
CA PRO A 89 8.63 2.75 -3.40
C PRO A 89 10.04 3.31 -3.27
N VAL A 90 10.94 2.49 -2.74
CA VAL A 90 12.37 2.81 -2.77
C VAL A 90 12.93 2.46 -4.14
N GLU A 91 12.30 1.48 -4.77
CA GLU A 91 12.66 1.06 -6.13
C GLU A 91 12.05 2.01 -7.18
N ASN A 92 12.01 3.29 -6.85
CA ASN A 92 11.39 4.30 -7.71
C ASN A 92 12.39 4.77 -8.78
N THR A 93 11.96 5.75 -9.56
CA THR A 93 12.82 6.34 -10.59
C THR A 93 12.94 7.85 -10.38
N ASP A 94 11.91 8.45 -9.78
CA ASP A 94 11.90 9.89 -9.55
C ASP A 94 12.82 10.27 -8.40
N VAL A 95 13.64 11.30 -8.61
CA VAL A 95 14.57 11.78 -7.60
C VAL A 95 13.81 12.29 -6.37
N ALA A 96 12.64 12.86 -6.60
CA ALA A 96 11.82 13.40 -5.52
C ALA A 96 11.23 12.28 -4.64
N SER A 97 11.17 11.07 -5.20
CA SER A 97 10.57 9.95 -4.48
C SER A 97 11.59 9.22 -3.61
N ARG A 98 12.86 9.60 -3.72
CA ARG A 98 13.92 8.95 -2.96
C ARG A 98 13.77 9.17 -1.43
N PRO A 99 13.58 10.42 -0.96
CA PRO A 99 13.59 10.71 0.49
C PRO A 99 12.39 10.13 1.26
N TYR A 100 11.20 10.18 0.67
CA TYR A 100 10.00 9.82 1.43
C TYR A 100 9.67 8.33 1.35
N ALA A 101 10.41 7.60 0.53
CA ALA A 101 10.17 6.16 0.36
C ALA A 101 10.17 5.42 1.70
N ASN A 102 9.19 4.53 1.89
CA ASN A 102 9.06 3.80 3.14
C ASN A 102 8.87 2.30 2.91
N VAL A 103 8.62 1.92 1.66
CA VAL A 103 8.45 0.51 1.32
C VAL A 103 9.30 0.16 0.09
N ASP A 104 9.45 -1.15 -0.15
CA ASP A 104 10.20 -1.62 -1.32
C ASP A 104 9.72 -0.97 -2.60
N ALA A 105 8.48 -1.29 -2.96
CA ALA A 105 7.89 -0.81 -4.19
C ALA A 105 6.40 -1.06 -4.20
N LYS A 106 5.76 -0.67 -5.29
CA LYS A 106 4.37 -1.03 -5.52
C LYS A 106 4.31 -2.04 -6.65
N PRO A 107 3.94 -3.29 -6.35
CA PRO A 107 3.92 -4.38 -7.33
C PRO A 107 2.87 -4.15 -8.40
N ALA A 108 2.93 -4.96 -9.46
CA ALA A 108 1.94 -4.91 -10.52
C ALA A 108 0.55 -5.16 -9.95
N GLU A 109 -0.45 -4.49 -10.54
CA GLU A 109 -1.84 -4.50 -10.03
C GLU A 109 -1.87 -4.22 -8.52
N SER A 110 -2.80 -4.84 -7.81
CA SER A 110 -2.90 -4.60 -6.38
C SER A 110 -2.34 -5.79 -5.60
N ALA A 111 -2.25 -6.94 -6.30
CA ALA A 111 -1.58 -8.14 -5.78
C ALA A 111 -2.35 -8.87 -4.69
N ALA A 112 -1.67 -9.80 -4.03
CA ALA A 112 -2.30 -10.66 -3.03
C ALA A 112 -2.29 -10.02 -1.66
N ILE A 113 -3.36 -10.26 -0.91
CA ILE A 113 -3.52 -9.70 0.42
C ILE A 113 -3.67 -10.82 1.46
N THR A 114 -3.14 -10.59 2.65
CA THR A 114 -3.25 -11.56 3.73
C THR A 114 -3.73 -10.88 5.01
N ILE A 115 -4.99 -11.11 5.37
CA ILE A 115 -5.63 -10.43 6.48
C ILE A 115 -5.22 -11.03 7.84
N LEU A 116 -4.98 -10.16 8.80
CA LEU A 116 -4.71 -10.55 10.16
C LEU A 116 -5.01 -9.39 11.11
N ASN A 117 -5.68 -9.66 12.22
CA ASN A 117 -6.04 -8.59 13.16
C ASN A 117 -4.90 -8.32 14.13
N LYS A 118 -3.78 -9.03 13.94
CA LYS A 118 -2.59 -8.84 14.75
C LYS A 118 -1.43 -9.58 14.09
N GLY A 4 2.73 -19.86 -6.40
CA GLY A 4 1.84 -20.07 -7.59
C GLY A 4 0.89 -18.91 -7.80
N SER A 5 -0.28 -19.20 -8.34
CA SER A 5 -1.27 -18.17 -8.61
C SER A 5 -2.32 -18.09 -7.50
N THR A 6 -3.12 -17.02 -7.54
CA THR A 6 -4.21 -16.81 -6.59
C THR A 6 -3.68 -16.57 -5.16
N GLU A 7 -3.23 -17.64 -4.51
CA GLU A 7 -2.69 -17.56 -3.16
C GLU A 7 -3.77 -17.07 -2.18
N SER A 8 -4.84 -17.87 -2.07
CA SER A 8 -5.98 -17.57 -1.20
C SER A 8 -6.82 -16.43 -1.76
N LEU A 9 -6.61 -15.23 -1.26
CA LEU A 9 -7.37 -14.07 -1.67
C LEU A 9 -6.55 -13.22 -2.64
N THR A 10 -7.19 -12.64 -3.64
CA THR A 10 -6.47 -11.77 -4.56
C THR A 10 -7.07 -10.38 -4.55
N VAL A 11 -6.41 -9.45 -5.21
CA VAL A 11 -6.88 -8.08 -5.26
C VAL A 11 -6.51 -7.44 -6.59
N SER A 12 -7.50 -6.82 -7.23
CA SER A 12 -7.28 -6.13 -8.49
C SER A 12 -7.06 -4.65 -8.23
N GLY A 13 -6.54 -3.94 -9.21
CA GLY A 13 -6.29 -2.53 -9.04
C GLY A 13 -4.84 -2.25 -8.77
N GLN A 14 -4.33 -1.15 -9.33
CA GLN A 14 -2.93 -0.81 -9.21
C GLN A 14 -2.71 0.25 -8.13
N PRO A 15 -2.13 -0.14 -6.97
CA PRO A 15 -1.80 0.81 -5.91
C PRO A 15 -0.81 1.85 -6.40
N GLU A 16 -1.13 3.12 -6.22
CA GLU A 16 -0.35 4.18 -6.82
C GLU A 16 0.33 5.09 -5.79
N HIS A 17 1.03 6.10 -6.33
CA HIS A 17 1.85 7.01 -5.53
C HIS A 17 2.27 8.21 -6.36
N LYS A 18 2.16 9.38 -5.74
CA LYS A 18 2.66 10.63 -6.31
C LYS A 18 2.67 11.75 -5.29
N VAL A 19 3.80 12.43 -5.22
CA VAL A 19 3.92 13.61 -4.38
C VAL A 19 3.71 14.85 -5.24
N GLU A 20 2.63 15.54 -5.01
CA GLU A 20 2.27 16.70 -5.82
C GLU A 20 2.31 17.98 -5.00
N ALA A 21 3.08 18.96 -5.50
CA ALA A 21 3.26 20.22 -4.79
C ALA A 21 1.97 21.01 -4.71
N LYS A 22 1.16 20.92 -5.76
CA LYS A 22 -0.11 21.63 -5.82
C LYS A 22 -1.16 20.85 -6.63
N ASP A 23 -2.41 20.97 -6.20
CA ASP A 23 -3.50 20.28 -6.88
C ASP A 23 -4.21 21.24 -7.82
N SER A 24 -5.46 20.92 -8.15
CA SER A 24 -6.27 21.78 -9.02
C SER A 24 -6.66 23.08 -8.33
N ASN A 25 -6.50 23.12 -7.01
CA ASN A 25 -6.82 24.32 -6.24
C ASN A 25 -5.53 25.10 -5.94
N GLY A 26 -4.39 24.46 -6.16
CA GLY A 26 -3.12 25.13 -6.00
C GLY A 26 -2.56 25.05 -4.60
N MET A 27 -2.98 24.04 -3.84
CA MET A 27 -2.49 23.85 -2.49
C MET A 27 -1.65 22.58 -2.39
N PRO A 28 -0.71 22.52 -1.43
CA PRO A 28 0.13 21.34 -1.22
C PRO A 28 -0.69 20.08 -0.97
N VAL A 29 -0.26 18.96 -1.53
CA VAL A 29 -1.00 17.71 -1.38
C VAL A 29 -0.09 16.61 -0.83
N ASP A 30 -0.54 15.98 0.25
CA ASP A 30 0.17 14.84 0.81
C ASP A 30 -0.33 13.56 0.16
N ASN A 31 0.58 12.61 -0.05
CA ASN A 31 0.27 11.34 -0.71
C ASN A 31 -1.06 10.76 -0.27
N ARG A 32 -1.94 10.52 -1.24
CA ARG A 32 -3.27 10.01 -0.95
C ARG A 32 -3.18 8.52 -0.63
N GLN A 33 -4.33 7.90 -0.37
CA GLN A 33 -4.37 6.48 -0.10
C GLN A 33 -4.81 5.72 -1.34
N GLY A 34 -4.46 4.44 -1.39
CA GLY A 34 -4.81 3.64 -2.54
C GLY A 34 -6.20 3.05 -2.43
N THR A 35 -6.94 3.07 -3.52
CA THR A 35 -8.26 2.46 -3.55
C THR A 35 -8.32 1.39 -4.63
N ILE A 36 -8.51 0.15 -4.22
CA ILE A 36 -8.52 -0.96 -5.15
C ILE A 36 -9.76 -1.83 -4.99
N THR A 37 -10.07 -2.59 -6.03
CA THR A 37 -11.19 -3.51 -6.00
C THR A 37 -10.69 -4.90 -5.66
N VAL A 38 -11.11 -5.44 -4.53
CA VAL A 38 -10.51 -6.67 -4.06
C VAL A 38 -11.22 -7.90 -4.60
N SER A 39 -10.41 -8.92 -4.88
CA SER A 39 -10.89 -10.23 -5.26
C SER A 39 -11.01 -11.10 -4.02
N ALA A 40 -10.86 -10.48 -2.86
CA ALA A 40 -10.96 -11.17 -1.59
C ALA A 40 -12.42 -11.29 -1.19
N SER A 41 -12.71 -11.90 -0.06
CA SER A 41 -14.09 -12.10 0.34
C SER A 41 -14.27 -11.89 1.84
N GLY A 42 -15.22 -11.03 2.20
CA GLY A 42 -15.53 -10.82 3.60
C GLY A 42 -14.55 -9.90 4.31
N LEU A 43 -14.28 -8.73 3.72
CA LEU A 43 -13.38 -7.78 4.35
C LEU A 43 -14.16 -6.76 5.16
N GLN A 44 -13.47 -6.11 6.09
CA GLN A 44 -14.09 -5.11 6.95
C GLN A 44 -13.12 -3.97 7.19
N VAL A 45 -13.62 -2.85 7.70
CA VAL A 45 -12.75 -1.74 8.05
C VAL A 45 -12.10 -2.02 9.40
N GLY A 46 -10.78 -2.00 9.45
CA GLY A 46 -10.08 -2.25 10.69
C GLY A 46 -9.22 -3.50 10.64
N ASP A 47 -9.00 -4.01 9.44
CA ASP A 47 -8.13 -5.16 9.28
C ASP A 47 -6.69 -4.73 9.05
N ALA A 48 -5.78 -5.69 9.18
CA ALA A 48 -4.38 -5.49 8.89
C ALA A 48 -3.91 -6.61 8.00
N PHE A 49 -3.02 -6.33 7.06
CA PHE A 49 -2.67 -7.36 6.10
C PHE A 49 -1.32 -7.10 5.44
N THR A 50 -0.85 -8.11 4.74
CA THR A 50 0.37 -8.00 3.95
C THR A 50 0.05 -8.18 2.47
N ILE A 51 0.76 -7.46 1.63
CA ILE A 51 0.53 -7.53 0.20
C ILE A 51 1.73 -8.16 -0.50
N ALA A 52 1.47 -9.18 -1.32
CA ALA A 52 2.51 -9.88 -2.03
C ALA A 52 3.20 -8.96 -3.05
N GLY A 53 4.49 -8.78 -2.88
CA GLY A 53 5.25 -7.94 -3.79
C GLY A 53 5.55 -6.57 -3.21
N VAL A 54 4.73 -6.15 -2.26
CA VAL A 54 4.98 -4.91 -1.55
C VAL A 54 5.69 -5.20 -0.23
N ASN A 55 6.98 -4.97 -0.20
CA ASN A 55 7.78 -5.21 1.00
C ASN A 55 7.84 -3.93 1.82
N SER A 56 8.34 -4.03 3.05
CA SER A 56 8.46 -2.86 3.90
C SER A 56 9.91 -2.51 4.07
N VAL A 57 10.14 -1.30 4.51
CA VAL A 57 11.45 -0.92 4.99
C VAL A 57 11.34 -0.42 6.41
N HIS A 58 12.47 -0.07 7.01
CA HIS A 58 12.47 0.44 8.37
C HIS A 58 12.57 1.97 8.36
N GLN A 59 11.74 2.63 9.15
CA GLN A 59 11.74 4.10 9.19
C GLN A 59 12.97 4.64 9.92
N ILE A 60 13.71 3.74 10.56
CA ILE A 60 14.89 4.14 11.32
C ILE A 60 16.17 3.84 10.55
N THR A 61 16.35 2.57 10.18
CA THR A 61 17.60 2.14 9.55
C THR A 61 17.46 1.98 8.03
N LYS A 62 16.23 2.13 7.52
CA LYS A 62 15.97 1.98 6.07
C LYS A 62 16.40 0.59 5.57
N ASP A 63 16.35 -0.40 6.45
CA ASP A 63 16.80 -1.74 6.11
C ASP A 63 15.75 -2.45 5.27
N THR A 64 16.21 -3.18 4.27
CA THR A 64 15.33 -3.94 3.38
C THR A 64 15.47 -5.43 3.66
N THR A 65 14.39 -6.06 4.06
CA THR A 65 14.45 -7.43 4.51
C THR A 65 13.67 -8.36 3.59
N GLY A 66 12.83 -7.78 2.73
CA GLY A 66 12.06 -8.59 1.81
C GLY A 66 10.74 -9.03 2.41
N GLN A 67 10.44 -8.55 3.61
CA GLN A 67 9.19 -8.88 4.27
C GLN A 67 8.13 -7.83 3.95
N PRO A 68 6.89 -8.27 3.69
CA PRO A 68 5.78 -7.36 3.34
C PRO A 68 5.41 -6.42 4.50
N GLN A 69 4.89 -5.26 4.15
CA GLN A 69 4.44 -4.29 5.15
C GLN A 69 3.05 -4.65 5.66
N VAL A 70 2.76 -4.28 6.90
CA VAL A 70 1.46 -4.50 7.49
C VAL A 70 0.60 -3.24 7.32
N PHE A 71 -0.56 -3.40 6.72
CA PHE A 71 -1.40 -2.27 6.39
C PHE A 71 -2.61 -2.19 7.31
N ARG A 72 -3.32 -1.07 7.26
CA ARG A 72 -4.49 -0.85 8.08
C ARG A 72 -5.63 -0.32 7.22
N VAL A 73 -6.72 -1.06 7.19
CA VAL A 73 -7.88 -0.72 6.37
C VAL A 73 -8.55 0.58 6.83
N LEU A 74 -8.83 1.46 5.88
CA LEU A 74 -9.49 2.72 6.16
C LEU A 74 -10.97 2.67 5.80
N ALA A 75 -11.28 2.12 4.64
CA ALA A 75 -12.65 2.11 4.14
C ALA A 75 -12.92 0.89 3.27
N VAL A 76 -14.10 0.30 3.44
CA VAL A 76 -14.51 -0.84 2.63
C VAL A 76 -15.95 -0.65 2.15
N SER A 77 -16.12 -0.56 0.85
CA SER A 77 -17.45 -0.39 0.25
C SER A 77 -17.46 -0.88 -1.19
N GLY A 78 -18.32 -1.86 -1.48
CA GLY A 78 -18.37 -2.44 -2.82
C GLY A 78 -17.06 -3.11 -3.19
N THR A 79 -16.47 -3.80 -2.22
CA THR A 79 -15.15 -4.42 -2.35
C THR A 79 -14.08 -3.43 -2.82
N THR A 80 -14.35 -2.15 -2.63
CA THR A 80 -13.37 -1.11 -2.92
C THR A 80 -12.76 -0.62 -1.61
N VAL A 81 -11.52 -0.99 -1.37
CA VAL A 81 -10.88 -0.72 -0.10
C VAL A 81 -9.90 0.45 -0.21
N THR A 82 -10.05 1.41 0.67
CA THR A 82 -9.10 2.49 0.79
C THR A 82 -8.05 2.09 1.81
N ILE A 83 -6.81 1.98 1.37
CA ILE A 83 -5.79 1.38 2.21
C ILE A 83 -4.75 2.38 2.70
N SER A 84 -4.37 2.19 3.95
CA SER A 84 -3.28 2.93 4.57
C SER A 84 -2.36 1.92 5.21
N PRO A 85 -1.06 2.19 5.36
CA PRO A 85 -0.40 3.44 4.92
C PRO A 85 -0.47 3.66 3.41
N LYS A 86 0.08 4.77 2.96
CA LYS A 86 0.12 5.06 1.54
C LYS A 86 1.35 4.46 0.89
N ILE A 87 1.20 4.09 -0.38
CA ILE A 87 2.25 3.40 -1.12
C ILE A 87 3.46 4.32 -1.31
N LEU A 88 4.47 4.16 -0.47
CA LEU A 88 5.66 4.99 -0.56
C LEU A 88 6.88 4.12 -0.82
N PRO A 89 7.26 3.98 -2.09
CA PRO A 89 8.38 3.13 -2.50
C PRO A 89 9.73 3.76 -2.23
N VAL A 90 10.79 2.96 -2.38
CA VAL A 90 12.13 3.46 -2.20
C VAL A 90 12.70 3.88 -3.55
N GLU A 91 12.25 3.20 -4.59
CA GLU A 91 12.77 3.37 -5.95
C GLU A 91 12.07 4.51 -6.71
N ASN A 92 11.71 5.58 -6.00
CA ASN A 92 11.01 6.69 -6.64
C ASN A 92 11.94 7.52 -7.51
N THR A 93 11.35 8.24 -8.44
CA THR A 93 12.09 9.11 -9.34
C THR A 93 12.22 10.51 -8.74
N ASP A 94 11.17 10.95 -8.06
CA ASP A 94 11.15 12.27 -7.43
C ASP A 94 12.15 12.30 -6.27
N VAL A 95 12.94 13.36 -6.21
CA VAL A 95 13.97 13.50 -5.17
C VAL A 95 13.35 13.51 -3.78
N ALA A 96 12.36 14.38 -3.59
CA ALA A 96 11.70 14.53 -2.29
C ALA A 96 10.87 13.30 -1.93
N SER A 97 10.56 12.48 -2.92
CA SER A 97 9.74 11.30 -2.69
C SER A 97 10.59 10.13 -2.19
N ARG A 98 11.92 10.27 -2.26
CA ARG A 98 12.82 9.20 -1.84
C ARG A 98 12.89 9.06 -0.31
N PRO A 99 13.09 10.18 0.45
CA PRO A 99 13.24 10.09 1.92
C PRO A 99 12.01 9.53 2.61
N TYR A 100 10.84 9.68 1.98
CA TYR A 100 9.59 9.22 2.56
C TYR A 100 9.27 7.79 2.14
N ALA A 101 10.31 7.01 1.85
CA ALA A 101 10.15 5.62 1.45
C ALA A 101 9.87 4.73 2.65
N ASN A 102 8.80 3.95 2.57
CA ASN A 102 8.44 3.04 3.66
C ASN A 102 8.18 1.62 3.17
N VAL A 103 8.12 1.45 1.84
CA VAL A 103 7.91 0.13 1.27
C VAL A 103 8.81 -0.07 0.04
N ASP A 104 9.08 -1.34 -0.29
CA ASP A 104 9.92 -1.68 -1.43
C ASP A 104 9.10 -1.76 -2.71
N ALA A 105 8.95 -0.60 -3.34
CA ALA A 105 8.36 -0.48 -4.68
C ALA A 105 6.83 -0.59 -4.69
N LYS A 106 6.24 0.08 -5.67
CA LYS A 106 4.83 -0.10 -5.99
C LYS A 106 4.71 -1.05 -7.18
N PRO A 107 4.29 -2.30 -6.92
CA PRO A 107 4.27 -3.38 -7.92
C PRO A 107 3.01 -3.39 -8.77
N ALA A 108 3.04 -4.21 -9.83
CA ALA A 108 1.90 -4.37 -10.71
C ALA A 108 0.69 -4.89 -9.94
N GLU A 109 -0.43 -4.19 -10.08
CA GLU A 109 -1.68 -4.49 -9.36
C GLU A 109 -1.44 -4.77 -7.88
N SER A 110 -2.37 -5.46 -7.24
CA SER A 110 -2.29 -5.66 -5.81
C SER A 110 -1.80 -7.06 -5.44
N ALA A 111 -2.12 -8.05 -6.28
CA ALA A 111 -1.67 -9.44 -6.06
C ALA A 111 -2.41 -10.08 -4.89
N ALA A 112 -1.75 -11.04 -4.26
CA ALA A 112 -2.35 -11.76 -3.14
C ALA A 112 -2.15 -11.02 -1.83
N ILE A 113 -3.26 -10.60 -1.23
CA ILE A 113 -3.22 -9.94 0.06
C ILE A 113 -3.63 -10.93 1.15
N THR A 114 -2.97 -10.87 2.30
CA THR A 114 -3.22 -11.81 3.38
C THR A 114 -3.91 -11.10 4.55
N ILE A 115 -5.20 -11.31 4.67
CA ILE A 115 -6.02 -10.61 5.65
C ILE A 115 -6.00 -11.28 7.02
N LEU A 116 -5.64 -10.51 8.03
CA LEU A 116 -5.75 -10.95 9.42
C LEU A 116 -6.26 -9.81 10.29
N ASN A 117 -6.56 -10.10 11.54
CA ASN A 117 -7.02 -9.08 12.47
C ASN A 117 -6.33 -9.27 13.81
N LYS A 118 -5.00 -9.20 13.79
CA LYS A 118 -4.22 -9.44 14.99
C LYS A 118 -3.20 -8.32 15.20
N GLY A 4 -4.95 -20.00 8.19
CA GLY A 4 -5.94 -21.11 8.14
C GLY A 4 -6.36 -21.42 6.73
N SER A 5 -7.65 -21.67 6.55
CA SER A 5 -8.20 -21.98 5.24
C SER A 5 -8.67 -20.70 4.54
N THR A 6 -7.91 -20.26 3.55
CA THR A 6 -8.28 -19.06 2.81
C THR A 6 -8.70 -19.40 1.39
N GLU A 7 -9.41 -18.48 0.76
CA GLU A 7 -9.92 -18.70 -0.58
C GLU A 7 -9.08 -17.96 -1.62
N SER A 8 -7.79 -17.86 -1.34
CA SER A 8 -6.85 -17.15 -2.21
C SER A 8 -7.32 -15.73 -2.48
N LEU A 9 -7.24 -14.89 -1.46
CA LEU A 9 -7.63 -13.52 -1.55
C LEU A 9 -6.68 -12.77 -2.47
N THR A 10 -7.19 -12.22 -3.56
CA THR A 10 -6.34 -11.46 -4.48
C THR A 10 -6.94 -10.08 -4.75
N VAL A 11 -6.25 -9.28 -5.56
CA VAL A 11 -6.69 -7.91 -5.83
C VAL A 11 -6.36 -7.51 -7.27
N SER A 12 -7.36 -6.97 -7.95
CA SER A 12 -7.16 -6.40 -9.27
C SER A 12 -7.10 -4.88 -9.15
N GLY A 13 -5.93 -4.32 -9.41
CA GLY A 13 -5.73 -2.89 -9.27
C GLY A 13 -4.37 -2.56 -8.70
N GLN A 14 -3.63 -1.72 -9.41
CA GLN A 14 -2.27 -1.38 -9.00
C GLN A 14 -2.27 -0.27 -7.96
N PRO A 15 -1.66 -0.52 -6.79
CA PRO A 15 -1.56 0.47 -5.73
C PRO A 15 -0.25 1.26 -5.82
N GLU A 16 -0.35 2.59 -5.85
CA GLU A 16 0.82 3.44 -5.89
C GLU A 16 0.50 4.83 -5.36
N HIS A 17 1.53 5.55 -4.92
CA HIS A 17 1.36 6.91 -4.44
C HIS A 17 2.43 7.84 -4.96
N LYS A 18 2.03 9.08 -5.19
CA LYS A 18 2.92 10.13 -5.67
C LYS A 18 2.70 11.35 -4.78
N VAL A 19 3.76 11.92 -4.24
CA VAL A 19 3.60 13.09 -3.40
C VAL A 19 4.00 14.35 -4.14
N GLU A 20 3.01 15.20 -4.44
CA GLU A 20 3.25 16.49 -5.04
C GLU A 20 4.01 17.36 -4.04
N ALA A 21 5.09 17.96 -4.49
CA ALA A 21 5.92 18.80 -3.62
C ALA A 21 5.11 19.95 -3.05
N LYS A 22 4.22 20.51 -3.87
CA LYS A 22 3.34 21.57 -3.45
C LYS A 22 2.06 21.62 -4.30
N ASP A 23 0.98 22.06 -3.69
CA ASP A 23 -0.28 22.25 -4.40
C ASP A 23 -0.53 23.73 -4.59
N SER A 24 -1.79 24.10 -4.77
CA SER A 24 -2.17 25.50 -4.92
C SER A 24 -1.78 26.31 -3.67
N ASN A 25 -1.73 25.65 -2.53
CA ASN A 25 -1.33 26.30 -1.26
C ASN A 25 0.15 26.13 -0.99
N GLY A 26 0.80 25.23 -1.72
CA GLY A 26 2.23 25.02 -1.54
C GLY A 26 2.55 24.01 -0.45
N MET A 27 1.65 23.06 -0.23
CA MET A 27 1.89 22.02 0.77
C MET A 27 2.01 20.65 0.10
N PRO A 28 2.69 19.69 0.75
CA PRO A 28 2.88 18.33 0.21
C PRO A 28 1.57 17.59 0.03
N VAL A 29 1.29 17.18 -1.20
CA VAL A 29 0.04 16.52 -1.51
C VAL A 29 0.21 15.01 -1.62
N ASP A 30 -0.60 14.30 -0.87
CA ASP A 30 -0.70 12.86 -1.01
C ASP A 30 -2.02 12.56 -1.72
N ASN A 31 -2.02 11.60 -2.63
CA ASN A 31 -3.24 11.29 -3.39
C ASN A 31 -4.22 10.45 -2.58
N ARG A 32 -4.46 10.88 -1.35
CA ARG A 32 -5.43 10.26 -0.46
C ARG A 32 -5.00 8.81 -0.20
N GLN A 33 -5.93 7.87 -0.27
CA GLN A 33 -5.59 6.46 -0.09
C GLN A 33 -5.78 5.71 -1.39
N GLY A 34 -5.31 4.47 -1.42
CA GLY A 34 -5.45 3.67 -2.61
C GLY A 34 -6.76 2.93 -2.64
N THR A 35 -7.56 3.16 -3.66
CA THR A 35 -8.84 2.48 -3.80
C THR A 35 -8.73 1.42 -4.90
N ILE A 36 -8.91 0.16 -4.51
CA ILE A 36 -8.73 -0.95 -5.44
C ILE A 36 -9.89 -1.93 -5.39
N THR A 37 -9.97 -2.79 -6.40
CA THR A 37 -11.03 -3.79 -6.48
C THR A 37 -10.47 -5.15 -6.06
N VAL A 38 -10.94 -5.68 -4.95
CA VAL A 38 -10.39 -6.90 -4.43
C VAL A 38 -11.11 -8.14 -4.95
N SER A 39 -10.31 -9.16 -5.16
CA SER A 39 -10.81 -10.50 -5.40
C SER A 39 -10.88 -11.24 -4.06
N ALA A 40 -10.64 -10.48 -3.00
CA ALA A 40 -10.66 -11.01 -1.65
C ALA A 40 -12.07 -11.00 -1.11
N SER A 41 -12.27 -11.59 0.06
CA SER A 41 -13.60 -11.63 0.66
C SER A 41 -13.52 -11.55 2.18
N GLY A 42 -14.54 -10.95 2.78
CA GLY A 42 -14.59 -10.85 4.23
C GLY A 42 -13.75 -9.71 4.78
N LEU A 43 -13.36 -8.78 3.91
CA LEU A 43 -12.57 -7.63 4.35
C LEU A 43 -13.44 -6.62 5.06
N GLN A 44 -12.88 -5.96 6.07
CA GLN A 44 -13.60 -4.98 6.85
C GLN A 44 -12.70 -3.80 7.16
N VAL A 45 -13.31 -2.70 7.59
CA VAL A 45 -12.54 -1.53 7.98
C VAL A 45 -11.90 -1.73 9.35
N GLY A 46 -10.58 -1.62 9.42
CA GLY A 46 -9.89 -1.78 10.67
C GLY A 46 -9.00 -3.00 10.70
N ASP A 47 -9.02 -3.78 9.63
CA ASP A 47 -8.15 -4.93 9.52
C ASP A 47 -6.77 -4.52 9.08
N ALA A 48 -5.78 -5.30 9.49
CA ALA A 48 -4.43 -5.11 9.05
C ALA A 48 -4.02 -6.32 8.22
N PHE A 49 -3.15 -6.13 7.24
CA PHE A 49 -2.80 -7.25 6.40
C PHE A 49 -1.53 -6.97 5.61
N THR A 50 -1.04 -8.00 4.93
CA THR A 50 0.13 -7.84 4.11
C THR A 50 -0.21 -8.12 2.65
N ILE A 51 0.15 -7.18 1.79
CA ILE A 51 -0.13 -7.27 0.36
C ILE A 51 1.08 -7.85 -0.37
N ALA A 52 0.83 -8.85 -1.21
CA ALA A 52 1.90 -9.51 -1.95
C ALA A 52 2.52 -8.57 -2.97
N GLY A 53 3.83 -8.47 -2.95
CA GLY A 53 4.53 -7.57 -3.85
C GLY A 53 4.78 -6.21 -3.22
N VAL A 54 3.98 -5.87 -2.23
CA VAL A 54 4.15 -4.64 -1.48
C VAL A 54 4.85 -4.91 -0.16
N ASN A 55 6.02 -4.34 0.02
CA ASN A 55 6.80 -4.54 1.22
C ASN A 55 7.26 -3.20 1.77
N SER A 56 7.26 -3.06 3.08
CA SER A 56 7.63 -1.80 3.69
C SER A 56 9.13 -1.67 3.76
N VAL A 57 9.60 -0.50 4.15
CA VAL A 57 11.01 -0.30 4.39
C VAL A 57 11.23 0.36 5.73
N HIS A 58 12.49 0.56 6.07
CA HIS A 58 12.85 1.31 7.26
C HIS A 58 13.46 2.64 6.86
N GLN A 59 12.61 3.64 6.64
CA GLN A 59 13.06 4.93 6.11
C GLN A 59 13.84 5.73 7.14
N ILE A 60 13.75 5.33 8.39
CA ILE A 60 14.44 6.03 9.46
C ILE A 60 15.94 5.73 9.39
N THR A 61 16.27 4.44 9.35
CA THR A 61 17.66 4.02 9.30
C THR A 61 18.12 3.72 7.87
N LYS A 62 17.18 3.82 6.93
CA LYS A 62 17.43 3.60 5.50
C LYS A 62 17.82 2.14 5.26
N ASP A 63 16.98 1.22 5.71
CA ASP A 63 17.23 -0.20 5.50
C ASP A 63 16.15 -0.81 4.61
N THR A 64 16.61 -1.53 3.60
CA THR A 64 15.70 -2.24 2.70
C THR A 64 15.75 -3.73 3.00
N THR A 65 14.62 -4.28 3.41
CA THR A 65 14.59 -5.64 3.89
C THR A 65 13.60 -6.50 3.11
N GLY A 66 12.62 -5.86 2.48
CA GLY A 66 11.65 -6.58 1.67
C GLY A 66 10.63 -7.34 2.50
N GLN A 67 10.31 -6.80 3.67
CA GLN A 67 9.33 -7.43 4.56
C GLN A 67 7.93 -6.94 4.24
N PRO A 68 6.96 -7.87 4.09
CA PRO A 68 5.58 -7.51 3.76
C PRO A 68 5.01 -6.43 4.68
N GLN A 69 4.46 -5.39 4.08
CA GLN A 69 3.95 -4.25 4.84
C GLN A 69 2.64 -4.57 5.53
N VAL A 70 2.44 -3.95 6.69
CA VAL A 70 1.20 -4.07 7.43
C VAL A 70 0.27 -2.92 7.07
N PHE A 71 -0.88 -3.25 6.51
CA PHE A 71 -1.82 -2.24 6.03
C PHE A 71 -2.93 -1.99 7.04
N ARG A 72 -3.71 -0.95 6.78
CA ARG A 72 -4.86 -0.63 7.61
C ARG A 72 -6.00 -0.17 6.72
N VAL A 73 -7.14 -0.84 6.84
CA VAL A 73 -8.29 -0.56 5.99
C VAL A 73 -9.09 0.64 6.50
N LEU A 74 -9.51 1.51 5.58
CA LEU A 74 -10.31 2.68 5.93
C LEU A 74 -11.75 2.52 5.47
N ALA A 75 -11.95 1.80 4.37
CA ALA A 75 -13.30 1.62 3.81
C ALA A 75 -13.40 0.35 2.98
N VAL A 76 -14.50 -0.37 3.16
CA VAL A 76 -14.80 -1.55 2.35
C VAL A 76 -16.22 -1.49 1.86
N SER A 77 -16.39 -1.45 0.54
CA SER A 77 -17.73 -1.33 -0.04
C SER A 77 -17.71 -1.84 -1.48
N GLY A 78 -18.52 -2.88 -1.75
CA GLY A 78 -18.58 -3.46 -3.08
C GLY A 78 -17.23 -3.97 -3.55
N THR A 79 -16.54 -4.66 -2.64
CA THR A 79 -15.16 -5.15 -2.87
C THR A 79 -14.22 -4.06 -3.39
N THR A 80 -14.56 -2.81 -3.09
CA THR A 80 -13.68 -1.70 -3.40
C THR A 80 -13.16 -1.12 -2.11
N VAL A 81 -11.86 -1.28 -1.88
CA VAL A 81 -11.29 -0.99 -0.59
C VAL A 81 -10.37 0.24 -0.63
N THR A 82 -10.58 1.13 0.32
CA THR A 82 -9.69 2.27 0.50
C THR A 82 -8.61 1.89 1.52
N ILE A 83 -7.38 1.71 1.04
CA ILE A 83 -6.33 1.16 1.89
C ILE A 83 -5.26 2.17 2.25
N SER A 84 -4.67 1.94 3.42
CA SER A 84 -3.49 2.65 3.87
C SER A 84 -2.55 1.59 4.45
N PRO A 85 -1.26 1.88 4.70
CA PRO A 85 -0.63 3.19 4.49
C PRO A 85 -0.45 3.54 3.01
N LYS A 86 0.34 4.57 2.75
CA LYS A 86 0.61 5.02 1.40
C LYS A 86 1.69 4.17 0.75
N ILE A 87 1.78 4.22 -0.57
CA ILE A 87 2.75 3.41 -1.31
C ILE A 87 3.84 4.29 -1.92
N LEU A 88 4.85 4.61 -1.13
CA LEU A 88 5.97 5.43 -1.59
C LEU A 88 7.21 4.57 -1.75
N PRO A 89 7.55 4.23 -3.00
CA PRO A 89 8.62 3.27 -3.30
C PRO A 89 10.01 3.83 -3.14
N VAL A 90 10.96 2.93 -2.90
CA VAL A 90 12.38 3.28 -2.98
C VAL A 90 12.78 3.31 -4.45
N GLU A 91 11.92 2.70 -5.28
CA GLU A 91 12.09 2.71 -6.72
C GLU A 91 11.52 4.00 -7.32
N ASN A 92 11.10 4.94 -6.46
CA ASN A 92 10.46 6.17 -6.90
C ASN A 92 11.48 7.05 -7.63
N THR A 93 11.12 7.50 -8.83
CA THR A 93 12.04 8.27 -9.67
C THR A 93 12.16 9.71 -9.18
N ASP A 94 11.07 10.26 -8.66
CA ASP A 94 11.10 11.62 -8.11
C ASP A 94 11.94 11.67 -6.84
N VAL A 95 13.04 12.39 -6.91
CA VAL A 95 14.00 12.46 -5.82
C VAL A 95 13.37 13.12 -4.57
N ALA A 96 12.30 13.86 -4.76
CA ALA A 96 11.62 14.52 -3.65
C ALA A 96 10.80 13.51 -2.83
N SER A 97 10.24 12.51 -3.51
CA SER A 97 9.39 11.53 -2.83
C SER A 97 10.21 10.35 -2.31
N ARG A 98 11.50 10.32 -2.64
CA ARG A 98 12.40 9.24 -2.20
C ARG A 98 12.69 9.27 -0.69
N PRO A 99 13.04 10.44 -0.10
CA PRO A 99 13.45 10.52 1.32
C PRO A 99 12.46 9.87 2.28
N TYR A 100 11.17 10.03 2.01
CA TYR A 100 10.15 9.48 2.89
C TYR A 100 9.42 8.30 2.25
N ALA A 101 10.18 7.47 1.54
CA ALA A 101 9.63 6.24 0.98
C ALA A 101 9.37 5.23 2.10
N ASN A 102 8.21 4.58 2.06
CA ASN A 102 7.84 3.65 3.13
C ASN A 102 7.66 2.24 2.60
N VAL A 103 7.80 2.06 1.29
CA VAL A 103 7.74 0.73 0.67
C VAL A 103 8.87 0.57 -0.34
N ASP A 104 9.16 -0.67 -0.71
CA ASP A 104 10.24 -0.95 -1.65
C ASP A 104 9.87 -0.54 -3.07
N ALA A 105 8.62 -0.75 -3.43
CA ALA A 105 8.17 -0.56 -4.81
C ALA A 105 6.67 -0.38 -4.90
N LYS A 106 6.21 0.15 -6.02
CA LYS A 106 4.79 0.16 -6.33
C LYS A 106 4.48 -0.87 -7.39
N PRO A 107 3.85 -1.99 -6.98
CA PRO A 107 3.68 -3.17 -7.83
C PRO A 107 2.44 -3.11 -8.70
N ALA A 108 2.38 -4.02 -9.67
CA ALA A 108 1.20 -4.19 -10.48
C ALA A 108 0.19 -5.06 -9.74
N GLU A 109 -1.00 -4.51 -9.51
CA GLU A 109 -2.03 -5.15 -8.69
C GLU A 109 -1.54 -5.36 -7.26
N SER A 110 -2.41 -5.86 -6.40
CA SER A 110 -2.05 -6.03 -4.99
C SER A 110 -1.85 -7.51 -4.67
N ALA A 111 -2.32 -8.40 -5.54
CA ALA A 111 -2.09 -9.83 -5.40
C ALA A 111 -2.72 -10.37 -4.12
N ALA A 112 -2.15 -11.45 -3.61
CA ALA A 112 -2.70 -12.15 -2.45
C ALA A 112 -2.60 -11.32 -1.17
N ILE A 113 -3.66 -11.38 -0.35
CA ILE A 113 -3.68 -10.65 0.90
C ILE A 113 -3.64 -11.62 2.08
N THR A 114 -2.97 -11.22 3.15
CA THR A 114 -2.93 -12.02 4.39
C THR A 114 -3.49 -11.20 5.55
N ILE A 115 -4.71 -11.53 5.98
CA ILE A 115 -5.39 -10.75 7.03
C ILE A 115 -4.90 -11.14 8.42
N LEU A 116 -4.51 -10.12 9.19
CA LEU A 116 -4.14 -10.31 10.58
C LEU A 116 -4.47 -9.06 11.39
N ASN A 117 -5.11 -9.26 12.53
CA ASN A 117 -5.42 -8.16 13.43
C ASN A 117 -4.57 -8.25 14.67
N LYS A 118 -3.30 -7.84 14.52
CA LYS A 118 -2.31 -7.87 15.61
C LYS A 118 -2.40 -9.14 16.46
N GLY A 4 -6.94 -20.96 8.92
CA GLY A 4 -7.10 -19.49 8.95
C GLY A 4 -6.90 -18.86 7.59
N SER A 5 -7.05 -17.54 7.53
CA SER A 5 -6.89 -16.81 6.28
C SER A 5 -5.42 -16.75 5.89
N THR A 6 -5.12 -17.15 4.66
CA THR A 6 -3.74 -17.16 4.17
C THR A 6 -3.56 -16.08 3.09
N GLU A 7 -3.20 -16.52 1.88
CA GLU A 7 -3.03 -15.60 0.76
C GLU A 7 -3.94 -16.01 -0.39
N SER A 8 -5.09 -16.57 -0.03
CA SER A 8 -6.06 -17.05 -1.01
C SER A 8 -6.80 -15.89 -1.64
N LEU A 9 -6.98 -14.82 -0.87
CA LEU A 9 -7.65 -13.63 -1.37
C LEU A 9 -6.67 -12.78 -2.16
N THR A 10 -7.11 -12.21 -3.28
CA THR A 10 -6.22 -11.39 -4.09
C THR A 10 -6.83 -10.03 -4.35
N VAL A 11 -6.11 -9.17 -5.06
CA VAL A 11 -6.58 -7.81 -5.35
C VAL A 11 -6.15 -7.39 -6.75
N SER A 12 -6.93 -6.54 -7.38
CA SER A 12 -6.63 -6.02 -8.70
C SER A 12 -6.65 -4.50 -8.70
N GLY A 13 -5.59 -3.88 -9.20
CA GLY A 13 -5.54 -2.43 -9.28
C GLY A 13 -4.54 -1.83 -8.32
N GLN A 14 -3.45 -1.29 -8.85
CA GLN A 14 -2.43 -0.66 -8.03
C GLN A 14 -2.38 0.84 -8.26
N PRO A 15 -2.98 1.62 -7.34
CA PRO A 15 -2.93 3.08 -7.41
C PRO A 15 -1.52 3.59 -7.12
N GLU A 16 -0.99 4.39 -8.03
CA GLU A 16 0.37 4.90 -7.88
C GLU A 16 0.37 6.29 -7.28
N HIS A 17 1.09 6.43 -6.17
CA HIS A 17 1.20 7.71 -5.50
C HIS A 17 2.66 8.12 -5.39
N LYS A 18 2.87 9.42 -5.43
CA LYS A 18 4.20 9.99 -5.36
C LYS A 18 4.15 11.32 -4.61
N VAL A 19 5.26 11.76 -4.08
CA VAL A 19 5.26 12.96 -3.25
C VAL A 19 5.75 14.17 -4.04
N GLU A 20 4.84 15.10 -4.30
CA GLU A 20 5.21 16.35 -4.93
C GLU A 20 5.18 17.48 -3.90
N ALA A 21 5.73 18.62 -4.28
CA ALA A 21 5.81 19.76 -3.37
C ALA A 21 4.45 20.41 -3.18
N LYS A 22 3.88 20.89 -4.27
CA LYS A 22 2.58 21.52 -4.23
C LYS A 22 1.58 20.82 -5.15
N ASP A 23 0.31 20.82 -4.75
CA ASP A 23 -0.73 20.16 -5.53
C ASP A 23 -1.50 21.20 -6.33
N SER A 24 -2.71 20.84 -6.75
CA SER A 24 -3.56 21.75 -7.51
C SER A 24 -3.88 23.02 -6.69
N ASN A 25 -3.92 22.88 -5.37
CA ASN A 25 -4.21 24.02 -4.50
C ASN A 25 -2.94 24.64 -3.93
N GLY A 26 -1.79 24.09 -4.30
CA GLY A 26 -0.53 24.65 -3.86
C GLY A 26 -0.28 24.45 -2.38
N MET A 27 -0.65 23.30 -1.87
CA MET A 27 -0.43 22.97 -0.46
C MET A 27 0.60 21.86 -0.36
N PRO A 28 1.27 21.72 0.80
CA PRO A 28 2.24 20.64 1.01
C PRO A 28 1.56 19.29 0.85
N VAL A 29 2.03 18.51 -0.10
CA VAL A 29 1.35 17.28 -0.49
C VAL A 29 1.64 16.13 0.47
N ASP A 30 0.58 15.73 1.18
CA ASP A 30 0.61 14.52 1.96
C ASP A 30 -0.26 13.50 1.27
N ASN A 31 0.34 12.41 0.83
CA ASN A 31 -0.34 11.46 -0.04
C ASN A 31 -1.60 10.89 0.60
N ARG A 32 -2.64 10.78 -0.22
CA ARG A 32 -3.87 10.13 0.19
C ARG A 32 -3.76 8.62 0.11
N GLN A 33 -4.85 7.94 0.42
CA GLN A 33 -4.85 6.49 0.45
C GLN A 33 -5.33 5.93 -0.88
N GLY A 34 -5.22 4.62 -1.04
CA GLY A 34 -5.59 4.01 -2.31
C GLY A 34 -6.90 3.27 -2.26
N THR A 35 -7.70 3.42 -3.31
CA THR A 35 -8.96 2.71 -3.42
C THR A 35 -8.86 1.68 -4.54
N ILE A 36 -9.01 0.40 -4.20
CA ILE A 36 -8.85 -0.66 -5.17
C ILE A 36 -10.10 -1.53 -5.25
N THR A 37 -10.20 -2.31 -6.33
CA THR A 37 -11.25 -3.31 -6.45
C THR A 37 -10.66 -4.67 -6.11
N VAL A 38 -11.10 -5.24 -5.02
CA VAL A 38 -10.45 -6.42 -4.50
C VAL A 38 -11.05 -7.71 -5.06
N SER A 39 -10.17 -8.68 -5.25
CA SER A 39 -10.55 -10.04 -5.60
C SER A 39 -10.74 -10.83 -4.31
N ALA A 40 -10.68 -10.12 -3.19
CA ALA A 40 -10.78 -10.71 -1.87
C ALA A 40 -12.21 -10.61 -1.36
N SER A 41 -12.55 -11.44 -0.40
CA SER A 41 -13.89 -11.46 0.15
C SER A 41 -13.87 -11.35 1.68
N GLY A 42 -14.95 -10.83 2.24
CA GLY A 42 -15.07 -10.72 3.67
C GLY A 42 -14.21 -9.61 4.26
N LEU A 43 -13.81 -8.66 3.43
CA LEU A 43 -12.99 -7.54 3.91
C LEU A 43 -13.84 -6.53 4.63
N GLN A 44 -13.30 -5.95 5.70
CA GLN A 44 -13.99 -4.95 6.49
C GLN A 44 -13.03 -3.87 6.92
N VAL A 45 -13.56 -2.83 7.56
CA VAL A 45 -12.72 -1.78 8.08
C VAL A 45 -12.08 -2.21 9.40
N GLY A 46 -10.78 -1.99 9.53
CA GLY A 46 -10.09 -2.36 10.76
C GLY A 46 -9.28 -3.63 10.60
N ASP A 47 -9.24 -4.17 9.39
CA ASP A 47 -8.45 -5.36 9.11
C ASP A 47 -7.02 -4.97 8.78
N ALA A 48 -6.09 -5.88 9.03
CA ALA A 48 -4.69 -5.66 8.73
C ALA A 48 -4.19 -6.78 7.84
N PHE A 49 -3.32 -6.46 6.90
CA PHE A 49 -2.85 -7.47 5.97
C PHE A 49 -1.55 -7.06 5.31
N THR A 50 -0.94 -8.00 4.61
CA THR A 50 0.25 -7.71 3.85
C THR A 50 0.00 -8.00 2.38
N ILE A 51 0.62 -7.21 1.50
CA ILE A 51 0.40 -7.36 0.07
C ILE A 51 1.67 -7.88 -0.61
N ALA A 52 1.51 -8.89 -1.46
CA ALA A 52 2.63 -9.50 -2.16
C ALA A 52 3.28 -8.53 -3.14
N GLY A 53 4.55 -8.23 -2.93
CA GLY A 53 5.26 -7.31 -3.80
C GLY A 53 5.40 -5.94 -3.19
N VAL A 54 4.52 -5.64 -2.25
CA VAL A 54 4.55 -4.38 -1.51
C VAL A 54 5.14 -4.61 -0.13
N ASN A 55 6.39 -4.25 0.06
CA ASN A 55 7.06 -4.55 1.32
C ASN A 55 7.51 -3.29 2.03
N SER A 56 7.68 -3.39 3.34
CA SER A 56 7.98 -2.23 4.17
C SER A 56 9.43 -1.78 4.03
N VAL A 57 9.69 -0.59 4.54
CA VAL A 57 11.04 -0.06 4.60
C VAL A 57 11.38 0.31 6.04
N HIS A 58 12.66 0.29 6.35
CA HIS A 58 13.11 0.65 7.70
C HIS A 58 13.85 1.97 7.65
N GLN A 59 13.13 3.06 7.85
CA GLN A 59 13.66 4.40 7.67
C GLN A 59 14.51 4.85 8.86
N ILE A 60 14.45 4.12 9.96
CA ILE A 60 15.25 4.45 11.13
C ILE A 60 16.70 4.05 10.92
N THR A 61 16.92 2.78 10.62
CA THR A 61 18.26 2.27 10.41
C THR A 61 18.64 2.24 8.93
N LYS A 62 17.69 2.66 8.08
CA LYS A 62 17.88 2.65 6.62
C LYS A 62 18.32 1.28 6.13
N ASP A 63 17.57 0.25 6.51
CA ASP A 63 17.91 -1.11 6.16
C ASP A 63 16.89 -1.67 5.17
N THR A 64 17.35 -2.53 4.28
CA THR A 64 16.47 -3.19 3.32
C THR A 64 16.28 -4.65 3.69
N THR A 65 15.09 -4.99 4.13
CA THR A 65 14.80 -6.34 4.58
C THR A 65 13.71 -6.98 3.73
N GLY A 66 12.85 -6.14 3.16
CA GLY A 66 11.83 -6.63 2.26
C GLY A 66 10.73 -7.37 2.98
N GLN A 67 10.44 -6.97 4.22
CA GLN A 67 9.39 -7.62 5.00
C GLN A 67 8.04 -7.03 4.62
N PRO A 68 7.03 -7.89 4.37
CA PRO A 68 5.69 -7.46 3.94
C PRO A 68 5.12 -6.33 4.82
N GLN A 69 4.59 -5.31 4.17
CA GLN A 69 4.07 -4.14 4.87
C GLN A 69 2.64 -4.43 5.33
N VAL A 70 2.32 -4.09 6.58
CA VAL A 70 1.02 -4.40 7.15
C VAL A 70 0.09 -3.17 7.08
N PHE A 71 -1.08 -3.37 6.47
CA PHE A 71 -1.98 -2.26 6.23
C PHE A 71 -3.07 -2.16 7.28
N ARG A 72 -3.75 -1.02 7.27
CA ARG A 72 -4.91 -0.77 8.12
C ARG A 72 -6.04 -0.24 7.25
N VAL A 73 -7.15 -0.95 7.22
CA VAL A 73 -8.27 -0.60 6.34
C VAL A 73 -9.09 0.57 6.88
N LEU A 74 -9.44 1.51 6.01
CA LEU A 74 -10.27 2.64 6.39
C LEU A 74 -11.71 2.47 5.92
N ALA A 75 -11.88 1.90 4.73
CA ALA A 75 -13.23 1.79 4.16
C ALA A 75 -13.34 0.58 3.24
N VAL A 76 -14.46 -0.11 3.32
CA VAL A 76 -14.75 -1.23 2.42
C VAL A 76 -16.19 -1.15 1.95
N SER A 77 -16.39 -0.85 0.68
CA SER A 77 -17.71 -0.66 0.13
C SER A 77 -17.83 -1.27 -1.26
N GLY A 78 -18.49 -2.42 -1.35
CA GLY A 78 -18.67 -3.10 -2.63
C GLY A 78 -17.35 -3.49 -3.26
N THR A 79 -16.55 -4.26 -2.51
CA THR A 79 -15.20 -4.68 -2.90
C THR A 79 -14.30 -3.49 -3.29
N THR A 80 -14.71 -2.29 -2.89
CA THR A 80 -13.90 -1.10 -3.08
C THR A 80 -13.30 -0.71 -1.73
N VAL A 81 -12.01 -0.91 -1.58
CA VAL A 81 -11.37 -0.70 -0.29
C VAL A 81 -10.43 0.50 -0.32
N THR A 82 -10.53 1.32 0.72
CA THR A 82 -9.60 2.42 0.90
C THR A 82 -8.55 2.00 1.91
N ILE A 83 -7.31 1.88 1.46
CA ILE A 83 -6.28 1.25 2.27
C ILE A 83 -5.23 2.24 2.76
N SER A 84 -4.89 2.07 4.03
CA SER A 84 -3.77 2.76 4.64
C SER A 84 -2.79 1.71 5.11
N PRO A 85 -1.51 2.04 5.30
CA PRO A 85 -0.95 3.37 5.06
C PRO A 85 -0.79 3.67 3.57
N LYS A 86 -0.16 4.79 3.26
CA LYS A 86 0.05 5.16 1.86
C LYS A 86 1.25 4.42 1.26
N ILE A 87 1.13 4.09 -0.02
CA ILE A 87 2.12 3.26 -0.67
C ILE A 87 3.09 4.12 -1.48
N LEU A 88 4.26 4.37 -0.92
CA LEU A 88 5.28 5.18 -1.60
C LEU A 88 6.51 4.35 -1.87
N PRO A 89 6.89 4.20 -3.15
CA PRO A 89 8.01 3.36 -3.57
C PRO A 89 9.37 4.03 -3.38
N VAL A 90 10.34 3.25 -2.93
CA VAL A 90 11.73 3.68 -2.97
C VAL A 90 12.27 3.42 -4.37
N GLU A 91 11.72 2.37 -4.99
CA GLU A 91 12.08 2.01 -6.35
C GLU A 91 11.28 2.82 -7.38
N ASN A 92 10.83 4.00 -6.98
CA ASN A 92 10.06 4.86 -7.87
C ASN A 92 11.02 5.73 -8.67
N THR A 93 10.68 5.95 -9.94
CA THR A 93 11.53 6.73 -10.84
C THR A 93 11.71 8.16 -10.33
N ASP A 94 10.72 8.65 -9.59
CA ASP A 94 10.80 9.97 -9.00
C ASP A 94 11.65 9.94 -7.74
N VAL A 95 12.80 10.60 -7.80
CA VAL A 95 13.75 10.61 -6.70
C VAL A 95 13.20 11.39 -5.50
N ALA A 96 12.22 12.25 -5.76
CA ALA A 96 11.61 13.05 -4.71
C ALA A 96 10.67 12.24 -3.81
N SER A 97 10.25 11.08 -4.29
CA SER A 97 9.30 10.26 -3.55
C SER A 97 9.98 9.17 -2.72
N ARG A 98 11.20 8.80 -3.10
CA ARG A 98 11.90 7.70 -2.45
C ARG A 98 12.46 8.03 -1.04
N PRO A 99 12.88 9.29 -0.72
CA PRO A 99 13.45 9.59 0.60
C PRO A 99 12.46 9.36 1.74
N TYR A 100 11.20 9.72 1.50
CA TYR A 100 10.16 9.55 2.50
C TYR A 100 9.16 8.48 2.06
N ALA A 101 9.68 7.40 1.51
CA ALA A 101 8.85 6.30 1.05
C ALA A 101 8.41 5.43 2.22
N ASN A 102 7.35 4.67 2.00
CA ASN A 102 6.81 3.80 3.04
C ASN A 102 7.01 2.33 2.69
N VAL A 103 7.13 2.06 1.39
CA VAL A 103 7.33 0.71 0.91
C VAL A 103 8.43 0.66 -0.14
N ASP A 104 8.81 -0.54 -0.54
CA ASP A 104 9.80 -0.71 -1.59
C ASP A 104 9.26 -0.22 -2.93
N ALA A 105 8.06 -0.68 -3.28
CA ALA A 105 7.43 -0.34 -4.55
C ALA A 105 6.01 -0.85 -4.62
N LYS A 106 5.37 -0.59 -5.76
CA LYS A 106 4.07 -1.16 -6.04
C LYS A 106 4.10 -1.85 -7.41
N PRO A 107 4.09 -3.18 -7.43
CA PRO A 107 4.22 -3.96 -8.67
C PRO A 107 2.90 -4.03 -9.43
N ALA A 108 2.98 -4.48 -10.69
CA ALA A 108 1.79 -4.68 -11.51
C ALA A 108 0.89 -5.73 -10.89
N GLU A 109 -0.40 -5.38 -10.76
CA GLU A 109 -1.39 -6.23 -10.07
C GLU A 109 -1.16 -6.22 -8.56
N SER A 110 -2.24 -6.23 -7.80
CA SER A 110 -2.13 -6.10 -6.35
C SER A 110 -1.69 -7.41 -5.71
N ALA A 111 -1.90 -8.52 -6.42
CA ALA A 111 -1.42 -9.83 -5.99
C ALA A 111 -2.22 -10.42 -4.83
N ALA A 112 -1.63 -11.41 -4.17
CA ALA A 112 -2.28 -12.10 -3.06
C ALA A 112 -2.14 -11.31 -1.78
N ILE A 113 -3.17 -11.38 -0.94
CA ILE A 113 -3.19 -10.63 0.30
C ILE A 113 -3.18 -11.58 1.50
N THR A 114 -2.51 -11.18 2.56
CA THR A 114 -2.45 -12.00 3.77
C THR A 114 -3.28 -11.36 4.88
N ILE A 115 -4.52 -11.83 5.03
CA ILE A 115 -5.44 -11.23 5.99
C ILE A 115 -5.22 -11.75 7.41
N LEU A 116 -5.11 -10.83 8.37
CA LEU A 116 -5.00 -11.21 9.77
C LEU A 116 -5.47 -10.06 10.68
N ASN A 117 -6.31 -10.40 11.64
CA ASN A 117 -6.78 -9.43 12.63
C ASN A 117 -5.92 -9.48 13.87
N LYS A 118 -4.61 -9.37 13.68
CA LYS A 118 -3.67 -9.41 14.79
C LYS A 118 -3.28 -7.97 15.16
N GLY A 4 3.82 -17.62 -2.37
CA GLY A 4 3.87 -16.32 -1.68
C GLY A 4 3.04 -16.32 -0.41
N SER A 5 2.74 -15.13 0.11
CA SER A 5 1.98 -15.02 1.34
C SER A 5 0.49 -15.25 1.10
N THR A 6 -0.02 -16.35 1.66
CA THR A 6 -1.44 -16.71 1.58
C THR A 6 -1.88 -17.04 0.16
N GLU A 7 -2.08 -16.01 -0.66
CA GLU A 7 -2.53 -16.16 -2.05
C GLU A 7 -3.84 -16.94 -2.14
N SER A 8 -4.66 -16.81 -1.11
CA SER A 8 -5.99 -17.39 -1.12
C SER A 8 -7.01 -16.34 -1.56
N LEU A 9 -6.67 -15.08 -1.28
CA LEU A 9 -7.49 -13.95 -1.69
C LEU A 9 -6.62 -12.95 -2.43
N THR A 10 -7.16 -12.33 -3.47
CA THR A 10 -6.36 -11.40 -4.28
C THR A 10 -7.10 -10.10 -4.50
N VAL A 11 -6.48 -9.18 -5.23
CA VAL A 11 -7.08 -7.87 -5.49
C VAL A 11 -6.83 -7.43 -6.93
N SER A 12 -7.85 -6.83 -7.53
CA SER A 12 -7.75 -6.27 -8.87
C SER A 12 -7.52 -4.77 -8.80
N GLY A 13 -6.65 -4.26 -9.66
CA GLY A 13 -6.38 -2.84 -9.69
C GLY A 13 -4.90 -2.54 -9.58
N GLN A 14 -4.52 -1.31 -9.87
CA GLN A 14 -3.12 -0.92 -9.81
C GLN A 14 -2.90 0.15 -8.77
N PRO A 15 -2.37 -0.22 -7.59
CA PRO A 15 -2.05 0.72 -6.53
C PRO A 15 -0.77 1.48 -6.84
N GLU A 16 -0.85 2.81 -6.79
CA GLU A 16 0.30 3.64 -7.09
C GLU A 16 0.11 5.03 -6.47
N HIS A 17 1.20 5.58 -5.96
CA HIS A 17 1.16 6.87 -5.27
C HIS A 17 2.45 7.63 -5.51
N LYS A 18 2.34 8.93 -5.76
CA LYS A 18 3.50 9.77 -5.99
C LYS A 18 3.54 10.88 -4.97
N VAL A 19 4.70 11.15 -4.40
CA VAL A 19 4.81 12.21 -3.41
C VAL A 19 4.74 13.57 -4.10
N GLU A 20 3.66 14.28 -3.86
CA GLU A 20 3.47 15.59 -4.46
C GLU A 20 3.74 16.68 -3.43
N ALA A 21 4.38 17.75 -3.89
CA ALA A 21 4.83 18.80 -3.00
C ALA A 21 3.66 19.67 -2.54
N LYS A 22 3.34 20.69 -3.33
CA LYS A 22 2.24 21.59 -2.99
C LYS A 22 1.05 21.35 -3.90
N ASP A 23 -0.11 21.18 -3.28
CA ASP A 23 -1.34 20.93 -4.03
C ASP A 23 -1.87 22.22 -4.67
N SER A 24 -3.10 22.16 -5.15
CA SER A 24 -3.72 23.29 -5.84
C SER A 24 -3.81 24.53 -4.95
N ASN A 25 -3.90 24.32 -3.65
CA ASN A 25 -3.99 25.42 -2.69
C ASN A 25 -2.58 25.83 -2.24
N GLY A 26 -1.59 25.05 -2.64
CA GLY A 26 -0.21 25.38 -2.34
C GLY A 26 0.24 24.87 -1.00
N MET A 27 -0.30 23.73 -0.59
CA MET A 27 0.06 23.14 0.69
C MET A 27 0.82 21.83 0.51
N PRO A 28 1.75 21.50 1.43
CA PRO A 28 2.49 20.23 1.38
C PRO A 28 1.56 19.03 1.48
N VAL A 29 1.73 18.06 0.59
CA VAL A 29 0.77 16.97 0.49
C VAL A 29 1.36 15.63 0.88
N ASP A 30 0.66 14.95 1.77
CA ASP A 30 0.89 13.53 1.99
C ASP A 30 -0.23 12.80 1.26
N ASN A 31 0.10 12.30 0.07
CA ASN A 31 -0.91 11.85 -0.90
C ASN A 31 -1.96 10.92 -0.31
N ARG A 32 -3.14 10.97 -0.93
CA ARG A 32 -4.32 10.25 -0.44
C ARG A 32 -4.16 8.73 -0.58
N GLN A 33 -5.20 8.00 -0.21
CA GLN A 33 -5.16 6.56 -0.24
C GLN A 33 -5.81 6.02 -1.50
N GLY A 34 -5.74 4.71 -1.70
CA GLY A 34 -6.26 4.12 -2.92
C GLY A 34 -7.51 3.29 -2.69
N THR A 35 -8.39 3.29 -3.67
CA THR A 35 -9.60 2.49 -3.61
C THR A 35 -9.61 1.48 -4.76
N ILE A 36 -9.61 0.20 -4.43
CA ILE A 36 -9.53 -0.84 -5.44
C ILE A 36 -10.63 -1.88 -5.25
N THR A 37 -10.84 -2.69 -6.26
CA THR A 37 -11.83 -3.75 -6.20
C THR A 37 -11.16 -5.08 -5.87
N VAL A 38 -11.48 -5.65 -4.74
CA VAL A 38 -10.76 -6.81 -4.28
C VAL A 38 -11.39 -8.12 -4.78
N SER A 39 -10.52 -9.08 -5.05
CA SER A 39 -10.92 -10.44 -5.34
C SER A 39 -10.93 -11.23 -4.03
N ALA A 40 -10.77 -10.50 -2.94
CA ALA A 40 -10.73 -11.08 -1.62
C ALA A 40 -12.13 -11.10 -1.03
N SER A 41 -12.34 -11.89 0.01
CA SER A 41 -13.65 -12.01 0.61
C SER A 41 -13.59 -11.81 2.12
N GLY A 42 -14.67 -11.29 2.68
CA GLY A 42 -14.78 -11.12 4.12
C GLY A 42 -13.84 -10.07 4.67
N LEU A 43 -13.64 -8.97 3.94
CA LEU A 43 -12.81 -7.89 4.44
C LEU A 43 -13.67 -6.87 5.16
N GLN A 44 -13.08 -6.20 6.13
CA GLN A 44 -13.79 -5.19 6.91
C GLN A 44 -12.84 -4.06 7.27
N VAL A 45 -13.38 -2.98 7.80
CA VAL A 45 -12.58 -1.83 8.17
C VAL A 45 -11.84 -2.08 9.49
N GLY A 46 -10.61 -1.60 9.56
CA GLY A 46 -9.85 -1.73 10.80
C GLY A 46 -8.96 -2.96 10.82
N ASP A 47 -9.02 -3.76 9.77
CA ASP A 47 -8.17 -4.95 9.69
C ASP A 47 -6.77 -4.59 9.22
N ALA A 48 -5.82 -5.43 9.58
CA ALA A 48 -4.44 -5.25 9.21
C ALA A 48 -4.02 -6.40 8.32
N PHE A 49 -3.13 -6.13 7.37
CA PHE A 49 -2.76 -7.14 6.41
C PHE A 49 -1.49 -6.78 5.68
N THR A 50 -0.88 -7.79 5.08
CA THR A 50 0.26 -7.59 4.22
C THR A 50 -0.11 -7.99 2.80
N ILE A 51 0.47 -7.32 1.81
CA ILE A 51 0.18 -7.63 0.43
C ILE A 51 1.48 -7.98 -0.33
N ALA A 52 1.39 -9.00 -1.17
CA ALA A 52 2.55 -9.51 -1.89
C ALA A 52 3.12 -8.48 -2.85
N GLY A 53 4.41 -8.21 -2.70
CA GLY A 53 5.08 -7.25 -3.56
C GLY A 53 5.31 -5.93 -2.87
N VAL A 54 4.52 -5.65 -1.84
CA VAL A 54 4.67 -4.42 -1.09
C VAL A 54 5.53 -4.68 0.15
N ASN A 55 6.79 -4.26 0.09
CA ASN A 55 7.71 -4.46 1.21
C ASN A 55 8.05 -3.12 1.85
N SER A 56 8.03 -3.09 3.17
CA SER A 56 8.29 -1.85 3.90
C SER A 56 9.76 -1.50 3.96
N VAL A 57 10.03 -0.23 4.14
CA VAL A 57 11.40 0.24 4.33
C VAL A 57 11.60 0.77 5.74
N HIS A 58 12.85 0.84 6.16
CA HIS A 58 13.18 1.37 7.47
C HIS A 58 14.32 2.37 7.35
N GLN A 59 13.99 3.60 6.94
CA GLN A 59 15.00 4.62 6.70
C GLN A 59 15.91 4.81 7.91
N ILE A 60 15.37 4.55 9.10
CA ILE A 60 16.13 4.65 10.34
C ILE A 60 17.29 3.65 10.38
N THR A 61 17.00 2.40 10.07
CA THR A 61 18.02 1.34 10.13
C THR A 61 18.62 1.07 8.76
N LYS A 62 18.26 1.90 7.79
CA LYS A 62 18.73 1.80 6.41
C LYS A 62 18.11 0.59 5.70
N ASP A 63 16.79 0.52 5.82
CA ASP A 63 15.91 -0.43 5.10
C ASP A 63 16.54 -1.77 4.74
N THR A 64 17.16 -2.43 5.71
CA THR A 64 17.54 -3.82 5.50
C THR A 64 16.64 -4.75 6.30
N THR A 65 15.54 -5.14 5.69
CA THR A 65 14.54 -5.99 6.34
C THR A 65 13.89 -6.95 5.34
N GLY A 66 13.08 -6.41 4.44
CA GLY A 66 12.39 -7.23 3.47
C GLY A 66 11.06 -7.72 3.98
N GLN A 67 10.41 -6.91 4.81
CA GLN A 67 9.15 -7.30 5.42
C GLN A 67 7.97 -6.66 4.69
N PRO A 68 6.98 -7.46 4.27
CA PRO A 68 5.74 -6.94 3.68
C PRO A 68 5.04 -5.99 4.64
N GLN A 69 4.68 -4.82 4.16
CA GLN A 69 4.13 -3.78 5.02
C GLN A 69 2.70 -4.13 5.44
N VAL A 70 2.38 -3.82 6.70
CA VAL A 70 1.06 -4.04 7.23
C VAL A 70 0.19 -2.81 7.01
N PHE A 71 -1.03 -3.03 6.56
CA PHE A 71 -1.94 -1.93 6.25
C PHE A 71 -3.09 -1.91 7.24
N ARG A 72 -3.79 -0.78 7.29
CA ARG A 72 -4.99 -0.67 8.10
C ARG A 72 -6.14 -0.19 7.21
N VAL A 73 -7.19 -0.99 7.15
CA VAL A 73 -8.32 -0.71 6.27
C VAL A 73 -9.07 0.55 6.69
N LEU A 74 -9.34 1.43 5.73
CA LEU A 74 -10.10 2.64 5.99
C LEU A 74 -11.58 2.44 5.72
N ALA A 75 -11.90 1.74 4.64
CA ALA A 75 -13.29 1.56 4.25
C ALA A 75 -13.47 0.33 3.37
N VAL A 76 -14.57 -0.37 3.56
CA VAL A 76 -14.93 -1.49 2.72
C VAL A 76 -16.40 -1.39 2.33
N SER A 77 -16.65 -1.23 1.05
CA SER A 77 -18.00 -1.03 0.56
C SER A 77 -18.24 -1.78 -0.74
N GLY A 78 -18.74 -3.01 -0.63
CA GLY A 78 -18.99 -3.81 -1.80
C GLY A 78 -17.71 -4.22 -2.51
N THR A 79 -16.87 -5.00 -1.81
CA THR A 79 -15.57 -5.44 -2.31
C THR A 79 -14.72 -4.28 -2.84
N THR A 80 -15.00 -3.07 -2.37
CA THR A 80 -14.20 -1.90 -2.71
C THR A 80 -13.56 -1.37 -1.45
N VAL A 81 -12.24 -1.46 -1.37
CA VAL A 81 -11.54 -1.15 -0.13
C VAL A 81 -10.67 0.09 -0.29
N THR A 82 -10.81 1.00 0.66
CA THR A 82 -9.93 2.15 0.76
C THR A 82 -8.77 1.79 1.68
N ILE A 83 -7.57 1.76 1.14
CA ILE A 83 -6.45 1.20 1.87
C ILE A 83 -5.44 2.25 2.32
N SER A 84 -5.00 2.09 3.56
CA SER A 84 -3.94 2.92 4.13
C SER A 84 -3.00 2.02 4.90
N PRO A 85 -1.72 2.39 5.06
CA PRO A 85 -1.16 3.63 4.52
C PRO A 85 -0.97 3.55 3.00
N LYS A 86 -0.34 4.57 2.44
CA LYS A 86 -0.14 4.62 1.00
C LYS A 86 1.12 3.86 0.59
N ILE A 87 1.28 3.67 -0.70
CA ILE A 87 2.41 2.89 -1.22
C ILE A 87 3.38 3.79 -1.97
N LEU A 88 4.40 4.27 -1.27
CA LEU A 88 5.40 5.15 -1.87
C LEU A 88 6.71 4.42 -2.05
N PRO A 89 7.04 4.04 -3.28
CA PRO A 89 8.25 3.28 -3.59
C PRO A 89 9.50 4.14 -3.56
N VAL A 90 10.58 3.61 -3.00
CA VAL A 90 11.86 4.30 -3.02
C VAL A 90 12.37 4.41 -4.45
N GLU A 91 11.93 3.48 -5.29
CA GLU A 91 12.28 3.48 -6.70
C GLU A 91 11.42 4.45 -7.51
N ASN A 92 11.04 5.57 -6.89
CA ASN A 92 10.20 6.56 -7.57
C ASN A 92 11.06 7.53 -8.38
N THR A 93 12.38 7.43 -8.21
CA THR A 93 13.36 8.26 -8.93
C THR A 93 13.41 9.70 -8.38
N ASP A 94 12.25 10.31 -8.17
CA ASP A 94 12.17 11.69 -7.67
C ASP A 94 12.90 11.83 -6.33
N VAL A 95 13.96 12.61 -6.33
CA VAL A 95 14.80 12.78 -5.15
C VAL A 95 14.01 13.38 -3.98
N ALA A 96 13.05 14.24 -4.29
CA ALA A 96 12.23 14.88 -3.27
C ALA A 96 11.18 13.92 -2.72
N SER A 97 10.84 12.89 -3.50
CA SER A 97 9.83 11.92 -3.08
C SER A 97 10.43 10.80 -2.24
N ARG A 98 11.75 10.60 -2.36
CA ARG A 98 12.44 9.54 -1.62
C ARG A 98 12.23 9.62 -0.10
N PRO A 99 12.41 10.81 0.54
CA PRO A 99 12.29 10.95 2.00
C PRO A 99 10.92 10.53 2.55
N TYR A 100 9.92 10.43 1.69
CA TYR A 100 8.58 10.05 2.13
C TYR A 100 8.24 8.62 1.71
N ALA A 101 9.17 7.94 1.07
CA ALA A 101 8.95 6.57 0.63
C ALA A 101 8.81 5.63 1.82
N ASN A 102 7.87 4.70 1.72
CA ASN A 102 7.62 3.74 2.81
C ASN A 102 7.73 2.31 2.31
N VAL A 103 7.84 2.13 1.00
CA VAL A 103 8.03 0.81 0.41
C VAL A 103 9.15 0.87 -0.63
N ASP A 104 9.68 -0.28 -1.01
CA ASP A 104 10.79 -0.35 -1.97
C ASP A 104 10.30 -0.23 -3.41
N ALA A 105 9.03 -0.54 -3.61
CA ALA A 105 8.46 -0.63 -4.95
C ALA A 105 6.95 -0.78 -4.90
N LYS A 106 6.28 -0.37 -5.96
CA LYS A 106 4.87 -0.67 -6.14
C LYS A 106 4.73 -1.82 -7.12
N PRO A 107 4.24 -2.96 -6.66
CA PRO A 107 4.20 -4.20 -7.45
C PRO A 107 3.15 -4.17 -8.55
N ALA A 108 3.24 -5.13 -9.46
CA ALA A 108 2.26 -5.29 -10.53
C ALA A 108 0.91 -5.67 -9.93
N GLU A 109 -0.15 -5.03 -10.44
CA GLU A 109 -1.52 -5.17 -9.92
C GLU A 109 -1.54 -5.03 -8.40
N SER A 110 -2.55 -5.60 -7.76
CA SER A 110 -2.68 -5.46 -6.32
C SER A 110 -2.14 -6.69 -5.61
N ALA A 111 -2.38 -7.88 -6.17
CA ALA A 111 -1.82 -9.15 -5.67
C ALA A 111 -2.58 -9.70 -4.47
N ALA A 112 -1.95 -10.65 -3.77
CA ALA A 112 -2.60 -11.39 -2.70
C ALA A 112 -2.54 -10.66 -1.37
N ILE A 113 -3.57 -10.87 -0.55
CA ILE A 113 -3.65 -10.26 0.77
C ILE A 113 -3.49 -11.31 1.87
N THR A 114 -2.86 -10.92 2.97
CA THR A 114 -2.78 -11.75 4.17
C THR A 114 -3.42 -11.04 5.35
N ILE A 115 -4.68 -11.36 5.63
CA ILE A 115 -5.45 -10.67 6.67
C ILE A 115 -5.09 -11.19 8.07
N LEU A 116 -4.78 -10.26 8.97
CA LEU A 116 -4.53 -10.61 10.36
C LEU A 116 -4.86 -9.42 11.27
N ASN A 117 -5.63 -9.69 12.31
CA ASN A 117 -6.05 -8.64 13.24
C ASN A 117 -5.07 -8.50 14.39
N LYS A 118 -3.97 -9.22 14.32
CA LYS A 118 -2.95 -9.18 15.36
C LYS A 118 -1.78 -8.30 14.92
N GLY A 4 -0.13 -19.77 -9.07
CA GLY A 4 0.36 -18.71 -8.17
C GLY A 4 0.79 -19.25 -6.82
N SER A 5 1.71 -18.55 -6.16
CA SER A 5 2.20 -18.97 -4.86
C SER A 5 1.21 -18.57 -3.77
N THR A 6 0.78 -19.56 -2.99
CA THR A 6 -0.22 -19.35 -1.94
C THR A 6 -1.58 -18.98 -2.54
N GLU A 7 -1.80 -17.68 -2.73
CA GLU A 7 -3.05 -17.16 -3.31
C GLU A 7 -4.24 -17.51 -2.41
N SER A 8 -4.64 -16.55 -1.60
CA SER A 8 -5.77 -16.74 -0.71
C SER A 8 -6.86 -15.75 -1.07
N LEU A 9 -6.55 -14.47 -0.95
CA LEU A 9 -7.43 -13.40 -1.41
C LEU A 9 -6.64 -12.48 -2.33
N THR A 10 -7.20 -12.08 -3.46
CA THR A 10 -6.47 -11.21 -4.36
C THR A 10 -7.23 -9.92 -4.60
N VAL A 11 -6.59 -8.96 -5.27
CA VAL A 11 -7.22 -7.68 -5.55
C VAL A 11 -6.75 -7.16 -6.91
N SER A 12 -7.64 -6.47 -7.62
CA SER A 12 -7.31 -5.95 -8.93
C SER A 12 -7.41 -4.42 -8.95
N GLY A 13 -6.35 -3.77 -9.41
CA GLY A 13 -6.34 -2.33 -9.49
C GLY A 13 -4.95 -1.75 -9.29
N GLN A 14 -4.75 -0.51 -9.74
CA GLN A 14 -3.45 0.13 -9.62
C GLN A 14 -3.39 1.07 -8.42
N PRO A 15 -2.78 0.64 -7.31
CA PRO A 15 -2.60 1.47 -6.13
C PRO A 15 -1.36 2.35 -6.26
N GLU A 16 -1.53 3.65 -6.09
CA GLU A 16 -0.41 4.58 -6.20
C GLU A 16 -0.27 5.45 -4.97
N HIS A 17 0.93 5.46 -4.42
CA HIS A 17 1.27 6.29 -3.27
C HIS A 17 2.66 6.86 -3.46
N LYS A 18 2.78 8.16 -3.28
CA LYS A 18 4.04 8.87 -3.51
C LYS A 18 3.96 10.27 -2.93
N VAL A 19 5.07 11.00 -2.95
CA VAL A 19 5.07 12.37 -2.50
C VAL A 19 5.04 13.30 -3.72
N GLU A 20 3.93 13.98 -3.90
CA GLU A 20 3.77 14.89 -5.02
C GLU A 20 3.73 16.33 -4.54
N ALA A 21 4.17 17.24 -5.40
CA ALA A 21 4.26 18.63 -5.05
C ALA A 21 3.00 19.39 -5.43
N LYS A 22 2.70 19.42 -6.72
CA LYS A 22 1.59 20.23 -7.21
C LYS A 22 0.34 19.36 -7.38
N ASP A 23 -0.78 19.77 -6.80
CA ASP A 23 -2.04 19.07 -7.01
C ASP A 23 -2.84 19.75 -8.13
N SER A 24 -4.15 19.56 -8.13
CA SER A 24 -5.01 20.15 -9.15
C SER A 24 -5.05 21.67 -9.03
N ASN A 25 -4.80 22.19 -7.84
CA ASN A 25 -4.81 23.63 -7.63
C ASN A 25 -3.41 24.21 -7.67
N GLY A 26 -2.41 23.35 -7.59
CA GLY A 26 -1.03 23.80 -7.62
C GLY A 26 -0.46 24.02 -6.23
N MET A 27 -1.06 23.37 -5.24
CA MET A 27 -0.59 23.47 -3.86
C MET A 27 -0.04 22.11 -3.40
N PRO A 28 0.89 22.10 -2.44
CA PRO A 28 1.48 20.87 -1.93
C PRO A 28 0.51 20.10 -1.04
N VAL A 29 0.16 18.89 -1.44
CA VAL A 29 -0.79 18.07 -0.69
C VAL A 29 -0.41 16.59 -0.78
N ASP A 30 -0.52 15.89 0.34
CA ASP A 30 -0.31 14.44 0.38
C ASP A 30 -1.50 13.75 -0.29
N ASN A 31 -1.23 12.99 -1.34
CA ASN A 31 -2.30 12.37 -2.12
C ASN A 31 -3.11 11.36 -1.32
N ARG A 32 -4.29 11.05 -1.83
CA ARG A 32 -5.26 10.21 -1.13
C ARG A 32 -4.80 8.76 -1.02
N GLN A 33 -5.67 7.93 -0.44
CA GLN A 33 -5.40 6.50 -0.30
C GLN A 33 -5.69 5.80 -1.62
N GLY A 34 -5.42 4.50 -1.67
CA GLY A 34 -5.72 3.73 -2.85
C GLY A 34 -7.04 3.01 -2.73
N THR A 35 -7.94 3.23 -3.67
CA THR A 35 -9.22 2.56 -3.67
C THR A 35 -9.35 1.67 -4.90
N ILE A 36 -9.45 0.37 -4.67
CA ILE A 36 -9.48 -0.60 -5.76
C ILE A 36 -10.55 -1.66 -5.56
N THR A 37 -10.85 -2.42 -6.61
CA THR A 37 -11.84 -3.48 -6.54
C THR A 37 -11.16 -4.81 -6.19
N VAL A 38 -11.62 -5.43 -5.12
CA VAL A 38 -10.95 -6.61 -4.61
C VAL A 38 -11.51 -7.91 -5.21
N SER A 39 -10.60 -8.85 -5.40
CA SER A 39 -10.93 -10.22 -5.74
C SER A 39 -11.08 -11.04 -4.46
N ALA A 40 -11.09 -10.32 -3.34
CA ALA A 40 -11.12 -10.94 -2.02
C ALA A 40 -12.54 -10.98 -1.49
N SER A 41 -12.73 -11.57 -0.32
CA SER A 41 -14.04 -11.64 0.29
C SER A 41 -13.92 -11.51 1.80
N GLY A 42 -14.93 -10.89 2.41
CA GLY A 42 -14.93 -10.72 3.85
C GLY A 42 -13.91 -9.71 4.33
N LEU A 43 -13.83 -8.57 3.66
CA LEU A 43 -12.92 -7.51 4.08
C LEU A 43 -13.69 -6.47 4.86
N GLN A 44 -13.05 -5.90 5.86
CA GLN A 44 -13.69 -4.88 6.71
C GLN A 44 -12.71 -3.77 7.03
N VAL A 45 -13.24 -2.63 7.44
CA VAL A 45 -12.40 -1.51 7.83
C VAL A 45 -11.69 -1.82 9.15
N GLY A 46 -10.40 -1.49 9.21
CA GLY A 46 -9.64 -1.73 10.42
C GLY A 46 -8.87 -3.03 10.39
N ASP A 47 -8.99 -3.78 9.31
CA ASP A 47 -8.25 -5.03 9.16
C ASP A 47 -6.83 -4.73 8.74
N ALA A 48 -5.97 -5.73 8.88
CA ALA A 48 -4.57 -5.60 8.54
C ALA A 48 -4.18 -6.67 7.54
N PHE A 49 -3.16 -6.43 6.73
CA PHE A 49 -2.75 -7.40 5.74
C PHE A 49 -1.37 -7.12 5.20
N THR A 50 -0.87 -8.08 4.44
CA THR A 50 0.40 -7.94 3.76
C THR A 50 0.22 -8.29 2.28
N ILE A 51 0.63 -7.40 1.41
CA ILE A 51 0.45 -7.59 -0.03
C ILE A 51 1.72 -8.15 -0.66
N ALA A 52 1.55 -9.15 -1.54
CA ALA A 52 2.68 -9.83 -2.17
C ALA A 52 3.47 -8.90 -3.07
N GLY A 53 4.79 -8.88 -2.85
CA GLY A 53 5.67 -8.07 -3.67
C GLY A 53 6.08 -6.77 -3.01
N VAL A 54 5.26 -6.31 -2.08
CA VAL A 54 5.54 -5.08 -1.37
C VAL A 54 6.06 -5.36 0.04
N ASN A 55 7.37 -5.24 0.22
CA ASN A 55 7.97 -5.35 1.54
C ASN A 55 8.56 -4.02 1.96
N SER A 56 8.89 -3.88 3.23
CA SER A 56 9.38 -2.61 3.75
C SER A 56 10.88 -2.44 3.52
N VAL A 57 11.41 -1.30 3.96
CA VAL A 57 12.83 -0.97 3.74
C VAL A 57 13.44 -0.27 4.95
N HIS A 58 14.77 -0.32 5.03
CA HIS A 58 15.50 0.42 6.06
C HIS A 58 16.41 1.42 5.39
N GLN A 59 16.00 2.68 5.34
CA GLN A 59 16.75 3.71 4.62
C GLN A 59 18.02 4.11 5.38
N ILE A 60 18.02 3.91 6.68
CA ILE A 60 19.14 4.30 7.52
C ILE A 60 20.39 3.46 7.20
N THR A 61 20.22 2.15 7.17
CA THR A 61 21.33 1.25 6.89
C THR A 61 21.30 0.74 5.45
N LYS A 62 20.30 1.20 4.70
CA LYS A 62 20.11 0.84 3.29
C LYS A 62 19.94 -0.68 3.16
N ASP A 63 18.98 -1.20 3.93
CA ASP A 63 18.68 -2.62 3.90
C ASP A 63 17.25 -2.82 3.43
N THR A 64 17.07 -3.47 2.29
CA THR A 64 15.74 -3.68 1.76
C THR A 64 15.18 -5.02 2.20
N THR A 65 14.59 -5.00 3.37
CA THR A 65 13.98 -6.17 3.97
C THR A 65 12.78 -5.74 4.82
N GLY A 66 13.05 -5.44 6.09
CA GLY A 66 12.03 -4.89 6.98
C GLY A 66 10.90 -5.84 7.33
N GLN A 67 10.76 -6.92 6.54
CA GLN A 67 9.67 -7.87 6.67
C GLN A 67 8.38 -7.29 6.07
N PRO A 68 7.36 -8.13 5.81
CA PRO A 68 6.11 -7.69 5.16
C PRO A 68 5.48 -6.47 5.84
N GLN A 69 5.18 -5.46 5.05
CA GLN A 69 4.62 -4.21 5.56
C GLN A 69 3.15 -4.45 5.93
N VAL A 70 2.72 -3.95 7.08
CA VAL A 70 1.37 -4.20 7.57
C VAL A 70 0.43 -3.07 7.15
N PHE A 71 -0.62 -3.41 6.41
CA PHE A 71 -1.56 -2.41 5.93
C PHE A 71 -2.79 -2.36 6.83
N ARG A 72 -3.53 -1.26 6.77
CA ARG A 72 -4.79 -1.13 7.50
C ARG A 72 -5.88 -0.61 6.58
N VAL A 73 -7.06 -1.21 6.69
CA VAL A 73 -8.18 -0.86 5.84
C VAL A 73 -8.92 0.37 6.39
N LEU A 74 -9.34 1.26 5.48
CA LEU A 74 -10.08 2.46 5.86
C LEU A 74 -11.52 2.40 5.38
N ALA A 75 -11.78 1.66 4.31
CA ALA A 75 -13.14 1.56 3.79
C ALA A 75 -13.34 0.29 2.98
N VAL A 76 -14.49 -0.35 3.15
CA VAL A 76 -14.88 -1.51 2.36
C VAL A 76 -16.35 -1.39 1.96
N SER A 77 -16.58 -1.14 0.70
CA SER A 77 -17.94 -0.96 0.20
C SER A 77 -18.03 -1.38 -1.27
N GLY A 78 -18.82 -2.42 -1.54
CA GLY A 78 -18.97 -2.91 -2.90
C GLY A 78 -17.67 -3.45 -3.44
N THR A 79 -16.97 -4.22 -2.61
CA THR A 79 -15.63 -4.76 -2.91
C THR A 79 -14.63 -3.66 -3.29
N THR A 80 -14.97 -2.41 -2.99
CA THR A 80 -14.05 -1.30 -3.21
C THR A 80 -13.42 -0.93 -1.89
N VAL A 81 -12.10 -1.10 -1.81
CA VAL A 81 -11.42 -0.94 -0.54
C VAL A 81 -10.46 0.24 -0.56
N THR A 82 -10.54 1.06 0.47
CA THR A 82 -9.61 2.17 0.66
C THR A 82 -8.48 1.70 1.56
N ILE A 83 -7.27 1.67 1.02
CA ILE A 83 -6.17 1.05 1.73
C ILE A 83 -5.13 2.06 2.21
N SER A 84 -4.65 1.82 3.42
CA SER A 84 -3.62 2.62 4.05
C SER A 84 -2.64 1.67 4.75
N PRO A 85 -1.47 2.11 5.22
CA PRO A 85 -0.98 3.50 5.15
C PRO A 85 -0.55 3.89 3.74
N LYS A 86 0.61 4.53 3.62
CA LYS A 86 1.13 4.89 2.33
C LYS A 86 2.22 3.94 1.87
N ILE A 87 2.25 3.70 0.57
CA ILE A 87 3.18 2.76 -0.03
C ILE A 87 4.17 3.53 -0.90
N LEU A 88 5.23 4.03 -0.28
CA LEU A 88 6.19 4.88 -0.98
C LEU A 88 7.39 4.07 -1.46
N PRO A 89 7.55 3.99 -2.77
CA PRO A 89 8.57 3.14 -3.41
C PRO A 89 9.98 3.75 -3.38
N VAL A 90 10.97 2.91 -3.13
CA VAL A 90 12.37 3.32 -3.21
C VAL A 90 12.93 3.03 -4.59
N GLU A 91 12.38 2.02 -5.24
CA GLU A 91 12.85 1.60 -6.56
C GLU A 91 12.26 2.46 -7.67
N ASN A 92 12.05 3.73 -7.39
CA ASN A 92 11.53 4.66 -8.38
C ASN A 92 12.43 5.87 -8.51
N THR A 93 12.19 6.67 -9.54
CA THR A 93 13.01 7.83 -9.82
C THR A 93 12.62 9.01 -8.93
N ASP A 94 11.42 8.95 -8.35
CA ASP A 94 10.93 10.02 -7.49
C ASP A 94 11.88 10.29 -6.32
N VAL A 95 12.46 11.48 -6.32
CA VAL A 95 13.40 11.87 -5.28
C VAL A 95 12.66 12.18 -3.98
N ALA A 96 11.44 12.68 -4.11
CA ALA A 96 10.62 13.02 -2.94
C ALA A 96 10.17 11.77 -2.20
N SER A 97 10.00 10.68 -2.93
CA SER A 97 9.54 9.44 -2.34
C SER A 97 10.66 8.76 -1.56
N ARG A 98 11.90 8.99 -1.98
CA ARG A 98 13.09 8.35 -1.38
C ARG A 98 13.15 8.48 0.15
N PRO A 99 13.14 9.72 0.73
CA PRO A 99 13.34 9.92 2.16
C PRO A 99 12.17 9.44 3.02
N TYR A 100 11.00 9.34 2.41
CA TYR A 100 9.79 8.99 3.14
C TYR A 100 9.36 7.57 2.76
N ALA A 101 10.16 6.93 1.91
CA ALA A 101 9.87 5.58 1.43
C ALA A 101 9.86 4.58 2.58
N ASN A 102 8.90 3.67 2.53
CA ASN A 102 8.77 2.65 3.58
C ASN A 102 8.68 1.27 2.97
N VAL A 103 8.66 1.19 1.65
CA VAL A 103 8.58 -0.09 0.95
C VAL A 103 9.47 -0.09 -0.28
N ASP A 104 9.69 -1.27 -0.85
CA ASP A 104 10.51 -1.41 -2.04
C ASP A 104 9.92 -0.63 -3.20
N ALA A 105 8.63 -0.83 -3.43
CA ALA A 105 7.93 -0.22 -4.56
C ALA A 105 6.44 -0.15 -4.28
N LYS A 106 5.72 0.55 -5.14
CA LYS A 106 4.27 0.51 -5.09
C LYS A 106 3.80 -0.73 -5.85
N PRO A 107 2.65 -1.30 -5.48
CA PRO A 107 2.19 -2.55 -6.08
C PRO A 107 1.80 -2.39 -7.54
N ALA A 108 2.40 -3.24 -8.40
CA ALA A 108 1.90 -3.37 -9.75
C ALA A 108 0.74 -4.34 -9.70
N GLU A 109 -0.45 -3.85 -10.06
CA GLU A 109 -1.69 -4.56 -9.78
C GLU A 109 -1.84 -4.63 -8.25
N SER A 110 -3.00 -5.01 -7.75
CA SER A 110 -3.19 -5.02 -6.31
C SER A 110 -2.59 -6.29 -5.69
N ALA A 111 -2.44 -7.32 -6.53
CA ALA A 111 -1.71 -8.55 -6.16
C ALA A 111 -2.48 -9.43 -5.19
N ALA A 112 -1.74 -10.30 -4.51
CA ALA A 112 -2.31 -11.21 -3.53
C ALA A 112 -2.18 -10.62 -2.14
N ILE A 113 -3.28 -10.59 -1.41
CA ILE A 113 -3.33 -9.98 -0.11
C ILE A 113 -3.51 -11.03 0.98
N THR A 114 -2.90 -10.81 2.14
CA THR A 114 -2.97 -11.76 3.25
C THR A 114 -3.63 -11.10 4.45
N ILE A 115 -4.93 -11.34 4.62
CA ILE A 115 -5.72 -10.66 5.64
C ILE A 115 -5.54 -11.25 7.04
N LEU A 116 -5.40 -10.36 8.01
CA LEU A 116 -5.36 -10.71 9.43
C LEU A 116 -5.89 -9.53 10.24
N ASN A 117 -5.83 -9.62 11.56
CA ASN A 117 -6.37 -8.55 12.41
C ASN A 117 -5.28 -7.80 13.14
N LYS A 118 -4.08 -8.35 13.14
CA LYS A 118 -2.96 -7.75 13.86
C LYS A 118 -1.70 -7.75 13.02
N GLY A 4 2.08 -16.90 3.26
CA GLY A 4 3.18 -17.05 2.27
C GLY A 4 2.93 -16.22 1.03
N SER A 5 3.95 -16.10 0.19
CA SER A 5 3.83 -15.33 -1.04
C SER A 5 3.11 -16.13 -2.13
N THR A 6 1.79 -16.22 -2.01
CA THR A 6 0.98 -16.91 -2.99
C THR A 6 -0.11 -16.00 -3.53
N GLU A 7 -0.68 -16.35 -4.66
CA GLU A 7 -1.74 -15.55 -5.27
C GLU A 7 -3.11 -16.03 -4.81
N SER A 8 -3.30 -16.14 -3.50
CA SER A 8 -4.55 -16.63 -2.94
C SER A 8 -5.64 -15.57 -3.01
N LEU A 9 -5.55 -14.57 -2.14
CA LEU A 9 -6.47 -13.44 -2.19
C LEU A 9 -5.75 -12.24 -2.77
N THR A 10 -6.31 -11.64 -3.81
CA THR A 10 -5.63 -10.54 -4.47
C THR A 10 -6.56 -9.33 -4.61
N VAL A 11 -6.03 -8.24 -5.15
CA VAL A 11 -6.81 -7.03 -5.33
C VAL A 11 -6.48 -6.37 -6.67
N SER A 12 -7.50 -5.81 -7.32
CA SER A 12 -7.31 -5.14 -8.59
C SER A 12 -7.50 -3.62 -8.42
N GLY A 13 -6.64 -2.86 -9.06
CA GLY A 13 -6.71 -1.41 -8.97
C GLY A 13 -5.42 -0.76 -9.41
N GLN A 14 -5.31 0.54 -9.17
CA GLN A 14 -4.11 1.27 -9.55
C GLN A 14 -3.20 1.47 -8.34
N PRO A 15 -1.99 0.89 -8.38
CA PRO A 15 -1.00 1.08 -7.32
C PRO A 15 -0.47 2.50 -7.33
N GLU A 16 -0.51 3.16 -6.19
CA GLU A 16 -0.14 4.56 -6.14
C GLU A 16 0.94 4.81 -5.09
N HIS A 17 1.29 6.08 -4.95
CA HIS A 17 2.28 6.52 -3.98
C HIS A 17 2.01 7.98 -3.67
N LYS A 18 2.00 8.33 -2.40
CA LYS A 18 1.58 9.67 -2.03
C LYS A 18 2.76 10.55 -1.66
N VAL A 19 2.84 11.68 -2.33
CA VAL A 19 3.79 12.72 -1.99
C VAL A 19 3.02 13.84 -1.29
N GLU A 20 3.70 14.63 -0.47
CA GLU A 20 3.05 15.71 0.25
C GLU A 20 2.57 16.80 -0.71
N ALA A 21 1.85 17.78 -0.13
CA ALA A 21 1.21 18.90 -0.86
C ALA A 21 1.68 19.07 -2.30
N LYS A 22 2.95 19.46 -2.45
CA LYS A 22 3.53 19.62 -3.78
C LYS A 22 4.94 19.06 -3.80
N ASP A 23 5.49 18.86 -4.98
CA ASP A 23 6.85 18.35 -5.13
C ASP A 23 7.86 19.50 -5.22
N SER A 24 9.02 19.21 -5.78
CA SER A 24 10.07 20.21 -5.91
C SER A 24 9.80 21.22 -7.01
N ASN A 25 8.75 20.99 -7.80
CA ASN A 25 8.40 21.89 -8.89
C ASN A 25 7.09 22.62 -8.59
N GLY A 26 6.37 22.14 -7.59
CA GLY A 26 5.06 22.69 -7.28
C GLY A 26 3.98 22.09 -8.16
N MET A 27 4.22 20.87 -8.62
CA MET A 27 3.29 20.17 -9.49
C MET A 27 2.29 19.38 -8.66
N PRO A 28 1.01 19.36 -9.11
CA PRO A 28 -0.06 18.61 -8.43
C PRO A 28 0.29 17.14 -8.26
N VAL A 29 0.32 16.69 -7.03
CA VAL A 29 0.68 15.31 -6.72
C VAL A 29 -0.54 14.39 -6.84
N ASP A 30 -0.31 13.21 -7.39
CA ASP A 30 -1.38 12.22 -7.52
C ASP A 30 -1.37 11.29 -6.32
N ASN A 31 -2.27 11.55 -5.37
CA ASN A 31 -2.36 10.74 -4.16
C ASN A 31 -3.25 9.53 -4.39
N ARG A 32 -4.11 9.64 -5.40
CA ARG A 32 -5.02 8.57 -5.80
C ARG A 32 -5.92 8.13 -4.64
N GLN A 33 -5.66 6.92 -4.11
CA GLN A 33 -6.47 6.34 -3.01
C GLN A 33 -7.92 6.13 -3.43
N GLY A 34 -8.67 5.46 -2.59
CA GLY A 34 -10.09 5.36 -2.85
C GLY A 34 -10.61 3.94 -2.87
N THR A 35 -11.67 3.73 -3.63
CA THR A 35 -12.33 2.44 -3.66
C THR A 35 -11.82 1.58 -4.81
N ILE A 36 -11.57 0.32 -4.51
CA ILE A 36 -11.08 -0.64 -5.50
C ILE A 36 -11.87 -1.95 -5.43
N THR A 37 -11.67 -2.81 -6.43
CA THR A 37 -12.35 -4.09 -6.48
C THR A 37 -11.38 -5.20 -6.10
N VAL A 38 -11.75 -6.02 -5.12
CA VAL A 38 -10.84 -7.03 -4.63
C VAL A 38 -11.15 -8.42 -5.20
N SER A 39 -10.09 -9.17 -5.40
CA SER A 39 -10.20 -10.61 -5.68
C SER A 39 -10.13 -11.38 -4.37
N ALA A 40 -10.14 -10.63 -3.26
CA ALA A 40 -10.02 -11.21 -1.93
C ALA A 40 -11.40 -11.41 -1.32
N SER A 41 -11.47 -12.11 -0.21
CA SER A 41 -12.74 -12.38 0.45
C SER A 41 -12.64 -12.21 1.96
N GLY A 42 -13.77 -11.88 2.57
CA GLY A 42 -13.82 -11.73 4.01
C GLY A 42 -13.13 -10.46 4.49
N LEU A 43 -13.45 -9.33 3.86
CA LEU A 43 -12.83 -8.07 4.23
C LEU A 43 -13.77 -7.22 5.08
N GLN A 44 -13.19 -6.51 6.03
CA GLN A 44 -13.93 -5.59 6.88
C GLN A 44 -13.14 -4.30 7.05
N VAL A 45 -13.74 -3.30 7.67
CA VAL A 45 -13.03 -2.08 7.97
C VAL A 45 -12.17 -2.27 9.21
N GLY A 46 -10.95 -1.79 9.18
CA GLY A 46 -10.06 -1.92 10.31
C GLY A 46 -9.14 -3.11 10.20
N ASP A 47 -9.28 -3.88 9.12
CA ASP A 47 -8.42 -5.03 8.89
C ASP A 47 -6.98 -4.61 8.70
N ALA A 48 -6.07 -5.49 9.05
CA ALA A 48 -4.65 -5.25 8.91
C ALA A 48 -4.02 -6.34 8.08
N PHE A 49 -3.38 -5.96 6.99
CA PHE A 49 -2.88 -6.96 6.07
C PHE A 49 -1.56 -6.55 5.44
N THR A 50 -0.93 -7.49 4.77
CA THR A 50 0.29 -7.23 4.06
C THR A 50 0.11 -7.51 2.58
N ILE A 51 0.83 -6.78 1.74
CA ILE A 51 0.71 -6.92 0.30
C ILE A 51 1.99 -7.47 -0.31
N ALA A 52 1.84 -8.37 -1.27
CA ALA A 52 2.98 -8.97 -1.95
C ALA A 52 3.70 -7.94 -2.82
N GLY A 53 4.95 -7.67 -2.48
CA GLY A 53 5.72 -6.69 -3.23
C GLY A 53 5.96 -5.43 -2.42
N VAL A 54 5.10 -5.20 -1.44
CA VAL A 54 5.29 -4.07 -0.53
C VAL A 54 5.99 -4.52 0.73
N ASN A 55 7.29 -4.24 0.81
CA ASN A 55 8.09 -4.66 1.95
C ASN A 55 8.78 -3.47 2.58
N SER A 56 8.69 -3.37 3.90
CA SER A 56 9.24 -2.23 4.62
C SER A 56 10.75 -2.15 4.50
N VAL A 57 11.28 -0.99 4.84
CA VAL A 57 12.70 -0.75 4.87
C VAL A 57 13.10 -0.20 6.23
N HIS A 58 14.31 -0.49 6.66
CA HIS A 58 14.75 -0.10 7.99
C HIS A 58 15.68 1.10 7.92
N GLN A 59 15.29 2.17 8.58
CA GLN A 59 16.06 3.41 8.55
C GLN A 59 17.20 3.35 9.55
N ILE A 60 17.01 2.60 10.62
CA ILE A 60 18.01 2.48 11.67
C ILE A 60 19.19 1.64 11.19
N THR A 61 18.88 0.44 10.68
CA THR A 61 19.91 -0.47 10.21
C THR A 61 20.25 -0.24 8.73
N LYS A 62 19.40 0.53 8.05
CA LYS A 62 19.59 0.84 6.63
C LYS A 62 19.62 -0.43 5.78
N ASP A 63 18.70 -1.35 6.03
CA ASP A 63 18.65 -2.59 5.28
C ASP A 63 17.23 -2.88 4.82
N THR A 64 17.10 -3.65 3.75
CA THR A 64 15.81 -4.10 3.26
C THR A 64 15.65 -5.58 3.55
N THR A 65 14.71 -5.91 4.42
CA THR A 65 14.63 -7.27 4.92
C THR A 65 13.39 -8.00 4.41
N GLY A 66 12.66 -7.36 3.50
CA GLY A 66 11.53 -8.01 2.87
C GLY A 66 10.39 -8.30 3.82
N GLN A 67 10.21 -7.45 4.82
CA GLN A 67 9.11 -7.61 5.77
C GLN A 67 7.94 -6.74 5.34
N PRO A 68 6.85 -7.36 4.86
CA PRO A 68 5.68 -6.62 4.35
C PRO A 68 5.06 -5.69 5.38
N GLN A 69 4.67 -4.50 4.93
CA GLN A 69 4.08 -3.50 5.83
C GLN A 69 2.63 -3.86 6.12
N VAL A 70 2.16 -3.51 7.30
CA VAL A 70 0.78 -3.76 7.69
C VAL A 70 -0.07 -2.52 7.40
N PHE A 71 -1.26 -2.74 6.86
CA PHE A 71 -2.14 -1.64 6.46
C PHE A 71 -3.45 -1.68 7.25
N ARG A 72 -4.21 -0.60 7.16
CA ARG A 72 -5.51 -0.53 7.83
C ARG A 72 -6.59 -0.10 6.85
N VAL A 73 -7.69 -0.84 6.84
CA VAL A 73 -8.81 -0.57 5.95
C VAL A 73 -9.69 0.57 6.48
N LEU A 74 -10.15 1.43 5.57
CA LEU A 74 -11.00 2.56 5.94
C LEU A 74 -12.47 2.29 5.62
N ALA A 75 -12.73 1.52 4.56
CA ALA A 75 -14.12 1.21 4.20
C ALA A 75 -14.21 -0.04 3.34
N VAL A 76 -15.28 -0.81 3.54
CA VAL A 76 -15.54 -2.00 2.74
C VAL A 76 -17.03 -2.09 2.42
N SER A 77 -17.38 -1.92 1.16
CA SER A 77 -18.77 -1.95 0.73
C SER A 77 -18.95 -2.84 -0.49
N GLY A 78 -19.33 -4.10 -0.26
CA GLY A 78 -19.50 -5.03 -1.36
C GLY A 78 -18.20 -5.33 -2.07
N THR A 79 -17.22 -5.83 -1.31
CA THR A 79 -15.87 -6.10 -1.79
C THR A 79 -15.24 -4.90 -2.52
N THR A 80 -15.76 -3.72 -2.23
CA THR A 80 -15.19 -2.48 -2.74
C THR A 80 -14.59 -1.71 -1.58
N VAL A 81 -13.27 -1.64 -1.55
CA VAL A 81 -12.56 -1.16 -0.38
C VAL A 81 -11.97 0.23 -0.60
N THR A 82 -12.17 1.11 0.37
CA THR A 82 -11.49 2.39 0.40
C THR A 82 -10.14 2.19 1.06
N ILE A 83 -9.08 2.40 0.29
CA ILE A 83 -7.76 1.98 0.73
C ILE A 83 -6.83 3.14 1.05
N SER A 84 -6.11 2.94 2.14
CA SER A 84 -5.07 3.83 2.62
C SER A 84 -4.11 2.95 3.44
N PRO A 85 -2.92 3.42 3.86
CA PRO A 85 -2.41 4.76 3.62
C PRO A 85 -1.54 4.87 2.37
N LYS A 86 -0.29 5.28 2.57
CA LYS A 86 0.58 5.58 1.45
C LYS A 86 1.51 4.42 1.10
N ILE A 87 1.77 4.26 -0.18
CA ILE A 87 2.78 3.34 -0.66
C ILE A 87 3.99 4.16 -1.09
N LEU A 88 5.17 3.82 -0.58
CA LEU A 88 6.35 4.65 -0.82
C LEU A 88 7.51 3.79 -1.32
N PRO A 89 7.72 3.78 -2.64
CA PRO A 89 8.74 2.92 -3.27
C PRO A 89 10.17 3.40 -3.05
N VAL A 90 11.04 2.49 -2.62
CA VAL A 90 12.46 2.78 -2.50
C VAL A 90 13.15 2.53 -3.82
N GLU A 91 12.71 1.48 -4.52
CA GLU A 91 13.27 1.12 -5.81
C GLU A 91 12.69 1.98 -6.93
N ASN A 92 12.36 3.22 -6.63
CA ASN A 92 11.81 4.14 -7.62
C ASN A 92 12.92 4.82 -8.41
N THR A 93 12.58 5.29 -9.60
CA THR A 93 13.53 6.00 -10.44
C THR A 93 13.43 7.50 -10.18
N ASP A 94 12.32 7.92 -9.59
CA ASP A 94 12.10 9.33 -9.29
C ASP A 94 12.92 9.74 -8.08
N VAL A 95 13.79 10.74 -8.28
CA VAL A 95 14.67 11.21 -7.21
C VAL A 95 13.90 12.06 -6.19
N ALA A 96 12.75 12.58 -6.61
CA ALA A 96 11.93 13.39 -5.71
C ALA A 96 11.09 12.52 -4.78
N SER A 97 10.87 11.27 -5.18
CA SER A 97 10.02 10.37 -4.41
C SER A 97 10.84 9.48 -3.48
N ARG A 98 12.12 9.28 -3.82
CA ARG A 98 12.99 8.42 -3.00
C ARG A 98 13.19 8.92 -1.55
N PRO A 99 13.23 10.25 -1.27
CA PRO A 99 13.38 10.74 0.12
C PRO A 99 12.21 10.33 1.01
N TYR A 100 11.10 9.97 0.37
CA TYR A 100 9.90 9.60 1.07
C TYR A 100 9.71 8.09 1.09
N ALA A 101 10.60 7.37 0.42
CA ALA A 101 10.53 5.92 0.30
C ALA A 101 10.43 5.24 1.66
N ASN A 102 9.69 4.14 1.73
CA ASN A 102 9.49 3.43 2.99
C ASN A 102 9.31 1.93 2.76
N VAL A 103 8.98 1.54 1.52
CA VAL A 103 8.85 0.13 1.15
C VAL A 103 9.49 -0.12 -0.21
N ASP A 104 9.79 -1.38 -0.50
CA ASP A 104 10.47 -1.78 -1.74
C ASP A 104 9.93 -1.03 -2.96
N ALA A 105 8.70 -1.33 -3.35
CA ALA A 105 8.12 -0.75 -4.54
C ALA A 105 6.61 -0.95 -4.59
N LYS A 106 6.01 -0.53 -5.70
CA LYS A 106 4.60 -0.76 -5.94
C LYS A 106 4.41 -2.11 -6.64
N PRO A 107 3.40 -2.88 -6.25
CA PRO A 107 3.11 -4.16 -6.86
C PRO A 107 2.23 -4.03 -8.10
N ALA A 108 2.12 -5.10 -8.87
CA ALA A 108 1.27 -5.09 -10.06
C ALA A 108 -0.19 -5.07 -9.64
N GLU A 109 -0.92 -4.06 -10.10
CA GLU A 109 -2.29 -3.82 -9.66
C GLU A 109 -2.29 -3.52 -8.17
N SER A 110 -2.99 -4.31 -7.39
CA SER A 110 -2.92 -4.19 -5.94
C SER A 110 -2.24 -5.42 -5.35
N ALA A 111 -2.12 -6.47 -6.17
CA ALA A 111 -1.36 -7.69 -5.86
C ALA A 111 -2.06 -8.58 -4.83
N ALA A 112 -1.30 -9.58 -4.35
CA ALA A 112 -1.82 -10.54 -3.39
C ALA A 112 -1.81 -9.95 -1.98
N ILE A 113 -2.85 -10.27 -1.22
CA ILE A 113 -3.00 -9.69 0.09
C ILE A 113 -3.04 -10.79 1.15
N THR A 114 -2.47 -10.52 2.31
CA THR A 114 -2.54 -11.45 3.43
C THR A 114 -3.36 -10.82 4.55
N ILE A 115 -4.64 -11.18 4.60
CA ILE A 115 -5.58 -10.54 5.51
C ILE A 115 -5.50 -11.11 6.93
N LEU A 116 -5.30 -10.22 7.88
CA LEU A 116 -5.39 -10.58 9.29
C LEU A 116 -6.42 -9.69 9.96
N ASN A 117 -6.86 -10.12 11.14
CA ASN A 117 -7.72 -9.27 11.96
C ASN A 117 -6.83 -8.52 12.94
N LYS A 118 -5.58 -9.00 13.05
CA LYS A 118 -4.52 -8.37 13.85
C LYS A 118 -4.91 -8.29 15.33
N GLY A 4 3.17 -24.47 -7.68
CA GLY A 4 3.07 -23.13 -8.31
C GLY A 4 2.68 -22.06 -7.31
N SER A 5 2.08 -20.99 -7.79
CA SER A 5 1.62 -19.92 -6.91
C SER A 5 0.21 -20.25 -6.41
N THR A 6 -0.15 -19.70 -5.27
CA THR A 6 -1.45 -19.96 -4.68
C THR A 6 -2.52 -19.05 -5.29
N GLU A 7 -3.76 -19.45 -5.15
CA GLU A 7 -4.88 -18.64 -5.58
C GLU A 7 -5.46 -17.87 -4.39
N SER A 8 -4.64 -17.01 -3.83
CA SER A 8 -4.98 -16.26 -2.65
C SER A 8 -5.88 -15.09 -3.00
N LEU A 9 -5.87 -14.08 -2.15
CA LEU A 9 -6.69 -12.90 -2.33
C LEU A 9 -5.91 -11.84 -3.08
N THR A 10 -6.48 -11.27 -4.13
CA THR A 10 -5.74 -10.31 -4.94
C THR A 10 -6.54 -9.01 -5.11
N VAL A 11 -5.97 -8.05 -5.83
CA VAL A 11 -6.63 -6.75 -6.04
C VAL A 11 -6.27 -6.19 -7.43
N SER A 12 -7.27 -5.63 -8.10
CA SER A 12 -7.08 -5.02 -9.41
C SER A 12 -7.84 -3.71 -9.52
N GLY A 13 -7.52 -2.92 -10.54
CA GLY A 13 -8.31 -1.73 -10.81
C GLY A 13 -7.55 -0.43 -10.64
N GLN A 14 -7.89 0.30 -9.59
CA GLN A 14 -7.35 1.64 -9.37
C GLN A 14 -5.83 1.65 -9.19
N PRO A 15 -5.20 2.81 -9.50
CA PRO A 15 -3.75 3.01 -9.35
C PRO A 15 -3.29 2.91 -7.90
N GLU A 16 -1.99 2.99 -7.69
CA GLU A 16 -1.43 2.84 -6.36
C GLU A 16 -1.28 4.18 -5.68
N HIS A 17 -0.71 4.17 -4.48
CA HIS A 17 -0.82 5.34 -3.63
C HIS A 17 0.53 5.99 -3.39
N LYS A 18 0.51 7.32 -3.32
CA LYS A 18 1.72 8.10 -3.18
C LYS A 18 1.61 9.03 -1.97
N VAL A 19 2.70 9.75 -1.69
CA VAL A 19 2.78 10.64 -0.52
C VAL A 19 1.56 11.58 -0.44
N GLU A 20 1.26 12.05 0.77
CA GLU A 20 0.13 12.94 1.00
C GLU A 20 0.28 14.27 0.24
N ALA A 21 -0.78 15.08 0.29
CA ALA A 21 -0.81 16.35 -0.42
C ALA A 21 0.47 17.15 -0.25
N LYS A 22 0.79 17.48 0.99
CA LYS A 22 2.04 18.19 1.28
C LYS A 22 2.96 17.33 2.13
N ASP A 23 4.21 17.23 1.69
CA ASP A 23 5.20 16.42 2.38
C ASP A 23 5.88 17.21 3.50
N SER A 24 7.02 16.71 3.98
CA SER A 24 7.72 17.32 5.10
C SER A 24 8.22 18.72 4.76
N ASN A 25 8.52 18.96 3.49
CA ASN A 25 9.04 20.26 3.05
C ASN A 25 7.91 21.17 2.60
N GLY A 26 6.69 20.64 2.62
CA GLY A 26 5.54 21.42 2.22
C GLY A 26 5.34 21.44 0.72
N MET A 27 5.82 20.41 0.05
CA MET A 27 5.68 20.32 -1.40
C MET A 27 4.54 19.38 -1.76
N PRO A 28 3.86 19.62 -2.90
CA PRO A 28 2.70 18.84 -3.31
C PRO A 28 3.07 17.51 -3.96
N VAL A 29 2.46 16.44 -3.47
CA VAL A 29 2.63 15.11 -4.04
C VAL A 29 1.26 14.57 -4.45
N ASP A 30 1.24 13.59 -5.34
CA ASP A 30 -0.02 12.99 -5.80
C ASP A 30 -0.61 12.14 -4.68
N ASN A 31 -1.42 12.76 -3.84
CA ASN A 31 -2.06 12.07 -2.72
C ASN A 31 -3.22 11.24 -3.23
N ARG A 32 -2.95 10.00 -3.58
CA ARG A 32 -3.96 9.13 -4.17
C ARG A 32 -4.91 8.59 -3.10
N GLN A 33 -4.61 7.37 -2.61
CA GLN A 33 -5.45 6.69 -1.62
C GLN A 33 -6.87 6.45 -2.16
N GLY A 34 -7.70 5.81 -1.37
CA GLY A 34 -9.08 5.63 -1.79
C GLY A 34 -9.49 4.18 -1.93
N THR A 35 -10.47 3.95 -2.79
CA THR A 35 -11.08 2.63 -2.92
C THR A 35 -10.44 1.82 -4.05
N ILE A 36 -10.43 0.51 -3.85
CA ILE A 36 -9.90 -0.43 -4.84
C ILE A 36 -10.91 -1.56 -5.09
N THR A 37 -10.75 -2.25 -6.22
CA THR A 37 -11.57 -3.43 -6.51
C THR A 37 -10.83 -4.68 -6.06
N VAL A 38 -11.26 -5.29 -4.97
CA VAL A 38 -10.54 -6.40 -4.43
C VAL A 38 -11.08 -7.73 -4.94
N SER A 39 -10.14 -8.62 -5.20
CA SER A 39 -10.41 -10.02 -5.48
C SER A 39 -10.35 -10.82 -4.20
N ALA A 40 -10.25 -10.11 -3.07
CA ALA A 40 -10.13 -10.74 -1.76
C ALA A 40 -11.50 -11.17 -1.27
N SER A 41 -11.54 -11.99 -0.23
CA SER A 41 -12.80 -12.53 0.25
C SER A 41 -13.02 -12.25 1.74
N GLY A 42 -13.95 -11.34 2.03
CA GLY A 42 -14.34 -11.10 3.41
C GLY A 42 -13.56 -9.98 4.07
N LEU A 43 -13.49 -8.84 3.40
CA LEU A 43 -12.77 -7.69 3.95
C LEU A 43 -13.69 -6.88 4.85
N GLN A 44 -13.13 -6.35 5.92
CA GLN A 44 -13.87 -5.51 6.85
C GLN A 44 -13.09 -4.24 7.13
N VAL A 45 -13.72 -3.27 7.76
CA VAL A 45 -13.04 -2.03 8.11
C VAL A 45 -12.18 -2.23 9.36
N GLY A 46 -10.92 -1.86 9.27
CA GLY A 46 -10.05 -1.96 10.42
C GLY A 46 -9.11 -3.14 10.34
N ASP A 47 -9.08 -3.81 9.20
CA ASP A 47 -8.16 -4.92 8.99
C ASP A 47 -6.75 -4.41 8.74
N ALA A 48 -5.79 -5.29 8.92
CA ALA A 48 -4.39 -4.96 8.68
C ALA A 48 -3.79 -6.07 7.85
N PHE A 49 -3.08 -5.74 6.78
CA PHE A 49 -2.62 -6.77 5.87
C PHE A 49 -1.35 -6.36 5.16
N THR A 50 -0.74 -7.32 4.48
CA THR A 50 0.46 -7.05 3.71
C THR A 50 0.18 -7.40 2.25
N ILE A 51 1.02 -6.92 1.34
CA ILE A 51 0.81 -7.17 -0.07
C ILE A 51 2.03 -7.82 -0.72
N ALA A 52 1.79 -8.77 -1.61
CA ALA A 52 2.87 -9.48 -2.31
C ALA A 52 3.68 -8.52 -3.17
N GLY A 53 4.94 -8.33 -2.79
CA GLY A 53 5.81 -7.41 -3.50
C GLY A 53 5.99 -6.12 -2.74
N VAL A 54 5.05 -5.82 -1.86
CA VAL A 54 5.13 -4.60 -1.05
C VAL A 54 5.62 -4.92 0.35
N ASN A 55 6.88 -4.60 0.61
CA ASN A 55 7.47 -4.82 1.92
C ASN A 55 7.99 -3.52 2.50
N SER A 56 8.11 -3.45 3.80
CA SER A 56 8.52 -2.20 4.46
C SER A 56 10.00 -1.91 4.24
N VAL A 57 10.44 -0.74 4.69
CA VAL A 57 11.81 -0.32 4.55
C VAL A 57 12.50 -0.26 5.89
N HIS A 58 13.76 0.15 5.86
CA HIS A 58 14.63 0.15 7.04
C HIS A 58 13.99 0.92 8.18
N GLN A 59 13.28 0.21 9.05
CA GLN A 59 12.56 0.84 10.14
C GLN A 59 13.51 1.12 11.30
N ILE A 60 14.55 0.30 11.41
CA ILE A 60 15.52 0.45 12.49
C ILE A 60 16.55 1.53 12.12
N THR A 61 17.75 1.12 11.74
CA THR A 61 18.80 2.05 11.36
C THR A 61 19.39 1.68 10.01
N LYS A 62 18.64 1.97 8.94
CA LYS A 62 19.02 1.56 7.58
C LYS A 62 19.26 0.05 7.52
N ASP A 63 18.51 -0.66 8.36
CA ASP A 63 18.66 -2.11 8.48
C ASP A 63 17.79 -2.82 7.45
N THR A 64 18.35 -3.86 6.84
CA THR A 64 17.65 -4.61 5.82
C THR A 64 16.98 -5.83 6.44
N THR A 65 15.67 -5.89 6.30
CA THR A 65 14.90 -6.91 6.98
C THR A 65 13.98 -7.65 6.03
N GLY A 66 13.30 -6.90 5.17
CA GLY A 66 12.37 -7.50 4.24
C GLY A 66 11.05 -7.84 4.89
N GLN A 67 10.70 -7.09 5.92
CA GLN A 67 9.45 -7.31 6.63
C GLN A 67 8.27 -6.77 5.83
N PRO A 68 7.19 -7.55 5.72
CA PRO A 68 6.01 -7.15 4.93
C PRO A 68 5.32 -5.91 5.50
N GLN A 69 4.99 -4.96 4.63
CA GLN A 69 4.35 -3.71 5.05
C GLN A 69 2.88 -3.95 5.36
N VAL A 70 2.46 -3.50 6.53
CA VAL A 70 1.08 -3.68 6.96
C VAL A 70 0.24 -2.43 6.67
N PHE A 71 -0.97 -2.65 6.18
CA PHE A 71 -1.88 -1.57 5.82
C PHE A 71 -3.10 -1.61 6.71
N ARG A 72 -3.92 -0.57 6.65
CA ARG A 72 -5.11 -0.51 7.49
C ARG A 72 -6.31 -0.14 6.63
N VAL A 73 -7.45 -0.74 6.95
CA VAL A 73 -8.68 -0.47 6.22
C VAL A 73 -9.48 0.65 6.89
N LEU A 74 -9.90 1.63 6.12
CA LEU A 74 -10.64 2.77 6.66
C LEU A 74 -12.12 2.69 6.31
N ALA A 75 -12.45 1.99 5.23
CA ALA A 75 -13.84 1.84 4.82
C ALA A 75 -14.00 0.69 3.82
N VAL A 76 -15.12 -0.01 3.89
CA VAL A 76 -15.42 -1.06 2.93
C VAL A 76 -16.87 -0.92 2.47
N SER A 77 -17.08 -1.11 1.18
CA SER A 77 -18.41 -1.06 0.60
C SER A 77 -18.53 -2.17 -0.43
N GLY A 78 -18.92 -3.35 0.03
CA GLY A 78 -18.85 -4.52 -0.81
C GLY A 78 -17.41 -4.96 -0.99
N THR A 79 -16.98 -5.14 -2.22
CA THR A 79 -15.57 -5.41 -2.47
C THR A 79 -14.89 -4.16 -2.98
N THR A 80 -15.39 -3.01 -2.56
CA THR A 80 -14.76 -1.74 -2.85
C THR A 80 -14.21 -1.15 -1.55
N VAL A 81 -12.90 -1.21 -1.38
CA VAL A 81 -12.30 -0.91 -0.09
C VAL A 81 -11.43 0.34 -0.13
N THR A 82 -11.67 1.24 0.83
CA THR A 82 -10.84 2.42 1.01
C THR A 82 -9.62 2.05 1.86
N ILE A 83 -8.44 2.10 1.26
CA ILE A 83 -7.24 1.66 1.95
C ILE A 83 -6.25 2.78 2.18
N SER A 84 -5.41 2.54 3.18
CA SER A 84 -4.29 3.40 3.56
C SER A 84 -3.34 2.53 4.38
N PRO A 85 -2.07 2.92 4.57
CA PRO A 85 -1.48 4.17 4.08
C PRO A 85 -1.09 4.10 2.60
N LYS A 86 0.11 4.56 2.27
CA LYS A 86 0.56 4.61 0.88
C LYS A 86 1.71 3.66 0.61
N ILE A 87 1.86 3.29 -0.66
CA ILE A 87 2.93 2.39 -1.09
C ILE A 87 4.00 3.20 -1.81
N LEU A 88 5.07 3.54 -1.10
CA LEU A 88 6.12 4.40 -1.65
C LEU A 88 7.38 3.61 -1.95
N PRO A 89 7.58 3.25 -3.23
CA PRO A 89 8.68 2.38 -3.67
C PRO A 89 10.07 2.97 -3.52
N VAL A 90 11.00 2.13 -3.05
CA VAL A 90 12.42 2.46 -3.09
C VAL A 90 12.93 2.27 -4.52
N GLU A 91 12.29 1.34 -5.23
CA GLU A 91 12.64 1.04 -6.61
C GLU A 91 12.06 2.08 -7.60
N ASN A 92 11.90 3.31 -7.12
CA ASN A 92 11.49 4.46 -7.93
C ASN A 92 10.02 4.40 -8.37
N THR A 93 9.49 5.58 -8.62
CA THR A 93 8.17 5.80 -9.19
C THR A 93 8.06 7.26 -9.58
N ASP A 94 8.54 8.11 -8.68
CA ASP A 94 8.60 9.54 -8.90
C ASP A 94 9.84 10.09 -8.19
N VAL A 95 10.20 11.33 -8.48
CA VAL A 95 11.33 11.97 -7.84
C VAL A 95 11.14 12.06 -6.32
N ALA A 96 9.90 12.32 -5.89
CA ALA A 96 9.59 12.43 -4.47
C ALA A 96 9.47 11.06 -3.80
N SER A 97 9.32 10.02 -4.60
CA SER A 97 9.13 8.66 -4.09
C SER A 97 10.43 8.11 -3.48
N ARG A 98 11.57 8.63 -3.95
CA ARG A 98 12.86 8.15 -3.46
C ARG A 98 13.13 8.56 -2.01
N PRO A 99 13.11 9.88 -1.67
CA PRO A 99 13.42 10.34 -0.32
C PRO A 99 12.41 9.85 0.72
N TYR A 100 11.16 9.76 0.31
CA TYR A 100 10.11 9.32 1.22
C TYR A 100 9.78 7.84 1.01
N ALA A 101 10.78 7.06 0.62
CA ALA A 101 10.62 5.63 0.39
C ALA A 101 10.05 4.95 1.64
N ASN A 102 8.96 4.20 1.44
CA ASN A 102 8.28 3.56 2.56
C ASN A 102 8.24 2.05 2.39
N VAL A 103 8.25 1.59 1.15
CA VAL A 103 8.23 0.17 0.85
C VAL A 103 9.24 -0.17 -0.24
N ASP A 104 9.48 -1.47 -0.44
CA ASP A 104 10.39 -1.94 -1.49
C ASP A 104 9.98 -1.35 -2.84
N ALA A 105 8.76 -1.66 -3.25
CA ALA A 105 8.21 -1.19 -4.51
C ALA A 105 6.73 -1.54 -4.60
N LYS A 106 6.07 -1.01 -5.62
CA LYS A 106 4.70 -1.40 -5.91
C LYS A 106 4.63 -2.18 -7.21
N PRO A 107 4.19 -3.44 -7.13
CA PRO A 107 4.11 -4.34 -8.29
C PRO A 107 2.98 -3.96 -9.24
N ALA A 108 2.96 -4.56 -10.43
CA ALA A 108 1.89 -4.30 -11.38
C ALA A 108 0.55 -4.75 -10.79
N GLU A 109 -0.38 -3.80 -10.71
CA GLU A 109 -1.66 -4.00 -10.01
C GLU A 109 -1.43 -4.14 -8.51
N SER A 110 -2.49 -4.03 -7.72
CA SER A 110 -2.36 -4.06 -6.27
C SER A 110 -1.90 -5.43 -5.77
N ALA A 111 -1.99 -6.44 -6.64
CA ALA A 111 -1.41 -7.78 -6.39
C ALA A 111 -2.13 -8.52 -5.28
N ALA A 112 -1.45 -9.55 -4.76
CA ALA A 112 -2.02 -10.42 -3.74
C ALA A 112 -1.85 -9.81 -2.36
N ILE A 113 -2.78 -10.13 -1.47
CA ILE A 113 -2.76 -9.60 -0.12
C ILE A 113 -2.74 -10.71 0.92
N THR A 114 -2.04 -10.47 2.01
CA THR A 114 -2.00 -11.40 3.14
C THR A 114 -2.75 -10.77 4.32
N ILE A 115 -3.93 -11.29 4.60
CA ILE A 115 -4.82 -10.64 5.56
C ILE A 115 -4.52 -11.02 7.01
N LEU A 116 -4.23 -10.00 7.81
CA LEU A 116 -4.09 -10.17 9.26
C LEU A 116 -5.24 -9.47 9.97
N ASN A 117 -5.10 -9.33 11.28
CA ASN A 117 -6.10 -8.62 12.07
C ASN A 117 -5.48 -7.39 12.72
N LYS A 118 -4.14 -7.33 12.74
CA LYS A 118 -3.45 -6.21 13.39
C LYS A 118 -1.96 -6.23 13.06
N GLY A 4 1.86 -16.87 -0.22
CA GLY A 4 1.28 -15.83 -1.10
C GLY A 4 0.19 -15.05 -0.39
N SER A 5 -0.83 -15.75 0.07
CA SER A 5 -1.95 -15.11 0.76
C SER A 5 -2.56 -16.09 1.75
N THR A 6 -3.82 -15.87 2.10
CA THR A 6 -4.55 -16.80 2.94
C THR A 6 -5.15 -17.92 2.09
N GLU A 7 -6.33 -17.67 1.55
CA GLU A 7 -6.98 -18.63 0.66
C GLU A 7 -7.07 -18.08 -0.76
N SER A 8 -5.91 -17.84 -1.36
CA SER A 8 -5.83 -17.33 -2.73
C SER A 8 -6.61 -16.04 -2.91
N LEU A 9 -6.42 -15.09 -1.99
CA LEU A 9 -7.09 -13.81 -2.09
C LEU A 9 -6.23 -12.85 -2.90
N THR A 10 -6.79 -12.27 -3.95
CA THR A 10 -6.03 -11.33 -4.75
C THR A 10 -6.76 -10.00 -4.83
N VAL A 11 -6.13 -9.02 -5.46
CA VAL A 11 -6.71 -7.68 -5.56
C VAL A 11 -6.28 -6.99 -6.86
N SER A 12 -7.20 -6.26 -7.46
CA SER A 12 -6.91 -5.45 -8.63
C SER A 12 -6.52 -4.05 -8.20
N GLY A 13 -5.40 -3.57 -8.69
CA GLY A 13 -4.91 -2.28 -8.28
C GLY A 13 -5.48 -1.12 -9.07
N GLN A 14 -6.19 -0.24 -8.38
CA GLN A 14 -6.61 1.02 -8.97
C GLN A 14 -5.43 1.99 -8.92
N PRO A 15 -5.59 3.25 -9.44
CA PRO A 15 -4.50 4.24 -9.51
C PRO A 15 -3.50 4.14 -8.36
N GLU A 16 -2.23 4.05 -8.73
CA GLU A 16 -1.18 3.86 -7.75
C GLU A 16 -0.57 5.19 -7.36
N HIS A 17 0.42 5.15 -6.48
CA HIS A 17 0.87 6.36 -5.83
C HIS A 17 2.37 6.50 -5.77
N LYS A 18 2.77 7.74 -5.92
CA LYS A 18 4.16 8.18 -5.92
C LYS A 18 4.17 9.67 -5.54
N VAL A 19 4.96 10.03 -4.54
CA VAL A 19 4.93 11.40 -4.06
C VAL A 19 5.72 12.32 -4.98
N GLU A 20 5.00 13.20 -5.66
CA GLU A 20 5.61 14.13 -6.59
C GLU A 20 5.35 15.57 -6.16
N ALA A 21 6.00 16.52 -6.82
CA ALA A 21 5.83 17.92 -6.49
C ALA A 21 4.56 18.48 -7.10
N LYS A 22 4.47 18.42 -8.42
CA LYS A 22 3.29 18.89 -9.13
C LYS A 22 2.94 17.91 -10.24
N ASP A 23 1.69 17.95 -10.68
CA ASP A 23 1.25 17.09 -11.77
C ASP A 23 1.29 17.88 -13.09
N SER A 24 0.54 17.41 -14.07
CA SER A 24 0.45 18.09 -15.35
C SER A 24 -0.26 19.44 -15.21
N ASN A 25 -1.14 19.54 -14.21
CA ASN A 25 -1.87 20.79 -13.97
C ASN A 25 -1.01 21.74 -13.12
N GLY A 26 0.02 21.19 -12.50
CA GLY A 26 0.98 22.02 -11.78
C GLY A 26 0.56 22.32 -10.36
N MET A 27 -0.24 21.45 -9.77
CA MET A 27 -0.66 21.62 -8.38
C MET A 27 0.07 20.62 -7.49
N PRO A 28 0.19 20.91 -6.18
CA PRO A 28 0.82 19.99 -5.23
C PRO A 28 0.03 18.69 -5.12
N VAL A 29 0.69 17.58 -5.43
CA VAL A 29 -0.02 16.30 -5.50
C VAL A 29 0.18 15.48 -4.22
N ASP A 30 -0.90 15.33 -3.46
CA ASP A 30 -0.90 14.42 -2.33
C ASP A 30 -1.61 13.14 -2.76
N ASN A 31 -0.92 12.03 -2.62
CA ASN A 31 -1.42 10.75 -3.10
C ASN A 31 -2.52 10.19 -2.20
N ARG A 32 -2.67 10.76 -1.00
CA ARG A 32 -3.72 10.36 -0.07
C ARG A 32 -3.60 8.86 0.25
N GLN A 33 -4.68 8.10 0.09
CA GLN A 33 -4.64 6.67 0.34
C GLN A 33 -4.90 5.91 -0.96
N GLY A 34 -4.83 4.59 -0.89
CA GLY A 34 -5.11 3.79 -2.05
C GLY A 34 -6.44 3.10 -1.97
N THR A 35 -7.31 3.36 -2.94
CA THR A 35 -8.59 2.71 -3.00
C THR A 35 -8.57 1.67 -4.11
N ILE A 36 -8.74 0.41 -3.76
CA ILE A 36 -8.59 -0.67 -4.72
C ILE A 36 -9.80 -1.59 -4.79
N THR A 37 -9.86 -2.40 -5.84
CA THR A 37 -10.94 -3.35 -6.02
C THR A 37 -10.43 -4.76 -5.72
N VAL A 38 -10.98 -5.41 -4.71
CA VAL A 38 -10.40 -6.66 -4.28
C VAL A 38 -11.00 -7.87 -4.99
N SER A 39 -10.13 -8.84 -5.26
CA SER A 39 -10.53 -10.16 -5.71
C SER A 39 -10.68 -11.07 -4.50
N ALA A 40 -10.63 -10.45 -3.31
CA ALA A 40 -10.69 -11.17 -2.06
C ALA A 40 -12.10 -11.07 -1.48
N SER A 41 -12.39 -11.86 -0.47
CA SER A 41 -13.72 -11.86 0.13
C SER A 41 -13.66 -11.78 1.65
N GLY A 42 -14.79 -11.42 2.25
CA GLY A 42 -14.89 -11.37 3.70
C GLY A 42 -13.99 -10.33 4.32
N LEU A 43 -14.04 -9.11 3.81
CA LEU A 43 -13.21 -8.04 4.35
C LEU A 43 -14.03 -7.14 5.26
N GLN A 44 -13.34 -6.40 6.12
CA GLN A 44 -13.99 -5.48 7.05
C GLN A 44 -13.13 -4.24 7.23
N VAL A 45 -13.72 -3.19 7.79
CA VAL A 45 -12.95 -2.01 8.12
C VAL A 45 -12.20 -2.25 9.42
N GLY A 46 -10.92 -1.89 9.45
CA GLY A 46 -10.15 -2.05 10.66
C GLY A 46 -9.35 -3.34 10.67
N ASP A 47 -9.20 -3.96 9.50
CA ASP A 47 -8.37 -5.14 9.39
C ASP A 47 -6.93 -4.75 9.10
N ALA A 48 -6.03 -5.71 9.26
CA ALA A 48 -4.61 -5.50 9.03
C ALA A 48 -4.06 -6.68 8.25
N PHE A 49 -3.45 -6.40 7.11
CA PHE A 49 -3.03 -7.47 6.23
C PHE A 49 -1.69 -7.17 5.58
N THR A 50 -1.18 -8.14 4.84
CA THR A 50 0.06 -7.97 4.10
C THR A 50 -0.20 -8.13 2.61
N ILE A 51 0.63 -7.52 1.78
CA ILE A 51 0.44 -7.56 0.33
C ILE A 51 1.70 -8.11 -0.35
N ALA A 52 1.50 -8.92 -1.39
CA ALA A 52 2.60 -9.47 -2.15
C ALA A 52 3.20 -8.43 -3.09
N GLY A 53 4.50 -8.22 -2.99
CA GLY A 53 5.16 -7.23 -3.82
C GLY A 53 5.33 -5.91 -3.09
N VAL A 54 4.51 -5.70 -2.08
CA VAL A 54 4.60 -4.49 -1.26
C VAL A 54 5.33 -4.81 0.04
N ASN A 55 6.58 -4.40 0.11
CA ASN A 55 7.39 -4.65 1.29
C ASN A 55 7.87 -3.33 1.86
N SER A 56 7.81 -3.21 3.17
CA SER A 56 8.15 -1.95 3.83
C SER A 56 9.66 -1.69 3.81
N VAL A 57 10.05 -0.52 4.29
CA VAL A 57 11.45 -0.14 4.31
C VAL A 57 11.97 -0.12 5.73
N HIS A 58 13.26 0.19 5.88
CA HIS A 58 13.96 0.22 7.16
C HIS A 58 13.11 0.74 8.33
N GLN A 59 12.41 -0.17 8.98
CA GLN A 59 11.53 0.18 10.08
C GLN A 59 12.29 0.26 11.40
N ILE A 60 13.26 -0.63 11.57
CA ILE A 60 13.95 -0.76 12.85
C ILE A 60 15.03 0.32 13.00
N THR A 61 16.22 0.07 12.47
CA THR A 61 17.35 0.96 12.65
C THR A 61 17.98 1.37 11.32
N LYS A 62 17.14 1.72 10.36
CA LYS A 62 17.59 2.06 9.01
C LYS A 62 18.37 0.86 8.47
N ASP A 63 17.80 -0.32 8.65
CA ASP A 63 18.45 -1.57 8.29
C ASP A 63 17.84 -2.15 7.01
N THR A 64 18.08 -3.43 6.78
CA THR A 64 17.54 -4.11 5.61
C THR A 64 16.40 -5.02 6.03
N THR A 65 15.24 -4.83 5.42
CA THR A 65 14.06 -5.56 5.84
C THR A 65 13.41 -6.27 4.66
N GLY A 66 12.71 -5.51 3.81
CA GLY A 66 12.04 -6.09 2.67
C GLY A 66 10.90 -7.00 3.08
N GLN A 67 10.27 -6.68 4.21
CA GLN A 67 9.17 -7.48 4.75
C GLN A 67 7.84 -6.79 4.53
N PRO A 68 6.77 -7.56 4.27
CA PRO A 68 5.43 -7.01 4.02
C PRO A 68 4.96 -6.10 5.16
N GLN A 69 4.35 -4.99 4.78
CA GLN A 69 3.92 -4.01 5.77
C GLN A 69 2.51 -4.31 6.27
N VAL A 70 2.20 -3.84 7.46
CA VAL A 70 0.89 -4.02 8.05
C VAL A 70 -0.04 -2.87 7.66
N PHE A 71 -1.06 -3.18 6.88
CA PHE A 71 -1.98 -2.17 6.39
C PHE A 71 -3.26 -2.18 7.22
N ARG A 72 -3.69 -1.01 7.65
CA ARG A 72 -4.92 -0.89 8.42
C ARG A 72 -6.01 -0.26 7.56
N VAL A 73 -7.08 -1.00 7.39
CA VAL A 73 -8.20 -0.61 6.54
C VAL A 73 -8.98 0.60 7.09
N LEU A 74 -9.38 1.51 6.19
CA LEU A 74 -10.20 2.65 6.56
C LEU A 74 -11.65 2.44 6.11
N ALA A 75 -11.84 1.71 5.02
CA ALA A 75 -13.18 1.52 4.46
C ALA A 75 -13.23 0.29 3.56
N VAL A 76 -14.36 -0.40 3.57
CA VAL A 76 -14.59 -1.53 2.68
C VAL A 76 -16.02 -1.47 2.16
N SER A 77 -16.18 -1.00 0.93
CA SER A 77 -17.50 -0.79 0.36
C SER A 77 -17.54 -1.23 -1.11
N GLY A 78 -18.30 -2.29 -1.39
CA GLY A 78 -18.38 -2.80 -2.74
C GLY A 78 -17.04 -3.31 -3.24
N THR A 79 -16.39 -4.13 -2.41
CA THR A 79 -15.03 -4.64 -2.65
C THR A 79 -14.05 -3.51 -2.99
N THR A 80 -14.36 -2.30 -2.54
CA THR A 80 -13.47 -1.17 -2.73
C THR A 80 -12.92 -0.74 -1.38
N VAL A 81 -11.63 -0.96 -1.17
CA VAL A 81 -11.03 -0.74 0.12
C VAL A 81 -10.09 0.46 0.11
N THR A 82 -10.27 1.35 1.08
CA THR A 82 -9.35 2.46 1.28
C THR A 82 -8.29 2.02 2.29
N ILE A 83 -7.04 1.97 1.85
CA ILE A 83 -6.00 1.39 2.68
C ILE A 83 -4.97 2.42 3.13
N SER A 84 -4.51 2.24 4.35
CA SER A 84 -3.38 2.97 4.89
C SER A 84 -2.53 1.98 5.66
N PRO A 85 -1.20 2.06 5.63
CA PRO A 85 -0.45 3.09 4.89
C PRO A 85 -0.60 2.96 3.37
N LYS A 86 0.05 3.84 2.65
CA LYS A 86 -0.04 3.81 1.19
C LYS A 86 1.29 3.43 0.56
N ILE A 87 1.20 2.73 -0.57
CA ILE A 87 2.37 2.20 -1.25
C ILE A 87 3.15 3.33 -1.94
N LEU A 88 4.29 3.68 -1.37
CA LEU A 88 5.15 4.71 -1.94
C LEU A 88 6.55 4.16 -2.16
N PRO A 89 6.94 3.93 -3.42
CA PRO A 89 8.18 3.21 -3.77
C PRO A 89 9.46 4.02 -3.53
N VAL A 90 10.45 3.34 -2.96
CA VAL A 90 11.79 3.90 -2.83
C VAL A 90 12.63 3.53 -4.05
N GLU A 91 12.24 2.44 -4.72
CA GLU A 91 12.96 1.97 -5.91
C GLU A 91 12.56 2.77 -7.15
N ASN A 92 11.78 3.82 -6.94
CA ASN A 92 11.36 4.68 -8.04
C ASN A 92 12.54 5.54 -8.49
N THR A 93 12.71 5.68 -9.80
CA THR A 93 13.86 6.39 -10.33
C THR A 93 13.91 7.85 -9.87
N ASP A 94 12.74 8.46 -9.74
CA ASP A 94 12.65 9.86 -9.30
C ASP A 94 13.22 10.03 -7.90
N VAL A 95 14.15 10.97 -7.77
CA VAL A 95 14.84 11.22 -6.51
C VAL A 95 13.91 11.84 -5.48
N ALA A 96 12.91 12.58 -5.96
CA ALA A 96 11.95 13.23 -5.07
C ALA A 96 11.00 12.24 -4.41
N SER A 97 10.91 11.04 -4.98
CA SER A 97 9.99 10.03 -4.46
C SER A 97 10.54 9.38 -3.19
N ARG A 98 11.84 9.10 -3.16
CA ARG A 98 12.48 8.41 -2.04
C ARG A 98 12.23 9.08 -0.67
N PRO A 99 12.51 10.40 -0.51
CA PRO A 99 12.36 11.09 0.78
C PRO A 99 10.95 10.97 1.36
N TYR A 100 9.97 10.74 0.50
CA TYR A 100 8.58 10.67 0.92
C TYR A 100 8.03 9.27 0.69
N ALA A 101 8.92 8.33 0.40
CA ALA A 101 8.52 6.95 0.13
C ALA A 101 8.20 6.20 1.42
N ASN A 102 7.47 5.10 1.27
CA ASN A 102 7.00 4.33 2.42
C ASN A 102 7.48 2.89 2.34
N VAL A 103 7.38 2.30 1.15
CA VAL A 103 7.77 0.92 0.95
C VAL A 103 8.78 0.81 -0.18
N ASP A 104 9.23 -0.42 -0.45
CA ASP A 104 10.22 -0.66 -1.50
C ASP A 104 9.71 -0.26 -2.87
N ALA A 105 8.62 -0.87 -3.31
CA ALA A 105 8.14 -0.65 -4.66
C ALA A 105 6.63 -0.82 -4.79
N LYS A 106 6.13 -0.47 -5.96
CA LYS A 106 4.76 -0.74 -6.34
C LYS A 106 4.69 -1.99 -7.23
N PRO A 107 3.87 -2.96 -6.85
CA PRO A 107 3.70 -4.21 -7.59
C PRO A 107 2.68 -4.07 -8.71
N ALA A 108 2.63 -5.06 -9.60
CA ALA A 108 1.60 -5.09 -10.63
C ALA A 108 0.25 -5.37 -9.99
N GLU A 109 -0.71 -4.46 -10.20
CA GLU A 109 -2.00 -4.52 -9.53
C GLU A 109 -1.79 -4.50 -8.02
N SER A 110 -2.57 -5.28 -7.28
CA SER A 110 -2.38 -5.37 -5.84
C SER A 110 -1.89 -6.74 -5.43
N ALA A 111 -2.00 -7.71 -6.36
CA ALA A 111 -1.48 -9.06 -6.15
C ALA A 111 -2.23 -9.82 -5.07
N ALA A 112 -1.55 -10.73 -4.41
CA ALA A 112 -2.14 -11.56 -3.36
C ALA A 112 -2.02 -10.89 -2.00
N ILE A 113 -3.15 -10.77 -1.31
CA ILE A 113 -3.17 -10.16 0.01
C ILE A 113 -3.46 -11.19 1.09
N THR A 114 -2.78 -11.08 2.22
CA THR A 114 -2.96 -12.03 3.31
C THR A 114 -3.80 -11.39 4.41
N ILE A 115 -5.08 -11.73 4.41
CA ILE A 115 -6.04 -11.06 5.29
C ILE A 115 -6.10 -11.63 6.69
N LEU A 116 -5.96 -10.73 7.64
CA LEU A 116 -6.22 -11.01 9.04
C LEU A 116 -6.61 -9.70 9.72
N ASN A 117 -6.76 -9.70 11.04
CA ASN A 117 -7.16 -8.48 11.72
C ASN A 117 -6.11 -8.08 12.75
N LYS A 118 -5.33 -9.06 13.20
CA LYS A 118 -4.26 -8.84 14.17
C LYS A 118 -4.80 -8.27 15.49
N GLY A 4 -5.65 -18.00 9.71
CA GLY A 4 -4.23 -18.11 9.31
C GLY A 4 -3.83 -17.07 8.28
N SER A 5 -2.71 -17.30 7.61
CA SER A 5 -2.21 -16.36 6.60
C SER A 5 -3.14 -16.33 5.39
N THR A 6 -3.77 -17.47 5.10
CA THR A 6 -4.68 -17.63 3.96
C THR A 6 -3.89 -17.59 2.65
N GLU A 7 -3.53 -16.39 2.20
CA GLU A 7 -2.68 -16.20 1.02
C GLU A 7 -3.29 -16.88 -0.21
N SER A 8 -4.61 -16.87 -0.27
CA SER A 8 -5.35 -17.44 -1.40
C SER A 8 -6.35 -16.43 -1.94
N LEU A 9 -6.27 -15.22 -1.40
CA LEU A 9 -7.11 -14.12 -1.83
C LEU A 9 -6.26 -13.12 -2.59
N THR A 10 -6.82 -12.46 -3.59
CA THR A 10 -6.04 -11.51 -4.37
C THR A 10 -6.79 -10.19 -4.50
N VAL A 11 -6.18 -9.22 -5.17
CA VAL A 11 -6.80 -7.92 -5.38
C VAL A 11 -6.42 -7.34 -6.73
N SER A 12 -7.39 -6.78 -7.44
CA SER A 12 -7.14 -6.13 -8.71
C SER A 12 -7.24 -4.62 -8.54
N GLY A 13 -6.44 -3.88 -9.28
CA GLY A 13 -6.43 -2.44 -9.14
C GLY A 13 -5.04 -1.93 -8.85
N GLN A 14 -4.74 -0.72 -9.30
CA GLN A 14 -3.42 -0.15 -9.14
C GLN A 14 -3.36 0.79 -7.95
N PRO A 15 -2.77 0.34 -6.83
CA PRO A 15 -2.62 1.18 -5.64
C PRO A 15 -1.52 2.22 -5.84
N GLU A 16 -1.86 3.48 -5.63
CA GLU A 16 -0.90 4.57 -5.81
C GLU A 16 -0.94 5.50 -4.62
N HIS A 17 0.24 5.97 -4.23
CA HIS A 17 0.38 6.92 -3.12
C HIS A 17 1.46 7.93 -3.44
N LYS A 18 1.29 9.13 -2.92
CA LYS A 18 2.19 10.23 -3.23
C LYS A 18 2.90 10.70 -1.97
N VAL A 19 3.79 11.68 -2.14
CA VAL A 19 4.60 12.22 -1.04
C VAL A 19 3.72 12.58 0.17
N GLU A 20 4.33 12.57 1.36
CA GLU A 20 3.63 12.82 2.63
C GLU A 20 2.74 14.07 2.58
N ALA A 21 1.79 14.12 3.50
CA ALA A 21 0.86 15.25 3.62
C ALA A 21 1.57 16.59 3.59
N LYS A 22 2.76 16.62 4.19
CA LYS A 22 3.59 17.81 4.16
C LYS A 22 5.03 17.45 3.83
N ASP A 23 5.72 18.35 3.14
CA ASP A 23 7.11 18.12 2.77
C ASP A 23 8.05 18.77 3.78
N SER A 24 9.35 18.69 3.51
CA SER A 24 10.36 19.18 4.43
C SER A 24 10.33 20.70 4.57
N ASN A 25 9.65 21.37 3.64
CA ASN A 25 9.49 22.82 3.71
C ASN A 25 8.23 23.17 4.47
N GLY A 26 7.38 22.17 4.69
CA GLY A 26 6.13 22.39 5.40
C GLY A 26 5.00 22.76 4.47
N MET A 27 5.17 22.47 3.19
CA MET A 27 4.18 22.80 2.18
C MET A 27 3.21 21.63 1.98
N PRO A 28 1.92 21.93 1.75
CA PRO A 28 0.87 20.91 1.60
C PRO A 28 1.07 20.04 0.36
N VAL A 29 1.10 18.73 0.56
CA VAL A 29 1.26 17.79 -0.54
C VAL A 29 0.06 16.84 -0.59
N ASP A 30 -0.34 16.47 -1.80
CA ASP A 30 -1.46 15.56 -2.00
C ASP A 30 -0.97 14.11 -1.97
N ASN A 31 -1.36 13.37 -0.95
CA ASN A 31 -0.90 12.00 -0.76
C ASN A 31 -1.96 10.99 -1.25
N ARG A 32 -3.19 11.17 -0.74
CA ARG A 32 -4.33 10.30 -1.09
C ARG A 32 -4.22 8.88 -0.58
N GLN A 33 -5.30 8.14 -0.78
CA GLN A 33 -5.38 6.77 -0.34
C GLN A 33 -5.56 5.87 -1.57
N GLY A 34 -5.61 4.57 -1.35
CA GLY A 34 -5.77 3.65 -2.47
C GLY A 34 -7.09 2.92 -2.41
N THR A 35 -7.90 3.05 -3.45
CA THR A 35 -9.16 2.35 -3.52
C THR A 35 -9.04 1.18 -4.49
N ILE A 36 -9.21 -0.03 -3.96
CA ILE A 36 -8.98 -1.23 -4.75
C ILE A 36 -10.21 -2.14 -4.76
N THR A 37 -10.41 -2.83 -5.86
CA THR A 37 -11.47 -3.82 -5.97
C THR A 37 -10.88 -5.19 -5.66
N VAL A 38 -11.26 -5.76 -4.54
CA VAL A 38 -10.58 -6.93 -4.05
C VAL A 38 -11.17 -8.24 -4.57
N SER A 39 -10.28 -9.18 -4.84
CA SER A 39 -10.65 -10.55 -5.13
C SER A 39 -10.65 -11.35 -3.83
N ALA A 40 -10.49 -10.64 -2.73
CA ALA A 40 -10.47 -11.25 -1.42
C ALA A 40 -11.89 -11.33 -0.87
N SER A 41 -12.09 -11.95 0.28
CA SER A 41 -13.42 -12.10 0.83
C SER A 41 -13.46 -11.77 2.31
N GLY A 42 -14.40 -10.91 2.70
CA GLY A 42 -14.61 -10.62 4.11
C GLY A 42 -13.94 -9.34 4.58
N LEU A 43 -13.54 -8.49 3.64
CA LEU A 43 -12.87 -7.25 3.99
C LEU A 43 -13.80 -6.32 4.76
N GLN A 44 -13.31 -5.83 5.90
CA GLN A 44 -14.06 -4.87 6.71
C GLN A 44 -13.15 -3.69 7.02
N VAL A 45 -13.70 -2.68 7.68
CA VAL A 45 -12.89 -1.56 8.11
C VAL A 45 -12.14 -1.95 9.39
N GLY A 46 -10.84 -1.70 9.42
CA GLY A 46 -10.04 -2.05 10.58
C GLY A 46 -9.27 -3.34 10.39
N ASP A 47 -9.27 -3.86 9.18
CA ASP A 47 -8.48 -5.04 8.86
C ASP A 47 -7.07 -4.65 8.50
N ALA A 48 -6.20 -5.64 8.48
CA ALA A 48 -4.81 -5.43 8.16
C ALA A 48 -4.30 -6.58 7.31
N PHE A 49 -3.41 -6.30 6.40
CA PHE A 49 -2.90 -7.35 5.53
C PHE A 49 -1.58 -6.96 4.91
N THR A 50 -0.90 -7.94 4.34
CA THR A 50 0.36 -7.69 3.67
C THR A 50 0.25 -8.09 2.21
N ILE A 51 0.60 -7.16 1.33
CA ILE A 51 0.50 -7.37 -0.11
C ILE A 51 1.78 -8.00 -0.65
N ALA A 52 1.61 -9.00 -1.52
CA ALA A 52 2.75 -9.70 -2.12
C ALA A 52 3.55 -8.76 -3.03
N GLY A 53 4.83 -8.62 -2.73
CA GLY A 53 5.69 -7.75 -3.50
C GLY A 53 5.89 -6.40 -2.84
N VAL A 54 4.95 -6.02 -2.01
CA VAL A 54 5.06 -4.77 -1.26
C VAL A 54 5.65 -5.03 0.12
N ASN A 55 6.89 -4.61 0.31
CA ASN A 55 7.58 -4.81 1.57
C ASN A 55 8.06 -3.47 2.11
N SER A 56 8.33 -3.41 3.40
CA SER A 56 8.76 -2.17 4.01
C SER A 56 10.27 -2.06 4.02
N VAL A 57 10.76 -0.85 4.27
CA VAL A 57 12.18 -0.59 4.34
C VAL A 57 12.54 0.09 5.65
N HIS A 58 13.82 0.15 5.96
CA HIS A 58 14.29 0.80 7.18
C HIS A 58 15.35 1.85 6.85
N GLN A 59 14.91 3.09 6.66
CA GLN A 59 15.83 4.19 6.36
C GLN A 59 16.62 4.59 7.60
N ILE A 60 16.18 4.13 8.76
CA ILE A 60 16.84 4.46 10.01
C ILE A 60 18.13 3.65 10.17
N THR A 61 17.99 2.33 10.19
CA THR A 61 19.14 1.45 10.35
C THR A 61 19.81 1.17 9.00
N LYS A 62 19.14 1.57 7.91
CA LYS A 62 19.62 1.34 6.56
C LYS A 62 19.81 -0.15 6.29
N ASP A 63 18.85 -0.94 6.73
CA ASP A 63 18.91 -2.39 6.58
C ASP A 63 17.85 -2.87 5.60
N THR A 64 18.10 -4.01 4.98
CA THR A 64 17.15 -4.61 4.06
C THR A 64 16.52 -5.81 4.72
N THR A 65 15.20 -5.81 4.82
CA THR A 65 14.52 -6.83 5.59
C THR A 65 13.47 -7.55 4.75
N GLY A 66 12.80 -6.82 3.88
CA GLY A 66 11.75 -7.40 3.08
C GLY A 66 10.54 -7.75 3.90
N GLN A 67 10.32 -6.99 4.98
CA GLN A 67 9.18 -7.22 5.85
C GLN A 67 7.90 -6.69 5.21
N PRO A 68 6.96 -7.57 4.86
CA PRO A 68 5.71 -7.17 4.21
C PRO A 68 5.00 -6.06 4.97
N GLN A 69 4.69 -4.98 4.28
CA GLN A 69 4.11 -3.80 4.91
C GLN A 69 2.63 -4.06 5.19
N VAL A 70 2.21 -3.79 6.42
CA VAL A 70 0.85 -4.07 6.85
C VAL A 70 -0.06 -2.87 6.58
N PHE A 71 -1.20 -3.12 5.96
CA PHE A 71 -2.14 -2.06 5.62
C PHE A 71 -3.26 -1.96 6.64
N ARG A 72 -3.80 -0.78 6.80
CA ARG A 72 -4.96 -0.54 7.64
C ARG A 72 -6.12 -0.12 6.77
N VAL A 73 -7.24 -0.77 6.98
CA VAL A 73 -8.42 -0.51 6.18
C VAL A 73 -9.31 0.53 6.85
N LEU A 74 -9.70 1.55 6.08
CA LEU A 74 -10.54 2.62 6.61
C LEU A 74 -11.91 2.63 5.95
N ALA A 75 -12.04 2.03 4.78
CA ALA A 75 -13.33 2.02 4.08
C ALA A 75 -13.50 0.76 3.24
N VAL A 76 -14.70 0.19 3.31
CA VAL A 76 -15.06 -0.98 2.50
C VAL A 76 -16.52 -0.86 2.06
N SER A 77 -16.76 -0.89 0.76
CA SER A 77 -18.11 -0.81 0.23
C SER A 77 -18.20 -1.47 -1.14
N GLY A 78 -18.86 -2.63 -1.19
CA GLY A 78 -19.00 -3.36 -2.43
C GLY A 78 -17.65 -3.83 -2.97
N THR A 79 -16.92 -4.55 -2.12
CA THR A 79 -15.56 -5.04 -2.44
C THR A 79 -14.63 -3.92 -2.91
N THR A 80 -14.96 -2.68 -2.57
CA THR A 80 -14.10 -1.55 -2.84
C THR A 80 -13.48 -1.07 -1.52
N VAL A 81 -12.17 -1.15 -1.43
CA VAL A 81 -11.49 -0.88 -0.17
C VAL A 81 -10.57 0.33 -0.29
N THR A 82 -10.70 1.25 0.67
CA THR A 82 -9.81 2.40 0.74
C THR A 82 -8.73 2.11 1.78
N ILE A 83 -7.49 2.06 1.32
CA ILE A 83 -6.42 1.55 2.17
C ILE A 83 -5.41 2.62 2.59
N SER A 84 -4.91 2.44 3.80
CA SER A 84 -3.82 3.24 4.34
C SER A 84 -2.82 2.25 4.94
N PRO A 85 -1.59 2.65 5.27
CA PRO A 85 -1.06 4.01 5.12
C PRO A 85 -0.63 4.32 3.69
N LYS A 86 0.46 5.07 3.56
CA LYS A 86 0.99 5.42 2.25
C LYS A 86 2.15 4.50 1.84
N ILE A 87 2.24 4.28 0.53
CA ILE A 87 3.23 3.36 -0.03
C ILE A 87 4.14 4.12 -1.00
N LEU A 88 5.41 4.29 -0.61
CA LEU A 88 6.37 5.04 -1.42
C LEU A 88 7.62 4.22 -1.68
N PRO A 89 7.86 3.89 -2.96
CA PRO A 89 8.94 2.99 -3.39
C PRO A 89 10.35 3.55 -3.18
N VAL A 90 11.27 2.62 -2.92
CA VAL A 90 12.69 2.94 -2.95
C VAL A 90 13.23 2.59 -4.34
N GLU A 91 12.46 1.77 -5.06
CA GLU A 91 12.85 1.31 -6.39
C GLU A 91 12.64 2.39 -7.46
N ASN A 92 12.04 3.51 -7.07
CA ASN A 92 11.79 4.60 -8.02
C ASN A 92 13.01 5.51 -8.12
N THR A 93 13.16 6.13 -9.28
CA THR A 93 14.22 7.11 -9.48
C THR A 93 13.65 8.51 -9.20
N ASP A 94 12.37 8.55 -8.86
CA ASP A 94 11.68 9.80 -8.56
C ASP A 94 12.36 10.54 -7.43
N VAL A 95 12.86 11.74 -7.73
CA VAL A 95 13.58 12.57 -6.75
C VAL A 95 12.76 12.79 -5.48
N ALA A 96 11.45 12.87 -5.60
CA ALA A 96 10.58 13.14 -4.46
C ALA A 96 10.22 11.85 -3.71
N SER A 97 10.16 10.74 -4.43
CA SER A 97 9.73 9.48 -3.83
C SER A 97 10.85 8.78 -3.08
N ARG A 98 12.10 9.02 -3.49
CA ARG A 98 13.26 8.35 -2.90
C ARG A 98 13.45 8.71 -1.41
N PRO A 99 13.52 10.02 -1.04
CA PRO A 99 13.76 10.42 0.35
C PRO A 99 12.63 10.06 1.29
N TYR A 100 11.40 10.02 0.76
CA TYR A 100 10.22 9.72 1.56
C TYR A 100 9.83 8.25 1.41
N ALA A 101 10.72 7.46 0.83
CA ALA A 101 10.47 6.05 0.59
C ALA A 101 10.20 5.31 1.90
N ASN A 102 9.30 4.33 1.84
CA ASN A 102 8.91 3.58 3.03
C ASN A 102 8.66 2.11 2.70
N VAL A 103 8.60 1.79 1.41
CA VAL A 103 8.42 0.42 0.97
C VAL A 103 9.29 0.14 -0.24
N ASP A 104 9.24 -1.09 -0.73
CA ASP A 104 9.97 -1.48 -1.93
C ASP A 104 9.46 -0.73 -3.14
N ALA A 105 8.20 -0.94 -3.48
CA ALA A 105 7.62 -0.36 -4.68
C ALA A 105 6.09 -0.37 -4.66
N LYS A 106 5.50 0.26 -5.66
CA LYS A 106 4.06 0.19 -5.87
C LYS A 106 3.78 -0.42 -7.24
N PRO A 107 3.30 -1.68 -7.25
CA PRO A 107 3.14 -2.45 -8.48
C PRO A 107 1.81 -2.21 -9.18
N ALA A 108 1.73 -2.69 -10.42
CA ALA A 108 0.46 -2.71 -11.14
C ALA A 108 -0.33 -3.91 -10.65
N GLU A 109 -1.62 -3.69 -10.34
CA GLU A 109 -2.44 -4.69 -9.67
C GLU A 109 -2.04 -4.80 -8.21
N SER A 110 -2.86 -5.44 -7.41
CA SER A 110 -2.61 -5.49 -5.97
C SER A 110 -2.07 -6.86 -5.53
N ALA A 111 -2.11 -7.83 -6.45
CA ALA A 111 -1.49 -9.14 -6.22
C ALA A 111 -2.17 -9.94 -5.12
N ALA A 112 -1.43 -10.94 -4.61
CA ALA A 112 -1.92 -11.80 -3.54
C ALA A 112 -1.88 -11.07 -2.21
N ILE A 113 -2.88 -11.31 -1.39
CA ILE A 113 -3.01 -10.60 -0.13
C ILE A 113 -2.99 -11.57 1.04
N THR A 114 -2.38 -11.15 2.14
CA THR A 114 -2.33 -11.97 3.35
C THR A 114 -3.19 -11.35 4.44
N ILE A 115 -4.41 -11.85 4.58
CA ILE A 115 -5.38 -11.24 5.49
C ILE A 115 -5.18 -11.67 6.94
N LEU A 116 -5.16 -10.67 7.81
CA LEU A 116 -5.13 -10.89 9.25
C LEU A 116 -5.80 -9.70 9.93
N ASN A 117 -5.63 -9.59 11.24
CA ASN A 117 -6.16 -8.44 11.97
C ASN A 117 -5.01 -7.57 12.46
N LYS A 118 -3.86 -8.22 12.63
CA LYS A 118 -2.61 -7.57 13.04
C LYS A 118 -2.84 -6.59 14.20
N GLY A 4 -5.12 -23.15 7.37
CA GLY A 4 -6.49 -22.74 7.77
C GLY A 4 -7.43 -22.64 6.60
N SER A 5 -8.03 -23.78 6.23
CA SER A 5 -8.94 -23.86 5.10
C SER A 5 -8.24 -23.43 3.81
N THR A 6 -8.95 -22.71 2.94
CA THR A 6 -8.36 -22.24 1.71
C THR A 6 -8.24 -20.71 1.75
N GLU A 7 -9.38 -20.04 1.56
CA GLU A 7 -9.46 -18.59 1.60
C GLU A 7 -8.37 -17.95 0.73
N SER A 8 -8.48 -18.16 -0.57
CA SER A 8 -7.54 -17.57 -1.51
C SER A 8 -8.04 -16.20 -1.93
N LEU A 9 -7.52 -15.15 -1.29
CA LEU A 9 -8.03 -13.81 -1.51
C LEU A 9 -7.01 -12.96 -2.24
N THR A 10 -7.41 -12.35 -3.34
CA THR A 10 -6.49 -11.53 -4.13
C THR A 10 -7.09 -10.16 -4.42
N VAL A 11 -6.35 -9.33 -5.16
CA VAL A 11 -6.79 -7.99 -5.49
C VAL A 11 -6.54 -7.72 -6.97
N SER A 12 -7.36 -6.86 -7.57
CA SER A 12 -7.18 -6.44 -8.94
C SER A 12 -7.14 -4.92 -9.03
N GLY A 13 -6.07 -4.38 -9.63
CA GLY A 13 -5.98 -2.94 -9.84
C GLY A 13 -5.38 -2.19 -8.67
N GLN A 14 -4.06 -2.00 -8.70
CA GLN A 14 -3.39 -1.14 -7.73
C GLN A 14 -3.14 0.25 -8.32
N PRO A 15 -3.75 1.28 -7.73
CA PRO A 15 -3.54 2.66 -8.15
C PRO A 15 -2.12 3.13 -7.87
N GLU A 16 -1.79 4.31 -8.35
CA GLU A 16 -0.48 4.89 -8.11
C GLU A 16 -0.53 5.84 -6.92
N HIS A 17 0.56 5.91 -6.18
CA HIS A 17 0.57 6.68 -4.94
C HIS A 17 1.71 7.69 -4.94
N LYS A 18 1.37 8.93 -4.64
CA LYS A 18 2.34 10.02 -4.60
C LYS A 18 2.43 10.61 -3.19
N VAL A 19 3.32 11.58 -3.03
CA VAL A 19 3.52 12.23 -1.74
C VAL A 19 2.19 12.65 -1.12
N GLU A 20 2.03 12.30 0.15
CA GLU A 20 0.77 12.47 0.86
C GLU A 20 0.26 13.91 0.86
N ALA A 21 -1.06 14.01 1.09
CA ALA A 21 -1.84 15.26 0.98
C ALA A 21 -1.02 16.53 1.21
N LYS A 22 -0.62 16.76 2.44
CA LYS A 22 0.09 17.98 2.80
C LYS A 22 1.03 17.76 3.98
N ASP A 23 2.16 18.44 3.95
CA ASP A 23 3.19 18.30 4.97
C ASP A 23 3.15 19.48 5.94
N SER A 24 4.27 19.70 6.62
CA SER A 24 4.39 20.83 7.54
C SER A 24 4.37 22.15 6.78
N ASN A 25 4.87 22.15 5.55
CA ASN A 25 4.87 23.33 4.71
C ASN A 25 3.52 23.49 4.00
N GLY A 26 2.73 22.42 4.03
CA GLY A 26 1.40 22.47 3.46
C GLY A 26 1.41 22.54 1.95
N MET A 27 2.19 21.68 1.31
CA MET A 27 2.25 21.67 -0.15
C MET A 27 1.38 20.54 -0.70
N PRO A 28 0.40 20.89 -1.54
CA PRO A 28 -0.54 19.93 -2.13
C PRO A 28 0.13 19.05 -3.18
N VAL A 29 0.09 17.74 -2.97
CA VAL A 29 0.71 16.81 -3.89
C VAL A 29 -0.32 15.79 -4.39
N ASP A 30 -0.02 15.13 -5.51
CA ASP A 30 -0.90 14.10 -6.11
C ASP A 30 -1.26 13.05 -5.06
N ASN A 31 -2.47 12.50 -5.18
CA ASN A 31 -3.10 11.64 -4.16
C ASN A 31 -2.13 10.74 -3.39
N ARG A 32 -2.42 10.59 -2.11
CA ARG A 32 -1.65 9.74 -1.22
C ARG A 32 -2.17 8.31 -1.20
N GLN A 33 -3.43 8.18 -0.82
CA GLN A 33 -4.03 6.87 -0.63
C GLN A 33 -4.82 6.48 -1.87
N GLY A 34 -5.40 5.29 -1.86
CA GLY A 34 -6.15 4.85 -3.02
C GLY A 34 -7.22 3.84 -2.69
N THR A 35 -8.04 3.52 -3.67
CA THR A 35 -9.09 2.52 -3.51
C THR A 35 -8.86 1.37 -4.48
N ILE A 36 -8.88 0.15 -3.96
CA ILE A 36 -8.58 -1.02 -4.76
C ILE A 36 -9.81 -1.93 -4.89
N THR A 37 -9.91 -2.62 -6.01
CA THR A 37 -10.99 -3.57 -6.22
C THR A 37 -10.50 -4.97 -5.91
N VAL A 38 -10.99 -5.54 -4.82
CA VAL A 38 -10.44 -6.79 -4.34
C VAL A 38 -11.18 -8.00 -4.88
N SER A 39 -10.39 -9.04 -5.12
CA SER A 39 -10.90 -10.36 -5.41
C SER A 39 -11.08 -11.12 -4.10
N ALA A 40 -10.90 -10.40 -3.00
CA ALA A 40 -10.97 -10.97 -1.67
C ALA A 40 -12.38 -10.88 -1.12
N SER A 41 -12.67 -11.66 -0.10
CA SER A 41 -13.96 -11.63 0.55
C SER A 41 -13.78 -11.72 2.07
N GLY A 42 -14.55 -10.93 2.79
CA GLY A 42 -14.42 -10.92 4.23
C GLY A 42 -13.51 -9.81 4.71
N LEU A 43 -13.53 -8.68 4.01
CA LEU A 43 -12.72 -7.53 4.41
C LEU A 43 -13.58 -6.49 5.09
N GLN A 44 -13.03 -5.83 6.10
CA GLN A 44 -13.73 -4.78 6.81
C GLN A 44 -12.76 -3.67 7.19
N VAL A 45 -13.28 -2.60 7.77
CA VAL A 45 -12.45 -1.49 8.21
C VAL A 45 -11.77 -1.84 9.53
N GLY A 46 -10.46 -1.60 9.61
CA GLY A 46 -9.73 -1.89 10.83
C GLY A 46 -8.90 -3.15 10.74
N ASP A 47 -8.81 -3.71 9.54
CA ASP A 47 -7.97 -4.88 9.29
C ASP A 47 -6.56 -4.45 8.93
N ALA A 48 -5.62 -5.35 9.13
CA ALA A 48 -4.23 -5.10 8.80
C ALA A 48 -3.69 -6.26 8.01
N PHE A 49 -3.20 -6.01 6.81
CA PHE A 49 -2.79 -7.11 5.96
C PHE A 49 -1.58 -6.75 5.11
N THR A 50 -0.95 -7.78 4.56
CA THR A 50 0.16 -7.59 3.66
C THR A 50 -0.18 -8.12 2.28
N ILE A 51 0.03 -7.33 1.26
CA ILE A 51 -0.26 -7.75 -0.10
C ILE A 51 1.01 -8.23 -0.78
N ALA A 52 0.89 -9.29 -1.58
CA ALA A 52 2.04 -9.91 -2.22
C ALA A 52 2.70 -8.95 -3.21
N GLY A 53 4.03 -8.86 -3.12
CA GLY A 53 4.77 -7.96 -3.98
C GLY A 53 5.11 -6.66 -3.29
N VAL A 54 4.35 -6.33 -2.25
CA VAL A 54 4.59 -5.12 -1.47
C VAL A 54 5.76 -5.34 -0.51
N ASN A 55 6.91 -4.79 -0.86
CA ASN A 55 8.07 -4.82 0.03
C ASN A 55 8.13 -3.52 0.81
N SER A 56 8.41 -3.60 2.09
CA SER A 56 8.41 -2.40 2.93
C SER A 56 9.83 -1.91 3.14
N VAL A 57 9.92 -0.70 3.63
CA VAL A 57 11.18 -0.21 4.12
C VAL A 57 11.01 0.37 5.52
N HIS A 58 12.07 0.39 6.28
CA HIS A 58 12.04 1.01 7.59
C HIS A 58 12.67 2.38 7.49
N GLN A 59 11.84 3.37 7.20
CA GLN A 59 12.30 4.73 6.91
C GLN A 59 13.08 5.31 8.09
N ILE A 60 12.52 5.19 9.28
CA ILE A 60 13.13 5.75 10.48
C ILE A 60 14.56 5.25 10.69
N THR A 61 14.75 3.94 10.60
CA THR A 61 16.04 3.31 10.86
C THR A 61 16.86 3.11 9.57
N LYS A 62 16.26 3.44 8.42
CA LYS A 62 16.90 3.25 7.12
C LYS A 62 17.25 1.78 6.90
N ASP A 63 16.26 0.91 7.05
CA ASP A 63 16.49 -0.53 6.98
C ASP A 63 15.66 -1.17 5.86
N THR A 64 16.34 -1.72 4.86
CA THR A 64 15.67 -2.38 3.75
C THR A 64 15.83 -3.89 3.85
N THR A 65 14.73 -4.60 3.98
CA THR A 65 14.79 -6.04 4.20
C THR A 65 13.90 -6.81 3.22
N GLY A 66 12.98 -6.10 2.57
CA GLY A 66 12.09 -6.75 1.63
C GLY A 66 10.84 -7.31 2.28
N GLN A 67 10.77 -7.20 3.61
CA GLN A 67 9.62 -7.69 4.36
C GLN A 67 8.37 -6.89 4.00
N PRO A 68 7.23 -7.57 3.83
CA PRO A 68 5.98 -6.93 3.36
C PRO A 68 5.47 -5.85 4.31
N GLN A 69 4.80 -4.85 3.73
CA GLN A 69 4.19 -3.77 4.52
C GLN A 69 2.77 -4.15 4.96
N VAL A 70 2.46 -3.85 6.21
CA VAL A 70 1.13 -4.11 6.75
C VAL A 70 0.27 -2.85 6.62
N PHE A 71 -0.92 -3.00 6.08
CA PHE A 71 -1.78 -1.86 5.81
C PHE A 71 -2.84 -1.68 6.89
N ARG A 72 -3.46 -0.51 6.89
CA ARG A 72 -4.58 -0.22 7.76
C ARG A 72 -5.79 0.12 6.90
N VAL A 73 -6.90 -0.55 7.14
CA VAL A 73 -8.08 -0.36 6.32
C VAL A 73 -8.93 0.82 6.80
N LEU A 74 -9.30 1.70 5.87
CA LEU A 74 -10.15 2.85 6.20
C LEU A 74 -11.57 2.63 5.75
N ALA A 75 -11.76 1.94 4.62
CA ALA A 75 -13.11 1.71 4.10
C ALA A 75 -13.17 0.45 3.25
N VAL A 76 -14.25 -0.31 3.40
CA VAL A 76 -14.49 -1.48 2.57
C VAL A 76 -15.94 -1.50 2.12
N SER A 77 -16.18 -1.07 0.89
CA SER A 77 -17.53 -0.96 0.37
C SER A 77 -17.58 -1.37 -1.10
N GLY A 78 -18.34 -2.42 -1.39
CA GLY A 78 -18.43 -2.93 -2.75
C GLY A 78 -17.11 -3.46 -3.25
N THR A 79 -16.45 -4.27 -2.40
CA THR A 79 -15.12 -4.80 -2.66
C THR A 79 -14.12 -3.72 -3.07
N THR A 80 -14.40 -2.49 -2.68
CA THR A 80 -13.49 -1.38 -2.93
C THR A 80 -12.95 -0.86 -1.61
N VAL A 81 -11.64 -0.94 -1.45
CA VAL A 81 -11.03 -0.63 -0.16
C VAL A 81 -10.22 0.67 -0.23
N THR A 82 -10.50 1.57 0.70
CA THR A 82 -9.69 2.77 0.86
C THR A 82 -8.48 2.41 1.72
N ILE A 83 -7.30 2.48 1.13
CA ILE A 83 -6.13 1.89 1.78
C ILE A 83 -5.13 2.93 2.26
N SER A 84 -4.51 2.60 3.38
CA SER A 84 -3.41 3.37 3.95
C SER A 84 -2.53 2.39 4.70
N PRO A 85 -1.24 2.69 4.95
CA PRO A 85 -0.59 3.95 4.54
C PRO A 85 -0.40 4.05 3.02
N LYS A 86 0.47 4.95 2.60
CA LYS A 86 0.69 5.16 1.17
C LYS A 86 1.87 4.34 0.65
N ILE A 87 1.70 3.85 -0.56
CA ILE A 87 2.72 3.02 -1.21
C ILE A 87 3.74 3.90 -1.92
N LEU A 88 4.73 4.36 -1.17
CA LEU A 88 5.76 5.24 -1.71
C LEU A 88 7.10 4.52 -1.75
N PRO A 89 7.51 4.06 -2.93
CA PRO A 89 8.72 3.25 -3.08
C PRO A 89 10.00 4.08 -3.00
N VAL A 90 11.06 3.44 -2.53
CA VAL A 90 12.38 4.04 -2.60
C VAL A 90 12.86 4.03 -4.05
N GLU A 91 12.35 3.06 -4.80
CA GLU A 91 12.64 2.96 -6.22
C GLU A 91 11.58 3.69 -7.05
N ASN A 92 11.05 4.77 -6.49
CA ASN A 92 10.00 5.56 -7.15
C ASN A 92 10.58 6.33 -8.32
N THR A 93 11.84 6.73 -8.17
CA THR A 93 12.58 7.51 -9.18
C THR A 93 12.26 9.01 -9.04
N ASP A 94 11.10 9.34 -8.50
CA ASP A 94 10.79 10.74 -8.19
C ASP A 94 11.43 11.12 -6.86
N VAL A 95 12.26 12.15 -6.91
CA VAL A 95 13.06 12.57 -5.77
C VAL A 95 12.21 12.94 -4.55
N ALA A 96 11.09 13.60 -4.80
CA ALA A 96 10.21 14.06 -3.72
C ALA A 96 9.58 12.90 -2.96
N SER A 97 9.44 11.75 -3.61
CA SER A 97 8.81 10.59 -3.00
C SER A 97 9.80 9.76 -2.19
N ARG A 98 11.10 10.03 -2.38
CA ARG A 98 12.14 9.27 -1.68
C ARG A 98 12.07 9.43 -0.16
N PRO A 99 12.00 10.67 0.39
CA PRO A 99 11.98 10.88 1.84
C PRO A 99 10.74 10.28 2.51
N TYR A 100 9.67 10.15 1.75
CA TYR A 100 8.42 9.60 2.27
C TYR A 100 8.33 8.10 2.02
N ALA A 101 9.47 7.46 1.78
CA ALA A 101 9.51 6.04 1.44
C ALA A 101 8.90 5.17 2.52
N ASN A 102 8.02 4.27 2.11
CA ASN A 102 7.42 3.28 3.00
C ASN A 102 7.57 1.89 2.43
N VAL A 103 7.83 1.82 1.13
CA VAL A 103 7.99 0.54 0.44
C VAL A 103 9.15 0.62 -0.55
N ASP A 104 9.46 -0.48 -1.21
CA ASP A 104 10.57 -0.51 -2.17
C ASP A 104 10.04 -0.37 -3.59
N ALA A 105 8.76 -0.64 -3.78
CA ALA A 105 8.18 -0.69 -5.12
C ALA A 105 6.66 -0.74 -5.07
N LYS A 106 6.04 -0.32 -6.17
CA LYS A 106 4.63 -0.60 -6.39
C LYS A 106 4.53 -1.95 -7.07
N PRO A 107 3.83 -2.92 -6.46
CA PRO A 107 3.82 -4.31 -6.93
C PRO A 107 3.28 -4.47 -8.34
N ALA A 108 3.56 -5.62 -8.92
CA ALA A 108 2.94 -6.01 -10.19
C ALA A 108 1.51 -6.40 -9.92
N GLU A 109 0.58 -5.86 -10.74
CA GLU A 109 -0.86 -5.96 -10.48
C GLU A 109 -1.16 -5.72 -9.01
N SER A 110 -2.04 -6.51 -8.41
CA SER A 110 -2.31 -6.36 -6.99
C SER A 110 -1.85 -7.57 -6.21
N ALA A 111 -2.17 -8.77 -6.72
CA ALA A 111 -1.75 -10.05 -6.14
C ALA A 111 -2.59 -10.45 -4.92
N ALA A 112 -2.10 -11.44 -4.17
CA ALA A 112 -2.84 -12.03 -3.05
C ALA A 112 -2.67 -11.24 -1.76
N ILE A 113 -3.62 -11.40 -0.85
CA ILE A 113 -3.60 -10.69 0.43
C ILE A 113 -3.32 -11.67 1.58
N THR A 114 -2.58 -11.18 2.58
CA THR A 114 -2.38 -11.94 3.81
C THR A 114 -3.12 -11.25 4.96
N ILE A 115 -4.31 -11.74 5.27
CA ILE A 115 -5.21 -11.07 6.22
C ILE A 115 -4.93 -11.41 7.67
N LEU A 116 -4.91 -10.37 8.51
CA LEU A 116 -4.82 -10.53 9.96
C LEU A 116 -5.22 -9.21 10.64
N ASN A 117 -4.91 -9.10 11.92
CA ASN A 117 -5.15 -7.89 12.70
C ASN A 117 -4.02 -7.70 13.69
N LYS A 118 -2.89 -8.34 13.40
CA LYS A 118 -1.73 -8.37 14.31
C LYS A 118 -2.05 -9.20 15.55
N GLY A 4 -16.24 -19.54 0.83
CA GLY A 4 -15.86 -20.65 1.75
C GLY A 4 -14.36 -20.84 1.84
N SER A 5 -13.76 -21.36 0.78
CA SER A 5 -12.32 -21.57 0.73
C SER A 5 -11.59 -20.27 0.43
N THR A 6 -10.64 -19.91 1.28
CA THR A 6 -9.86 -18.69 1.10
C THR A 6 -8.89 -18.85 -0.07
N GLU A 7 -8.01 -19.86 0.04
CA GLU A 7 -6.98 -20.17 -0.96
C GLU A 7 -6.43 -18.92 -1.66
N SER A 8 -5.69 -18.12 -0.91
CA SER A 8 -5.02 -16.93 -1.44
C SER A 8 -6.02 -15.93 -2.00
N LEU A 9 -6.48 -15.02 -1.16
CA LEU A 9 -7.34 -13.93 -1.58
C LEU A 9 -6.53 -12.97 -2.45
N THR A 10 -7.16 -12.39 -3.46
CA THR A 10 -6.43 -11.50 -4.37
C THR A 10 -7.19 -10.20 -4.60
N VAL A 11 -6.61 -9.31 -5.40
CA VAL A 11 -7.24 -8.01 -5.67
C VAL A 11 -7.00 -7.61 -7.12
N SER A 12 -7.99 -6.93 -7.69
CA SER A 12 -7.88 -6.34 -9.02
C SER A 12 -8.36 -4.89 -8.97
N GLY A 13 -7.44 -3.97 -8.86
CA GLY A 13 -7.82 -2.57 -8.72
C GLY A 13 -6.90 -1.65 -9.47
N GLN A 14 -6.87 -0.39 -9.04
CA GLN A 14 -6.03 0.61 -9.67
C GLN A 14 -4.63 0.59 -9.06
N PRO A 15 -3.63 1.13 -9.77
CA PRO A 15 -2.25 1.25 -9.26
C PRO A 15 -2.18 2.17 -8.04
N GLU A 16 -1.02 2.26 -7.42
CA GLU A 16 -0.90 3.04 -6.20
C GLU A 16 -0.50 4.48 -6.44
N HIS A 17 -0.64 5.24 -5.38
CA HIS A 17 -0.63 6.69 -5.44
C HIS A 17 0.61 7.26 -4.78
N LYS A 18 1.12 8.32 -5.36
CA LYS A 18 2.39 8.90 -4.93
C LYS A 18 2.16 10.28 -4.33
N VAL A 19 3.00 10.64 -3.37
CA VAL A 19 2.92 11.95 -2.75
C VAL A 19 3.81 12.95 -3.47
N GLU A 20 3.18 13.94 -4.07
CA GLU A 20 3.89 15.03 -4.69
C GLU A 20 4.01 16.19 -3.70
N ALA A 21 5.26 16.51 -3.35
CA ALA A 21 5.54 17.43 -2.25
C ALA A 21 4.71 18.71 -2.34
N LYS A 22 4.75 19.35 -3.49
CA LYS A 22 4.01 20.59 -3.67
C LYS A 22 2.88 20.44 -4.69
N ASP A 23 1.77 21.13 -4.43
CA ASP A 23 0.60 21.03 -5.30
C ASP A 23 0.62 22.14 -6.35
N SER A 24 -0.55 22.46 -6.88
CA SER A 24 -0.68 23.54 -7.86
C SER A 24 -0.23 24.88 -7.28
N ASN A 25 -0.38 25.04 -5.97
CA ASN A 25 0.00 26.28 -5.30
C ASN A 25 1.37 26.16 -4.66
N GLY A 26 2.02 25.03 -4.85
CA GLY A 26 3.36 24.83 -4.33
C GLY A 26 3.41 24.70 -2.82
N MET A 27 2.36 24.15 -2.23
CA MET A 27 2.31 23.95 -0.79
C MET A 27 2.40 22.46 -0.47
N PRO A 28 2.93 22.10 0.71
CA PRO A 28 3.07 20.70 1.10
C PRO A 28 1.72 20.02 1.28
N VAL A 29 1.49 18.96 0.51
CA VAL A 29 0.22 18.23 0.56
C VAL A 29 0.47 16.73 0.61
N ASP A 30 -0.23 16.05 1.50
CA ASP A 30 -0.16 14.59 1.57
C ASP A 30 -1.21 13.98 0.65
N ASN A 31 -0.76 13.25 -0.36
CA ASN A 31 -1.65 12.69 -1.38
C ASN A 31 -2.62 11.68 -0.78
N ARG A 32 -3.72 11.43 -1.50
CA ARG A 32 -4.79 10.55 -1.02
C ARG A 32 -4.36 9.08 -0.92
N GLN A 33 -5.34 8.23 -0.64
CA GLN A 33 -5.09 6.80 -0.44
C GLN A 33 -5.37 6.03 -1.73
N GLY A 34 -5.14 4.72 -1.69
CA GLY A 34 -5.41 3.89 -2.85
C GLY A 34 -6.77 3.24 -2.77
N THR A 35 -7.37 2.96 -3.93
CA THR A 35 -8.69 2.33 -3.98
C THR A 35 -8.67 1.11 -4.90
N ILE A 36 -8.92 -0.06 -4.33
CA ILE A 36 -8.84 -1.30 -5.08
C ILE A 36 -10.13 -2.12 -4.99
N THR A 37 -10.42 -2.88 -6.05
CA THR A 37 -11.56 -3.78 -6.05
C THR A 37 -11.06 -5.19 -5.74
N VAL A 38 -11.46 -5.72 -4.59
CA VAL A 38 -10.83 -6.91 -4.09
C VAL A 38 -11.50 -8.20 -4.56
N SER A 39 -10.65 -9.19 -4.81
CA SER A 39 -11.08 -10.56 -5.02
C SER A 39 -11.04 -11.30 -3.68
N ALA A 40 -10.81 -10.54 -2.62
CA ALA A 40 -10.68 -11.10 -1.29
C ALA A 40 -12.07 -11.27 -0.66
N SER A 41 -12.15 -12.02 0.42
CA SER A 41 -13.43 -12.28 1.06
C SER A 41 -13.41 -11.86 2.52
N GLY A 42 -14.53 -11.31 2.98
CA GLY A 42 -14.67 -10.96 4.38
C GLY A 42 -13.76 -9.83 4.83
N LEU A 43 -13.77 -8.73 4.10
CA LEU A 43 -12.96 -7.58 4.46
C LEU A 43 -13.80 -6.52 5.18
N GLN A 44 -13.18 -5.84 6.14
CA GLN A 44 -13.86 -4.78 6.89
C GLN A 44 -12.89 -3.65 7.18
N VAL A 45 -13.39 -2.55 7.71
CA VAL A 45 -12.53 -1.44 8.08
C VAL A 45 -11.82 -1.75 9.39
N GLY A 46 -10.52 -1.51 9.44
CA GLY A 46 -9.76 -1.78 10.64
C GLY A 46 -8.85 -2.99 10.49
N ASP A 47 -8.99 -3.70 9.37
CA ASP A 47 -8.17 -4.87 9.08
C ASP A 47 -6.73 -4.45 8.81
N ALA A 48 -5.82 -5.36 9.03
CA ALA A 48 -4.41 -5.13 8.76
C ALA A 48 -3.88 -6.30 7.93
N PHE A 49 -3.19 -6.01 6.84
CA PHE A 49 -2.75 -7.09 5.97
C PHE A 49 -1.48 -6.71 5.22
N THR A 50 -0.94 -7.65 4.47
CA THR A 50 0.23 -7.38 3.65
C THR A 50 -0.06 -7.78 2.21
N ILE A 51 0.53 -7.07 1.26
CA ILE A 51 0.33 -7.37 -0.15
C ILE A 51 1.57 -8.07 -0.71
N ALA A 52 1.34 -9.09 -1.53
CA ALA A 52 2.43 -9.87 -2.11
C ALA A 52 3.30 -9.02 -3.03
N GLY A 53 4.61 -9.18 -2.89
CA GLY A 53 5.55 -8.42 -3.70
C GLY A 53 5.93 -7.09 -3.07
N VAL A 54 5.07 -6.59 -2.19
CA VAL A 54 5.32 -5.32 -1.52
C VAL A 54 6.15 -5.53 -0.26
N ASN A 55 7.21 -4.73 -0.12
CA ASN A 55 8.09 -4.82 1.04
C ASN A 55 8.41 -3.43 1.56
N SER A 56 8.49 -3.29 2.88
CA SER A 56 8.75 -2.01 3.50
C SER A 56 10.24 -1.69 3.55
N VAL A 57 10.54 -0.43 3.80
CA VAL A 57 11.92 0.03 3.91
C VAL A 57 12.24 0.46 5.33
N HIS A 58 13.52 0.81 5.55
CA HIS A 58 14.04 1.28 6.84
C HIS A 58 13.20 0.83 8.05
N GLN A 59 13.35 -0.43 8.43
CA GLN A 59 12.60 -0.98 9.54
C GLN A 59 12.93 -0.22 10.83
N ILE A 60 14.21 -0.08 11.12
CA ILE A 60 14.66 0.72 12.26
C ILE A 60 15.21 2.06 11.77
N THR A 61 16.44 2.04 11.26
CA THR A 61 17.08 3.23 10.70
C THR A 61 17.86 2.85 9.45
N LYS A 62 17.19 2.97 8.31
CA LYS A 62 17.73 2.51 7.03
C LYS A 62 18.01 1.01 7.07
N ASP A 63 17.26 0.31 7.93
CA ASP A 63 17.39 -1.13 8.06
C ASP A 63 16.60 -1.82 6.96
N THR A 64 17.31 -2.56 6.12
CA THR A 64 16.69 -3.21 4.97
C THR A 64 16.56 -4.71 5.21
N THR A 65 15.33 -5.14 5.47
CA THR A 65 15.07 -6.54 5.75
C THR A 65 13.93 -7.08 4.89
N GLY A 66 13.29 -6.18 4.14
CA GLY A 66 12.25 -6.60 3.23
C GLY A 66 11.02 -7.13 3.91
N GLN A 67 10.70 -6.61 5.09
CA GLN A 67 9.52 -7.05 5.82
C GLN A 67 8.26 -6.54 5.13
N PRO A 68 7.24 -7.40 4.99
CA PRO A 68 5.99 -7.04 4.32
C PRO A 68 5.33 -5.83 4.98
N GLN A 69 4.86 -4.90 4.16
CA GLN A 69 4.27 -3.66 4.65
C GLN A 69 2.87 -3.98 5.17
N VAL A 70 2.57 -3.56 6.39
CA VAL A 70 1.28 -3.85 7.00
C VAL A 70 0.31 -2.69 6.77
N PHE A 71 -0.84 -3.01 6.19
CA PHE A 71 -1.82 -2.00 5.84
C PHE A 71 -2.90 -1.92 6.91
N ARG A 72 -3.71 -0.88 6.83
CA ARG A 72 -4.82 -0.68 7.72
C ARG A 72 -6.00 -0.16 6.90
N VAL A 73 -7.09 -0.89 6.94
CA VAL A 73 -8.23 -0.59 6.08
C VAL A 73 -9.03 0.62 6.58
N LEU A 74 -9.37 1.51 5.65
CA LEU A 74 -10.16 2.71 5.97
C LEU A 74 -11.59 2.57 5.51
N ALA A 75 -11.82 1.91 4.38
CA ALA A 75 -13.15 1.79 3.82
C ALA A 75 -13.34 0.50 3.06
N VAL A 76 -14.49 -0.13 3.25
CA VAL A 76 -14.86 -1.33 2.50
C VAL A 76 -16.31 -1.22 2.05
N SER A 77 -16.52 -1.04 0.76
CA SER A 77 -17.86 -0.87 0.22
C SER A 77 -17.93 -1.37 -1.22
N GLY A 78 -18.74 -2.39 -1.46
CA GLY A 78 -18.84 -2.97 -2.78
C GLY A 78 -17.52 -3.53 -3.26
N THR A 79 -16.86 -4.30 -2.37
CA THR A 79 -15.53 -4.85 -2.58
C THR A 79 -14.51 -3.78 -3.01
N THR A 80 -14.82 -2.52 -2.73
CA THR A 80 -13.93 -1.43 -3.01
C THR A 80 -13.30 -0.95 -1.71
N VAL A 81 -12.00 -1.10 -1.61
CA VAL A 81 -11.32 -0.82 -0.35
C VAL A 81 -10.39 0.38 -0.48
N THR A 82 -10.58 1.35 0.40
CA THR A 82 -9.67 2.48 0.50
C THR A 82 -8.55 2.10 1.45
N ILE A 83 -7.33 2.04 0.93
CA ILE A 83 -6.24 1.46 1.69
C ILE A 83 -5.20 2.48 2.11
N SER A 84 -4.62 2.21 3.26
CA SER A 84 -3.52 2.98 3.81
C SER A 84 -2.71 2.03 4.67
N PRO A 85 -1.39 2.22 4.78
CA PRO A 85 -0.65 3.31 4.15
C PRO A 85 -0.67 3.25 2.63
N LYS A 86 -0.55 4.41 2.02
CA LYS A 86 -0.41 4.51 0.58
C LYS A 86 1.03 4.26 0.17
N ILE A 87 1.20 3.69 -1.01
CA ILE A 87 2.49 3.16 -1.41
C ILE A 87 3.42 4.23 -1.99
N LEU A 88 4.55 4.44 -1.31
CA LEU A 88 5.56 5.38 -1.78
C LEU A 88 6.89 4.68 -1.98
N PRO A 89 7.21 4.35 -3.24
CA PRO A 89 8.43 3.60 -3.60
C PRO A 89 9.71 4.43 -3.47
N VAL A 90 10.73 3.83 -2.87
CA VAL A 90 12.06 4.43 -2.85
C VAL A 90 12.67 4.32 -4.25
N GLU A 91 12.37 3.23 -4.92
CA GLU A 91 12.86 2.97 -6.26
C GLU A 91 12.12 3.78 -7.32
N ASN A 92 11.74 5.01 -7.00
CA ASN A 92 11.01 5.83 -7.94
C ASN A 92 11.78 7.13 -8.19
N THR A 93 13.03 6.97 -8.63
CA THR A 93 13.96 8.10 -8.73
C THR A 93 14.16 8.74 -7.35
N ASP A 94 13.79 7.96 -6.32
CA ASP A 94 13.84 8.38 -4.92
C ASP A 94 12.79 9.46 -4.62
N VAL A 95 12.05 9.88 -5.66
CA VAL A 95 11.04 10.94 -5.54
C VAL A 95 9.97 10.62 -4.50
N ALA A 96 9.45 9.40 -4.50
CA ALA A 96 8.41 9.02 -3.54
C ALA A 96 9.02 8.81 -2.15
N SER A 97 10.33 8.65 -2.11
CA SER A 97 11.06 8.49 -0.87
C SER A 97 11.32 9.87 -0.23
N ARG A 98 11.23 10.91 -1.04
CA ARG A 98 11.51 12.26 -0.58
C ARG A 98 10.58 12.69 0.57
N PRO A 99 9.23 12.64 0.37
CA PRO A 99 8.29 13.06 1.42
C PRO A 99 8.23 12.07 2.58
N TYR A 100 8.23 10.78 2.26
CA TYR A 100 8.23 9.72 3.28
C TYR A 100 8.16 8.35 2.59
N ALA A 101 9.32 7.72 2.43
CA ALA A 101 9.37 6.39 1.86
C ALA A 101 8.80 5.35 2.82
N ASN A 102 8.03 4.42 2.28
CA ASN A 102 7.49 3.34 3.10
C ASN A 102 7.77 1.97 2.48
N VAL A 103 7.89 1.93 1.16
CA VAL A 103 8.21 0.68 0.46
C VAL A 103 9.24 0.94 -0.64
N ASP A 104 9.62 -0.12 -1.35
CA ASP A 104 10.56 0.00 -2.46
C ASP A 104 9.83 0.24 -3.78
N ALA A 105 8.63 -0.32 -3.91
CA ALA A 105 7.89 -0.24 -5.16
C ALA A 105 6.39 -0.25 -4.93
N LYS A 106 5.64 0.24 -5.90
CA LYS A 106 4.19 0.11 -5.85
C LYS A 106 3.81 -1.29 -6.29
N PRO A 107 2.73 -1.84 -5.72
CA PRO A 107 2.29 -3.20 -6.04
C PRO A 107 2.02 -3.38 -7.52
N ALA A 108 2.58 -4.42 -8.11
CA ALA A 108 2.29 -4.75 -9.49
C ALA A 108 0.92 -5.37 -9.54
N GLU A 109 0.04 -4.76 -10.32
CA GLU A 109 -1.39 -5.08 -10.26
C GLU A 109 -1.89 -4.76 -8.86
N SER A 110 -2.68 -5.63 -8.28
CA SER A 110 -3.01 -5.50 -6.87
C SER A 110 -2.41 -6.66 -6.07
N ALA A 111 -2.51 -7.86 -6.66
CA ALA A 111 -1.82 -9.07 -6.17
C ALA A 111 -2.53 -9.73 -4.99
N ALA A 112 -1.86 -10.72 -4.39
CA ALA A 112 -2.42 -11.50 -3.29
C ALA A 112 -2.24 -10.79 -1.96
N ILE A 113 -3.08 -11.14 -0.99
CA ILE A 113 -3.09 -10.45 0.29
C ILE A 113 -2.94 -11.45 1.43
N THR A 114 -2.27 -11.03 2.48
CA THR A 114 -2.18 -11.83 3.70
C THR A 114 -2.98 -11.15 4.80
N ILE A 115 -4.20 -11.63 5.02
CA ILE A 115 -5.13 -10.95 5.92
C ILE A 115 -4.89 -11.28 7.38
N LEU A 116 -4.72 -10.22 8.17
CA LEU A 116 -4.64 -10.34 9.61
C LEU A 116 -5.85 -9.69 10.26
N ASN A 117 -6.03 -9.95 11.53
CA ASN A 117 -7.07 -9.32 12.33
C ASN A 117 -6.45 -8.65 13.52
N LYS A 118 -5.09 -8.65 13.55
CA LYS A 118 -4.28 -8.06 14.63
C LYS A 118 -4.85 -8.35 16.02
N GLY A 4 -9.17 -20.86 9.49
CA GLY A 4 -8.73 -19.43 9.53
C GLY A 4 -7.42 -19.23 8.82
N SER A 5 -7.12 -17.96 8.48
CA SER A 5 -5.90 -17.61 7.75
C SER A 5 -5.85 -18.31 6.39
N THR A 6 -6.69 -17.88 5.48
CA THR A 6 -6.75 -18.48 4.15
C THR A 6 -5.49 -18.16 3.35
N GLU A 7 -5.11 -16.87 3.34
CA GLU A 7 -3.92 -16.41 2.64
C GLU A 7 -3.94 -16.88 1.17
N SER A 8 -5.10 -16.71 0.54
CA SER A 8 -5.26 -17.10 -0.85
C SER A 8 -6.25 -16.16 -1.53
N LEU A 9 -6.35 -14.96 -0.99
CA LEU A 9 -7.23 -13.93 -1.53
C LEU A 9 -6.41 -12.96 -2.36
N THR A 10 -6.98 -12.42 -3.42
CA THR A 10 -6.23 -11.52 -4.28
C THR A 10 -6.97 -10.22 -4.50
N VAL A 11 -6.36 -9.30 -5.26
CA VAL A 11 -6.96 -8.00 -5.53
C VAL A 11 -6.57 -7.52 -6.92
N SER A 12 -7.55 -7.16 -7.73
CA SER A 12 -7.30 -6.61 -9.04
C SER A 12 -7.22 -5.09 -8.98
N GLY A 13 -6.37 -4.51 -9.80
CA GLY A 13 -6.21 -3.08 -9.81
C GLY A 13 -4.83 -2.67 -9.36
N GLN A 14 -4.29 -1.65 -10.00
CA GLN A 14 -2.93 -1.19 -9.69
C GLN A 14 -2.98 0.04 -8.82
N PRO A 15 -2.71 -0.09 -7.51
CA PRO A 15 -2.74 1.05 -6.61
C PRO A 15 -1.41 1.78 -6.60
N GLU A 16 -1.46 3.07 -6.92
CA GLU A 16 -0.29 3.93 -6.95
C GLU A 16 -0.71 5.36 -6.71
N HIS A 17 -0.21 5.97 -5.65
CA HIS A 17 -0.47 7.38 -5.44
C HIS A 17 0.80 8.06 -4.96
N LYS A 18 0.98 9.32 -5.34
CA LYS A 18 2.24 9.99 -5.14
C LYS A 18 2.07 11.25 -4.31
N VAL A 19 2.95 11.44 -3.35
CA VAL A 19 2.96 12.63 -2.53
C VAL A 19 3.43 13.83 -3.36
N GLU A 20 2.62 14.87 -3.41
CA GLU A 20 2.97 16.06 -4.17
C GLU A 20 3.83 16.99 -3.33
N ALA A 21 4.64 17.80 -4.00
CA ALA A 21 5.55 18.73 -3.33
C ALA A 21 4.77 19.79 -2.57
N LYS A 22 3.62 20.15 -3.09
CA LYS A 22 2.79 21.15 -2.45
C LYS A 22 1.31 20.81 -2.54
N ASP A 23 0.57 21.16 -1.49
CA ASP A 23 -0.86 21.01 -1.49
C ASP A 23 -1.51 22.39 -1.62
N SER A 24 -2.75 22.50 -1.16
CA SER A 24 -3.45 23.78 -1.15
C SER A 24 -2.83 24.78 -0.16
N ASN A 25 -1.90 24.30 0.67
CA ASN A 25 -1.20 25.17 1.62
C ASN A 25 0.28 25.33 1.23
N GLY A 26 0.72 24.53 0.28
CA GLY A 26 2.10 24.63 -0.20
C GLY A 26 3.06 23.71 0.53
N MET A 27 2.53 22.71 1.23
CA MET A 27 3.37 21.74 1.92
C MET A 27 3.21 20.37 1.28
N PRO A 28 4.25 19.51 1.34
CA PRO A 28 4.19 18.18 0.71
C PRO A 28 3.22 17.26 1.44
N VAL A 29 2.19 16.82 0.73
CA VAL A 29 1.14 15.99 1.31
C VAL A 29 0.64 14.99 0.28
N ASP A 30 0.32 13.78 0.74
CA ASP A 30 -0.27 12.79 -0.14
C ASP A 30 -1.79 12.92 -0.12
N ASN A 31 -2.40 12.76 -1.28
CA ASN A 31 -3.83 13.04 -1.44
C ASN A 31 -4.69 11.81 -1.12
N ARG A 32 -4.55 10.76 -1.92
CA ARG A 32 -5.45 9.61 -1.81
C ARG A 32 -4.78 8.34 -1.35
N GLN A 33 -5.62 7.47 -0.83
CA GLN A 33 -5.21 6.17 -0.35
C GLN A 33 -5.31 5.15 -1.47
N GLY A 34 -4.93 3.91 -1.20
CA GLY A 34 -5.05 2.86 -2.19
C GLY A 34 -6.46 2.32 -2.29
N THR A 35 -7.25 2.88 -3.18
CA THR A 35 -8.62 2.40 -3.36
C THR A 35 -8.66 1.38 -4.50
N ILE A 36 -9.02 0.14 -4.15
CA ILE A 36 -8.96 -0.98 -5.11
C ILE A 36 -10.20 -1.87 -5.06
N THR A 37 -10.30 -2.79 -6.01
CA THR A 37 -11.40 -3.75 -6.05
C THR A 37 -10.85 -5.14 -5.76
N VAL A 38 -11.32 -5.75 -4.68
CA VAL A 38 -10.71 -6.97 -4.18
C VAL A 38 -11.32 -8.24 -4.76
N SER A 39 -10.43 -9.21 -4.96
CA SER A 39 -10.83 -10.59 -5.22
C SER A 39 -10.88 -11.34 -3.88
N ALA A 40 -10.74 -10.57 -2.80
CA ALA A 40 -10.70 -11.13 -1.46
C ALA A 40 -12.11 -11.13 -0.87
N SER A 41 -12.30 -11.86 0.23
CA SER A 41 -13.60 -11.91 0.88
C SER A 41 -13.42 -11.86 2.39
N GLY A 42 -14.27 -11.07 3.04
CA GLY A 42 -14.16 -10.91 4.49
C GLY A 42 -13.40 -9.66 4.87
N LEU A 43 -13.47 -8.65 4.02
CA LEU A 43 -12.76 -7.39 4.28
C LEU A 43 -13.72 -6.32 4.79
N GLN A 44 -13.36 -5.75 5.92
CA GLN A 44 -14.11 -4.67 6.55
C GLN A 44 -13.15 -3.58 6.97
N VAL A 45 -13.66 -2.53 7.57
CA VAL A 45 -12.81 -1.46 8.07
C VAL A 45 -12.17 -1.90 9.39
N GLY A 46 -10.87 -1.73 9.51
CA GLY A 46 -10.18 -2.10 10.74
C GLY A 46 -9.36 -3.37 10.61
N ASP A 47 -9.21 -3.86 9.39
CA ASP A 47 -8.38 -5.03 9.13
C ASP A 47 -6.95 -4.61 8.86
N ALA A 48 -6.04 -5.57 8.97
CA ALA A 48 -4.63 -5.34 8.70
C ALA A 48 -4.10 -6.48 7.86
N PHE A 49 -3.15 -6.20 6.98
CA PHE A 49 -2.64 -7.25 6.11
C PHE A 49 -1.32 -6.85 5.47
N THR A 50 -0.74 -7.79 4.73
CA THR A 50 0.45 -7.52 3.95
C THR A 50 0.19 -7.92 2.49
N ILE A 51 0.75 -7.17 1.56
CA ILE A 51 0.51 -7.43 0.14
C ILE A 51 1.70 -8.14 -0.50
N ALA A 52 1.43 -9.09 -1.39
CA ALA A 52 2.48 -9.84 -2.08
C ALA A 52 3.27 -8.92 -3.01
N GLY A 53 4.59 -8.92 -2.84
CA GLY A 53 5.44 -8.07 -3.65
C GLY A 53 5.68 -6.72 -3.00
N VAL A 54 4.79 -6.34 -2.11
CA VAL A 54 4.91 -5.09 -1.39
C VAL A 54 5.59 -5.29 -0.04
N ASN A 55 6.86 -4.95 0.01
CA ASN A 55 7.62 -5.00 1.26
C ASN A 55 7.90 -3.58 1.70
N SER A 56 8.03 -3.35 3.00
CA SER A 56 8.20 -2.00 3.50
C SER A 56 9.67 -1.61 3.46
N VAL A 57 9.97 -0.48 4.08
CA VAL A 57 11.33 0.01 4.13
C VAL A 57 11.90 -0.02 5.53
N HIS A 58 13.15 0.37 5.61
CA HIS A 58 13.85 0.54 6.87
C HIS A 58 13.13 1.54 7.78
N GLN A 59 12.74 1.05 8.95
CA GLN A 59 12.00 1.85 9.91
C GLN A 59 12.96 2.72 10.71
N ILE A 60 14.01 2.08 11.24
CA ILE A 60 14.95 2.75 12.12
C ILE A 60 15.77 3.80 11.36
N THR A 61 16.94 3.42 10.89
CA THR A 61 17.86 4.35 10.24
C THR A 61 18.49 3.75 9.00
N LYS A 62 17.69 3.52 7.97
CA LYS A 62 18.15 2.89 6.73
C LYS A 62 18.77 1.52 7.00
N ASP A 63 18.26 0.84 8.02
CA ASP A 63 18.69 -0.51 8.34
C ASP A 63 18.12 -1.50 7.34
N THR A 64 18.39 -2.79 7.56
CA THR A 64 17.87 -3.82 6.70
C THR A 64 16.76 -4.58 7.39
N THR A 65 15.53 -4.36 6.96
CA THR A 65 14.39 -4.96 7.62
C THR A 65 13.66 -5.92 6.68
N GLY A 66 13.21 -5.40 5.54
CA GLY A 66 12.60 -6.24 4.53
C GLY A 66 11.31 -6.90 4.98
N GLN A 67 10.58 -6.24 5.86
CA GLN A 67 9.32 -6.77 6.35
C GLN A 67 8.15 -6.10 5.63
N PRO A 68 7.21 -6.89 5.09
CA PRO A 68 6.05 -6.36 4.36
C PRO A 68 5.25 -5.38 5.21
N GLN A 69 4.82 -4.28 4.58
CA GLN A 69 4.06 -3.25 5.27
C GLN A 69 2.72 -3.80 5.74
N VAL A 70 2.32 -3.40 6.94
CA VAL A 70 1.02 -3.77 7.47
C VAL A 70 0.03 -2.64 7.24
N PHE A 71 -1.07 -2.93 6.58
CA PHE A 71 -2.01 -1.90 6.19
C PHE A 71 -3.18 -1.84 7.17
N ARG A 72 -3.76 -0.66 7.31
CA ARG A 72 -4.95 -0.47 8.11
C ARG A 72 -6.08 -0.01 7.20
N VAL A 73 -7.13 -0.81 7.15
CA VAL A 73 -8.28 -0.51 6.32
C VAL A 73 -9.13 0.59 6.93
N LEU A 74 -9.42 1.62 6.15
CA LEU A 74 -10.17 2.77 6.65
C LEU A 74 -11.56 2.85 6.02
N ALA A 75 -11.76 2.18 4.89
CA ALA A 75 -13.05 2.22 4.21
C ALA A 75 -13.27 1.01 3.33
N VAL A 76 -14.49 0.47 3.37
CA VAL A 76 -14.87 -0.64 2.50
C VAL A 76 -16.28 -0.40 1.97
N SER A 77 -16.47 -0.57 0.67
CA SER A 77 -17.76 -0.30 0.04
C SER A 77 -17.90 -1.05 -1.28
N GLY A 78 -18.77 -2.05 -1.31
CA GLY A 78 -18.97 -2.83 -2.53
C GLY A 78 -17.71 -3.54 -2.96
N THR A 79 -17.03 -4.16 -2.00
CA THR A 79 -15.74 -4.83 -2.20
C THR A 79 -14.69 -3.90 -2.84
N THR A 80 -14.95 -2.60 -2.76
CA THR A 80 -13.96 -1.61 -3.14
C THR A 80 -13.35 -1.03 -1.87
N VAL A 81 -12.10 -1.37 -1.62
CA VAL A 81 -11.49 -1.08 -0.34
C VAL A 81 -10.53 0.10 -0.43
N THR A 82 -10.63 0.98 0.54
CA THR A 82 -9.70 2.07 0.69
C THR A 82 -8.64 1.69 1.73
N ILE A 83 -7.42 1.44 1.28
CA ILE A 83 -6.39 0.97 2.19
C ILE A 83 -5.32 2.02 2.42
N SER A 84 -4.91 2.12 3.67
CA SER A 84 -3.81 2.97 4.06
C SER A 84 -2.87 2.12 4.90
N PRO A 85 -1.57 2.38 4.92
CA PRO A 85 -0.94 3.48 4.18
C PRO A 85 -0.97 3.28 2.67
N LYS A 86 -0.47 4.27 1.95
CA LYS A 86 -0.42 4.18 0.49
C LYS A 86 0.94 3.65 0.03
N ILE A 87 1.02 3.26 -1.23
CA ILE A 87 2.22 2.63 -1.75
C ILE A 87 3.23 3.66 -2.24
N LEU A 88 4.19 4.00 -1.39
CA LEU A 88 5.28 4.91 -1.77
C LEU A 88 6.56 4.13 -1.94
N PRO A 89 7.04 3.99 -3.18
CA PRO A 89 8.18 3.11 -3.49
C PRO A 89 9.54 3.75 -3.23
N VAL A 90 10.54 2.88 -3.05
CA VAL A 90 11.93 3.29 -3.03
C VAL A 90 12.42 3.44 -4.47
N GLU A 91 11.58 2.95 -5.39
CA GLU A 91 11.86 3.06 -6.82
C GLU A 91 11.70 4.51 -7.27
N ASN A 92 11.22 5.35 -6.35
CA ASN A 92 10.98 6.75 -6.64
C ASN A 92 12.31 7.44 -6.92
N THR A 93 12.44 7.97 -8.13
CA THR A 93 13.72 8.48 -8.60
C THR A 93 13.92 9.94 -8.17
N ASP A 94 12.84 10.61 -7.78
CA ASP A 94 12.93 11.99 -7.32
C ASP A 94 13.59 12.03 -5.95
N VAL A 95 14.74 12.70 -5.88
CA VAL A 95 15.55 12.72 -4.66
C VAL A 95 14.79 13.28 -3.46
N ALA A 96 13.94 14.29 -3.69
CA ALA A 96 13.16 14.89 -2.61
C ALA A 96 12.03 13.97 -2.16
N SER A 97 11.59 13.10 -3.05
CA SER A 97 10.49 12.19 -2.73
C SER A 97 11.03 10.83 -2.24
N ARG A 98 12.34 10.66 -2.30
CA ARG A 98 12.98 9.42 -1.82
C ARG A 98 12.71 9.18 -0.33
N PRO A 99 12.92 10.17 0.57
CA PRO A 99 12.68 10.01 2.02
C PRO A 99 11.27 9.56 2.34
N TYR A 100 10.35 9.87 1.43
CA TYR A 100 8.94 9.60 1.61
C TYR A 100 8.62 8.12 1.39
N ALA A 101 9.61 7.35 0.95
CA ALA A 101 9.42 5.93 0.65
C ALA A 101 8.84 5.18 1.84
N ASN A 102 7.78 4.42 1.58
CA ASN A 102 7.12 3.63 2.62
C ASN A 102 7.38 2.14 2.35
N VAL A 103 7.37 1.79 1.08
CA VAL A 103 7.61 0.42 0.65
C VAL A 103 8.65 0.39 -0.46
N ASP A 104 9.11 -0.80 -0.79
CA ASP A 104 10.15 -0.96 -1.81
C ASP A 104 9.71 -0.45 -3.18
N ALA A 105 8.48 -0.79 -3.57
CA ALA A 105 8.04 -0.48 -4.93
C ALA A 105 6.52 -0.40 -5.05
N LYS A 106 6.08 0.10 -6.19
CA LYS A 106 4.67 0.00 -6.57
C LYS A 106 4.52 -1.11 -7.59
N PRO A 107 3.95 -2.24 -7.18
CA PRO A 107 3.84 -3.41 -8.05
C PRO A 107 2.68 -3.31 -9.02
N ALA A 108 2.72 -4.12 -10.06
CA ALA A 108 1.62 -4.20 -11.00
C ALA A 108 0.52 -5.06 -10.41
N GLU A 109 -0.69 -4.49 -10.30
CA GLU A 109 -1.84 -5.16 -9.68
C GLU A 109 -1.62 -5.25 -8.16
N SER A 110 -2.68 -5.50 -7.42
CA SER A 110 -2.59 -5.54 -5.97
C SER A 110 -2.18 -6.93 -5.50
N ALA A 111 -2.26 -7.91 -6.42
CA ALA A 111 -1.75 -9.26 -6.16
C ALA A 111 -2.48 -9.96 -5.02
N ALA A 112 -1.85 -10.98 -4.48
CA ALA A 112 -2.39 -11.73 -3.35
C ALA A 112 -2.12 -10.99 -2.06
N ILE A 113 -3.02 -11.13 -1.10
CA ILE A 113 -2.87 -10.44 0.16
C ILE A 113 -2.91 -11.42 1.34
N THR A 114 -2.12 -11.12 2.36
CA THR A 114 -2.05 -11.95 3.56
C THR A 114 -2.82 -11.27 4.68
N ILE A 115 -4.07 -11.68 4.87
CA ILE A 115 -4.98 -11.00 5.78
C ILE A 115 -4.73 -11.33 7.25
N LEU A 116 -4.57 -10.27 8.04
CA LEU A 116 -4.51 -10.38 9.49
C LEU A 116 -5.76 -9.82 10.12
N ASN A 117 -5.85 -9.94 11.43
CA ASN A 117 -6.92 -9.34 12.20
C ASN A 117 -6.34 -8.58 13.38
N LYS A 118 -5.01 -8.44 13.39
CA LYS A 118 -4.33 -7.71 14.46
C LYS A 118 -3.74 -6.41 13.93
N GLY A 4 -10.10 -18.67 7.68
CA GLY A 4 -8.76 -19.18 7.26
C GLY A 4 -7.95 -18.12 6.54
N SER A 5 -6.87 -18.53 5.90
CA SER A 5 -6.02 -17.59 5.17
C SER A 5 -6.43 -17.52 3.71
N THR A 6 -6.83 -18.67 3.15
CA THR A 6 -7.25 -18.78 1.75
C THR A 6 -6.04 -18.70 0.81
N GLU A 7 -5.29 -17.60 0.91
CA GLU A 7 -4.07 -17.39 0.13
C GLU A 7 -4.30 -17.49 -1.37
N SER A 8 -5.47 -17.04 -1.80
CA SER A 8 -5.77 -16.94 -3.21
C SER A 8 -6.59 -15.67 -3.47
N LEU A 9 -6.48 -14.72 -2.54
CA LEU A 9 -7.20 -13.47 -2.66
C LEU A 9 -6.28 -12.41 -3.22
N THR A 10 -6.72 -11.75 -4.28
CA THR A 10 -5.90 -10.71 -4.90
C THR A 10 -6.68 -9.41 -4.98
N VAL A 11 -6.04 -8.36 -5.50
CA VAL A 11 -6.68 -7.05 -5.58
C VAL A 11 -6.20 -6.30 -6.83
N SER A 12 -7.08 -5.50 -7.41
CA SER A 12 -6.74 -4.61 -8.50
C SER A 12 -7.28 -3.21 -8.22
N GLY A 13 -6.44 -2.35 -7.68
CA GLY A 13 -6.93 -1.05 -7.23
C GLY A 13 -6.24 0.12 -7.89
N GLN A 14 -6.39 1.29 -7.28
CA GLN A 14 -5.79 2.51 -7.80
C GLN A 14 -4.35 2.66 -7.31
N PRO A 15 -3.57 3.55 -7.95
CA PRO A 15 -2.14 3.73 -7.63
C PRO A 15 -1.89 4.05 -6.16
N GLU A 16 -0.91 3.37 -5.59
CA GLU A 16 -0.49 3.58 -4.21
C GLU A 16 0.71 4.51 -4.20
N HIS A 17 0.64 5.62 -3.47
CA HIS A 17 1.71 6.61 -3.49
C HIS A 17 1.49 7.72 -2.47
N LYS A 18 2.49 8.59 -2.32
CA LYS A 18 2.27 9.84 -1.61
C LYS A 18 3.36 10.86 -1.94
N VAL A 19 2.94 12.02 -2.40
CA VAL A 19 3.84 13.14 -2.60
C VAL A 19 3.54 14.19 -1.53
N GLU A 20 4.52 15.05 -1.22
CA GLU A 20 4.35 16.06 -0.18
C GLU A 20 3.12 16.92 -0.43
N ALA A 21 2.54 17.44 0.67
CA ALA A 21 1.29 18.22 0.66
C ALA A 21 1.10 19.06 -0.60
N LYS A 22 2.07 19.91 -0.91
CA LYS A 22 1.98 20.77 -2.08
C LYS A 22 3.29 20.77 -2.86
N ASP A 23 3.19 20.98 -4.18
CA ASP A 23 4.36 20.96 -5.04
C ASP A 23 4.89 22.38 -5.30
N SER A 24 5.64 22.54 -6.39
CA SER A 24 6.25 23.82 -6.73
C SER A 24 5.20 24.92 -6.93
N ASN A 25 4.03 24.56 -7.43
CA ASN A 25 2.97 25.53 -7.64
C ASN A 25 2.12 25.68 -6.38
N GLY A 26 2.29 24.75 -5.45
CA GLY A 26 1.60 24.83 -4.19
C GLY A 26 0.20 24.27 -4.23
N MET A 27 -0.05 23.36 -5.15
CA MET A 27 -1.34 22.69 -5.22
C MET A 27 -1.31 21.40 -4.42
N PRO A 28 -2.40 21.08 -3.70
CA PRO A 28 -2.47 19.90 -2.84
C PRO A 28 -2.42 18.60 -3.63
N VAL A 29 -1.43 17.77 -3.33
CA VAL A 29 -1.32 16.46 -3.95
C VAL A 29 -2.04 15.43 -3.09
N ASP A 30 -2.73 14.48 -3.74
CA ASP A 30 -3.49 13.47 -3.01
C ASP A 30 -2.56 12.39 -2.47
N ASN A 31 -2.07 12.61 -1.26
CA ASN A 31 -1.12 11.70 -0.64
C ASN A 31 -1.79 10.77 0.36
N ARG A 32 -3.12 10.77 0.38
CA ARG A 32 -3.86 9.94 1.33
C ARG A 32 -4.65 8.84 0.67
N GLN A 33 -5.00 7.87 1.52
CA GLN A 33 -5.95 6.80 1.16
C GLN A 33 -5.53 6.02 -0.09
N GLY A 34 -6.35 5.04 -0.44
CA GLY A 34 -6.12 4.22 -1.61
C GLY A 34 -7.31 3.32 -1.87
N THR A 35 -8.02 3.54 -2.96
CA THR A 35 -9.23 2.79 -3.23
C THR A 35 -8.93 1.59 -4.14
N ILE A 36 -9.16 0.40 -3.61
CA ILE A 36 -8.83 -0.81 -4.35
C ILE A 36 -10.05 -1.69 -4.58
N THR A 37 -10.21 -2.14 -5.82
CA THR A 37 -11.25 -3.10 -6.14
C THR A 37 -10.70 -4.49 -5.93
N VAL A 38 -11.20 -5.18 -4.91
CA VAL A 38 -10.55 -6.39 -4.49
C VAL A 38 -11.08 -7.64 -5.21
N SER A 39 -10.15 -8.53 -5.49
CA SER A 39 -10.45 -9.87 -5.97
C SER A 39 -10.58 -10.80 -4.76
N ALA A 40 -10.58 -10.19 -3.59
CA ALA A 40 -10.63 -10.90 -2.32
C ALA A 40 -12.05 -10.88 -1.79
N SER A 41 -12.29 -11.53 -0.65
CA SER A 41 -13.60 -11.55 -0.05
C SER A 41 -13.51 -11.53 1.47
N GLY A 42 -14.52 -10.98 2.11
CA GLY A 42 -14.56 -10.94 3.56
C GLY A 42 -13.80 -9.77 4.14
N LEU A 43 -13.50 -8.78 3.29
CA LEU A 43 -12.75 -7.62 3.74
C LEU A 43 -13.68 -6.57 4.34
N GLN A 44 -13.33 -6.10 5.52
CA GLN A 44 -14.11 -5.08 6.22
C GLN A 44 -13.16 -4.08 6.89
N VAL A 45 -13.71 -3.02 7.45
CA VAL A 45 -12.90 -2.01 8.10
C VAL A 45 -12.26 -2.58 9.37
N GLY A 46 -10.99 -2.27 9.60
CA GLY A 46 -10.32 -2.73 10.79
C GLY A 46 -9.41 -3.92 10.55
N ASP A 47 -9.27 -4.31 9.29
CA ASP A 47 -8.38 -5.39 8.93
C ASP A 47 -6.97 -4.88 8.72
N ALA A 48 -6.01 -5.62 9.23
CA ALA A 48 -4.61 -5.29 9.09
C ALA A 48 -3.91 -6.41 8.36
N PHE A 49 -3.27 -6.10 7.25
CA PHE A 49 -2.77 -7.15 6.38
C PHE A 49 -1.43 -6.80 5.77
N THR A 50 -0.81 -7.80 5.18
CA THR A 50 0.38 -7.60 4.37
C THR A 50 0.05 -7.96 2.92
N ILE A 51 0.88 -7.52 2.00
CA ILE A 51 0.62 -7.80 0.59
C ILE A 51 1.83 -8.46 -0.05
N ALA A 52 1.58 -9.42 -0.95
CA ALA A 52 2.64 -10.13 -1.66
C ALA A 52 3.39 -9.19 -2.59
N GLY A 53 4.65 -8.93 -2.28
CA GLY A 53 5.45 -8.05 -3.10
C GLY A 53 5.64 -6.68 -2.49
N VAL A 54 4.90 -6.42 -1.41
CA VAL A 54 5.01 -5.14 -0.71
C VAL A 54 5.84 -5.32 0.56
N ASN A 55 7.07 -4.86 0.51
CA ASN A 55 7.98 -5.03 1.64
C ASN A 55 8.57 -3.68 2.03
N SER A 56 8.25 -3.24 3.24
CA SER A 56 8.61 -1.89 3.69
C SER A 56 10.09 -1.73 3.98
N VAL A 57 10.52 -0.48 4.02
CA VAL A 57 11.90 -0.12 4.32
C VAL A 57 11.96 0.73 5.59
N HIS A 58 13.17 1.10 6.00
CA HIS A 58 13.33 2.04 7.08
C HIS A 58 13.92 3.34 6.53
N GLN A 59 13.08 4.37 6.41
CA GLN A 59 13.50 5.61 5.77
C GLN A 59 14.43 6.42 6.66
N ILE A 60 14.19 6.38 7.97
CA ILE A 60 14.96 7.17 8.91
C ILE A 60 16.40 6.68 8.99
N THR A 61 16.58 5.39 9.30
CA THR A 61 17.91 4.83 9.45
C THR A 61 18.47 4.32 8.13
N LYS A 62 17.65 4.40 7.07
CA LYS A 62 18.05 3.96 5.74
C LYS A 62 18.46 2.49 5.75
N ASP A 63 17.57 1.65 6.27
CA ASP A 63 17.85 0.23 6.42
C ASP A 63 16.89 -0.60 5.58
N THR A 64 17.42 -1.60 4.90
CA THR A 64 16.63 -2.47 4.06
C THR A 64 16.48 -3.84 4.70
N THR A 65 15.24 -4.30 4.83
CA THR A 65 14.98 -5.56 5.49
C THR A 65 14.00 -6.42 4.71
N GLY A 66 13.08 -5.76 3.99
CA GLY A 66 12.14 -6.49 3.19
C GLY A 66 10.98 -7.05 4.00
N GLN A 67 10.59 -6.34 5.05
CA GLN A 67 9.49 -6.80 5.90
C GLN A 67 8.16 -6.35 5.33
N PRO A 68 7.23 -7.29 5.09
CA PRO A 68 5.90 -6.96 4.57
C PRO A 68 5.15 -6.02 5.51
N GLN A 69 4.69 -4.90 4.98
CA GLN A 69 4.05 -3.89 5.80
C GLN A 69 2.60 -4.24 6.11
N VAL A 70 2.14 -3.78 7.27
CA VAL A 70 0.78 -4.01 7.71
C VAL A 70 -0.09 -2.79 7.43
N PHE A 71 -1.21 -3.00 6.75
CA PHE A 71 -2.09 -1.90 6.36
C PHE A 71 -3.28 -1.79 7.29
N ARG A 72 -4.01 -0.69 7.18
CA ARG A 72 -5.25 -0.50 7.91
C ARG A 72 -6.40 -0.16 6.97
N VAL A 73 -7.42 -0.99 6.99
CA VAL A 73 -8.63 -0.76 6.21
C VAL A 73 -9.51 0.28 6.90
N LEU A 74 -9.91 1.30 6.15
CA LEU A 74 -10.72 2.38 6.72
C LEU A 74 -12.16 2.34 6.22
N ALA A 75 -12.37 1.84 5.00
CA ALA A 75 -13.72 1.76 4.44
C ALA A 75 -13.83 0.63 3.44
N VAL A 76 -14.95 -0.08 3.46
CA VAL A 76 -15.22 -1.12 2.48
C VAL A 76 -16.63 -0.97 1.95
N SER A 77 -16.77 -0.94 0.64
CA SER A 77 -18.06 -0.72 0.01
C SER A 77 -18.18 -1.51 -1.30
N GLY A 78 -18.80 -2.69 -1.23
CA GLY A 78 -18.98 -3.50 -2.42
C GLY A 78 -17.67 -3.84 -3.10
N THR A 79 -16.79 -4.55 -2.37
CA THR A 79 -15.44 -4.92 -2.82
C THR A 79 -14.59 -3.72 -3.23
N THR A 80 -15.09 -2.51 -3.04
CA THR A 80 -14.30 -1.31 -3.22
C THR A 80 -13.79 -0.86 -1.86
N VAL A 81 -12.51 -1.08 -1.62
CA VAL A 81 -11.96 -0.87 -0.30
C VAL A 81 -11.06 0.36 -0.26
N THR A 82 -11.42 1.31 0.59
CA THR A 82 -10.58 2.49 0.81
C THR A 82 -9.61 2.18 1.94
N ILE A 83 -8.35 1.97 1.60
CA ILE A 83 -7.37 1.58 2.58
C ILE A 83 -6.33 2.65 2.84
N SER A 84 -5.44 2.31 3.75
CA SER A 84 -4.29 3.12 4.09
C SER A 84 -3.29 2.20 4.76
N PRO A 85 -2.00 2.52 4.78
CA PRO A 85 -1.44 3.75 4.20
C PRO A 85 -1.29 3.69 2.67
N LYS A 86 -0.20 4.25 2.17
CA LYS A 86 0.06 4.29 0.73
C LYS A 86 1.48 3.80 0.43
N ILE A 87 1.83 3.60 -0.85
CA ILE A 87 3.04 2.83 -1.14
C ILE A 87 3.95 3.49 -2.18
N LEU A 88 5.23 3.61 -1.84
CA LEU A 88 6.23 4.03 -2.84
C LEU A 88 7.47 3.17 -2.78
N PRO A 89 7.84 2.59 -3.93
CA PRO A 89 9.03 1.74 -4.03
C PRO A 89 10.31 2.54 -4.24
N VAL A 90 11.43 1.94 -3.90
CA VAL A 90 12.73 2.52 -4.20
C VAL A 90 13.09 2.21 -5.66
N GLU A 91 12.42 1.21 -6.20
CA GLU A 91 12.61 0.83 -7.60
C GLU A 91 11.57 1.50 -8.50
N ASN A 92 11.19 2.74 -8.17
CA ASN A 92 10.19 3.45 -8.95
C ASN A 92 10.86 4.49 -9.83
N THR A 93 10.35 4.66 -11.04
CA THR A 93 10.96 5.54 -12.02
C THR A 93 10.54 7.01 -11.81
N ASP A 94 9.59 7.23 -10.90
CA ASP A 94 9.13 8.57 -10.58
C ASP A 94 10.10 9.26 -9.63
N VAL A 95 10.34 10.55 -9.87
CA VAL A 95 11.28 11.32 -9.07
C VAL A 95 10.82 11.45 -7.61
N ALA A 96 9.54 11.76 -7.42
CA ALA A 96 9.01 11.98 -6.07
C ALA A 96 8.82 10.68 -5.32
N SER A 97 8.69 9.58 -6.04
CA SER A 97 8.45 8.28 -5.43
C SER A 97 9.71 7.74 -4.74
N ARG A 98 10.87 8.24 -5.14
CA ARG A 98 12.14 7.75 -4.61
C ARG A 98 12.40 8.24 -3.17
N PRO A 99 12.36 9.57 -2.90
CA PRO A 99 12.62 10.10 -1.56
C PRO A 99 11.52 9.73 -0.57
N TYR A 100 10.28 9.78 -1.04
CA TYR A 100 9.13 9.45 -0.21
C TYR A 100 8.81 7.96 -0.28
N ALA A 101 9.84 7.16 -0.50
CA ALA A 101 9.70 5.72 -0.58
C ALA A 101 9.26 5.13 0.76
N ASN A 102 8.70 3.95 0.70
CA ASN A 102 8.20 3.27 1.89
C ASN A 102 8.47 1.78 1.80
N VAL A 103 8.56 1.29 0.57
CA VAL A 103 8.83 -0.12 0.32
C VAL A 103 9.92 -0.27 -0.73
N ASP A 104 10.35 -1.50 -0.98
CA ASP A 104 11.40 -1.77 -1.95
C ASP A 104 10.85 -1.89 -3.37
N ALA A 105 9.53 -2.02 -3.50
CA ALA A 105 8.90 -2.23 -4.81
C ALA A 105 7.37 -2.32 -4.69
N LYS A 106 6.69 -2.16 -5.83
CA LYS A 106 5.25 -2.36 -5.90
C LYS A 106 4.94 -3.47 -6.89
N PRO A 107 4.05 -4.40 -6.53
CA PRO A 107 3.62 -5.47 -7.42
C PRO A 107 2.58 -4.97 -8.43
N ALA A 108 2.30 -5.79 -9.44
CA ALA A 108 1.29 -5.43 -10.44
C ALA A 108 -0.08 -5.38 -9.79
N GLU A 109 -0.86 -4.35 -10.14
CA GLU A 109 -2.15 -4.11 -9.51
C GLU A 109 -1.95 -3.87 -8.01
N SER A 110 -2.70 -4.60 -7.21
CA SER A 110 -2.53 -4.54 -5.76
C SER A 110 -1.97 -5.86 -5.25
N ALA A 111 -1.96 -6.87 -6.13
CA ALA A 111 -1.34 -8.19 -5.86
C ALA A 111 -2.14 -9.05 -4.89
N ALA A 112 -1.49 -10.11 -4.41
CA ALA A 112 -2.12 -11.06 -3.48
C ALA A 112 -2.05 -10.53 -2.06
N ILE A 113 -3.09 -10.79 -1.29
CA ILE A 113 -3.22 -10.20 0.03
C ILE A 113 -3.13 -11.25 1.13
N THR A 114 -2.53 -10.87 2.25
CA THR A 114 -2.48 -11.75 3.42
C THR A 114 -3.20 -11.06 4.58
N ILE A 115 -4.47 -11.40 4.79
CA ILE A 115 -5.30 -10.70 5.76
C ILE A 115 -5.11 -11.23 7.18
N LEU A 116 -4.88 -10.31 8.11
CA LEU A 116 -4.86 -10.63 9.52
C LEU A 116 -6.04 -10.00 10.23
N ASN A 117 -6.34 -10.52 11.41
CA ASN A 117 -7.35 -9.94 12.27
C ASN A 117 -6.70 -9.37 13.51
N LYS A 118 -5.36 -9.50 13.56
CA LYS A 118 -4.55 -9.05 14.70
C LYS A 118 -4.85 -9.85 15.95
N GLY A 4 -12.64 -20.84 -8.25
CA GLY A 4 -12.40 -20.01 -7.04
C GLY A 4 -11.01 -20.21 -6.49
N SER A 5 -10.66 -19.44 -5.47
CA SER A 5 -9.34 -19.51 -4.82
C SER A 5 -8.23 -19.19 -5.81
N THR A 6 -8.00 -17.90 -6.04
CA THR A 6 -6.91 -17.47 -6.91
C THR A 6 -5.56 -17.58 -6.19
N GLU A 7 -5.13 -16.49 -5.57
CA GLU A 7 -3.94 -16.51 -4.74
C GLU A 7 -4.33 -16.00 -3.36
N SER A 8 -5.01 -16.85 -2.60
CA SER A 8 -5.61 -16.46 -1.33
C SER A 8 -6.72 -15.45 -1.57
N LEU A 9 -6.40 -14.18 -1.40
CA LEU A 9 -7.30 -13.08 -1.76
C LEU A 9 -6.54 -12.09 -2.59
N THR A 10 -7.02 -11.76 -3.78
CA THR A 10 -6.28 -10.85 -4.64
C THR A 10 -7.08 -9.58 -4.91
N VAL A 11 -6.46 -8.62 -5.60
CA VAL A 11 -7.09 -7.33 -5.86
C VAL A 11 -6.63 -6.76 -7.21
N SER A 12 -7.56 -6.13 -7.92
CA SER A 12 -7.24 -5.46 -9.16
C SER A 12 -7.36 -3.95 -8.97
N GLY A 13 -6.25 -3.25 -9.14
CA GLY A 13 -6.23 -1.82 -8.94
C GLY A 13 -4.85 -1.27 -9.14
N GLN A 14 -4.72 0.05 -9.21
CA GLN A 14 -3.42 0.67 -9.45
C GLN A 14 -2.94 1.43 -8.21
N PRO A 15 -2.01 0.82 -7.46
CA PRO A 15 -1.36 1.47 -6.33
C PRO A 15 -0.18 2.32 -6.82
N GLU A 16 -0.17 3.59 -6.46
CA GLU A 16 0.82 4.51 -7.00
C GLU A 16 1.67 5.13 -5.91
N HIS A 17 2.80 5.70 -6.32
CA HIS A 17 3.64 6.48 -5.43
C HIS A 17 3.56 7.95 -5.78
N LYS A 18 3.64 8.79 -4.76
CA LYS A 18 3.61 10.23 -4.96
C LYS A 18 4.04 10.95 -3.69
N VAL A 19 4.17 12.26 -3.79
CA VAL A 19 4.42 13.10 -2.65
C VAL A 19 3.17 13.17 -1.76
N GLU A 20 3.40 13.30 -0.46
CA GLU A 20 2.34 13.43 0.53
C GLU A 20 1.60 14.75 0.38
N ALA A 21 0.55 14.94 1.19
CA ALA A 21 -0.32 16.12 1.17
C ALA A 21 0.40 17.38 0.70
N LYS A 22 1.45 17.77 1.40
CA LYS A 22 2.24 18.92 1.02
C LYS A 22 3.64 18.88 1.61
N ASP A 23 4.59 19.44 0.88
CA ASP A 23 5.96 19.54 1.33
C ASP A 23 6.24 20.97 1.74
N SER A 24 7.52 21.34 1.75
CA SER A 24 7.89 22.73 2.02
C SER A 24 7.40 23.65 0.90
N ASN A 25 7.37 23.13 -0.32
CA ASN A 25 6.91 23.90 -1.47
C ASN A 25 5.40 23.83 -1.64
N GLY A 26 4.77 22.86 -0.98
CA GLY A 26 3.33 22.74 -1.05
C GLY A 26 2.85 22.23 -2.39
N MET A 27 3.50 21.20 -2.91
CA MET A 27 3.11 20.58 -4.17
C MET A 27 1.90 19.68 -3.95
N PRO A 28 1.25 19.17 -5.04
CA PRO A 28 -0.02 18.44 -4.96
C PRO A 28 -0.09 17.42 -3.82
N VAL A 29 -1.29 17.33 -3.25
CA VAL A 29 -1.56 16.45 -2.12
C VAL A 29 -1.49 14.99 -2.54
N ASP A 30 -1.16 14.12 -1.57
CA ASP A 30 -1.06 12.69 -1.79
C ASP A 30 -2.32 12.19 -2.49
N ASN A 31 -2.15 11.71 -3.72
CA ASN A 31 -3.28 11.53 -4.62
C ASN A 31 -3.88 10.13 -4.57
N ARG A 32 -5.09 10.04 -5.17
CA ARG A 32 -5.90 8.81 -5.26
C ARG A 32 -5.96 8.02 -3.95
N GLN A 33 -6.01 6.67 -4.06
CA GLN A 33 -6.21 5.78 -2.90
C GLN A 33 -7.62 5.93 -2.36
N GLY A 34 -8.04 4.94 -1.61
CA GLY A 34 -9.37 4.96 -1.06
C GLY A 34 -10.35 4.11 -1.84
N THR A 35 -10.07 3.86 -3.11
CA THR A 35 -11.02 3.11 -3.93
C THR A 35 -10.35 2.04 -4.79
N ILE A 36 -10.71 0.78 -4.56
CA ILE A 36 -10.26 -0.32 -5.43
C ILE A 36 -11.32 -1.40 -5.58
N THR A 37 -11.08 -2.33 -6.49
CA THR A 37 -11.97 -3.45 -6.71
C THR A 37 -11.25 -4.76 -6.35
N VAL A 38 -11.72 -5.44 -5.31
CA VAL A 38 -11.00 -6.60 -4.81
C VAL A 38 -11.44 -7.90 -5.47
N SER A 39 -10.47 -8.78 -5.64
CA SER A 39 -10.71 -10.17 -5.99
C SER A 39 -10.81 -10.98 -4.69
N ALA A 40 -10.84 -10.25 -3.58
CA ALA A 40 -10.89 -10.86 -2.26
C ALA A 40 -12.34 -11.11 -1.87
N SER A 41 -12.55 -11.73 -0.72
CA SER A 41 -13.91 -12.05 -0.30
C SER A 41 -14.11 -11.86 1.20
N GLY A 42 -14.99 -10.94 1.55
CA GLY A 42 -15.35 -10.72 2.93
C GLY A 42 -14.32 -9.90 3.69
N LEU A 43 -13.93 -8.75 3.14
CA LEU A 43 -13.01 -7.86 3.83
C LEU A 43 -13.76 -6.95 4.78
N GLN A 44 -13.13 -6.62 5.90
CA GLN A 44 -13.74 -5.78 6.91
C GLN A 44 -12.88 -4.57 7.19
N VAL A 45 -13.46 -3.56 7.82
CA VAL A 45 -12.71 -2.36 8.19
C VAL A 45 -11.91 -2.62 9.46
N GLY A 46 -10.73 -2.02 9.54
CA GLY A 46 -9.91 -2.16 10.73
C GLY A 46 -9.03 -3.39 10.68
N ASP A 47 -8.98 -4.02 9.51
CA ASP A 47 -8.14 -5.19 9.30
C ASP A 47 -6.76 -4.76 8.85
N ALA A 48 -5.81 -5.65 9.04
CA ALA A 48 -4.45 -5.41 8.62
C ALA A 48 -4.03 -6.50 7.65
N PHE A 49 -3.12 -6.19 6.75
CA PHE A 49 -2.72 -7.18 5.78
C PHE A 49 -1.43 -6.79 5.10
N THR A 50 -0.88 -7.73 4.37
CA THR A 50 0.34 -7.49 3.60
C THR A 50 0.08 -7.79 2.14
N ILE A 51 0.65 -6.99 1.26
CA ILE A 51 0.45 -7.16 -0.16
C ILE A 51 1.70 -7.76 -0.81
N ALA A 52 1.50 -8.68 -1.73
CA ALA A 52 2.60 -9.33 -2.44
C ALA A 52 3.42 -8.31 -3.22
N GLY A 53 4.72 -8.28 -2.98
CA GLY A 53 5.59 -7.33 -3.64
C GLY A 53 5.79 -6.06 -2.84
N VAL A 54 4.86 -5.78 -1.92
CA VAL A 54 4.99 -4.62 -1.06
C VAL A 54 5.58 -5.03 0.28
N ASN A 55 6.77 -4.53 0.57
CA ASN A 55 7.46 -4.86 1.81
C ASN A 55 7.92 -3.59 2.51
N SER A 56 8.20 -3.69 3.81
CA SER A 56 8.54 -2.52 4.59
C SER A 56 10.03 -2.20 4.52
N VAL A 57 10.39 -1.03 5.04
CA VAL A 57 11.77 -0.57 5.02
C VAL A 57 12.35 -0.53 6.41
N HIS A 58 13.60 -0.08 6.50
CA HIS A 58 14.34 -0.07 7.76
C HIS A 58 13.69 0.92 8.75
N GLN A 59 12.63 0.48 9.41
CA GLN A 59 11.87 1.36 10.29
C GLN A 59 12.54 1.53 11.65
N ILE A 60 13.20 0.49 12.12
CA ILE A 60 13.78 0.48 13.45
C ILE A 60 14.98 1.44 13.52
N THR A 61 16.16 0.94 13.22
CA THR A 61 17.37 1.75 13.23
C THR A 61 18.19 1.49 11.96
N LYS A 62 17.56 1.76 10.82
CA LYS A 62 18.13 1.38 9.52
C LYS A 62 18.42 -0.10 9.52
N ASP A 63 17.48 -0.85 10.10
CA ASP A 63 17.64 -2.28 10.28
C ASP A 63 17.05 -3.05 9.11
N THR A 64 17.76 -4.06 8.66
CA THR A 64 17.33 -4.87 7.53
C THR A 64 16.38 -5.95 7.97
N THR A 65 15.12 -5.74 7.68
CA THR A 65 14.09 -6.61 8.20
C THR A 65 13.47 -7.45 7.09
N GLY A 66 13.24 -6.82 5.94
CA GLY A 66 12.71 -7.54 4.79
C GLY A 66 11.32 -8.09 5.05
N GLN A 67 10.58 -7.43 5.91
CA GLN A 67 9.25 -7.90 6.30
C GLN A 67 8.19 -7.23 5.44
N PRO A 68 7.10 -7.95 5.13
CA PRO A 68 5.98 -7.41 4.35
C PRO A 68 5.31 -6.23 5.05
N GLN A 69 4.89 -5.24 4.27
CA GLN A 69 4.27 -4.05 4.83
C GLN A 69 2.84 -4.32 5.28
N VAL A 70 2.54 -3.96 6.53
CA VAL A 70 1.21 -4.15 7.08
C VAL A 70 0.38 -2.87 6.89
N PHE A 71 -0.84 -3.03 6.43
CA PHE A 71 -1.72 -1.90 6.15
C PHE A 71 -2.91 -1.88 7.09
N ARG A 72 -3.66 -0.78 7.09
CA ARG A 72 -4.85 -0.67 7.91
C ARG A 72 -6.03 -0.27 7.05
N VAL A 73 -7.05 -1.10 7.04
CA VAL A 73 -8.26 -0.84 6.25
C VAL A 73 -9.02 0.36 6.79
N LEU A 74 -9.29 1.32 5.92
CA LEU A 74 -10.02 2.52 6.31
C LEU A 74 -11.52 2.29 6.24
N ALA A 75 -11.96 1.56 5.22
CA ALA A 75 -13.38 1.25 5.06
C ALA A 75 -13.59 0.15 4.02
N VAL A 76 -14.70 -0.56 4.13
CA VAL A 76 -15.08 -1.57 3.15
C VAL A 76 -16.58 -1.50 2.91
N SER A 77 -16.96 -1.34 1.65
CA SER A 77 -18.37 -1.20 1.32
C SER A 77 -18.71 -1.97 0.05
N GLY A 78 -19.08 -3.23 0.22
CA GLY A 78 -19.44 -4.05 -0.92
C GLY A 78 -18.27 -4.29 -1.86
N THR A 79 -17.26 -5.00 -1.36
CA THR A 79 -16.01 -5.32 -2.08
C THR A 79 -15.18 -4.07 -2.47
N THR A 80 -15.82 -2.93 -2.59
CA THR A 80 -15.09 -1.69 -2.83
C THR A 80 -14.48 -1.22 -1.51
N VAL A 81 -13.17 -1.32 -1.41
CA VAL A 81 -12.48 -1.05 -0.17
C VAL A 81 -11.75 0.28 -0.22
N THR A 82 -11.90 1.07 0.83
CA THR A 82 -11.15 2.29 0.98
C THR A 82 -9.74 1.95 1.44
N ILE A 83 -8.79 2.05 0.52
CA ILE A 83 -7.45 1.57 0.80
C ILE A 83 -6.41 2.67 0.92
N SER A 84 -5.51 2.45 1.86
CA SER A 84 -4.41 3.35 2.16
C SER A 84 -3.48 2.56 3.08
N PRO A 85 -2.25 3.00 3.39
CA PRO A 85 -1.63 4.25 2.93
C PRO A 85 -1.01 4.13 1.54
N LYS A 86 -0.06 5.03 1.27
CA LYS A 86 0.58 5.12 -0.04
C LYS A 86 1.73 4.13 -0.21
N ILE A 87 2.12 3.92 -1.46
CA ILE A 87 3.17 2.95 -1.79
C ILE A 87 4.39 3.68 -2.35
N LEU A 88 5.36 3.99 -1.50
CA LEU A 88 6.54 4.72 -1.95
C LEU A 88 7.77 3.83 -1.98
N PRO A 89 8.22 3.47 -3.19
CA PRO A 89 9.38 2.59 -3.40
C PRO A 89 10.71 3.23 -3.01
N VAL A 90 11.61 2.42 -2.49
CA VAL A 90 12.99 2.84 -2.30
C VAL A 90 13.80 2.42 -3.53
N GLU A 91 13.32 1.38 -4.20
CA GLU A 91 13.99 0.80 -5.36
C GLU A 91 13.72 1.62 -6.63
N ASN A 92 12.95 2.69 -6.52
CA ASN A 92 12.62 3.50 -7.68
C ASN A 92 13.76 4.48 -8.00
N THR A 93 13.74 5.02 -9.21
CA THR A 93 14.76 5.94 -9.65
C THR A 93 14.34 7.38 -9.36
N ASP A 94 13.05 7.58 -9.09
CA ASP A 94 12.50 8.89 -8.78
C ASP A 94 13.11 9.41 -7.48
N VAL A 95 14.05 10.34 -7.60
CA VAL A 95 14.77 10.86 -6.45
C VAL A 95 13.84 11.60 -5.48
N ALA A 96 12.79 12.19 -6.00
CA ALA A 96 11.83 12.91 -5.17
C ALA A 96 11.00 11.96 -4.31
N SER A 97 10.86 10.72 -4.75
CA SER A 97 10.05 9.75 -4.03
C SER A 97 10.93 8.88 -3.11
N ARG A 98 12.24 9.03 -3.22
CA ARG A 98 13.18 8.25 -2.40
C ARG A 98 13.13 8.62 -0.92
N PRO A 99 13.20 9.92 -0.54
CA PRO A 99 13.19 10.33 0.88
C PRO A 99 11.88 9.97 1.58
N TYR A 100 10.79 9.99 0.82
CA TYR A 100 9.47 9.70 1.37
C TYR A 100 9.20 8.21 1.42
N ALA A 101 10.01 7.43 0.71
CA ALA A 101 9.80 5.99 0.55
C ALA A 101 9.56 5.29 1.88
N ASN A 102 8.56 4.41 1.91
CA ASN A 102 8.24 3.64 3.11
C ASN A 102 8.16 2.15 2.80
N VAL A 103 8.18 1.81 1.51
CA VAL A 103 8.19 0.42 1.08
C VAL A 103 9.26 0.19 0.03
N ASP A 104 9.55 -1.07 -0.27
CA ASP A 104 10.60 -1.38 -1.24
C ASP A 104 10.23 -0.94 -2.64
N ALA A 105 9.05 -1.36 -3.09
CA ALA A 105 8.61 -1.07 -4.46
C ALA A 105 7.11 -1.25 -4.62
N LYS A 106 6.64 -1.05 -5.84
CA LYS A 106 5.24 -1.24 -6.17
C LYS A 106 5.07 -2.43 -7.11
N PRO A 107 4.14 -3.33 -6.80
CA PRO A 107 3.86 -4.51 -7.62
C PRO A 107 2.88 -4.21 -8.75
N ALA A 108 2.76 -5.15 -9.68
CA ALA A 108 1.78 -5.04 -10.75
C ALA A 108 0.38 -5.29 -10.19
N GLU A 109 -0.51 -4.32 -10.41
CA GLU A 109 -1.85 -4.36 -9.83
C GLU A 109 -1.79 -4.28 -8.32
N SER A 110 -2.87 -4.68 -7.65
CA SER A 110 -2.90 -4.68 -6.20
C SER A 110 -2.43 -6.02 -5.66
N ALA A 111 -2.35 -7.01 -6.56
CA ALA A 111 -1.75 -8.32 -6.26
C ALA A 111 -2.51 -9.09 -5.19
N ALA A 112 -1.81 -10.08 -4.61
CA ALA A 112 -2.38 -10.91 -3.57
C ALA A 112 -2.20 -10.28 -2.21
N ILE A 113 -3.24 -10.33 -1.41
CA ILE A 113 -3.22 -9.74 -0.09
C ILE A 113 -3.38 -10.80 0.99
N THR A 114 -2.69 -10.61 2.11
CA THR A 114 -2.72 -11.57 3.20
C THR A 114 -3.34 -10.93 4.44
N ILE A 115 -4.62 -11.23 4.67
CA ILE A 115 -5.37 -10.61 5.76
C ILE A 115 -4.99 -11.21 7.11
N LEU A 116 -4.71 -10.35 8.08
CA LEU A 116 -4.46 -10.79 9.44
C LEU A 116 -4.92 -9.72 10.43
N ASN A 117 -5.65 -10.14 11.46
CA ASN A 117 -6.11 -9.22 12.49
C ASN A 117 -4.98 -8.89 13.46
N LYS A 118 -4.02 -8.12 12.98
CA LYS A 118 -2.83 -7.82 13.78
C LYS A 118 -2.53 -6.34 13.73
N GLY A 4 -6.50 -15.41 -10.52
CA GLY A 4 -6.65 -16.51 -9.54
C GLY A 4 -6.40 -16.03 -8.12
N SER A 5 -6.23 -16.98 -7.21
CA SER A 5 -5.98 -16.65 -5.80
C SER A 5 -4.56 -16.13 -5.61
N THR A 6 -3.61 -16.74 -6.33
CA THR A 6 -2.20 -16.36 -6.30
C THR A 6 -1.60 -16.55 -4.91
N GLU A 7 -1.76 -15.55 -4.04
CA GLU A 7 -1.33 -15.66 -2.66
C GLU A 7 -2.51 -15.38 -1.75
N SER A 8 -3.37 -16.39 -1.59
CA SER A 8 -4.61 -16.28 -0.82
C SER A 8 -5.67 -15.48 -1.58
N LEU A 9 -5.52 -14.17 -1.57
CA LEU A 9 -6.48 -13.27 -2.20
C LEU A 9 -5.74 -12.25 -3.07
N THR A 10 -6.44 -11.65 -4.03
CA THR A 10 -5.79 -10.63 -4.87
C THR A 10 -6.67 -9.39 -5.00
N VAL A 11 -6.19 -8.39 -5.71
CA VAL A 11 -6.93 -7.14 -5.90
C VAL A 11 -6.64 -6.53 -7.27
N SER A 12 -7.69 -6.29 -8.03
CA SER A 12 -7.57 -5.61 -9.31
C SER A 12 -8.18 -4.21 -9.20
N GLY A 13 -7.34 -3.22 -8.98
CA GLY A 13 -7.86 -1.88 -8.81
C GLY A 13 -7.10 -0.85 -9.60
N GLN A 14 -7.11 0.37 -9.09
CA GLN A 14 -6.44 1.51 -9.72
C GLN A 14 -4.92 1.38 -9.61
N PRO A 15 -4.16 2.26 -10.31
CA PRO A 15 -2.69 2.30 -10.25
C PRO A 15 -2.15 2.47 -8.82
N GLU A 16 -0.84 2.43 -8.68
CA GLU A 16 -0.23 2.47 -7.36
C GLU A 16 0.07 3.90 -6.94
N HIS A 17 0.70 4.04 -5.78
CA HIS A 17 0.88 5.33 -5.14
C HIS A 17 2.29 5.85 -5.36
N LYS A 18 2.39 7.17 -5.45
CA LYS A 18 3.66 7.86 -5.64
C LYS A 18 3.49 9.35 -5.38
N VAL A 19 4.53 9.98 -4.87
CA VAL A 19 4.53 11.42 -4.70
C VAL A 19 5.29 12.04 -5.86
N GLU A 20 4.57 12.75 -6.71
CA GLU A 20 5.16 13.28 -7.94
C GLU A 20 5.68 14.69 -7.73
N ALA A 21 6.80 15.01 -8.39
CA ALA A 21 7.41 16.33 -8.30
C ALA A 21 6.47 17.40 -8.84
N LYS A 22 5.78 17.07 -9.93
CA LYS A 22 4.81 17.96 -10.51
C LYS A 22 3.59 17.19 -11.03
N ASP A 23 2.42 17.76 -10.81
CA ASP A 23 1.18 17.12 -11.25
C ASP A 23 0.64 17.85 -12.46
N SER A 24 -0.66 17.72 -12.69
CA SER A 24 -1.33 18.46 -13.76
C SER A 24 -1.25 19.97 -13.53
N ASN A 25 -0.99 20.38 -12.29
CA ASN A 25 -0.85 21.78 -11.95
C ASN A 25 0.61 22.15 -11.74
N GLY A 26 1.49 21.15 -11.76
CA GLY A 26 2.91 21.39 -11.66
C GLY A 26 3.42 21.52 -10.23
N MET A 27 2.64 21.02 -9.28
CA MET A 27 3.04 21.06 -7.87
C MET A 27 3.29 19.64 -7.34
N PRO A 28 4.09 19.50 -6.27
CA PRO A 28 4.34 18.20 -5.65
C PRO A 28 3.08 17.64 -4.99
N VAL A 29 2.64 16.48 -5.43
CA VAL A 29 1.38 15.93 -4.96
C VAL A 29 1.52 14.48 -4.49
N ASP A 30 0.88 14.18 -3.37
CA ASP A 30 0.75 12.81 -2.90
C ASP A 30 -0.39 12.16 -3.69
N ASN A 31 -0.01 11.36 -4.67
CA ASN A 31 -0.96 10.92 -5.69
C ASN A 31 -1.50 9.52 -5.42
N ARG A 32 -2.76 9.33 -5.83
CA ARG A 32 -3.47 8.06 -5.82
C ARG A 32 -4.29 7.88 -4.53
N GLN A 33 -4.06 6.75 -3.81
CA GLN A 33 -4.88 6.41 -2.64
C GLN A 33 -6.34 6.18 -3.04
N GLY A 34 -7.18 5.84 -2.08
CA GLY A 34 -8.59 5.72 -2.38
C GLY A 34 -9.07 4.28 -2.54
N THR A 35 -10.07 4.10 -3.38
CA THR A 35 -10.73 2.81 -3.50
C THR A 35 -10.27 2.01 -4.71
N ILE A 36 -10.29 0.69 -4.57
CA ILE A 36 -10.02 -0.24 -5.67
C ILE A 36 -11.01 -1.40 -5.61
N THR A 37 -10.99 -2.27 -6.62
CA THR A 37 -11.87 -3.44 -6.61
C THR A 37 -11.06 -4.66 -6.19
N VAL A 38 -11.50 -5.37 -5.18
CA VAL A 38 -10.72 -6.47 -4.66
C VAL A 38 -11.19 -7.82 -5.20
N SER A 39 -10.21 -8.68 -5.44
CA SER A 39 -10.45 -10.08 -5.74
C SER A 39 -10.42 -10.86 -4.42
N ALA A 40 -10.37 -10.12 -3.32
CA ALA A 40 -10.28 -10.70 -2.00
C ALA A 40 -11.68 -10.91 -1.43
N SER A 41 -11.76 -11.62 -0.33
CA SER A 41 -13.05 -11.90 0.31
C SER A 41 -12.93 -11.73 1.81
N GLY A 42 -14.02 -11.31 2.45
CA GLY A 42 -14.04 -11.16 3.89
C GLY A 42 -13.21 -9.98 4.37
N LEU A 43 -13.26 -8.87 3.65
CA LEU A 43 -12.53 -7.67 4.05
C LEU A 43 -13.44 -6.71 4.78
N GLN A 44 -12.91 -6.05 5.81
CA GLN A 44 -13.66 -5.05 6.55
C GLN A 44 -12.73 -3.92 6.96
N VAL A 45 -13.27 -2.93 7.65
CA VAL A 45 -12.46 -1.84 8.17
C VAL A 45 -11.74 -2.28 9.44
N GLY A 46 -10.50 -1.87 9.59
CA GLY A 46 -9.75 -2.22 10.79
C GLY A 46 -8.93 -3.48 10.61
N ASP A 47 -8.94 -4.01 9.40
CA ASP A 47 -8.13 -5.19 9.09
C ASP A 47 -6.68 -4.77 8.87
N ALA A 48 -5.79 -5.70 9.13
CA ALA A 48 -4.37 -5.47 8.95
C ALA A 48 -3.81 -6.59 8.09
N PHE A 49 -3.23 -6.23 6.96
CA PHE A 49 -2.82 -7.24 6.00
C PHE A 49 -1.57 -6.81 5.26
N THR A 50 -1.00 -7.71 4.48
CA THR A 50 0.20 -7.42 3.72
C THR A 50 -0.03 -7.67 2.24
N ILE A 51 0.75 -7.03 1.39
CA ILE A 51 0.59 -7.21 -0.05
C ILE A 51 1.82 -7.87 -0.66
N ALA A 52 1.58 -8.79 -1.59
CA ALA A 52 2.65 -9.52 -2.27
C ALA A 52 3.48 -8.58 -3.13
N GLY A 53 4.73 -8.39 -2.75
CA GLY A 53 5.60 -7.51 -3.48
C GLY A 53 5.90 -6.23 -2.71
N VAL A 54 5.03 -5.90 -1.76
CA VAL A 54 5.23 -4.70 -0.94
C VAL A 54 5.96 -5.05 0.35
N ASN A 55 7.24 -4.74 0.39
CA ASN A 55 8.04 -4.89 1.61
C ASN A 55 8.24 -3.52 2.21
N SER A 56 8.38 -3.43 3.53
CA SER A 56 8.50 -2.12 4.18
C SER A 56 9.95 -1.70 4.23
N VAL A 57 10.20 -0.56 4.84
CA VAL A 57 11.54 -0.11 5.10
C VAL A 57 11.81 -0.10 6.60
N HIS A 58 13.02 0.31 6.97
CA HIS A 58 13.44 0.37 8.37
C HIS A 58 12.33 0.87 9.30
N GLN A 59 11.84 -0.03 10.13
CA GLN A 59 10.73 0.26 11.02
C GLN A 59 11.21 1.03 12.25
N ILE A 60 12.35 0.60 12.80
CA ILE A 60 12.94 1.27 13.94
C ILE A 60 14.23 1.98 13.52
N THR A 61 15.30 1.21 13.34
CA THR A 61 16.59 1.75 12.96
C THR A 61 17.32 0.85 11.97
N LYS A 62 17.10 1.12 10.69
CA LYS A 62 17.78 0.43 9.59
C LYS A 62 17.50 -1.07 9.58
N ASP A 63 16.37 -1.47 10.17
CA ASP A 63 15.97 -2.86 10.17
C ASP A 63 15.16 -3.19 8.91
N THR A 64 15.87 -3.44 7.82
CA THR A 64 15.25 -3.81 6.56
C THR A 64 15.38 -5.32 6.35
N THR A 65 14.27 -6.02 6.51
CA THR A 65 14.30 -7.47 6.54
C THR A 65 13.56 -8.09 5.35
N GLY A 66 13.05 -7.24 4.46
CA GLY A 66 12.38 -7.75 3.27
C GLY A 66 11.03 -8.38 3.59
N GLN A 67 10.37 -7.87 4.62
CA GLN A 67 9.07 -8.39 5.00
C GLN A 67 7.95 -7.47 4.53
N PRO A 68 6.82 -8.06 4.10
CA PRO A 68 5.65 -7.30 3.65
C PRO A 68 5.10 -6.39 4.75
N GLN A 69 4.74 -5.16 4.39
CA GLN A 69 4.25 -4.19 5.36
C GLN A 69 2.79 -4.44 5.70
N VAL A 70 2.44 -4.24 6.97
CA VAL A 70 1.07 -4.44 7.43
C VAL A 70 0.28 -3.13 7.32
N PHE A 71 -0.87 -3.18 6.65
CA PHE A 71 -1.67 -1.99 6.41
C PHE A 71 -2.95 -2.03 7.22
N ARG A 72 -3.56 -0.87 7.44
CA ARG A 72 -4.86 -0.80 8.10
C ARG A 72 -5.91 -0.24 7.15
N VAL A 73 -7.02 -0.94 7.07
CA VAL A 73 -8.11 -0.60 6.16
C VAL A 73 -9.00 0.49 6.75
N LEU A 74 -9.44 1.42 5.90
CA LEU A 74 -10.26 2.54 6.34
C LEU A 74 -11.72 2.36 5.96
N ALA A 75 -12.00 1.71 4.83
CA ALA A 75 -13.38 1.55 4.38
C ALA A 75 -13.53 0.36 3.43
N VAL A 76 -14.60 -0.40 3.58
CA VAL A 76 -14.89 -1.53 2.70
C VAL A 76 -16.39 -1.62 2.42
N SER A 77 -16.77 -1.36 1.18
CA SER A 77 -18.17 -1.44 0.78
C SER A 77 -18.30 -2.06 -0.61
N GLY A 78 -18.91 -3.25 -0.69
CA GLY A 78 -19.11 -3.91 -1.96
C GLY A 78 -17.80 -4.19 -2.69
N THR A 79 -16.90 -4.88 -1.99
CA THR A 79 -15.55 -5.20 -2.50
C THR A 79 -14.81 -3.95 -3.00
N THR A 80 -15.23 -2.79 -2.51
CA THR A 80 -14.57 -1.55 -2.84
C THR A 80 -13.89 -1.01 -1.58
N VAL A 81 -12.57 -1.13 -1.54
CA VAL A 81 -11.84 -0.81 -0.33
C VAL A 81 -11.10 0.51 -0.45
N THR A 82 -11.26 1.35 0.56
CA THR A 82 -10.51 2.60 0.65
C THR A 82 -9.21 2.31 1.39
N ILE A 83 -8.10 2.46 0.68
CA ILE A 83 -6.83 2.02 1.23
C ILE A 83 -5.89 3.16 1.59
N SER A 84 -5.09 2.89 2.61
CA SER A 84 -4.09 3.80 3.16
C SER A 84 -3.20 2.94 4.06
N PRO A 85 -2.02 3.41 4.50
CA PRO A 85 -1.45 4.73 4.22
C PRO A 85 -0.81 4.83 2.83
N LYS A 86 0.26 5.63 2.75
CA LYS A 86 0.93 5.90 1.50
C LYS A 86 1.96 4.81 1.16
N ILE A 87 2.12 4.54 -0.13
CA ILE A 87 3.08 3.55 -0.61
C ILE A 87 4.17 4.21 -1.43
N LEU A 88 5.40 4.20 -0.92
CA LEU A 88 6.53 4.83 -1.62
C LEU A 88 7.74 3.91 -1.65
N PRO A 89 8.04 3.35 -2.83
CA PRO A 89 9.14 2.40 -2.99
C PRO A 89 10.52 3.04 -2.96
N VAL A 90 11.49 2.29 -2.45
CA VAL A 90 12.89 2.70 -2.49
C VAL A 90 13.40 2.56 -3.92
N GLU A 91 12.91 1.53 -4.60
CA GLU A 91 13.28 1.28 -5.99
C GLU A 91 12.40 2.08 -6.95
N ASN A 92 12.01 3.27 -6.53
CA ASN A 92 11.14 4.11 -7.35
C ASN A 92 11.97 4.83 -8.41
N THR A 93 13.20 5.18 -8.04
CA THR A 93 14.16 5.86 -8.92
C THR A 93 13.79 7.33 -9.13
N ASP A 94 12.59 7.73 -8.71
CA ASP A 94 12.19 9.13 -8.77
C ASP A 94 12.79 9.90 -7.60
N VAL A 95 13.64 10.87 -7.94
CA VAL A 95 14.39 11.63 -6.93
C VAL A 95 13.46 12.35 -5.94
N ALA A 96 12.21 12.56 -6.32
CA ALA A 96 11.26 13.25 -5.46
C ALA A 96 10.60 12.31 -4.46
N SER A 97 10.30 11.10 -4.90
CA SER A 97 9.52 10.17 -4.09
C SER A 97 10.37 9.15 -3.33
N ARG A 98 11.54 8.80 -3.87
CA ARG A 98 12.37 7.76 -3.26
C ARG A 98 12.95 8.17 -1.88
N PRO A 99 13.32 9.46 -1.63
CA PRO A 99 13.87 9.86 -0.32
C PRO A 99 12.91 9.57 0.83
N TYR A 100 11.63 9.69 0.55
CA TYR A 100 10.60 9.49 1.57
C TYR A 100 9.97 8.11 1.42
N ALA A 101 10.79 7.13 1.06
CA ALA A 101 10.30 5.77 0.84
C ALA A 101 9.85 5.14 2.14
N ASN A 102 8.75 4.40 2.05
CA ASN A 102 8.20 3.69 3.20
C ASN A 102 8.10 2.20 2.90
N VAL A 103 8.23 1.86 1.62
CA VAL A 103 8.30 0.47 1.19
C VAL A 103 9.44 0.32 0.19
N ASP A 104 9.83 -0.92 -0.10
CA ASP A 104 10.97 -1.16 -0.99
C ASP A 104 10.57 -1.07 -2.47
N ALA A 105 9.32 -1.37 -2.78
CA ALA A 105 8.87 -1.43 -4.16
C ALA A 105 7.36 -1.31 -4.26
N LYS A 106 6.89 -0.90 -5.44
CA LYS A 106 5.46 -0.80 -5.71
C LYS A 106 5.05 -1.82 -6.77
N PRO A 107 4.03 -2.64 -6.49
CA PRO A 107 3.57 -3.68 -7.41
C PRO A 107 2.56 -3.16 -8.42
N ALA A 108 2.28 -3.98 -9.43
CA ALA A 108 1.30 -3.61 -10.46
C ALA A 108 -0.10 -3.67 -9.90
N GLU A 109 -0.82 -2.54 -10.02
CA GLU A 109 -2.16 -2.39 -9.45
C GLU A 109 -2.11 -2.54 -7.93
N SER A 110 -2.80 -3.54 -7.41
CA SER A 110 -2.82 -3.77 -5.98
C SER A 110 -2.10 -5.07 -5.62
N ALA A 111 -2.19 -6.07 -6.50
CA ALA A 111 -1.51 -7.37 -6.33
C ALA A 111 -2.20 -8.26 -5.30
N ALA A 112 -1.50 -9.32 -4.88
CA ALA A 112 -2.06 -10.29 -3.95
C ALA A 112 -1.92 -9.81 -2.52
N ILE A 113 -2.81 -10.27 -1.64
CA ILE A 113 -2.81 -9.84 -0.26
C ILE A 113 -2.79 -11.02 0.71
N THR A 114 -2.10 -10.83 1.82
CA THR A 114 -2.07 -11.82 2.90
C THR A 114 -2.86 -11.28 4.08
N ILE A 115 -3.91 -12.00 4.45
CA ILE A 115 -4.89 -11.48 5.39
C ILE A 115 -4.67 -11.93 6.83
N LEU A 116 -4.72 -10.95 7.71
CA LEU A 116 -4.79 -11.18 9.14
C LEU A 116 -5.55 -10.02 9.78
N ASN A 117 -5.42 -9.85 11.08
CA ASN A 117 -6.06 -8.73 11.78
C ASN A 117 -5.36 -8.47 13.10
N LYS A 118 -4.04 -8.66 13.09
CA LYS A 118 -3.20 -8.47 14.28
C LYS A 118 -3.69 -9.34 15.43
N GLY A 4 3.63 -21.09 4.96
CA GLY A 4 2.20 -20.72 4.96
C GLY A 4 1.63 -20.66 3.56
N SER A 5 0.65 -21.51 3.26
CA SER A 5 0.03 -21.55 1.95
C SER A 5 -1.22 -20.68 1.92
N THR A 6 -1.04 -19.38 2.13
CA THR A 6 -2.15 -18.44 2.11
C THR A 6 -2.23 -17.72 0.76
N GLU A 7 -2.20 -16.38 0.81
CA GLU A 7 -2.24 -15.52 -0.39
C GLU A 7 -3.22 -16.03 -1.46
N SER A 8 -4.39 -16.49 -1.03
CA SER A 8 -5.41 -16.95 -1.96
C SER A 8 -6.27 -15.78 -2.41
N LEU A 9 -6.49 -14.84 -1.50
CA LEU A 9 -7.25 -13.63 -1.81
C LEU A 9 -6.44 -12.75 -2.75
N THR A 10 -7.07 -12.19 -3.77
CA THR A 10 -6.34 -11.33 -4.68
C THR A 10 -7.00 -9.97 -4.78
N VAL A 11 -6.37 -9.04 -5.50
CA VAL A 11 -6.90 -7.69 -5.64
C VAL A 11 -6.58 -7.12 -7.02
N SER A 12 -7.55 -6.43 -7.60
CA SER A 12 -7.39 -5.79 -8.89
C SER A 12 -7.23 -4.27 -8.74
N GLY A 13 -6.52 -3.66 -9.66
CA GLY A 13 -6.34 -2.22 -9.62
C GLY A 13 -5.30 -1.79 -8.61
N GLN A 14 -4.06 -1.64 -9.09
CA GLN A 14 -2.91 -1.28 -8.25
C GLN A 14 -3.23 -0.17 -7.26
N PRO A 15 -2.80 -0.32 -6.00
CA PRO A 15 -2.96 0.71 -4.97
C PRO A 15 -2.19 1.98 -5.34
N GLU A 16 -2.88 3.11 -5.31
CA GLU A 16 -2.31 4.33 -5.84
C GLU A 16 -2.06 5.37 -4.77
N HIS A 17 -0.78 5.72 -4.59
CA HIS A 17 -0.38 6.80 -3.71
C HIS A 17 0.72 7.63 -4.35
N LYS A 18 0.52 8.94 -4.32
CA LYS A 18 1.47 9.88 -4.91
C LYS A 18 1.88 10.94 -3.89
N VAL A 19 3.03 11.54 -4.12
CA VAL A 19 3.45 12.69 -3.32
C VAL A 19 3.11 13.96 -4.08
N GLU A 20 2.23 14.78 -3.50
CA GLU A 20 1.82 16.00 -4.17
C GLU A 20 2.80 17.13 -3.91
N ALA A 21 3.36 17.68 -4.98
CA ALA A 21 4.25 18.83 -4.86
C ALA A 21 3.46 20.05 -4.42
N LYS A 22 2.26 20.18 -4.96
CA LYS A 22 1.35 21.25 -4.58
C LYS A 22 -0.09 20.82 -4.79
N ASP A 23 -0.94 21.21 -3.87
CA ASP A 23 -2.37 20.89 -3.94
C ASP A 23 -3.12 22.07 -4.57
N SER A 24 -4.41 22.16 -4.30
CA SER A 24 -5.21 23.29 -4.78
C SER A 24 -4.77 24.60 -4.12
N ASN A 25 -4.10 24.50 -2.97
CA ASN A 25 -3.61 25.68 -2.28
C ASN A 25 -2.13 25.90 -2.58
N GLY A 26 -1.48 24.88 -3.14
CA GLY A 26 -0.08 25.03 -3.55
C GLY A 26 0.90 24.54 -2.51
N MET A 27 0.47 23.61 -1.67
CA MET A 27 1.32 23.07 -0.62
C MET A 27 1.65 21.61 -0.91
N PRO A 28 2.82 21.12 -0.47
CA PRO A 28 3.19 19.72 -0.59
C PRO A 28 2.34 18.84 0.33
N VAL A 29 1.60 17.91 -0.24
CA VAL A 29 0.67 17.12 0.55
C VAL A 29 0.93 15.62 0.41
N ASP A 30 0.75 14.90 1.50
CA ASP A 30 0.83 13.45 1.49
C ASP A 30 -0.53 12.87 1.09
N ASN A 31 -0.71 12.67 -0.22
CA ASN A 31 -1.99 12.20 -0.76
C ASN A 31 -2.07 10.68 -0.67
N ARG A 32 -2.17 10.19 0.55
CA ARG A 32 -2.03 8.76 0.83
C ARG A 32 -3.27 7.94 0.43
N GLN A 33 -3.54 6.89 1.21
CA GLN A 33 -4.67 5.97 0.98
C GLN A 33 -4.49 5.18 -0.31
N GLY A 34 -5.45 4.32 -0.57
CA GLY A 34 -5.44 3.54 -1.79
C GLY A 34 -6.75 2.83 -1.99
N THR A 35 -7.56 3.31 -2.93
CA THR A 35 -8.87 2.70 -3.16
C THR A 35 -8.77 1.65 -4.26
N ILE A 36 -9.02 0.40 -3.90
CA ILE A 36 -8.81 -0.71 -4.82
C ILE A 36 -10.03 -1.61 -4.91
N THR A 37 -10.13 -2.36 -6.01
CA THR A 37 -11.19 -3.34 -6.18
C THR A 37 -10.65 -4.71 -5.78
N VAL A 38 -11.11 -5.25 -4.67
CA VAL A 38 -10.52 -6.47 -4.18
C VAL A 38 -11.21 -7.71 -4.72
N SER A 39 -10.41 -8.71 -5.00
CA SER A 39 -10.87 -10.04 -5.37
C SER A 39 -10.97 -10.91 -4.12
N ALA A 40 -10.81 -10.28 -2.97
CA ALA A 40 -10.79 -10.99 -1.69
C ALA A 40 -12.21 -11.30 -1.24
N SER A 41 -12.34 -11.90 -0.06
CA SER A 41 -13.66 -12.32 0.42
C SER A 41 -13.98 -11.76 1.79
N GLY A 42 -15.06 -10.96 1.85
CA GLY A 42 -15.58 -10.49 3.12
C GLY A 42 -14.60 -9.68 3.93
N LEU A 43 -13.99 -8.67 3.32
CA LEU A 43 -13.06 -7.80 4.05
C LEU A 43 -13.83 -6.81 4.91
N GLN A 44 -13.15 -6.26 5.90
CA GLN A 44 -13.76 -5.29 6.81
C GLN A 44 -12.76 -4.19 7.16
N VAL A 45 -13.28 -3.12 7.75
CA VAL A 45 -12.43 -2.02 8.18
C VAL A 45 -11.72 -2.35 9.49
N GLY A 46 -10.47 -1.94 9.61
CA GLY A 46 -9.73 -2.16 10.85
C GLY A 46 -8.92 -3.44 10.83
N ASP A 47 -8.96 -4.15 9.71
CA ASP A 47 -8.19 -5.37 9.55
C ASP A 47 -6.75 -5.05 9.19
N ALA A 48 -5.89 -6.05 9.32
CA ALA A 48 -4.48 -5.89 9.06
C ALA A 48 -4.04 -6.92 8.03
N PHE A 49 -3.08 -6.57 7.20
CA PHE A 49 -2.67 -7.48 6.13
C PHE A 49 -1.34 -7.09 5.52
N THR A 50 -0.89 -7.91 4.58
CA THR A 50 0.29 -7.64 3.79
C THR A 50 -0.03 -7.92 2.32
N ILE A 51 0.72 -7.29 1.42
CA ILE A 51 0.48 -7.44 -0.01
C ILE A 51 1.69 -8.05 -0.71
N ALA A 52 1.45 -8.93 -1.68
CA ALA A 52 2.53 -9.53 -2.45
C ALA A 52 3.20 -8.51 -3.36
N GLY A 53 4.52 -8.44 -3.29
CA GLY A 53 5.27 -7.47 -4.07
C GLY A 53 5.45 -6.16 -3.34
N VAL A 54 4.57 -5.91 -2.39
CA VAL A 54 4.67 -4.75 -1.52
C VAL A 54 5.39 -5.13 -0.23
N ASN A 55 6.65 -4.75 -0.14
CA ASN A 55 7.43 -5.07 1.04
C ASN A 55 8.01 -3.80 1.62
N SER A 56 7.81 -3.61 2.91
CA SER A 56 8.06 -2.31 3.52
C SER A 56 9.53 -2.11 3.91
N VAL A 57 9.82 -0.89 4.34
CA VAL A 57 11.14 -0.55 4.83
C VAL A 57 11.03 -0.02 6.25
N HIS A 58 12.16 0.10 6.94
CA HIS A 58 12.16 0.63 8.29
C HIS A 58 12.29 2.15 8.25
N GLN A 59 11.35 2.85 8.85
CA GLN A 59 11.33 4.31 8.81
C GLN A 59 12.30 4.89 9.83
N ILE A 60 12.70 4.07 10.79
CA ILE A 60 13.62 4.50 11.83
C ILE A 60 15.02 4.74 11.27
N THR A 61 15.65 3.66 10.80
CA THR A 61 17.01 3.75 10.28
C THR A 61 17.06 3.60 8.76
N LYS A 62 15.88 3.66 8.13
CA LYS A 62 15.76 3.49 6.67
C LYS A 62 16.38 2.16 6.23
N ASP A 63 16.02 1.11 6.95
CA ASP A 63 16.47 -0.24 6.61
C ASP A 63 15.61 -0.78 5.48
N THR A 64 16.21 -0.90 4.31
CA THR A 64 15.51 -1.37 3.13
C THR A 64 15.88 -2.81 2.83
N THR A 65 15.02 -3.72 3.26
CA THR A 65 15.26 -5.15 3.10
C THR A 65 13.99 -5.91 2.74
N GLY A 66 12.92 -5.17 2.42
CA GLY A 66 11.69 -5.81 1.98
C GLY A 66 10.91 -6.45 3.11
N GLN A 67 10.96 -5.85 4.29
CA GLN A 67 10.24 -6.38 5.45
C GLN A 67 8.85 -5.79 5.54
N PRO A 68 7.81 -6.61 5.31
CA PRO A 68 6.41 -6.15 5.31
C PRO A 68 5.98 -5.53 6.64
N GLN A 69 5.31 -4.39 6.56
CA GLN A 69 4.78 -3.72 7.73
C GLN A 69 3.27 -3.85 7.68
N VAL A 70 2.62 -3.83 8.84
CA VAL A 70 1.19 -4.12 8.94
C VAL A 70 0.34 -3.02 8.29
N PHE A 71 -0.64 -3.42 7.49
CA PHE A 71 -1.55 -2.48 6.85
C PHE A 71 -2.85 -2.35 7.63
N ARG A 72 -3.55 -1.25 7.42
CA ARG A 72 -4.80 -0.97 8.11
C ARG A 72 -5.89 -0.56 7.12
N VAL A 73 -7.00 -1.27 7.16
CA VAL A 73 -8.14 -0.98 6.28
C VAL A 73 -8.90 0.27 6.75
N LEU A 74 -9.24 1.15 5.81
CA LEU A 74 -9.96 2.37 6.13
C LEU A 74 -11.45 2.22 5.83
N ALA A 75 -11.77 1.61 4.69
CA ALA A 75 -13.16 1.50 4.25
C ALA A 75 -13.35 0.30 3.34
N VAL A 76 -14.50 -0.34 3.46
CA VAL A 76 -14.87 -1.46 2.60
C VAL A 76 -16.30 -1.33 2.14
N SER A 77 -16.49 -1.11 0.84
CA SER A 77 -17.82 -0.91 0.28
C SER A 77 -17.83 -1.25 -1.20
N GLY A 78 -18.73 -2.14 -1.59
CA GLY A 78 -18.80 -2.56 -2.99
C GLY A 78 -17.51 -3.22 -3.43
N THR A 79 -16.98 -4.09 -2.58
CA THR A 79 -15.68 -4.75 -2.78
C THR A 79 -14.56 -3.76 -3.13
N THR A 80 -14.77 -2.50 -2.74
CA THR A 80 -13.77 -1.48 -2.95
C THR A 80 -13.21 -1.05 -1.59
N VAL A 81 -11.92 -1.29 -1.40
CA VAL A 81 -11.31 -1.07 -0.11
C VAL A 81 -10.30 0.09 -0.17
N THR A 82 -10.48 1.05 0.72
CA THR A 82 -9.52 2.14 0.87
C THR A 82 -8.48 1.74 1.90
N ILE A 83 -7.24 1.60 1.48
CA ILE A 83 -6.22 1.03 2.35
C ILE A 83 -5.18 2.03 2.80
N SER A 84 -4.53 1.67 3.90
CA SER A 84 -3.39 2.38 4.45
C SER A 84 -2.45 1.31 5.04
N PRO A 85 -1.19 1.64 5.38
CA PRO A 85 -0.57 2.97 5.24
C PRO A 85 -0.27 3.35 3.78
N LYS A 86 0.46 4.43 3.62
CA LYS A 86 0.79 4.94 2.29
C LYS A 86 1.92 4.14 1.65
N ILE A 87 1.87 4.04 0.32
CA ILE A 87 2.81 3.19 -0.41
C ILE A 87 3.73 4.02 -1.31
N LEU A 88 5.01 4.08 -0.95
CA LEU A 88 6.02 4.75 -1.77
C LEU A 88 7.27 3.91 -1.93
N PRO A 89 7.64 3.63 -3.19
CA PRO A 89 8.79 2.77 -3.53
C PRO A 89 10.14 3.35 -3.16
N VAL A 90 11.07 2.46 -2.84
CA VAL A 90 12.47 2.82 -2.69
C VAL A 90 13.19 2.58 -4.02
N GLU A 91 12.53 1.83 -4.91
CA GLU A 91 13.08 1.56 -6.25
C GLU A 91 12.89 2.76 -7.19
N ASN A 92 13.01 3.97 -6.63
CA ASN A 92 13.01 5.24 -7.38
C ASN A 92 11.98 5.28 -8.51
N THR A 93 10.71 5.26 -8.15
CA THR A 93 9.65 5.51 -9.11
C THR A 93 9.48 7.02 -9.30
N ASP A 94 9.55 7.77 -8.19
CA ASP A 94 9.49 9.23 -8.24
C ASP A 94 10.53 9.79 -7.27
N VAL A 95 11.12 10.93 -7.63
CA VAL A 95 12.10 11.58 -6.78
C VAL A 95 11.48 12.00 -5.45
N ALA A 96 10.28 12.55 -5.49
CA ALA A 96 9.57 12.96 -4.28
C ALA A 96 9.13 11.76 -3.47
N SER A 97 9.05 10.61 -4.13
CA SER A 97 8.64 9.37 -3.48
C SER A 97 9.78 8.76 -2.67
N ARG A 98 11.00 9.22 -2.90
CA ARG A 98 12.17 8.68 -2.21
C ARG A 98 12.27 9.13 -0.74
N PRO A 99 12.19 10.45 -0.44
CA PRO A 99 12.31 10.94 0.93
C PRO A 99 11.17 10.47 1.82
N TYR A 100 10.07 10.06 1.19
CA TYR A 100 8.91 9.60 1.92
C TYR A 100 8.68 8.11 1.68
N ALA A 101 9.74 7.40 1.27
CA ALA A 101 9.64 5.98 0.95
C ALA A 101 9.16 5.18 2.15
N ASN A 102 8.33 4.18 1.88
CA ASN A 102 7.78 3.34 2.95
C ASN A 102 7.86 1.86 2.58
N VAL A 103 7.96 1.59 1.28
CA VAL A 103 8.07 0.23 0.78
C VAL A 103 9.05 0.16 -0.37
N ASP A 104 9.38 -1.05 -0.82
CA ASP A 104 10.31 -1.24 -1.93
C ASP A 104 9.73 -0.69 -3.24
N ALA A 105 8.46 -0.98 -3.50
CA ALA A 105 7.80 -0.58 -4.74
C ALA A 105 6.32 -0.93 -4.75
N LYS A 106 5.68 -0.60 -5.87
CA LYS A 106 4.34 -1.08 -6.17
C LYS A 106 4.43 -2.11 -7.28
N PRO A 107 4.06 -3.36 -7.01
CA PRO A 107 4.15 -4.44 -7.99
C PRO A 107 3.11 -4.31 -9.10
N ALA A 108 3.28 -5.08 -10.17
CA ALA A 108 2.30 -5.09 -11.24
C ALA A 108 1.02 -5.72 -10.73
N GLU A 109 -0.08 -4.95 -10.82
CA GLU A 109 -1.37 -5.35 -10.26
C GLU A 109 -1.29 -5.38 -8.73
N SER A 110 -2.43 -5.41 -8.06
CA SER A 110 -2.43 -5.40 -6.59
C SER A 110 -1.94 -6.73 -6.04
N ALA A 111 -2.17 -7.81 -6.81
CA ALA A 111 -1.65 -9.14 -6.50
C ALA A 111 -2.39 -9.81 -5.36
N ALA A 112 -1.69 -10.69 -4.67
CA ALA A 112 -2.26 -11.48 -3.59
C ALA A 112 -2.16 -10.73 -2.26
N ILE A 113 -3.30 -10.40 -1.69
CA ILE A 113 -3.36 -9.74 -0.40
C ILE A 113 -3.86 -10.73 0.65
N THR A 114 -3.26 -10.68 1.84
CA THR A 114 -3.59 -11.66 2.88
C THR A 114 -3.92 -10.99 4.20
N ILE A 115 -5.20 -10.93 4.53
CA ILE A 115 -5.66 -10.26 5.73
C ILE A 115 -5.71 -11.21 6.91
N LEU A 116 -5.21 -10.72 8.03
CA LEU A 116 -5.43 -11.36 9.30
C LEU A 116 -6.20 -10.39 10.17
N ASN A 117 -7.21 -10.88 10.87
CA ASN A 117 -8.06 -10.03 11.70
C ASN A 117 -7.34 -9.63 12.99
N LYS A 118 -6.10 -9.18 12.84
CA LYS A 118 -5.30 -8.74 13.97
C LYS A 118 -5.37 -7.22 14.13
N GLY A 4 -16.05 -15.23 -4.92
CA GLY A 4 -16.92 -16.38 -4.61
C GLY A 4 -16.65 -16.94 -3.23
N SER A 5 -16.21 -18.18 -3.17
CA SER A 5 -15.91 -18.84 -1.90
C SER A 5 -14.56 -19.54 -1.94
N THR A 6 -13.54 -18.84 -2.44
CA THR A 6 -12.18 -19.38 -2.50
C THR A 6 -11.46 -19.11 -1.18
N GLU A 7 -10.23 -19.60 -1.06
CA GLU A 7 -9.43 -19.36 0.12
C GLU A 7 -8.17 -18.58 -0.25
N SER A 8 -8.33 -17.64 -1.17
CA SER A 8 -7.24 -16.79 -1.61
C SER A 8 -7.68 -15.33 -1.55
N LEU A 9 -7.01 -14.54 -0.72
CA LEU A 9 -7.36 -13.15 -0.56
C LEU A 9 -6.55 -12.32 -1.54
N THR A 10 -7.04 -12.15 -2.75
CA THR A 10 -6.28 -11.39 -3.73
C THR A 10 -6.99 -10.10 -4.08
N VAL A 11 -6.36 -9.25 -4.86
CA VAL A 11 -6.93 -7.96 -5.18
C VAL A 11 -6.63 -7.58 -6.63
N SER A 12 -7.67 -7.12 -7.32
CA SER A 12 -7.53 -6.63 -8.68
C SER A 12 -7.69 -5.11 -8.69
N GLY A 13 -6.57 -4.41 -8.74
CA GLY A 13 -6.60 -2.97 -8.72
C GLY A 13 -5.22 -2.39 -8.95
N GLN A 14 -5.16 -1.10 -9.22
CA GLN A 14 -3.88 -0.44 -9.46
C GLN A 14 -3.51 0.45 -8.28
N PRO A 15 -2.59 -0.01 -7.42
CA PRO A 15 -2.17 0.73 -6.24
C PRO A 15 -0.87 1.50 -6.47
N GLU A 16 -0.89 2.79 -6.18
CA GLU A 16 0.31 3.62 -6.35
C GLU A 16 0.18 4.89 -5.53
N HIS A 17 1.16 5.79 -5.62
CA HIS A 17 1.09 7.06 -4.92
C HIS A 17 2.01 8.10 -5.53
N LYS A 18 1.45 9.27 -5.73
CA LYS A 18 2.19 10.41 -6.28
C LYS A 18 2.29 11.52 -5.24
N VAL A 19 3.47 12.08 -5.08
CA VAL A 19 3.65 13.19 -4.15
C VAL A 19 3.76 14.50 -4.91
N GLU A 20 2.76 15.37 -4.75
CA GLU A 20 2.79 16.67 -5.40
C GLU A 20 3.44 17.69 -4.47
N ALA A 21 4.13 18.65 -5.07
CA ALA A 21 4.86 19.65 -4.31
C ALA A 21 3.91 20.70 -3.73
N LYS A 22 3.34 21.52 -4.59
CA LYS A 22 2.42 22.57 -4.16
C LYS A 22 1.01 22.28 -4.62
N ASP A 23 0.09 22.33 -3.68
CA ASP A 23 -1.33 22.20 -4.01
C ASP A 23 -1.94 23.58 -4.14
N SER A 24 -3.26 23.66 -3.98
CA SER A 24 -3.95 24.94 -3.99
C SER A 24 -3.48 25.84 -2.85
N ASN A 25 -3.07 25.21 -1.74
CA ASN A 25 -2.58 25.96 -0.58
C ASN A 25 -1.05 26.07 -0.62
N GLY A 26 -0.43 25.25 -1.46
CA GLY A 26 1.01 25.35 -1.65
C GLY A 26 1.79 24.42 -0.73
N MET A 27 1.13 23.41 -0.21
CA MET A 27 1.77 22.44 0.68
C MET A 27 1.81 21.07 0.01
N PRO A 28 2.70 20.16 0.47
CA PRO A 28 2.74 18.80 -0.03
C PRO A 28 1.54 18.00 0.48
N VAL A 29 0.73 17.49 -0.44
CA VAL A 29 -0.50 16.83 -0.07
C VAL A 29 -0.50 15.35 -0.42
N ASP A 30 -0.88 14.54 0.56
CA ASP A 30 -1.09 13.11 0.33
C ASP A 30 -2.54 12.89 -0.11
N ASN A 31 -2.76 12.98 -1.41
CA ASN A 31 -4.10 12.94 -1.97
C ASN A 31 -4.44 11.58 -2.55
N ARG A 32 -3.43 10.75 -2.76
CA ARG A 32 -3.60 9.52 -3.53
C ARG A 32 -4.34 8.45 -2.74
N GLN A 33 -3.61 7.68 -1.91
CA GLN A 33 -4.18 6.53 -1.20
C GLN A 33 -4.66 5.50 -2.22
N GLY A 34 -5.18 4.38 -1.75
CA GLY A 34 -5.53 3.32 -2.68
C GLY A 34 -6.94 2.83 -2.52
N THR A 35 -7.76 3.02 -3.54
CA THR A 35 -9.07 2.41 -3.57
C THR A 35 -9.08 1.32 -4.63
N ILE A 36 -9.25 0.08 -4.19
CA ILE A 36 -9.12 -1.06 -5.09
C ILE A 36 -10.28 -2.05 -4.98
N THR A 37 -10.40 -2.92 -5.96
CA THR A 37 -11.44 -3.93 -5.98
C THR A 37 -10.85 -5.27 -5.55
N VAL A 38 -11.33 -5.82 -4.45
CA VAL A 38 -10.69 -7.01 -3.91
C VAL A 38 -11.28 -8.29 -4.45
N SER A 39 -10.38 -9.24 -4.64
CA SER A 39 -10.73 -10.63 -4.94
C SER A 39 -10.81 -11.39 -3.61
N ALA A 40 -10.75 -10.64 -2.52
CA ALA A 40 -10.81 -11.21 -1.19
C ALA A 40 -12.26 -11.23 -0.72
N SER A 41 -12.56 -12.04 0.27
CA SER A 41 -13.94 -12.20 0.73
C SER A 41 -14.09 -11.76 2.18
N GLY A 42 -15.09 -10.93 2.42
CA GLY A 42 -15.45 -10.55 3.78
C GLY A 42 -14.42 -9.66 4.44
N LEU A 43 -14.04 -8.58 3.77
CA LEU A 43 -13.11 -7.62 4.35
C LEU A 43 -13.88 -6.53 5.09
N GLN A 44 -13.26 -5.95 6.10
CA GLN A 44 -13.90 -4.92 6.91
C GLN A 44 -12.94 -3.79 7.20
N VAL A 45 -13.47 -2.68 7.71
CA VAL A 45 -12.66 -1.55 8.10
C VAL A 45 -11.99 -1.83 9.45
N GLY A 46 -10.67 -1.74 9.49
CA GLY A 46 -9.95 -1.98 10.73
C GLY A 46 -9.08 -3.22 10.66
N ASP A 47 -8.97 -3.81 9.48
CA ASP A 47 -8.09 -4.96 9.29
C ASP A 47 -6.70 -4.51 8.88
N ALA A 48 -5.76 -5.43 8.97
CA ALA A 48 -4.39 -5.18 8.57
C ALA A 48 -3.94 -6.27 7.65
N PHE A 49 -2.99 -5.99 6.78
CA PHE A 49 -2.57 -7.00 5.82
C PHE A 49 -1.24 -6.67 5.16
N THR A 50 -0.68 -7.68 4.52
CA THR A 50 0.51 -7.51 3.73
C THR A 50 0.18 -7.79 2.27
N ILE A 51 0.88 -7.13 1.36
CA ILE A 51 0.64 -7.31 -0.06
C ILE A 51 1.91 -7.78 -0.77
N ALA A 52 1.79 -8.84 -1.57
CA ALA A 52 2.94 -9.39 -2.30
C ALA A 52 3.54 -8.37 -3.25
N GLY A 53 4.85 -8.24 -3.22
CA GLY A 53 5.53 -7.27 -4.06
C GLY A 53 5.71 -5.93 -3.36
N VAL A 54 4.88 -5.70 -2.36
CA VAL A 54 4.91 -4.46 -1.60
C VAL A 54 5.55 -4.69 -0.22
N ASN A 55 6.79 -4.26 -0.05
CA ASN A 55 7.49 -4.54 1.19
C ASN A 55 8.04 -3.26 1.82
N SER A 56 8.02 -3.22 3.16
CA SER A 56 8.49 -2.06 3.90
C SER A 56 9.97 -1.80 3.70
N VAL A 57 10.37 -0.59 4.01
CA VAL A 57 11.76 -0.21 3.95
C VAL A 57 12.25 0.24 5.33
N HIS A 58 13.53 0.02 5.58
CA HIS A 58 14.16 0.52 6.78
C HIS A 58 15.11 1.65 6.41
N GLN A 59 14.53 2.77 6.04
CA GLN A 59 15.29 3.90 5.52
C GLN A 59 16.06 4.64 6.63
N ILE A 60 15.77 4.30 7.88
CA ILE A 60 16.44 4.95 9.00
C ILE A 60 17.68 4.16 9.42
N THR A 61 17.49 2.89 9.74
CA THR A 61 18.59 2.04 10.19
C THR A 61 19.31 1.40 9.00
N LYS A 62 18.68 1.47 7.83
CA LYS A 62 19.21 0.88 6.60
C LYS A 62 19.35 -0.63 6.73
N ASP A 63 18.29 -1.27 7.20
CA ASP A 63 18.26 -2.72 7.32
C ASP A 63 17.66 -3.33 6.08
N THR A 64 18.41 -4.20 5.43
CA THR A 64 17.92 -4.91 4.26
C THR A 64 17.23 -6.20 4.69
N THR A 65 15.92 -6.18 4.68
CA THR A 65 15.14 -7.32 5.17
C THR A 65 14.05 -7.71 4.17
N GLY A 66 13.41 -6.72 3.58
CA GLY A 66 12.36 -6.99 2.63
C GLY A 66 11.09 -7.49 3.29
N GLN A 67 10.83 -7.02 4.50
CA GLN A 67 9.64 -7.43 5.23
C GLN A 67 8.42 -6.71 4.67
N PRO A 68 7.28 -7.40 4.55
CA PRO A 68 6.08 -6.81 3.96
C PRO A 68 5.45 -5.72 4.85
N GLN A 69 4.79 -4.77 4.22
CA GLN A 69 4.11 -3.71 4.96
C GLN A 69 2.78 -4.18 5.51
N VAL A 70 2.40 -3.60 6.64
CA VAL A 70 1.12 -3.86 7.27
C VAL A 70 0.19 -2.67 7.03
N PHE A 71 -0.84 -2.89 6.24
CA PHE A 71 -1.75 -1.81 5.87
C PHE A 71 -2.99 -1.83 6.74
N ARG A 72 -3.68 -0.71 6.79
CA ARG A 72 -4.89 -0.60 7.57
C ARG A 72 -6.05 -0.29 6.63
N VAL A 73 -7.24 -0.74 7.00
CA VAL A 73 -8.40 -0.54 6.17
C VAL A 73 -9.24 0.62 6.68
N LEU A 74 -9.47 1.61 5.82
CA LEU A 74 -10.21 2.81 6.21
C LEU A 74 -11.62 2.79 5.67
N ALA A 75 -11.85 2.07 4.58
CA ALA A 75 -13.18 2.00 3.99
C ALA A 75 -13.40 0.71 3.21
N VAL A 76 -14.55 0.10 3.39
CA VAL A 76 -14.94 -1.09 2.63
C VAL A 76 -16.38 -0.96 2.16
N SER A 77 -16.57 -0.98 0.85
CA SER A 77 -17.90 -0.83 0.28
C SER A 77 -17.96 -1.44 -1.11
N GLY A 78 -18.70 -2.53 -1.24
CA GLY A 78 -18.80 -3.22 -2.53
C GLY A 78 -17.47 -3.78 -2.98
N THR A 79 -16.81 -4.50 -2.08
CA THR A 79 -15.46 -5.05 -2.29
C THR A 79 -14.47 -3.98 -2.78
N THR A 80 -14.78 -2.72 -2.49
CA THR A 80 -13.87 -1.63 -2.82
C THR A 80 -13.30 -1.05 -1.54
N VAL A 81 -11.98 -1.16 -1.39
CA VAL A 81 -11.34 -0.79 -0.14
C VAL A 81 -10.42 0.43 -0.32
N THR A 82 -10.53 1.37 0.61
CA THR A 82 -9.62 2.50 0.66
C THR A 82 -8.53 2.20 1.68
N ILE A 83 -7.28 2.20 1.22
CA ILE A 83 -6.20 1.70 2.06
C ILE A 83 -5.25 2.80 2.49
N SER A 84 -4.77 2.65 3.72
CA SER A 84 -3.74 3.50 4.30
C SER A 84 -3.08 2.69 5.41
N PRO A 85 -1.73 2.59 5.43
CA PRO A 85 -0.81 3.24 4.49
C PRO A 85 -0.97 2.78 3.04
N LYS A 86 -0.10 3.28 2.17
CA LYS A 86 -0.18 2.98 0.75
C LYS A 86 1.20 2.69 0.17
N ILE A 87 1.26 2.50 -1.14
CA ILE A 87 2.48 2.07 -1.79
C ILE A 87 3.30 3.26 -2.32
N LEU A 88 4.31 3.65 -1.57
CA LEU A 88 5.22 4.71 -2.01
C LEU A 88 6.61 4.14 -2.23
N PRO A 89 7.02 3.97 -3.50
CA PRO A 89 8.30 3.34 -3.85
C PRO A 89 9.52 4.20 -3.48
N VAL A 90 10.46 3.60 -2.76
CA VAL A 90 11.72 4.25 -2.42
C VAL A 90 12.71 4.10 -3.55
N GLU A 91 12.69 2.93 -4.19
CA GLU A 91 13.58 2.66 -5.31
C GLU A 91 13.13 3.38 -6.58
N ASN A 92 11.96 4.00 -6.50
CA ASN A 92 11.37 4.66 -7.65
C ASN A 92 10.80 6.02 -7.24
N THR A 93 9.86 6.54 -8.05
CA THR A 93 9.15 7.79 -7.78
C THR A 93 10.08 8.99 -7.95
N ASP A 94 11.00 9.16 -7.00
CA ASP A 94 11.99 10.22 -7.04
C ASP A 94 12.93 10.08 -5.85
N VAL A 95 14.11 10.67 -5.94
CA VAL A 95 15.06 10.68 -4.84
C VAL A 95 14.49 11.45 -3.65
N ALA A 96 13.82 12.56 -3.94
CA ALA A 96 13.21 13.38 -2.89
C ALA A 96 11.97 12.71 -2.31
N SER A 97 11.42 11.74 -3.03
CA SER A 97 10.23 11.04 -2.57
C SER A 97 10.59 9.90 -1.62
N ARG A 98 11.81 9.39 -1.75
CA ARG A 98 12.29 8.26 -0.93
C ARG A 98 12.05 8.49 0.58
N PRO A 99 12.48 9.65 1.15
CA PRO A 99 12.33 9.90 2.61
C PRO A 99 10.88 9.90 3.09
N TYR A 100 9.93 9.95 2.17
CA TYR A 100 8.52 9.96 2.52
C TYR A 100 7.86 8.66 2.11
N ALA A 101 8.63 7.77 1.52
CA ALA A 101 8.13 6.48 1.05
C ALA A 101 8.25 5.42 2.14
N ASN A 102 7.48 4.34 2.02
CA ASN A 102 7.52 3.28 3.01
C ASN A 102 7.67 1.88 2.39
N VAL A 103 7.74 1.81 1.08
CA VAL A 103 7.96 0.54 0.39
C VAL A 103 8.98 0.70 -0.71
N ASP A 104 9.54 -0.40 -1.18
CA ASP A 104 10.60 -0.35 -2.19
C ASP A 104 10.05 0.02 -3.56
N ALA A 105 8.88 -0.53 -3.90
CA ALA A 105 8.32 -0.36 -5.24
C ALA A 105 6.81 -0.52 -5.25
N LYS A 106 6.23 -0.28 -6.41
CA LYS A 106 4.81 -0.58 -6.64
C LYS A 106 4.67 -1.60 -7.76
N PRO A 107 4.32 -2.84 -7.41
CA PRO A 107 4.20 -3.94 -8.38
C PRO A 107 2.96 -3.82 -9.26
N ALA A 108 2.92 -4.62 -10.32
CA ALA A 108 1.79 -4.59 -11.26
C ALA A 108 0.55 -5.20 -10.61
N GLU A 109 -0.54 -4.43 -10.59
CA GLU A 109 -1.79 -4.83 -9.94
C GLU A 109 -1.60 -4.94 -8.42
N SER A 110 -2.60 -5.49 -7.75
CA SER A 110 -2.58 -5.54 -6.30
C SER A 110 -2.01 -6.86 -5.77
N ALA A 111 -2.15 -7.93 -6.55
CA ALA A 111 -1.52 -9.23 -6.24
C ALA A 111 -2.22 -9.98 -5.12
N ALA A 112 -1.43 -10.79 -4.42
CA ALA A 112 -1.93 -11.63 -3.34
C ALA A 112 -1.80 -10.92 -1.99
N ILE A 113 -2.94 -10.73 -1.34
CA ILE A 113 -2.99 -10.02 -0.07
C ILE A 113 -3.20 -10.97 1.10
N THR A 114 -2.61 -10.64 2.25
CA THR A 114 -2.71 -11.49 3.42
C THR A 114 -3.41 -10.75 4.56
N ILE A 115 -4.71 -10.94 4.68
CA ILE A 115 -5.51 -10.22 5.68
C ILE A 115 -5.33 -10.82 7.07
N LEU A 116 -5.11 -9.95 8.05
CA LEU A 116 -4.97 -10.34 9.45
C LEU A 116 -5.41 -9.19 10.36
N ASN A 117 -5.19 -9.35 11.66
CA ASN A 117 -5.58 -8.34 12.63
C ASN A 117 -4.40 -7.91 13.48
N LYS A 118 -3.26 -7.68 12.83
CA LYS A 118 -2.05 -7.29 13.54
C LYS A 118 -1.83 -5.79 13.42
#